data_5KYH
#
_entry.id   5KYH
#
_entity_poly.entity_id   1
_entity_poly.type   'polypeptide(L)'
_entity_poly.pdbx_seq_one_letter_code
;VSPVIATLLLILIAVAAAVLLYTWVSGLSANVAGTQVTGKSLTLIQATWARPATNVGTTISKDSFDRSKAVLILSFQPPA
QVLQGGQAITIDAIDVLYQGRVVCHYDSFPMTADDKYHIGQTIGGLTAFGLVFWGFVGSTLSDFDAHNETLVPGGIIHGK
SDLATQPAARGYLGGDKGVTGEVHPGEKYKPDILLSFDDQYPFATILAGTWEVNYVSTNYVETNFRNTSAVIKFDRFVNT
HYSPDTQNNNGVPIFDVASASQSNFAVVIWCPNVNPNVMQSVDVKMVFSDGSTWEASVPLSIT
;
_entity_poly.pdbx_strand_id   A,B,C,D,E,F,G,H,I,J,K,L,M,N,O,P,Q,R,S,T,U
#
# COMPACT_ATOMS: atom_id res chain seq x y z
N VAL A 1 10.59 -4.10 10.88
CA VAL A 1 9.97 -2.75 10.88
C VAL A 1 9.69 -2.27 9.46
N SER A 2 9.85 -3.20 8.52
CA SER A 2 9.63 -2.99 7.10
C SER A 2 8.26 -2.36 6.78
N PRO A 3 7.16 -3.02 7.18
CA PRO A 3 5.85 -2.42 6.89
C PRO A 3 5.73 -0.93 7.30
N VAL A 4 6.19 -0.59 8.50
CA VAL A 4 6.07 0.80 8.97
C VAL A 4 6.74 1.86 8.10
N ILE A 5 7.92 1.55 7.56
CA ILE A 5 8.62 2.49 6.71
C ILE A 5 8.01 2.51 5.32
N ALA A 6 7.60 1.35 4.82
CA ALA A 6 7.00 1.23 3.50
C ALA A 6 5.73 2.06 3.38
N THR A 7 4.82 1.87 4.32
CA THR A 7 3.56 2.59 4.32
C THR A 7 3.77 4.11 4.26
N LEU A 8 4.75 4.62 4.99
CA LEU A 8 5.02 6.07 5.04
C LEU A 8 5.42 6.68 3.72
N LEU A 9 6.31 5.99 3.02
CA LEU A 9 6.72 6.49 1.74
C LEU A 9 5.58 6.45 0.72
N LEU A 10 4.69 5.47 0.84
CA LEU A 10 3.55 5.33 -0.09
C LEU A 10 2.51 6.43 0.08
N ILE A 11 2.28 6.85 1.33
CA ILE A 11 1.34 7.93 1.69
C ILE A 11 1.77 9.26 1.09
N LEU A 12 3.05 9.57 1.24
CA LEU A 12 3.60 10.80 0.72
C LEU A 12 3.46 10.89 -0.80
N ILE A 13 3.73 9.78 -1.50
CA ILE A 13 3.68 9.70 -2.96
C ILE A 13 2.31 9.99 -3.56
N ALA A 14 1.29 9.38 -2.99
CA ALA A 14 -0.09 9.57 -3.44
C ALA A 14 -0.58 11.02 -3.18
N VAL A 15 -0.16 11.64 -2.08
CA VAL A 15 -0.54 13.03 -1.76
C VAL A 15 0.02 14.00 -2.78
N ALA A 16 1.29 13.81 -3.15
CA ALA A 16 1.99 14.66 -4.14
C ALA A 16 1.36 14.60 -5.52
N ALA A 17 0.98 13.40 -5.95
CA ALA A 17 0.35 13.22 -7.25
C ALA A 17 -1.06 13.85 -7.30
N ALA A 18 -1.81 13.79 -6.21
CA ALA A 18 -3.15 14.36 -6.16
C ALA A 18 -3.13 15.87 -6.30
N VAL A 19 -2.18 16.51 -5.65
CA VAL A 19 -2.04 17.96 -5.71
C VAL A 19 -1.64 18.37 -7.12
N LEU A 20 -0.82 17.55 -7.76
CA LEU A 20 -0.39 17.84 -9.11
C LEU A 20 -1.57 17.71 -10.07
N LEU A 21 -2.51 16.80 -9.78
CA LEU A 21 -3.69 16.61 -10.64
C LEU A 21 -4.56 17.86 -10.64
N TYR A 22 -4.66 18.46 -9.46
CA TYR A 22 -5.46 19.66 -9.28
C TYR A 22 -4.97 20.82 -10.13
N THR A 23 -3.66 21.08 -10.10
CA THR A 23 -3.08 22.18 -10.85
C THR A 23 -3.30 21.96 -12.33
N TRP A 24 -3.11 20.74 -12.78
CA TRP A 24 -3.28 20.42 -14.17
C TRP A 24 -4.75 20.56 -14.64
N VAL A 25 -5.68 20.11 -13.81
CA VAL A 25 -7.10 20.17 -14.14
C VAL A 25 -7.56 21.59 -14.25
N SER A 26 -7.28 22.39 -13.22
CA SER A 26 -7.70 23.79 -13.21
C SER A 26 -7.03 24.60 -14.30
N GLY A 27 -5.78 24.29 -14.60
CA GLY A 27 -5.12 25.02 -15.67
C GLY A 27 -5.84 24.61 -16.97
N LEU A 28 -6.23 23.34 -17.12
CA LEU A 28 -6.90 22.88 -18.34
C LEU A 28 -8.21 23.64 -18.60
N SER A 29 -8.90 23.94 -17.52
CA SER A 29 -10.13 24.69 -17.63
C SER A 29 -9.82 26.17 -17.90
N ALA A 30 -10.84 26.93 -18.32
CA ALA A 30 -10.71 28.36 -18.61
C ALA A 30 -9.66 28.56 -19.70
N ASN A 31 -9.47 27.49 -20.47
CA ASN A 31 -8.52 27.51 -21.57
C ASN A 31 -9.29 27.23 -22.87
N VAL A 32 -10.46 27.85 -23.04
CA VAL A 32 -11.23 27.70 -24.26
C VAL A 32 -11.59 29.09 -24.77
N ALA A 33 -11.19 29.35 -26.02
CA ALA A 33 -11.36 30.63 -26.72
C ALA A 33 -12.79 30.92 -27.16
N GLY A 34 -13.31 30.12 -28.08
CA GLY A 34 -14.66 30.34 -28.56
C GLY A 34 -14.81 31.26 -29.78
N THR A 35 -15.92 32.00 -29.83
CA THR A 35 -16.21 32.90 -30.95
C THR A 35 -17.13 34.08 -30.62
N GLN A 36 -17.25 34.94 -31.61
CA GLN A 36 -18.11 36.09 -31.51
C GLN A 36 -19.20 35.77 -32.51
N VAL A 37 -20.33 36.44 -32.33
CA VAL A 37 -21.45 36.28 -33.23
C VAL A 37 -21.57 37.58 -34.00
N THR A 38 -21.37 37.46 -35.31
CA THR A 38 -21.41 38.59 -36.23
C THR A 38 -22.77 39.20 -36.10
N GLY A 39 -22.79 40.52 -36.21
CA GLY A 39 -24.02 41.24 -36.08
C GLY A 39 -24.94 40.91 -37.20
N LYS A 40 -26.13 41.50 -37.10
CA LYS A 40 -27.17 41.31 -38.07
C LYS A 40 -26.66 41.89 -39.31
N SER A 41 -27.16 41.35 -40.42
CA SER A 41 -26.75 41.82 -41.70
C SER A 41 -26.86 43.31 -41.83
N LEU A 42 -25.87 43.81 -42.54
CA LEU A 42 -25.70 45.21 -42.83
C LEU A 42 -26.77 45.63 -43.81
N THR A 43 -27.45 46.75 -43.52
CA THR A 43 -28.46 47.23 -44.45
C THR A 43 -27.77 47.79 -45.68
N LEU A 44 -28.39 47.60 -46.84
CA LEU A 44 -27.83 48.02 -48.09
C LEU A 44 -28.27 49.45 -48.38
N ILE A 45 -27.32 50.38 -48.34
CA ILE A 45 -27.63 51.78 -48.63
C ILE A 45 -27.73 51.99 -50.13
N GLN A 46 -26.91 51.29 -50.92
CA GLN A 46 -26.94 51.41 -52.38
C GLN A 46 -26.11 50.32 -53.03
N ALA A 47 -26.43 50.04 -54.29
CA ALA A 47 -25.71 49.06 -55.10
C ALA A 47 -25.67 49.76 -56.43
N THR A 48 -24.47 49.94 -56.95
CA THR A 48 -24.33 50.60 -58.24
C THR A 48 -23.00 50.27 -58.97
N TRP A 49 -22.81 50.82 -60.16
CA TRP A 49 -21.62 50.53 -60.93
C TRP A 49 -21.28 51.61 -61.95
N ALA A 50 -19.98 51.76 -62.26
CA ALA A 50 -19.52 52.73 -63.26
C ALA A 50 -18.39 52.16 -64.14
N ARG A 51 -18.06 52.87 -65.21
CA ARG A 51 -17.02 52.42 -66.13
C ARG A 51 -15.63 52.87 -65.69
N PRO A 52 -14.68 51.90 -65.61
CA PRO A 52 -13.30 52.17 -65.21
C PRO A 52 -12.49 52.78 -66.33
N ALA A 53 -11.31 53.27 -65.99
CA ALA A 53 -10.43 53.87 -66.96
C ALA A 53 -9.15 53.08 -66.88
N THR A 54 -8.76 52.47 -67.99
CA THR A 54 -7.49 51.74 -68.03
C THR A 54 -6.40 52.57 -68.74
N ASN A 55 -6.84 53.56 -69.53
CA ASN A 55 -5.87 54.42 -70.23
C ASN A 55 -5.74 55.71 -69.49
N VAL A 56 -4.61 55.89 -68.82
CA VAL A 56 -4.35 57.09 -68.02
C VAL A 56 -3.08 57.76 -68.46
N GLY A 57 -3.20 59.06 -68.71
CA GLY A 57 -2.06 59.88 -69.09
C GLY A 57 -1.79 60.83 -67.93
N THR A 58 -1.16 61.96 -68.20
CA THR A 58 -0.89 62.96 -67.16
C THR A 58 -2.15 63.85 -66.96
N THR A 59 -3.04 63.80 -67.97
CA THR A 59 -4.34 64.49 -68.00
C THR A 59 -5.37 63.50 -68.59
N ILE A 60 -6.59 63.57 -68.09
CA ILE A 60 -7.66 62.69 -68.50
C ILE A 60 -8.76 63.38 -69.35
N SER A 61 -9.12 62.73 -70.45
CA SER A 61 -10.17 63.21 -71.35
C SER A 61 -11.37 62.35 -71.06
N LYS A 62 -12.48 62.59 -71.74
CA LYS A 62 -13.65 61.79 -71.47
C LYS A 62 -13.56 60.44 -72.15
N ASP A 63 -12.69 60.37 -73.15
CA ASP A 63 -12.42 59.15 -73.92
C ASP A 63 -11.34 58.28 -73.28
N SER A 64 -10.82 58.71 -72.15
CA SER A 64 -9.82 57.91 -71.45
C SER A 64 -10.52 56.79 -70.66
N PHE A 65 -11.85 56.91 -70.50
CA PHE A 65 -12.69 55.95 -69.81
C PHE A 65 -13.21 54.92 -70.77
N ASP A 66 -13.09 53.66 -70.39
CA ASP A 66 -13.51 52.52 -71.23
C ASP A 66 -14.98 52.21 -71.32
N ARG A 67 -15.35 51.46 -72.36
CA ARG A 67 -16.71 51.03 -72.58
C ARG A 67 -16.77 49.51 -72.52
N SER A 68 -17.92 49.03 -72.06
CA SER A 68 -18.19 47.59 -71.91
C SER A 68 -17.31 46.96 -70.80
N LYS A 69 -17.02 47.77 -69.78
CA LYS A 69 -16.22 47.34 -68.63
C LYS A 69 -17.02 47.85 -67.45
N ALA A 70 -16.91 47.19 -66.30
CA ALA A 70 -17.68 47.61 -65.12
C ALA A 70 -16.98 47.38 -63.79
N VAL A 71 -17.21 48.28 -62.82
CA VAL A 71 -16.65 48.14 -61.48
C VAL A 71 -17.84 48.20 -60.54
N LEU A 72 -17.94 47.24 -59.64
CA LEU A 72 -19.08 47.21 -58.73
C LEU A 72 -18.94 47.98 -57.39
N ILE A 73 -19.95 48.79 -57.03
CA ILE A 73 -19.90 49.53 -55.76
C ILE A 73 -21.04 49.18 -54.79
N LEU A 74 -20.68 49.05 -53.53
CA LEU A 74 -21.66 48.67 -52.53
C LEU A 74 -21.54 49.45 -51.23
N SER A 75 -22.66 49.92 -50.72
CA SER A 75 -22.65 50.66 -49.45
C SER A 75 -23.44 49.93 -48.35
N PHE A 76 -22.76 49.62 -47.24
CA PHE A 76 -23.37 48.94 -46.10
C PHE A 76 -23.33 49.74 -44.80
N GLN A 77 -24.42 49.67 -44.04
CA GLN A 77 -24.58 50.35 -42.72
C GLN A 77 -24.89 49.32 -41.62
N PRO A 78 -23.91 48.99 -40.80
CA PRO A 78 -24.09 48.01 -39.74
C PRO A 78 -25.01 48.62 -38.70
N PRO A 79 -25.82 47.73 -38.00
CA PRO A 79 -26.63 48.37 -36.97
C PRO A 79 -25.96 48.15 -35.62
N ALA A 80 -25.80 49.23 -34.87
CA ALA A 80 -24.95 49.21 -33.68
C ALA A 80 -25.41 48.26 -32.58
N GLN A 81 -26.72 48.19 -32.36
CA GLN A 81 -27.30 47.63 -31.14
C GLN A 81 -27.67 46.16 -31.17
N VAL A 82 -27.26 45.44 -32.21
CA VAL A 82 -27.69 44.06 -32.40
C VAL A 82 -27.32 43.14 -31.23
N LEU A 83 -28.32 42.36 -30.80
CA LEU A 83 -28.24 41.39 -29.70
C LEU A 83 -26.96 41.38 -28.86
N GLN A 84 -26.02 40.55 -29.27
CA GLN A 84 -24.68 40.54 -28.68
C GLN A 84 -23.67 40.97 -29.72
N GLY A 85 -24.19 41.43 -30.86
CA GLY A 85 -23.37 41.61 -32.03
C GLY A 85 -22.05 42.30 -31.78
N GLY A 86 -21.02 41.81 -32.47
CA GLY A 86 -19.68 42.36 -32.38
C GLY A 86 -19.50 43.73 -33.01
N GLN A 87 -18.58 44.50 -32.43
CA GLN A 87 -18.26 45.83 -32.92
C GLN A 87 -17.66 45.82 -34.32
N ALA A 88 -16.82 44.83 -34.60
CA ALA A 88 -16.09 44.77 -35.87
C ALA A 88 -16.47 43.57 -36.74
N ILE A 89 -16.69 43.82 -38.03
CA ILE A 89 -17.09 42.79 -38.98
C ILE A 89 -15.93 42.40 -39.88
N THR A 90 -15.64 41.10 -39.97
CA THR A 90 -14.46 40.64 -40.76
C THR A 90 -14.83 39.76 -41.95
N ILE A 91 -14.14 39.99 -43.06
CA ILE A 91 -14.39 39.25 -44.28
C ILE A 91 -13.18 38.51 -44.82
N ASP A 92 -13.23 37.17 -44.85
CA ASP A 92 -12.11 36.42 -45.41
C ASP A 92 -12.25 36.24 -46.91
N ALA A 93 -13.48 36.08 -47.44
CA ALA A 93 -13.65 35.86 -48.90
C ALA A 93 -14.87 36.52 -49.54
N ILE A 94 -14.66 37.18 -50.70
CA ILE A 94 -15.72 37.86 -51.44
C ILE A 94 -15.87 37.17 -52.80
N ASP A 95 -17.11 36.92 -53.22
CA ASP A 95 -17.36 36.21 -54.49
C ASP A 95 -18.39 36.84 -55.40
N VAL A 96 -18.21 36.66 -56.71
CA VAL A 96 -19.15 37.19 -57.69
C VAL A 96 -19.80 36.01 -58.43
N LEU A 97 -21.12 35.90 -58.35
CA LEU A 97 -21.93 34.82 -58.96
C LEU A 97 -22.93 35.25 -60.01
N TYR A 98 -23.09 34.39 -60.99
CA TYR A 98 -24.02 34.66 -62.06
C TYR A 98 -24.61 33.36 -62.52
N GLN A 99 -25.93 33.22 -62.36
CA GLN A 99 -26.69 32.00 -62.69
C GLN A 99 -26.39 30.89 -61.69
N GLY A 100 -26.00 31.27 -60.47
CA GLY A 100 -25.65 30.30 -59.44
C GLY A 100 -24.24 29.71 -59.59
N ARG A 101 -23.43 30.26 -60.52
CA ARG A 101 -22.05 29.81 -60.75
C ARG A 101 -21.09 30.95 -60.38
N VAL A 102 -19.86 30.58 -60.07
CA VAL A 102 -18.89 31.58 -59.67
C VAL A 102 -18.05 32.19 -60.78
N VAL A 103 -18.24 33.48 -61.02
CA VAL A 103 -17.48 34.20 -62.04
C VAL A 103 -16.02 34.39 -61.61
N CYS A 104 -15.80 34.81 -60.36
CA CYS A 104 -14.43 35.01 -59.81
C CYS A 104 -14.44 34.89 -58.28
N HIS A 105 -13.28 34.58 -57.70
CA HIS A 105 -13.17 34.41 -56.25
C HIS A 105 -12.02 35.20 -55.67
N TYR A 106 -12.26 35.93 -54.58
CA TYR A 106 -11.21 36.71 -53.93
C TYR A 106 -11.03 36.21 -52.51
N ASP A 107 -9.83 35.73 -52.17
CA ASP A 107 -9.60 35.20 -50.82
C ASP A 107 -8.85 36.11 -49.87
N SER A 108 -8.20 37.11 -50.50
CA SER A 108 -7.38 38.12 -49.85
C SER A 108 -7.66 39.49 -50.50
N PHE A 109 -7.06 40.56 -49.95
CA PHE A 109 -7.28 41.92 -50.46
C PHE A 109 -6.04 42.80 -50.45
N PRO A 110 -5.97 43.76 -51.39
CA PRO A 110 -4.82 44.65 -51.43
C PRO A 110 -5.04 45.71 -50.32
N MET A 111 -3.97 46.18 -49.66
CA MET A 111 -4.11 47.19 -48.59
C MET A 111 -4.75 48.49 -49.11
N THR A 112 -5.63 49.07 -48.31
CA THR A 112 -6.26 50.30 -48.70
C THR A 112 -5.53 51.52 -48.20
N ALA A 113 -5.61 52.61 -48.96
CA ALA A 113 -4.95 53.86 -48.62
C ALA A 113 -5.34 54.39 -47.25
N ASP A 114 -6.63 54.34 -46.95
CA ASP A 114 -7.12 54.81 -45.68
C ASP A 114 -6.88 53.75 -44.60
N ASP A 115 -5.62 53.64 -44.18
CA ASP A 115 -5.22 52.70 -43.16
C ASP A 115 -3.97 53.28 -42.53
N LYS A 116 -4.17 54.02 -41.46
CA LYS A 116 -3.08 54.68 -40.76
C LYS A 116 -2.04 53.74 -40.17
N TYR A 117 -2.50 52.63 -39.65
CA TYR A 117 -1.60 51.65 -39.03
C TYR A 117 -0.52 51.11 -39.94
N HIS A 118 -0.92 50.64 -41.12
CA HIS A 118 -0.01 50.06 -42.10
C HIS A 118 0.56 50.99 -43.16
N ILE A 119 0.08 52.24 -43.22
CA ILE A 119 0.54 53.19 -44.23
C ILE A 119 2.02 53.59 -44.17
N GLY A 120 2.56 53.86 -42.99
CA GLY A 120 3.96 54.25 -42.93
C GLY A 120 4.92 53.17 -42.49
N GLN A 121 4.75 51.97 -43.04
CA GLN A 121 5.63 50.85 -42.70
C GLN A 121 6.22 50.20 -43.91
N THR A 122 7.29 49.45 -43.67
CA THR A 122 7.96 48.71 -44.73
C THR A 122 7.69 47.22 -44.61
N ILE A 123 6.95 46.68 -45.57
CA ILE A 123 6.61 45.27 -45.53
C ILE A 123 7.18 44.45 -46.66
N GLY A 124 7.99 43.47 -46.29
CA GLY A 124 8.62 42.64 -47.28
C GLY A 124 9.57 43.44 -48.16
N GLY A 125 10.32 44.37 -47.56
CA GLY A 125 11.28 45.16 -48.32
C GLY A 125 10.79 46.33 -49.17
N LEU A 126 9.49 46.56 -49.20
CA LEU A 126 8.90 47.64 -49.98
C LEU A 126 7.97 48.45 -49.06
N THR A 127 8.10 49.77 -49.06
CA THR A 127 7.24 50.61 -48.25
C THR A 127 5.78 50.43 -48.65
N ALA A 128 4.86 50.77 -47.76
CA ALA A 128 3.45 50.56 -48.05
C ALA A 128 2.65 51.72 -48.60
N PHE A 129 1.93 51.44 -49.67
CA PHE A 129 1.08 52.43 -50.28
C PHE A 129 -0.27 51.78 -50.50
N GLY A 130 -1.32 52.55 -50.31
CA GLY A 130 -2.65 52.03 -50.51
C GLY A 130 -3.26 52.47 -51.80
N LEU A 131 -4.53 52.14 -51.90
CA LEU A 131 -5.30 52.45 -53.07
C LEU A 131 -6.12 53.78 -52.95
N VAL A 132 -6.11 54.55 -54.02
CA VAL A 132 -6.84 55.80 -54.04
C VAL A 132 -7.82 55.95 -55.20
N PHE A 133 -9.03 56.45 -54.86
CA PHE A 133 -10.15 56.69 -55.82
C PHE A 133 -10.62 58.15 -55.97
N TRP A 134 -10.51 58.73 -57.18
CA TRP A 134 -10.88 60.14 -57.40
C TRP A 134 -12.15 60.49 -58.21
N SER A 196 -4.52 53.20 -64.74
CA SER A 196 -3.98 52.33 -63.73
C SER A 196 -4.78 51.01 -63.60
N PHE A 197 -5.73 50.69 -64.50
CA PHE A 197 -6.47 49.40 -64.35
C PHE A 197 -6.03 48.38 -65.39
N ASP A 198 -5.69 47.18 -64.94
CA ASP A 198 -5.23 46.12 -65.85
C ASP A 198 -6.17 44.91 -65.80
N ASP A 199 -6.55 44.37 -66.96
CA ASP A 199 -7.44 43.21 -67.04
C ASP A 199 -6.87 41.90 -66.51
N GLN A 200 -5.55 41.86 -66.40
CA GLN A 200 -4.84 40.68 -65.90
C GLN A 200 -4.76 40.64 -64.37
N TYR A 201 -5.17 41.73 -63.71
CA TYR A 201 -5.11 41.80 -62.26
C TYR A 201 -6.40 42.24 -61.56
N PRO A 202 -7.36 41.31 -61.44
CA PRO A 202 -8.62 41.62 -60.79
C PRO A 202 -8.43 41.73 -59.26
N PHE A 203 -9.24 42.54 -58.60
CA PHE A 203 -9.14 42.69 -57.16
C PHE A 203 -10.36 43.30 -56.50
N ALA A 204 -10.43 43.08 -55.19
CA ALA A 204 -11.51 43.62 -54.33
C ALA A 204 -10.87 44.27 -53.08
N THR A 205 -11.61 45.15 -52.42
CA THR A 205 -11.09 45.85 -51.24
C THR A 205 -12.13 46.69 -50.50
N ILE A 206 -11.84 47.04 -49.25
CA ILE A 206 -12.74 47.85 -48.38
C ILE A 206 -12.32 49.33 -48.24
N LEU A 207 -13.21 50.28 -48.53
CA LEU A 207 -12.90 51.70 -48.37
C LEU A 207 -14.05 52.43 -47.66
N ALA A 208 -13.72 53.34 -46.74
CA ALA A 208 -14.72 54.09 -46.00
C ALA A 208 -15.32 55.27 -46.73
N GLY A 209 -16.51 55.05 -47.30
CA GLY A 209 -17.23 56.09 -48.04
C GLY A 209 -18.49 55.68 -48.79
N THR A 210 -19.02 56.61 -49.59
CA THR A 210 -20.23 56.34 -50.41
C THR A 210 -20.07 56.97 -51.81
N TRP A 211 -20.90 56.52 -52.73
CA TRP A 211 -20.85 57.00 -54.09
C TRP A 211 -22.02 57.95 -54.43
N GLU A 212 -21.73 59.09 -55.06
CA GLU A 212 -22.74 60.09 -55.46
C GLU A 212 -22.75 60.34 -56.95
N VAL A 213 -23.95 60.48 -57.50
CA VAL A 213 -24.14 60.74 -58.92
C VAL A 213 -24.85 62.07 -59.13
N ASN A 214 -24.33 62.90 -60.04
CA ASN A 214 -24.89 64.23 -60.35
C ASN A 214 -25.16 64.36 -61.85
N TYR A 215 -26.36 64.81 -62.22
CA TYR A 215 -26.68 64.94 -63.63
C TYR A 215 -26.49 66.32 -64.27
N VAL A 216 -25.51 66.48 -65.16
CA VAL A 216 -25.27 67.76 -65.83
C VAL A 216 -26.37 67.96 -66.89
N SER A 217 -26.58 66.92 -67.68
CA SER A 217 -27.58 66.94 -68.75
C SER A 217 -28.40 65.64 -68.69
N THR A 218 -29.29 65.44 -69.68
CA THR A 218 -30.16 64.25 -69.75
C THR A 218 -29.40 62.93 -69.84
N ASN A 219 -28.28 62.93 -70.55
CA ASN A 219 -27.48 61.70 -70.68
C ASN A 219 -26.03 61.76 -70.17
N TYR A 220 -25.69 62.86 -69.50
CA TYR A 220 -24.33 63.01 -68.98
C TYR A 220 -24.33 63.24 -67.50
N VAL A 221 -23.31 62.72 -66.84
CA VAL A 221 -23.22 62.85 -65.39
C VAL A 221 -21.85 63.19 -64.85
N GLU A 222 -21.81 63.66 -63.60
CA GLU A 222 -20.56 63.95 -62.91
C GLU A 222 -20.61 63.06 -61.64
N THR A 223 -19.48 62.52 -61.20
CA THR A 223 -19.44 61.63 -60.03
C THR A 223 -18.42 61.92 -58.91
N ASN A 224 -18.90 61.99 -57.67
CA ASN A 224 -18.01 62.29 -56.57
C ASN A 224 -17.97 61.24 -55.47
N PHE A 225 -16.75 60.86 -55.05
CA PHE A 225 -16.59 59.86 -53.97
C PHE A 225 -16.18 60.57 -52.68
N ARG A 226 -17.00 60.34 -51.65
CA ARG A 226 -16.88 60.97 -50.34
C ARG A 226 -16.48 60.10 -49.12
N ASN A 227 -15.73 60.68 -48.14
CA ASN A 227 -15.33 59.96 -46.90
C ASN A 227 -16.52 59.82 -45.95
N THR A 228 -16.52 58.78 -45.11
CA THR A 228 -17.63 58.51 -44.19
C THR A 228 -17.31 58.47 -42.70
N SER A 229 -16.03 58.64 -42.39
CA SER A 229 -15.61 58.64 -41.01
C SER A 229 -15.79 57.29 -40.33
N ALA A 230 -15.39 56.24 -41.03
CA ALA A 230 -15.46 54.89 -40.46
C ALA A 230 -14.05 54.25 -40.34
N VAL A 231 -13.91 53.22 -39.50
CA VAL A 231 -12.61 52.58 -39.31
C VAL A 231 -12.27 51.43 -40.26
N ILE A 232 -11.01 51.33 -40.68
CA ILE A 232 -10.62 50.24 -41.55
C ILE A 232 -9.28 49.67 -41.11
N LYS A 233 -9.26 48.36 -40.93
CA LYS A 233 -8.06 47.65 -40.52
C LYS A 233 -7.86 46.38 -41.35
N PHE A 234 -6.64 45.86 -41.37
CA PHE A 234 -6.35 44.63 -42.10
C PHE A 234 -5.83 43.51 -41.21
N ASP A 235 -6.50 42.36 -41.27
CA ASP A 235 -6.18 41.22 -40.42
C ASP A 235 -4.80 40.57 -40.62
N ARG A 236 -4.41 40.33 -41.86
CA ARG A 236 -3.19 39.56 -42.16
C ARG A 236 -2.51 39.89 -43.49
N PHE A 237 -1.23 39.51 -43.59
CA PHE A 237 -0.46 39.66 -44.82
C PHE A 237 0.00 38.31 -45.37
N VAL A 238 -0.24 38.08 -46.65
CA VAL A 238 0.22 36.88 -47.31
C VAL A 238 1.22 37.31 -48.36
N ASN A 239 2.33 36.60 -48.48
CA ASN A 239 3.41 37.08 -49.31
C ASN A 239 2.94 37.28 -50.73
N THR A 240 3.33 38.43 -51.30
CA THR A 240 2.89 38.88 -52.62
C THR A 240 2.93 40.39 -52.60
N HIS A 241 2.54 41.01 -53.72
CA HIS A 241 2.41 42.46 -53.79
C HIS A 241 1.54 42.91 -54.93
N TYR A 242 1.11 44.16 -54.90
CA TYR A 242 0.31 44.70 -56.00
C TYR A 242 1.08 45.77 -56.76
N SER A 243 1.13 45.62 -58.07
CA SER A 243 1.80 46.58 -58.93
C SER A 243 3.03 47.18 -58.28
N PRO A 244 3.99 46.33 -57.84
CA PRO A 244 5.21 46.82 -57.20
C PRO A 244 6.29 47.41 -58.09
N ASP A 245 6.95 48.45 -57.56
CA ASP A 245 8.04 49.15 -58.25
C ASP A 245 9.35 48.72 -57.53
N THR A 246 10.16 47.89 -58.20
CA THR A 246 11.42 47.41 -57.63
C THR A 246 12.46 48.52 -57.37
N GLN A 247 12.53 49.47 -58.32
CA GLN A 247 13.47 50.61 -58.26
C GLN A 247 13.22 51.55 -57.08
N ASN A 248 11.95 51.86 -56.83
CA ASN A 248 11.58 52.79 -55.76
C ASN A 248 11.06 52.16 -54.48
N ASN A 249 11.00 50.84 -54.41
CA ASN A 249 10.49 50.17 -53.20
C ASN A 249 9.02 50.42 -52.97
N ASN A 250 8.27 50.68 -54.04
CA ASN A 250 6.83 50.95 -53.96
C ASN A 250 6.01 49.68 -54.14
N GLY A 251 4.96 49.52 -53.34
CA GLY A 251 4.12 48.34 -53.44
C GLY A 251 2.95 48.27 -52.48
N VAL A 252 2.02 47.38 -52.78
CA VAL A 252 0.86 47.25 -51.95
C VAL A 252 0.78 45.90 -51.27
N PRO A 253 0.92 45.88 -49.96
CA PRO A 253 0.85 44.62 -49.20
C PRO A 253 -0.54 43.95 -49.34
N ILE A 254 -0.58 42.62 -49.36
CA ILE A 254 -1.86 41.92 -49.48
C ILE A 254 -2.15 41.13 -48.19
N PHE A 255 -3.32 41.35 -47.60
CA PHE A 255 -3.69 40.68 -46.36
C PHE A 255 -4.87 39.75 -46.58
N ASP A 256 -4.92 38.62 -45.86
CA ASP A 256 -6.04 37.67 -46.00
C ASP A 256 -7.35 38.10 -45.37
N VAL A 257 -7.32 38.92 -44.33
CA VAL A 257 -8.56 39.39 -43.72
C VAL A 257 -8.73 40.91 -43.59
N ALA A 258 -9.93 41.38 -43.93
CA ALA A 258 -10.29 42.80 -43.87
C ALA A 258 -11.43 43.00 -42.88
N SER A 259 -11.29 44.07 -42.08
CA SER A 259 -12.24 44.40 -41.02
C SER A 259 -12.78 45.83 -41.06
N ALA A 260 -13.99 46.04 -40.55
CA ALA A 260 -14.62 47.37 -40.52
C ALA A 260 -15.32 47.62 -39.17
N SER A 261 -15.73 48.87 -38.98
CA SER A 261 -16.25 49.35 -37.71
C SER A 261 -17.56 50.10 -37.90
N GLN A 262 -17.92 50.87 -36.88
CA GLN A 262 -19.17 51.64 -36.89
C GLN A 262 -19.20 52.64 -38.03
N SER A 263 -20.39 52.85 -38.56
CA SER A 263 -20.66 53.79 -39.66
C SER A 263 -20.51 53.17 -41.03
N ASN A 264 -20.78 53.97 -42.06
CA ASN A 264 -20.82 53.48 -43.43
C ASN A 264 -19.48 53.10 -44.05
N PHE A 265 -19.53 52.22 -45.04
CA PHE A 265 -18.35 51.71 -45.71
C PHE A 265 -18.78 51.10 -47.05
N ALA A 266 -17.87 51.15 -48.00
CA ALA A 266 -18.15 50.61 -49.34
C ALA A 266 -17.23 49.45 -49.68
N VAL A 267 -17.61 48.71 -50.72
CA VAL A 267 -16.83 47.59 -51.22
C VAL A 267 -16.59 47.83 -52.73
N VAL A 268 -15.34 47.79 -53.20
CA VAL A 268 -15.06 48.01 -54.62
C VAL A 268 -14.64 46.69 -55.28
N ILE A 269 -15.40 46.23 -56.26
CA ILE A 269 -15.08 44.96 -56.89
C ILE A 269 -14.79 45.04 -58.37
N TRP A 270 -13.63 44.52 -58.78
CA TRP A 270 -13.26 44.53 -60.19
C TRP A 270 -12.98 43.21 -60.91
N CYS A 271 -14.00 42.70 -61.60
CA CYS A 271 -13.90 41.44 -62.36
C CYS A 271 -14.12 41.69 -63.84
N PRO A 272 -13.05 41.59 -64.64
CA PRO A 272 -13.06 41.80 -66.09
C PRO A 272 -13.99 40.89 -66.86
N ASN A 273 -14.37 39.77 -66.27
CA ASN A 273 -15.27 38.82 -66.94
C ASN A 273 -16.74 39.26 -67.03
N VAL A 274 -17.17 40.19 -66.18
CA VAL A 274 -18.58 40.69 -66.19
C VAL A 274 -18.90 41.66 -67.35
N ASN A 275 -19.91 41.29 -68.14
CA ASN A 275 -20.33 42.10 -69.29
C ASN A 275 -21.79 42.56 -69.16
N PRO A 276 -21.99 43.86 -68.96
CA PRO A 276 -23.31 44.49 -68.83
C PRO A 276 -24.26 44.27 -70.01
N ASN A 277 -23.73 44.16 -71.22
CA ASN A 277 -24.58 43.98 -72.40
C ASN A 277 -25.30 42.63 -72.49
N VAL A 278 -24.74 41.61 -71.84
CA VAL A 278 -25.35 40.27 -71.87
C VAL A 278 -25.85 39.74 -70.51
N MET A 279 -25.47 40.40 -69.42
CA MET A 279 -25.87 39.99 -68.08
C MET A 279 -26.95 40.95 -67.50
N GLN A 280 -28.09 40.41 -67.10
CA GLN A 280 -29.15 41.23 -66.54
C GLN A 280 -28.83 41.72 -65.12
N SER A 281 -28.20 40.84 -64.35
CA SER A 281 -27.84 41.11 -62.96
C SER A 281 -26.74 40.17 -62.45
N VAL A 282 -26.06 40.57 -61.38
CA VAL A 282 -25.04 39.73 -60.76
C VAL A 282 -25.32 39.66 -59.26
N ASP A 283 -24.57 38.81 -58.57
CA ASP A 283 -24.74 38.66 -57.14
C ASP A 283 -23.41 38.58 -56.44
N VAL A 284 -23.36 39.05 -55.20
CA VAL A 284 -22.14 39.04 -54.40
C VAL A 284 -22.32 38.26 -53.09
N LYS A 285 -21.29 37.53 -52.69
CA LYS A 285 -21.34 36.74 -51.47
C LYS A 285 -20.13 36.98 -50.61
N MET A 286 -20.38 37.17 -49.31
CA MET A 286 -19.30 37.41 -48.36
C MET A 286 -19.20 36.26 -47.37
N VAL A 287 -17.97 35.83 -47.08
CA VAL A 287 -17.74 34.75 -46.13
C VAL A 287 -17.02 35.29 -44.92
N PHE A 288 -17.68 35.19 -43.77
CA PHE A 288 -17.11 35.68 -42.52
C PHE A 288 -16.01 34.86 -41.92
N SER A 289 -15.30 35.45 -40.96
CA SER A 289 -14.23 34.72 -40.28
C SER A 289 -14.79 33.54 -39.48
N ASP A 290 -15.95 33.73 -38.86
CA ASP A 290 -16.63 32.68 -38.09
C ASP A 290 -17.27 31.58 -38.98
N GLY A 291 -17.33 31.82 -40.29
CA GLY A 291 -17.91 30.83 -41.18
C GLY A 291 -19.32 31.12 -41.70
N SER A 292 -20.03 32.07 -41.09
CA SER A 292 -21.39 32.40 -41.55
C SER A 292 -21.29 33.15 -42.87
N THR A 293 -22.40 33.29 -43.59
CA THR A 293 -22.35 34.02 -44.86
C THR A 293 -23.47 35.03 -45.07
N TRP A 294 -23.23 35.99 -45.96
CA TRP A 294 -24.20 37.05 -46.25
C TRP A 294 -24.19 37.35 -47.75
N GLU A 295 -25.37 37.63 -48.31
CA GLU A 295 -25.48 37.92 -49.75
C GLU A 295 -26.38 39.09 -50.07
N ALA A 296 -26.05 39.80 -51.14
CA ALA A 296 -26.78 40.98 -51.60
C ALA A 296 -27.04 40.91 -53.09
N SER A 297 -27.98 41.70 -53.58
CA SER A 297 -28.33 41.68 -54.99
C SER A 297 -28.09 42.99 -55.72
N VAL A 298 -27.39 42.92 -56.83
CA VAL A 298 -27.09 44.13 -57.63
C VAL A 298 -27.54 44.12 -59.09
N PRO A 299 -28.49 45.01 -59.48
CA PRO A 299 -28.92 45.03 -60.89
C PRO A 299 -27.79 45.66 -61.70
N LEU A 300 -27.65 45.21 -62.95
CA LEU A 300 -26.62 45.72 -63.84
C LEU A 300 -27.24 46.47 -65.00
N SER A 301 -28.45 46.06 -65.38
CA SER A 301 -29.16 46.68 -66.48
C SER A 301 -29.07 48.20 -66.42
N ILE A 302 -28.83 48.83 -67.56
CA ILE A 302 -28.76 50.28 -67.63
C ILE A 302 -29.94 50.89 -66.89
N THR A 303 -31.14 50.52 -67.31
CA THR A 303 -32.36 51.02 -66.67
C THR A 303 -33.58 50.73 -67.54
N VAL B 1 10.08 -11.60 14.84
CA VAL B 1 8.59 -11.67 14.66
C VAL B 1 8.01 -10.29 14.38
N SER B 2 8.92 -9.34 14.13
CA SER B 2 8.61 -7.95 13.83
C SER B 2 7.59 -7.80 12.68
N PRO B 3 7.89 -8.34 11.47
CA PRO B 3 6.91 -8.19 10.40
C PRO B 3 5.48 -8.61 10.79
N VAL B 4 5.32 -9.75 11.48
CA VAL B 4 3.98 -10.22 11.84
C VAL B 4 3.15 -9.27 12.69
N ILE B 5 3.78 -8.60 13.64
CA ILE B 5 3.07 -7.66 14.50
C ILE B 5 2.82 -6.35 13.77
N ALA B 6 3.79 -5.92 12.97
CA ALA B 6 3.69 -4.67 12.21
C ALA B 6 2.50 -4.70 11.26
N THR B 7 2.44 -5.75 10.44
CA THR B 7 1.36 -5.90 9.47
C THR B 7 -0.01 -5.80 10.12
N LEU B 8 -0.19 -6.40 11.29
CA LEU B 8 -1.48 -6.42 11.99
C LEU B 8 -1.98 -5.04 12.41
N LEU B 9 -1.08 -4.25 12.95
CA LEU B 9 -1.47 -2.93 13.34
C LEU B 9 -1.81 -2.05 12.14
N LEU B 10 -1.14 -2.28 11.00
CA LEU B 10 -1.38 -1.50 9.78
C LEU B 10 -2.75 -1.79 9.16
N ILE B 11 -3.17 -3.06 9.20
CA ILE B 11 -4.48 -3.52 8.69
C ILE B 11 -5.63 -2.86 9.43
N LEU B 12 -5.53 -2.87 10.76
CA LEU B 12 -6.55 -2.26 11.59
C LEU B 12 -6.73 -0.77 11.30
N ILE B 13 -5.61 -0.05 11.14
CA ILE B 13 -5.60 1.39 10.90
C ILE B 13 -6.31 1.83 9.63
N ALA B 14 -6.01 1.12 8.53
CA ALA B 14 -6.63 1.40 7.24
C ALA B 14 -8.15 1.10 7.25
N VAL B 15 -8.58 0.06 7.96
CA VAL B 15 -10.00 -0.29 8.08
C VAL B 15 -10.80 0.80 8.77
N ALA B 16 -10.24 1.32 9.87
CA ALA B 16 -10.87 2.39 10.68
C ALA B 16 -11.04 3.68 9.91
N ALA B 17 -10.03 4.06 9.13
CA ALA B 17 -10.09 5.28 8.33
C ALA B 17 -11.12 5.16 7.18
N ALA B 18 -11.25 3.98 6.59
CA ALA B 18 -12.20 3.77 5.49
C ALA B 18 -13.64 3.93 5.96
N VAL B 19 -13.94 3.40 7.13
CA VAL B 19 -15.28 3.48 7.68
C VAL B 19 -15.59 4.94 8.03
N LEU B 20 -14.58 5.67 8.49
CA LEU B 20 -14.77 7.06 8.82
C LEU B 20 -15.03 7.87 7.55
N LEU B 21 -14.44 7.46 6.43
CA LEU B 21 -14.66 8.17 5.15
C LEU B 21 -16.10 8.07 4.72
N TYR B 22 -16.67 6.90 4.93
CA TYR B 22 -18.05 6.63 4.57
C TYR B 22 -19.03 7.55 5.29
N THR B 23 -18.88 7.65 6.60
CA THR B 23 -19.78 8.48 7.40
C THR B 23 -19.69 9.93 6.95
N TRP B 24 -18.47 10.39 6.71
CA TRP B 24 -18.27 11.76 6.29
C TRP B 24 -18.85 12.03 4.90
N VAL B 25 -18.68 11.09 3.97
CA VAL B 25 -19.18 11.26 2.61
C VAL B 25 -20.69 11.31 2.59
N SER B 26 -21.32 10.33 3.22
CA SER B 26 -22.78 10.28 3.24
C SER B 26 -23.39 11.45 4.01
N GLY B 27 -22.72 11.90 5.05
CA GLY B 27 -23.24 13.04 5.77
C GLY B 27 -23.12 14.24 4.83
N LEU B 28 -22.03 14.34 4.06
CA LEU B 28 -21.83 15.47 3.12
C LEU B 28 -22.96 15.57 2.10
N SER B 29 -23.43 14.42 1.66
CA SER B 29 -24.52 14.38 0.71
C SER B 29 -25.84 14.70 1.42
N ALA B 30 -26.88 14.99 0.65
CA ALA B 30 -28.22 15.31 1.17
C ALA B 30 -28.12 16.51 2.09
N ASN B 31 -27.07 17.30 1.86
CA ASN B 31 -26.84 18.50 2.63
C ASN B 31 -26.84 19.70 1.66
N VAL B 32 -27.79 19.72 0.74
CA VAL B 32 -27.92 20.84 -0.18
C VAL B 32 -29.38 21.32 -0.16
N ALA B 33 -29.53 22.61 0.17
CA ALA B 33 -30.83 23.30 0.30
C ALA B 33 -31.55 23.55 -1.00
N GLY B 34 -30.97 24.41 -1.85
CA GLY B 34 -31.60 24.72 -3.12
C GLY B 34 -32.56 25.92 -3.12
N THR B 35 -33.61 25.84 -3.96
CA THR B 35 -34.58 26.92 -4.09
C THR B 35 -35.98 26.49 -4.55
N GLN B 36 -36.87 27.46 -4.52
CA GLN B 36 -38.22 27.27 -4.97
C GLN B 36 -38.28 28.13 -6.21
N VAL B 37 -39.26 27.82 -7.06
CA VAL B 37 -39.47 28.58 -8.28
C VAL B 37 -40.77 29.34 -8.07
N THR B 38 -40.63 30.66 -8.07
CA THR B 38 -41.75 31.57 -7.87
C THR B 38 -42.75 31.28 -8.96
N GLY B 39 -44.01 31.41 -8.59
CA GLY B 39 -45.07 31.13 -9.52
C GLY B 39 -45.06 32.12 -10.62
N LYS B 40 -45.98 31.88 -11.55
CA LYS B 40 -46.14 32.72 -12.70
C LYS B 40 -46.58 34.02 -12.19
N SER B 41 -46.26 35.05 -12.96
CA SER B 41 -46.61 36.39 -12.57
C SER B 41 -48.08 36.50 -12.23
N LEU B 42 -48.28 37.34 -11.24
CA LEU B 42 -49.56 37.66 -10.67
C LEU B 42 -50.32 38.50 -11.67
N THR B 43 -51.58 38.14 -11.94
CA THR B 43 -52.38 38.94 -12.86
C THR B 43 -52.74 40.25 -12.18
N LEU B 44 -52.78 41.32 -12.96
CA LEU B 44 -53.05 42.63 -12.46
C LEU B 44 -54.55 42.88 -12.46
N ILE B 45 -55.14 42.95 -11.27
CA ILE B 45 -56.58 43.21 -11.17
C ILE B 45 -56.86 44.69 -11.37
N GLN B 46 -55.98 45.57 -10.91
CA GLN B 46 -56.14 47.01 -11.07
C GLN B 46 -54.88 47.76 -10.70
N ALA B 47 -54.73 48.98 -11.23
CA ALA B 47 -53.61 49.87 -10.95
C ALA B 47 -54.30 51.19 -10.85
N THR B 48 -54.13 51.85 -9.72
CA THR B 48 -54.76 53.15 -9.53
C THR B 48 -54.06 54.02 -8.47
N TRP B 49 -54.57 55.23 -8.25
CA TRP B 49 -53.95 56.14 -7.30
C TRP B 49 -54.90 57.20 -6.78
N ALA B 50 -54.66 57.66 -5.55
CA ALA B 50 -55.48 58.72 -4.93
C ALA B 50 -54.62 59.72 -4.13
N ARG B 51 -55.23 60.84 -3.72
CA ARG B 51 -54.52 61.87 -2.99
C ARG B 51 -54.50 61.60 -1.49
N PRO B 52 -53.30 61.63 -0.87
CA PRO B 52 -53.12 61.40 0.57
C PRO B 52 -53.49 62.62 1.38
N ALA B 53 -53.58 62.42 2.68
CA ALA B 53 -53.93 63.49 3.58
C ALA B 53 -52.78 63.56 4.57
N THR B 54 -52.11 64.72 4.62
CA THR B 54 -51.03 64.90 5.59
C THR B 54 -51.52 65.74 6.79
N ASN B 55 -52.61 66.48 6.59
CA ASN B 55 -53.16 67.29 7.68
C ASN B 55 -54.33 66.58 8.28
N VAL B 56 -54.14 66.05 9.49
CA VAL B 56 -55.17 65.29 10.19
C VAL B 56 -55.44 65.89 11.55
N GLY B 57 -56.72 66.13 11.80
CA GLY B 57 -57.17 66.66 13.08
C GLY B 57 -57.95 65.55 13.75
N THR B 58 -58.85 65.90 14.67
CA THR B 58 -59.69 64.90 15.36
C THR B 58 -60.91 64.56 14.45
N THR B 59 -61.16 65.45 13.48
CA THR B 59 -62.22 65.32 12.45
C THR B 59 -61.60 65.78 11.12
N ILE B 60 -62.03 65.13 10.05
CA ILE B 60 -61.54 65.41 8.71
C ILE B 60 -62.55 66.13 7.79
N SER B 61 -62.07 67.17 7.12
CA SER B 61 -62.87 67.94 6.17
C SER B 61 -62.40 67.50 4.80
N LYS B 62 -63.00 68.04 3.75
CA LYS B 62 -62.58 67.62 2.43
C LYS B 62 -61.28 68.31 2.03
N ASP B 63 -60.99 69.41 2.71
CA ASP B 63 -59.77 70.18 2.50
C ASP B 63 -58.59 69.69 3.33
N SER B 64 -58.81 68.62 4.10
CA SER B 64 -57.72 68.05 4.86
C SER B 64 -56.85 67.17 3.95
N PHE B 65 -57.36 66.85 2.77
CA PHE B 65 -56.67 66.06 1.75
C PHE B 65 -55.89 66.95 0.83
N ASP B 66 -54.64 66.58 0.61
CA ASP B 66 -53.70 67.36 -0.23
C ASP B 66 -53.85 67.26 -1.73
N ARG B 67 -53.28 68.24 -2.43
CA ARG B 67 -53.30 68.30 -3.87
C ARG B 67 -51.87 68.22 -4.38
N SER B 68 -51.74 67.63 -5.57
CA SER B 68 -50.46 67.43 -6.24
C SER B 68 -49.55 66.43 -5.47
N LYS B 69 -50.20 65.46 -4.83
CA LYS B 69 -49.52 64.41 -4.08
C LYS B 69 -50.20 63.14 -4.54
N ALA B 70 -49.51 62.01 -4.50
CA ALA B 70 -50.12 60.76 -4.96
C ALA B 70 -49.63 59.52 -4.21
N VAL B 71 -50.53 58.54 -4.05
CA VAL B 71 -50.19 57.27 -3.40
C VAL B 71 -50.58 56.20 -4.39
N LEU B 72 -49.66 55.27 -4.68
CA LEU B 72 -49.95 54.24 -5.67
C LEU B 72 -50.60 52.93 -5.15
N ILE B 73 -51.67 52.46 -5.80
CA ILE B 73 -52.32 51.21 -5.38
C ILE B 73 -52.30 50.12 -6.45
N LEU B 74 -52.03 48.90 -6.01
CA LEU B 74 -51.93 47.78 -6.94
C LEU B 74 -52.59 46.52 -6.43
N SER B 75 -53.37 45.87 -7.29
CA SER B 75 -54.02 44.62 -6.90
C SER B 75 -53.55 43.43 -7.75
N PHE B 76 -53.01 42.41 -7.07
CA PHE B 76 -52.51 41.21 -7.73
C PHE B 76 -53.22 39.91 -7.28
N GLN B 77 -53.47 39.03 -8.25
CA GLN B 77 -54.11 37.71 -8.04
C GLN B 77 -53.19 36.57 -8.52
N PRO B 78 -52.56 35.88 -7.59
CA PRO B 78 -51.66 34.80 -7.94
C PRO B 78 -52.47 33.65 -8.50
N PRO B 79 -51.85 32.85 -9.45
CA PRO B 79 -52.67 31.73 -9.92
C PRO B 79 -52.22 30.48 -9.19
N ALA B 80 -53.17 29.76 -8.62
CA ALA B 80 -52.85 28.68 -7.69
C ALA B 80 -52.05 27.53 -8.28
N GLN B 81 -52.38 27.15 -9.51
CA GLN B 81 -52.00 25.87 -10.09
C GLN B 81 -50.70 25.84 -10.90
N VAL B 82 -49.93 26.92 -10.84
CA VAL B 82 -48.75 27.05 -11.69
C VAL B 82 -47.72 25.92 -11.50
N LEU B 83 -47.26 25.38 -12.62
CA LEU B 83 -46.30 24.28 -12.71
C LEU B 83 -45.87 23.61 -11.41
N GLN B 84 -44.80 24.12 -10.81
CA GLN B 84 -44.38 23.70 -9.50
C GLN B 84 -44.50 24.86 -8.53
N GLY B 85 -45.13 25.92 -9.00
CA GLY B 85 -45.09 27.20 -8.31
C GLY B 85 -45.34 27.10 -6.82
N GLY B 86 -44.58 27.91 -6.08
CA GLY B 86 -44.70 27.99 -4.64
C GLY B 86 -45.97 28.64 -4.12
N GLN B 87 -46.41 28.17 -2.96
CA GLN B 87 -47.59 28.71 -2.30
C GLN B 87 -47.44 30.17 -1.90
N ALA B 88 -46.25 30.55 -1.44
CA ALA B 88 -46.02 31.89 -0.92
C ALA B 88 -45.02 32.70 -1.74
N ILE B 89 -45.36 33.96 -2.02
CA ILE B 89 -44.53 34.84 -2.83
C ILE B 89 -43.82 35.88 -1.95
N THR B 90 -42.51 36.00 -2.08
CA THR B 90 -41.74 36.92 -1.21
C THR B 90 -41.05 38.05 -1.96
N ILE B 91 -41.09 39.24 -1.37
CA ILE B 91 -40.50 40.41 -1.98
C ILE B 91 -39.44 41.09 -1.12
N ASP B 92 -38.18 41.10 -1.57
CA ASP B 92 -37.15 41.79 -0.82
C ASP B 92 -37.06 43.27 -1.19
N ALA B 93 -37.30 43.65 -2.45
CA ALA B 93 -37.19 45.06 -2.85
C ALA B 93 -38.21 45.56 -3.89
N ILE B 94 -38.80 46.73 -3.61
CA ILE B 94 -39.80 47.35 -4.49
C ILE B 94 -39.23 48.68 -5.00
N ASP B 95 -39.39 48.95 -6.30
CA ASP B 95 -38.83 50.18 -6.90
C ASP B 95 -39.76 50.95 -7.79
N VAL B 96 -39.57 52.28 -7.83
CA VAL B 96 -40.39 53.13 -8.66
C VAL B 96 -39.49 53.80 -9.73
N LEU B 97 -39.80 53.54 -11.00
CA LEU B 97 -39.03 54.05 -12.16
C LEU B 97 -39.77 54.98 -13.09
N TYR B 98 -39.02 55.93 -13.63
CA TYR B 98 -39.60 56.89 -14.55
C TYR B 98 -38.55 57.25 -15.56
N GLN B 99 -38.82 56.93 -16.82
CA GLN B 99 -37.90 57.16 -17.96
C GLN B 99 -36.71 56.19 -17.90
N GLY B 100 -36.92 55.04 -17.27
CA GLY B 100 -35.86 54.06 -17.12
C GLY B 100 -34.87 54.38 -15.97
N ARG B 101 -35.18 55.38 -15.16
CA ARG B 101 -34.33 55.79 -14.01
C ARG B 101 -35.13 55.54 -12.73
N VAL B 102 -34.40 55.38 -11.62
CA VAL B 102 -35.04 55.11 -10.36
C VAL B 102 -35.40 56.32 -9.51
N VAL B 103 -36.69 56.54 -9.32
CA VAL B 103 -37.18 57.65 -8.50
C VAL B 103 -36.91 57.39 -7.02
N CYS B 104 -37.18 56.18 -6.53
CA CYS B 104 -36.95 55.79 -5.13
C CYS B 104 -36.79 54.27 -4.98
N HIS B 105 -36.14 53.84 -3.92
CA HIS B 105 -35.89 52.42 -3.70
C HIS B 105 -36.27 51.98 -2.29
N TYR B 106 -37.00 50.88 -2.17
CA TYR B 106 -37.41 50.36 -0.86
C TYR B 106 -36.84 48.96 -0.68
N ASP B 107 -36.01 48.78 0.34
CA ASP B 107 -35.39 47.46 0.56
C ASP B 107 -36.01 46.62 1.66
N SER B 108 -36.78 47.32 2.49
CA SER B 108 -37.47 46.79 3.66
C SER B 108 -38.88 47.40 3.73
N PHE B 109 -39.70 46.94 4.68
CA PHE B 109 -41.07 47.42 4.84
C PHE B 109 -41.54 47.57 6.28
N PRO B 110 -42.45 48.51 6.53
CA PRO B 110 -42.96 48.69 7.89
C PRO B 110 -44.01 47.58 8.13
N MET B 111 -44.10 47.06 9.36
CA MET B 111 -45.08 45.98 9.66
C MET B 111 -46.52 46.42 9.40
N THR B 112 -47.31 45.52 8.82
CA THR B 112 -48.70 45.84 8.56
C THR B 112 -49.62 45.44 9.68
N ALA B 113 -50.70 46.20 9.85
CA ALA B 113 -51.68 45.94 10.90
C ALA B 113 -52.26 44.55 10.85
N ASP B 114 -52.60 44.09 9.65
CA ASP B 114 -53.15 42.76 9.48
C ASP B 114 -52.03 41.72 9.51
N ASP B 115 -51.54 41.46 10.71
CA ASP B 115 -50.49 40.49 10.92
C ASP B 115 -50.64 40.03 12.36
N LYS B 116 -51.37 38.93 12.52
CA LYS B 116 -51.65 38.38 13.83
C LYS B 116 -50.42 37.92 14.60
N TYR B 117 -49.48 37.33 13.89
CA TYR B 117 -48.27 36.82 14.50
C TYR B 117 -47.44 37.85 15.26
N HIS B 118 -47.16 38.97 14.59
CA HIS B 118 -46.36 40.04 15.17
C HIS B 118 -47.11 41.18 15.86
N ILE B 119 -48.44 41.18 15.79
CA ILE B 119 -49.25 42.26 16.39
C ILE B 119 -49.17 42.37 17.93
N GLY B 120 -49.22 41.26 18.65
CA GLY B 120 -49.18 41.36 20.10
C GLY B 120 -47.84 41.04 20.73
N GLN B 121 -46.77 41.56 20.14
CA GLN B 121 -45.42 41.32 20.67
C GLN B 121 -44.66 42.60 20.89
N THR B 122 -43.62 42.48 21.71
CA THR B 122 -42.74 43.60 21.99
C THR B 122 -41.40 43.45 21.29
N ILE B 123 -41.13 44.32 20.32
CA ILE B 123 -39.90 44.22 19.57
C ILE B 123 -38.98 45.41 19.72
N GLY B 124 -37.79 45.13 20.24
CA GLY B 124 -36.83 46.19 20.45
C GLY B 124 -37.35 47.17 21.50
N GLY B 125 -37.98 46.67 22.56
CA GLY B 125 -38.47 47.55 23.63
C GLY B 125 -39.76 48.35 23.41
N LEU B 126 -40.36 48.22 22.25
CA LEU B 126 -41.60 48.92 21.93
C LEU B 126 -42.62 47.90 21.41
N THR B 127 -43.84 47.94 21.93
CA THR B 127 -44.88 47.03 21.47
C THR B 127 -45.16 47.26 19.98
N ALA B 128 -45.74 46.26 19.33
CA ALA B 128 -45.97 46.37 17.90
C ALA B 128 -47.34 46.83 17.43
N PHE B 129 -47.32 47.81 16.55
CA PHE B 129 -48.55 48.31 15.98
C PHE B 129 -48.32 48.37 14.47
N GLY B 130 -49.38 48.06 13.73
CA GLY B 130 -49.29 48.09 12.29
C GLY B 130 -49.95 49.31 11.70
N LEU B 131 -50.02 49.25 10.39
CA LEU B 131 -50.59 50.31 9.62
C LEU B 131 -52.08 50.10 9.26
N VAL B 132 -52.85 51.17 9.39
CA VAL B 132 -54.27 51.11 9.07
C VAL B 132 -54.75 52.15 8.05
N PHE B 133 -55.59 51.68 7.11
CA PHE B 133 -56.17 52.49 6.00
C PHE B 133 -57.72 52.58 5.99
N TRP B 134 -58.27 53.81 6.13
CA TRP B 134 -59.75 53.99 6.19
C TRP B 134 -60.48 54.64 4.99
N SER B 196 -51.43 62.00 9.22
CA SER B 196 -50.39 61.05 9.59
C SER B 196 -49.38 60.83 8.44
N PHE B 197 -49.39 61.60 7.34
CA PHE B 197 -48.38 61.36 6.27
C PHE B 197 -47.32 62.43 6.26
N ASP B 198 -46.04 62.03 6.25
CA ASP B 198 -44.93 62.97 6.26
C ASP B 198 -44.06 62.79 5.01
N ASP B 199 -43.69 63.91 4.35
CA ASP B 199 -42.86 63.86 3.15
C ASP B 199 -41.42 63.39 3.35
N GLN B 200 -40.98 63.45 4.59
CA GLN B 200 -39.63 63.04 4.97
C GLN B 200 -39.52 61.53 5.21
N TYR B 201 -40.66 60.83 5.23
CA TYR B 201 -40.67 59.39 5.49
C TYR B 201 -41.45 58.55 4.48
N PRO B 202 -40.85 58.31 3.30
CA PRO B 202 -41.51 57.51 2.28
C PRO B 202 -41.51 56.02 2.67
N PHE B 203 -42.51 55.27 2.23
CA PHE B 203 -42.58 53.85 2.54
C PHE B 203 -43.51 53.06 1.65
N ALA B 204 -43.28 51.74 1.66
CA ALA B 204 -44.09 50.76 0.91
C ALA B 204 -44.48 49.60 1.86
N THR B 205 -45.53 48.86 1.51
CA THR B 205 -46.00 47.76 2.35
C THR B 205 -47.09 46.91 1.70
N ILE B 206 -47.30 45.70 2.23
CA ILE B 206 -48.31 44.73 1.73
C ILE B 206 -49.58 44.66 2.60
N LEU B 207 -50.77 44.84 2.01
CA LEU B 207 -52.04 44.73 2.75
C LEU B 207 -53.06 43.89 1.97
N ALA B 208 -53.79 43.01 2.67
CA ALA B 208 -54.79 42.16 2.03
C ALA B 208 -56.11 42.84 1.75
N GLY B 209 -56.28 43.26 0.49
CA GLY B 209 -57.51 43.90 0.04
C GLY B 209 -57.53 44.50 -1.37
N THR B 210 -58.60 45.23 -1.68
CA THR B 210 -58.74 45.90 -2.99
C THR B 210 -59.33 47.31 -2.82
N TRP B 211 -59.19 48.13 -3.85
CA TRP B 211 -59.67 49.49 -3.81
C TRP B 211 -60.93 49.68 -4.66
N GLU B 212 -61.95 50.36 -4.11
CA GLU B 212 -63.23 50.63 -4.81
C GLU B 212 -63.52 52.11 -4.92
N VAL B 213 -64.03 52.52 -6.07
CA VAL B 213 -64.38 53.90 -6.35
C VAL B 213 -65.87 54.03 -6.63
N ASN B 214 -66.53 55.01 -5.99
CA ASN B 214 -67.97 55.26 -6.15
C ASN B 214 -68.22 56.71 -6.54
N TYR B 215 -69.03 56.93 -7.57
CA TYR B 215 -69.29 58.30 -8.01
C TYR B 215 -70.56 58.96 -7.49
N VAL B 216 -70.44 59.97 -6.61
CA VAL B 216 -71.63 60.68 -6.07
C VAL B 216 -72.17 61.59 -7.17
N SER B 217 -71.28 62.35 -7.79
CA SER B 217 -71.63 63.29 -8.85
C SER B 217 -70.64 63.12 -10.00
N THR B 218 -70.75 63.99 -11.03
CA THR B 218 -69.88 63.96 -12.22
C THR B 218 -68.39 64.12 -11.91
N ASN B 219 -68.07 64.96 -10.93
CA ASN B 219 -66.67 65.18 -10.58
C ASN B 219 -66.27 64.85 -9.13
N TYR B 220 -67.19 64.24 -8.39
CA TYR B 220 -66.91 63.89 -7.01
C TYR B 220 -67.08 62.42 -6.75
N VAL B 221 -66.26 61.88 -5.88
CA VAL B 221 -66.31 60.45 -5.58
C VAL B 221 -66.21 60.08 -4.11
N GLU B 222 -66.59 58.85 -3.79
CA GLU B 222 -66.46 58.32 -2.44
C GLU B 222 -65.59 57.03 -2.62
N THR B 223 -64.73 56.74 -1.66
CA THR B 223 -63.82 55.57 -1.75
C THR B 223 -63.77 54.60 -0.58
N ASN B 224 -63.94 53.30 -0.86
CA ASN B 224 -63.93 52.33 0.19
C ASN B 224 -62.87 51.23 0.06
N PHE B 225 -62.13 50.96 1.13
CA PHE B 225 -61.10 49.90 1.10
C PHE B 225 -61.61 48.67 1.86
N ARG B 226 -61.61 47.56 1.13
CA ARG B 226 -62.13 46.27 1.59
C ARG B 226 -61.15 45.09 1.84
N ASN B 227 -61.43 44.22 2.85
CA ASN B 227 -60.58 43.03 3.15
C ASN B 227 -60.78 41.94 2.09
N THR B 228 -59.77 41.10 1.87
CA THR B 228 -59.83 40.05 0.84
C THR B 228 -59.64 38.61 1.32
N SER B 229 -59.40 38.45 2.61
CA SER B 229 -59.23 37.14 3.17
C SER B 229 -57.98 36.44 2.67
N ALA B 230 -56.88 37.17 2.65
CA ALA B 230 -55.59 36.59 2.23
C ALA B 230 -54.56 36.63 3.38
N VAL B 231 -53.51 35.81 3.29
CA VAL B 231 -52.50 35.77 4.36
C VAL B 231 -51.34 36.75 4.21
N ILE B 232 -50.87 37.32 5.31
CA ILE B 232 -49.73 38.22 5.27
C ILE B 232 -48.77 37.94 6.40
N LYS B 233 -47.52 37.76 6.04
CA LYS B 233 -46.47 37.49 7.01
C LYS B 233 -45.22 38.34 6.71
N PHE B 234 -44.36 38.49 7.71
CA PHE B 234 -43.12 39.25 7.51
C PHE B 234 -41.86 38.41 7.76
N ASP B 235 -40.98 38.39 6.78
CA ASP B 235 -39.77 37.58 6.84
C ASP B 235 -38.74 37.94 7.92
N ARG B 236 -38.43 39.23 8.07
CA ARG B 236 -37.33 39.66 8.95
C ARG B 236 -37.48 41.06 9.54
N PHE B 237 -36.73 41.32 10.62
CA PHE B 237 -36.68 42.63 11.26
C PHE B 237 -35.27 43.22 11.21
N VAL B 238 -35.17 44.47 10.77
CA VAL B 238 -33.91 45.17 10.76
C VAL B 238 -34.04 46.33 11.71
N ASN B 239 -33.04 46.57 12.53
CA ASN B 239 -33.19 47.54 13.60
C ASN B 239 -33.57 48.89 13.05
N THR B 240 -34.55 49.51 13.70
CA THR B 240 -35.15 50.76 13.28
C THR B 240 -36.59 50.76 13.77
N HIS B 241 -37.33 51.83 13.47
CA HIS B 241 -38.74 51.89 13.78
C HIS B 241 -39.48 52.93 12.95
N TYR B 242 -40.80 52.85 12.93
CA TYR B 242 -41.60 53.85 12.22
C TYR B 242 -42.39 54.70 13.18
N SER B 243 -42.27 56.01 13.03
CA SER B 243 -43.02 56.95 13.86
C SER B 243 -43.20 56.46 15.28
N PRO B 244 -42.08 56.13 15.97
CA PRO B 244 -42.17 55.64 17.35
C PRO B 244 -42.42 56.66 18.46
N ASP B 245 -43.19 56.23 19.45
CA ASP B 245 -43.55 57.04 20.62
C ASP B 245 -42.72 56.48 21.81
N THR B 246 -41.71 57.24 22.24
CA THR B 246 -40.84 56.83 23.35
C THR B 246 -41.58 56.70 24.70
N GLN B 247 -42.49 57.65 24.96
CA GLN B 247 -43.29 57.72 26.18
C GLN B 247 -44.24 56.52 26.37
N ASN B 248 -44.90 56.12 25.31
CA ASN B 248 -45.86 55.02 25.37
C ASN B 248 -45.39 53.68 24.83
N ASN B 249 -44.14 53.59 24.38
CA ASN B 249 -43.62 52.33 23.84
C ASN B 249 -44.30 51.93 22.55
N ASN B 250 -44.81 52.90 21.80
CA ASN B 250 -45.50 52.64 20.52
C ASN B 250 -44.54 52.72 19.34
N GLY B 251 -44.69 51.80 18.38
CA GLY B 251 -43.82 51.79 17.23
C GLY B 251 -44.09 50.70 16.21
N VAL B 252 -43.53 50.88 15.03
CA VAL B 252 -43.72 49.91 13.99
C VAL B 252 -42.44 49.23 13.58
N PRO B 253 -42.34 47.94 13.86
CA PRO B 253 -41.13 47.17 13.49
C PRO B 253 -40.93 47.14 11.96
N ILE B 254 -39.68 47.14 11.51
CA ILE B 254 -39.39 47.10 10.07
C ILE B 254 -38.70 45.76 9.72
N PHE B 255 -39.24 45.06 8.73
CA PHE B 255 -38.66 43.77 8.33
C PHE B 255 -38.15 43.85 6.91
N ASP B 256 -37.07 43.12 6.60
CA ASP B 256 -36.51 43.12 5.23
C ASP B 256 -37.30 42.34 4.19
N VAL B 257 -38.04 41.31 4.60
CA VAL B 257 -38.85 40.57 3.63
C VAL B 257 -40.34 40.42 3.96
N ALA B 258 -41.16 40.62 2.93
CA ALA B 258 -42.62 40.52 3.03
C ALA B 258 -43.13 39.40 2.14
N SER B 259 -44.08 38.63 2.68
CA SER B 259 -44.65 37.46 2.00
C SER B 259 -46.18 37.45 1.93
N ALA B 260 -46.73 36.79 0.90
CA ALA B 260 -48.18 36.70 0.73
C ALA B 260 -48.60 35.28 0.30
N SER B 261 -49.91 35.04 0.31
CA SER B 261 -50.48 33.72 0.11
C SER B 261 -51.59 33.77 -0.92
N GLN B 262 -52.41 32.72 -0.91
CA GLN B 262 -53.52 32.58 -1.86
C GLN B 262 -54.52 33.71 -1.71
N SER B 263 -55.10 34.10 -2.84
CA SER B 263 -56.11 35.16 -2.93
C SER B 263 -55.51 36.53 -3.14
N ASN B 264 -56.38 37.53 -3.26
CA ASN B 264 -55.97 38.89 -3.61
C ASN B 264 -55.23 39.66 -2.53
N PHE B 265 -54.43 40.62 -2.98
CA PHE B 265 -53.61 41.44 -2.08
C PHE B 265 -53.21 42.71 -2.82
N ALA B 266 -52.99 43.77 -2.07
CA ALA B 266 -52.62 45.05 -2.64
C ALA B 266 -51.23 45.50 -2.19
N VAL B 267 -50.69 46.48 -2.89
CA VAL B 267 -49.39 47.07 -2.54
C VAL B 267 -49.60 48.60 -2.42
N VAL B 268 -49.19 49.20 -1.31
CA VAL B 268 -49.36 50.66 -1.15
C VAL B 268 -48.00 51.35 -1.22
N ILE B 269 -47.82 52.23 -2.20
CA ILE B 269 -46.53 52.89 -2.35
C ILE B 269 -46.57 54.40 -2.22
N TRP B 270 -45.73 54.93 -1.34
CA TRP B 270 -45.68 56.38 -1.15
C TRP B 270 -44.35 57.11 -1.37
N CYS B 271 -44.20 57.68 -2.58
CA CYS B 271 -42.99 58.43 -2.95
C CYS B 271 -43.34 59.88 -3.26
N PRO B 272 -42.94 60.80 -2.37
CA PRO B 272 -43.20 62.24 -2.47
C PRO B 272 -42.64 62.89 -3.73
N ASN B 273 -41.67 62.25 -4.37
CA ASN B 273 -41.05 62.79 -5.57
C ASN B 273 -41.93 62.72 -6.85
N VAL B 274 -42.92 61.82 -6.88
CA VAL B 274 -43.82 61.67 -8.04
C VAL B 274 -44.86 62.78 -8.19
N ASN B 275 -44.86 63.44 -9.35
CA ASN B 275 -45.78 64.55 -9.63
C ASN B 275 -46.66 64.24 -10.85
N PRO B 276 -47.96 64.03 -10.63
CA PRO B 276 -48.95 63.73 -11.67
C PRO B 276 -49.08 64.79 -12.78
N ASN B 277 -48.85 66.06 -12.45
CA ASN B 277 -48.97 67.12 -13.44
C ASN B 277 -47.91 67.11 -14.53
N VAL B 278 -46.74 66.54 -14.25
CA VAL B 278 -45.64 66.49 -15.23
C VAL B 278 -45.25 65.08 -15.72
N MET B 279 -45.73 64.05 -15.02
CA MET B 279 -45.43 62.66 -15.38
C MET B 279 -46.65 61.97 -16.02
N GLN B 280 -46.46 61.43 -17.22
CA GLN B 280 -47.56 60.74 -17.92
C GLN B 280 -47.88 59.39 -17.30
N SER B 281 -46.83 58.68 -16.88
CA SER B 281 -46.94 57.35 -16.30
C SER B 281 -45.68 56.96 -15.49
N VAL B 282 -45.82 55.99 -14.59
CA VAL B 282 -44.69 55.49 -13.81
C VAL B 282 -44.68 53.97 -13.93
N ASP B 283 -43.61 53.37 -13.41
CA ASP B 283 -43.48 51.93 -13.44
C ASP B 283 -42.97 51.40 -12.12
N VAL B 284 -43.37 50.18 -11.78
CA VAL B 284 -42.96 49.52 -10.53
C VAL B 284 -42.23 48.20 -10.79
N LYS B 285 -41.21 47.92 -9.99
CA LYS B 285 -40.44 46.71 -10.16
C LYS B 285 -40.28 45.99 -8.83
N MET B 286 -40.49 44.67 -8.85
CA MET B 286 -40.36 43.86 -7.65
C MET B 286 -39.20 42.89 -7.79
N VAL B 287 -38.42 42.74 -6.73
CA VAL B 287 -37.29 41.82 -6.74
C VAL B 287 -37.56 40.70 -5.74
N PHE B 288 -37.61 39.48 -6.26
CA PHE B 288 -37.87 38.32 -5.43
C PHE B 288 -36.74 37.85 -4.56
N SER B 289 -37.04 36.99 -3.61
CA SER B 289 -36.02 36.43 -2.74
C SER B 289 -35.02 35.56 -3.54
N ASP B 290 -35.55 34.81 -4.51
CA ASP B 290 -34.73 33.96 -5.37
C ASP B 290 -33.91 34.76 -6.41
N GLY B 291 -34.18 36.05 -6.56
CA GLY B 291 -33.46 36.86 -7.51
C GLY B 291 -34.17 37.21 -8.82
N SER B 292 -35.27 36.52 -9.13
CA SER B 292 -36.01 36.82 -10.35
C SER B 292 -36.74 38.15 -10.19
N THR B 293 -37.23 38.73 -11.29
CA THR B 293 -37.95 40.00 -11.17
C THR B 293 -39.26 40.08 -11.94
N TRP B 294 -40.13 40.99 -11.53
CA TRP B 294 -41.45 41.18 -12.16
C TRP B 294 -41.77 42.67 -12.23
N GLU B 295 -42.41 43.09 -13.33
CA GLU B 295 -42.77 44.49 -13.49
C GLU B 295 -44.16 44.72 -14.03
N ALA B 296 -44.78 45.82 -13.62
CA ALA B 296 -46.13 46.19 -14.01
C ALA B 296 -46.20 47.65 -14.45
N SER B 297 -47.25 48.02 -15.15
CA SER B 297 -47.37 49.38 -15.66
C SER B 297 -48.57 50.14 -15.11
N VAL B 298 -48.32 51.33 -14.61
CA VAL B 298 -49.41 52.16 -14.04
C VAL B 298 -49.59 53.56 -14.64
N PRO B 299 -50.74 53.84 -15.32
CA PRO B 299 -50.93 55.20 -15.88
C PRO B 299 -51.21 56.14 -14.71
N LEU B 300 -50.78 57.38 -14.87
CA LEU B 300 -50.97 58.39 -13.83
C LEU B 300 -51.92 59.48 -14.33
N SER B 301 -51.90 59.70 -15.65
CA SER B 301 -52.75 60.72 -16.26
C SER B 301 -54.17 60.68 -15.70
N ILE B 302 -54.72 61.84 -15.41
CA ILE B 302 -56.09 61.93 -14.91
C ILE B 302 -57.00 61.06 -15.75
N THR B 303 -57.03 61.32 -17.05
CA THR B 303 -57.85 60.56 -17.97
C THR B 303 -57.97 61.27 -19.32
N VAL C 1 17.17 -15.67 12.55
CA VAL C 1 16.78 -15.67 11.11
C VAL C 1 15.28 -15.45 10.95
N SER C 2 14.64 -15.09 12.06
CA SER C 2 13.22 -14.81 12.16
C SER C 2 12.73 -13.80 11.11
N PRO C 3 13.30 -12.57 11.09
CA PRO C 3 12.83 -11.62 10.08
C PRO C 3 12.80 -12.18 8.64
N VAL C 4 13.86 -12.89 8.22
CA VAL C 4 13.91 -13.42 6.86
C VAL C 4 12.78 -14.35 6.47
N ILE C 5 12.35 -15.22 7.38
CA ILE C 5 11.28 -16.14 7.09
C ILE C 5 9.94 -15.44 7.16
N ALA C 6 9.80 -14.53 8.13
CA ALA C 6 8.55 -13.77 8.31
C ALA C 6 8.20 -12.97 7.07
N THR C 7 9.15 -12.17 6.60
CA THR C 7 8.93 -11.35 5.43
C THR C 7 8.45 -12.16 4.23
N LEU C 8 9.00 -13.34 4.01
CA LEU C 8 8.63 -14.20 2.87
C LEU C 8 7.19 -14.65 2.87
N LEU C 9 6.73 -15.08 4.02
CA LEU C 9 5.36 -15.51 4.10
C LEU C 9 4.39 -14.34 3.91
N LEU C 10 4.78 -13.15 4.34
CA LEU C 10 3.92 -11.95 4.21
C LEU C 10 3.75 -11.50 2.75
N ILE C 11 4.84 -11.61 1.97
CA ILE C 11 4.87 -11.25 0.54
C ILE C 11 3.91 -12.13 -0.26
N LEU C 12 3.99 -13.43 -0.01
CA LEU C 12 3.14 -14.38 -0.71
C LEU C 12 1.65 -14.11 -0.45
N ILE C 13 1.30 -13.81 0.81
CA ILE C 13 -0.08 -13.55 1.24
C ILE C 13 -0.75 -12.37 0.54
N ALA C 14 -0.02 -11.26 0.48
CA ALA C 14 -0.52 -10.04 -0.16
C ALA C 14 -0.69 -10.23 -1.69
N VAL C 15 0.20 -11.01 -2.34
CA VAL C 15 0.10 -11.29 -3.78
C VAL C 15 -1.16 -12.07 -4.10
N ALA C 16 -1.45 -13.10 -3.30
CA ALA C 16 -2.63 -13.96 -3.46
C ALA C 16 -3.95 -13.20 -3.33
N ALA C 17 -4.01 -12.30 -2.35
CA ALA C 17 -5.21 -11.51 -2.13
C ALA C 17 -5.46 -10.50 -3.26
N ALA C 18 -4.39 -9.92 -3.83
CA ALA C 18 -4.51 -8.96 -4.91
C ALA C 18 -5.08 -9.59 -6.17
N VAL C 19 -4.63 -10.80 -6.48
CA VAL C 19 -5.11 -11.52 -7.65
C VAL C 19 -6.56 -11.88 -7.47
N LEU C 20 -6.95 -12.20 -6.23
CA LEU C 20 -8.32 -12.55 -5.94
C LEU C 20 -9.21 -11.31 -6.10
N LEU C 21 -8.68 -10.13 -5.80
CA LEU C 21 -9.45 -8.89 -5.93
C LEU C 21 -9.81 -8.63 -7.38
N TYR C 22 -8.86 -8.92 -8.25
CA TYR C 22 -9.03 -8.73 -9.68
C TYR C 22 -10.18 -9.55 -10.24
N THR C 23 -10.20 -10.84 -9.92
CA THR C 23 -11.24 -11.73 -10.41
C THR C 23 -12.60 -11.27 -9.94
N TRP C 24 -12.68 -10.88 -8.69
CA TRP C 24 -13.93 -10.42 -8.12
C TRP C 24 -14.41 -9.10 -8.75
N VAL C 25 -13.49 -8.17 -8.99
CA VAL C 25 -13.85 -6.88 -9.57
C VAL C 25 -14.35 -7.05 -10.97
N SER C 26 -13.60 -7.76 -11.80
CA SER C 26 -13.99 -7.96 -13.19
C SER C 26 -15.27 -8.78 -13.33
N GLY C 27 -15.46 -9.74 -12.43
CA GLY C 27 -16.68 -10.50 -12.49
C GLY C 27 -17.81 -9.53 -12.12
N LEU C 28 -17.59 -8.64 -11.16
CA LEU C 28 -18.64 -7.68 -10.73
C LEU C 28 -19.11 -6.80 -11.88
N SER C 29 -18.17 -6.44 -12.73
CA SER C 29 -18.49 -5.62 -13.88
C SER C 29 -19.18 -6.48 -14.94
N ALA C 30 -19.80 -5.84 -15.94
CA ALA C 30 -20.48 -6.52 -17.04
C ALA C 30 -21.58 -7.42 -16.48
N ASN C 31 -22.02 -7.05 -15.28
CA ASN C 31 -23.07 -7.78 -14.61
C ASN C 31 -24.24 -6.81 -14.35
N VAL C 32 -24.57 -6.00 -15.35
CA VAL C 32 -25.71 -5.10 -15.24
C VAL C 32 -26.61 -5.29 -16.46
N ALA C 33 -27.87 -5.63 -16.18
CA ALA C 33 -28.91 -5.91 -17.18
C ALA C 33 -29.41 -4.69 -17.93
N GLY C 34 -30.08 -3.78 -17.23
CA GLY C 34 -30.61 -2.59 -17.88
C GLY C 34 -32.03 -2.70 -18.42
N THR C 35 -32.31 -2.00 -19.53
CA THR C 35 -33.63 -1.98 -20.15
C THR C 35 -33.66 -1.68 -21.64
N GLN C 36 -34.86 -1.82 -22.18
CA GLN C 36 -35.09 -1.54 -23.57
C GLN C 36 -35.97 -0.31 -23.52
N VAL C 37 -36.00 0.41 -24.62
CA VAL C 37 -36.82 1.61 -24.73
C VAL C 37 -37.93 1.25 -25.72
N THR C 38 -39.15 1.27 -25.18
CA THR C 38 -40.35 0.95 -25.93
C THR C 38 -40.41 1.91 -27.10
N GLY C 39 -40.90 1.39 -28.20
CA GLY C 39 -40.98 2.18 -29.41
C GLY C 39 -41.96 3.28 -29.21
N LYS C 40 -42.04 4.09 -30.27
CA LYS C 40 -42.92 5.22 -30.30
C LYS C 40 -44.27 4.67 -30.26
N SER C 41 -45.18 5.48 -29.73
CA SER C 41 -46.55 5.06 -29.62
C SER C 41 -47.10 4.55 -30.92
N LEU C 42 -47.92 3.55 -30.75
CA LEU C 42 -48.60 2.83 -31.79
C LEU C 42 -49.66 3.74 -32.37
N THR C 43 -49.70 3.86 -33.70
CA THR C 43 -50.74 4.68 -34.32
C THR C 43 -52.08 3.96 -34.19
N LEU C 44 -53.12 4.74 -33.99
CA LEU C 44 -54.45 4.21 -33.78
C LEU C 44 -55.14 4.04 -35.13
N ILE C 45 -55.36 2.79 -35.53
CA ILE C 45 -56.03 2.52 -36.79
C ILE C 45 -57.53 2.71 -36.64
N GLN C 46 -58.09 2.35 -35.47
CA GLN C 46 -59.52 2.50 -35.20
C GLN C 46 -59.83 2.29 -33.73
N ALA C 47 -60.96 2.85 -33.30
CA ALA C 47 -61.46 2.70 -31.94
C ALA C 47 -62.92 2.53 -32.17
N THR C 48 -63.47 1.44 -31.68
CA THR C 48 -64.89 1.19 -31.84
C THR C 48 -65.49 0.23 -30.80
N TRP C 49 -66.79 -0.04 -30.88
CA TRP C 49 -67.44 -0.91 -29.91
C TRP C 49 -68.71 -1.54 -30.43
N ALA C 50 -69.05 -2.73 -29.92
CA ALA C 50 -70.28 -3.43 -30.30
C ALA C 50 -70.95 -4.11 -29.08
N ARG C 51 -72.19 -4.57 -29.27
CA ARG C 51 -72.93 -5.22 -28.21
C ARG C 51 -72.64 -6.70 -28.09
N PRO C 52 -72.27 -7.16 -26.87
CA PRO C 52 -71.96 -8.57 -26.60
C PRO C 52 -73.20 -9.42 -26.48
N ALA C 53 -73.01 -10.72 -26.48
CA ALA C 53 -74.10 -11.66 -26.37
C ALA C 53 -73.80 -12.49 -25.15
N THR C 54 -74.69 -12.46 -24.17
CA THR C 54 -74.50 -13.29 -22.97
C THR C 54 -75.42 -14.53 -23.04
N ASN C 55 -76.46 -14.46 -23.87
CA ASN C 55 -77.37 -15.60 -24.01
C ASN C 55 -77.03 -16.34 -25.27
N VAL C 56 -76.43 -17.52 -25.11
CA VAL C 56 -76.00 -18.35 -26.23
C VAL C 56 -76.61 -19.72 -26.14
N GLY C 57 -77.22 -20.13 -27.25
CA GLY C 57 -77.82 -21.45 -27.37
C GLY C 57 -76.98 -22.22 -28.36
N THR C 58 -77.56 -23.24 -29.00
CA THR C 58 -76.83 -24.02 -30.02
C THR C 58 -76.92 -23.28 -31.38
N THR C 59 -77.87 -22.34 -31.46
CA THR C 59 -78.10 -21.45 -32.62
C THR C 59 -78.39 -20.04 -32.05
N ILE C 60 -77.93 -19.03 -32.78
CA ILE C 60 -78.09 -17.65 -32.38
C ILE C 60 -79.10 -16.84 -33.23
N SER C 61 -79.98 -16.12 -32.54
CA SER C 61 -80.98 -15.27 -33.17
C SER C 61 -80.46 -13.86 -33.03
N LYS C 62 -81.18 -12.88 -33.54
CA LYS C 62 -80.70 -11.52 -33.43
C LYS C 62 -80.97 -10.96 -32.04
N ASP C 63 -81.91 -11.60 -31.35
CA ASP C 63 -82.29 -11.24 -29.99
C ASP C 63 -81.43 -11.91 -28.93
N SER C 64 -80.46 -12.72 -29.37
CA SER C 64 -79.55 -13.36 -28.43
C SER C 64 -78.48 -12.35 -27.98
N PHE C 65 -78.38 -11.23 -28.69
CA PHE C 65 -77.44 -10.14 -28.40
C PHE C 65 -78.07 -9.13 -27.50
N ASP C 66 -77.35 -8.76 -26.46
CA ASP C 66 -77.83 -7.81 -25.44
C ASP C 66 -77.84 -6.33 -25.78
N ARG C 67 -78.61 -5.57 -25.02
CA ARG C 67 -78.71 -4.14 -25.19
C ARG C 67 -78.22 -3.47 -23.92
N SER C 68 -77.65 -2.27 -24.11
CA SER C 68 -77.09 -1.46 -23.04
C SER C 68 -75.85 -2.12 -22.41
N LYS C 69 -75.10 -2.84 -23.23
CA LYS C 69 -73.87 -3.51 -22.82
C LYS C 69 -72.89 -3.14 -23.92
N ALA C 70 -71.59 -3.11 -23.60
CA ALA C 70 -70.60 -2.74 -24.60
C ALA C 70 -69.25 -3.43 -24.44
N VAL C 71 -68.58 -3.70 -25.56
CA VAL C 71 -67.25 -4.31 -25.55
C VAL C 71 -66.38 -3.38 -26.37
N LEU C 72 -65.23 -2.99 -25.81
CA LEU C 72 -64.37 -2.06 -26.52
C LEU C 72 -63.30 -2.68 -27.47
N ILE C 73 -63.19 -2.14 -28.71
CA ILE C 73 -62.18 -2.65 -29.66
C ILE C 73 -61.17 -1.60 -30.09
N LEU C 74 -59.91 -2.01 -30.15
CA LEU C 74 -58.85 -1.08 -30.51
C LEU C 74 -57.84 -1.67 -31.46
N SER C 75 -57.47 -0.92 -32.48
CA SER C 75 -56.47 -1.40 -33.44
C SER C 75 -55.21 -0.51 -33.46
N PHE C 76 -54.06 -1.13 -33.18
CA PHE C 76 -52.79 -0.42 -33.15
C PHE C 76 -51.75 -0.96 -34.16
N GLN C 77 -51.02 -0.03 -34.78
CA GLN C 77 -49.95 -0.33 -35.78
C GLN C 77 -48.60 0.25 -35.30
N PRO C 78 -47.72 -0.60 -34.81
CA PRO C 78 -46.42 -0.16 -34.32
C PRO C 78 -45.60 0.31 -35.51
N PRO C 79 -44.68 1.31 -35.27
CA PRO C 79 -43.88 1.67 -36.44
C PRO C 79 -42.52 0.99 -36.32
N ALA C 80 -42.11 0.29 -37.36
CA ALA C 80 -40.97 -0.59 -37.29
C ALA C 80 -39.63 0.09 -36.96
N GLN C 81 -39.42 1.26 -37.53
CA GLN C 81 -38.09 1.87 -37.62
C GLN C 81 -37.70 2.84 -36.50
N VAL C 82 -38.48 2.88 -35.42
CA VAL C 82 -38.28 3.87 -34.37
C VAL C 82 -36.90 3.78 -33.73
N LEU C 83 -36.27 4.96 -33.60
CA LEU C 83 -34.93 5.16 -33.02
C LEU C 83 -34.12 3.91 -32.67
N GLN C 84 -34.27 3.45 -31.44
CA GLN C 84 -33.69 2.19 -31.00
C GLN C 84 -34.81 1.22 -30.65
N GLY C 85 -36.02 1.62 -30.98
CA GLY C 85 -37.21 0.95 -30.48
C GLY C 85 -37.15 -0.56 -30.57
N GLY C 86 -37.66 -1.19 -29.53
CA GLY C 86 -37.73 -2.64 -29.44
C GLY C 86 -38.73 -3.30 -30.38
N GLN C 87 -38.38 -4.51 -30.79
CA GLN C 87 -39.23 -5.31 -31.68
C GLN C 87 -40.57 -5.67 -31.04
N ALA C 88 -40.55 -5.99 -29.75
CA ALA C 88 -41.74 -6.47 -29.06
C ALA C 88 -42.23 -5.52 -27.96
N ILE C 89 -43.54 -5.28 -27.94
CA ILE C 89 -44.16 -4.37 -26.97
C ILE C 89 -44.91 -5.14 -25.88
N THR C 90 -44.62 -4.85 -24.62
CA THR C 90 -45.24 -5.63 -23.52
C THR C 90 -46.14 -4.78 -22.61
N ILE C 91 -47.26 -5.37 -22.21
CA ILE C 91 -48.22 -4.68 -21.36
C ILE C 91 -48.51 -5.40 -20.06
N ASP C 92 -48.16 -4.80 -18.92
CA ASP C 92 -48.48 -5.42 -17.65
C ASP C 92 -49.86 -5.04 -17.16
N ALA C 93 -50.34 -3.81 -17.41
CA ALA C 93 -51.66 -3.38 -16.93
C ALA C 93 -52.48 -2.48 -17.86
N ILE C 94 -53.78 -2.81 -18.03
CA ILE C 94 -54.69 -2.05 -18.89
C ILE C 94 -55.79 -1.47 -18.00
N ASP C 95 -56.13 -0.20 -18.22
CA ASP C 95 -57.15 0.47 -17.39
C ASP C 95 -58.21 1.25 -18.13
N VAL C 96 -59.40 1.32 -17.56
CA VAL C 96 -60.50 2.06 -18.17
C VAL C 96 -60.89 3.23 -17.24
N LEU C 97 -60.78 4.45 -17.77
CA LEU C 97 -61.06 5.70 -17.01
C LEU C 97 -62.19 6.55 -17.54
N TYR C 98 -62.90 7.18 -16.61
CA TYR C 98 -64.00 8.02 -16.97
C TYR C 98 -64.07 9.15 -15.99
N GLN C 99 -63.88 10.38 -16.48
CA GLN C 99 -63.85 11.61 -15.68
C GLN C 99 -62.57 11.69 -14.85
N GLY C 100 -61.51 11.03 -15.32
CA GLY C 100 -60.26 11.00 -14.60
C GLY C 100 -60.22 9.99 -13.43
N ARG C 101 -61.26 9.14 -13.31
CA ARG C 101 -61.34 8.11 -12.27
C ARG C 101 -61.31 6.74 -12.93
N VAL C 102 -60.91 5.75 -12.17
CA VAL C 102 -60.81 4.40 -12.72
C VAL C 102 -62.04 3.52 -12.58
N VAL C 103 -62.64 3.19 -13.72
CA VAL C 103 -63.81 2.32 -13.74
C VAL C 103 -63.44 0.88 -13.38
N CYS C 104 -62.36 0.35 -13.97
CA CYS C 104 -61.89 -1.02 -13.69
C CYS C 104 -60.38 -1.15 -13.99
N HIS C 105 -59.74 -2.13 -13.38
CA HIS C 105 -58.30 -2.33 -13.56
C HIS C 105 -57.96 -3.78 -13.88
N TYR C 106 -57.12 -3.99 -14.90
CA TYR C 106 -56.72 -5.34 -15.29
C TYR C 106 -55.21 -5.47 -15.15
N ASP C 107 -54.74 -6.38 -14.30
CA ASP C 107 -53.30 -6.54 -14.10
C ASP C 107 -52.64 -7.70 -14.80
N SER C 108 -53.54 -8.62 -15.21
CA SER C 108 -53.19 -9.86 -15.91
C SER C 108 -54.21 -10.11 -17.04
N PHE C 109 -53.98 -11.16 -17.84
CA PHE C 109 -54.86 -11.47 -18.98
C PHE C 109 -55.10 -12.96 -19.21
N PRO C 110 -56.27 -13.31 -19.75
CA PRO C 110 -56.55 -14.71 -20.02
C PRO C 110 -55.80 -15.09 -21.31
N MET C 111 -55.30 -16.32 -21.42
CA MET C 111 -54.56 -16.75 -22.64
C MET C 111 -55.42 -16.66 -23.90
N THR C 112 -54.83 -16.20 -24.99
CA THR C 112 -55.56 -16.09 -26.23
C THR C 112 -55.42 -17.32 -27.09
N ALA C 113 -56.47 -17.61 -27.85
CA ALA C 113 -56.49 -18.78 -28.74
C ALA C 113 -55.34 -18.81 -29.73
N ASP C 114 -55.04 -17.66 -30.32
CA ASP C 114 -53.96 -17.57 -31.27
C ASP C 114 -52.62 -17.46 -30.54
N ASP C 115 -52.19 -18.60 -30.00
CA ASP C 115 -50.93 -18.70 -29.28
C ASP C 115 -50.50 -20.14 -29.39
N LYS C 116 -49.67 -20.40 -30.40
CA LYS C 116 -49.19 -21.74 -30.68
C LYS C 116 -48.35 -22.36 -29.57
N TYR C 117 -47.53 -21.53 -28.94
CA TYR C 117 -46.66 -22.01 -27.88
C TYR C 117 -47.37 -22.65 -26.70
N HIS C 118 -48.37 -21.95 -26.16
CA HIS C 118 -49.14 -22.42 -25.01
C HIS C 118 -50.42 -23.19 -25.30
N ILE C 119 -50.83 -23.27 -26.55
CA ILE C 119 -52.08 -23.97 -26.92
C ILE C 119 -52.12 -25.47 -26.64
N GLY C 120 -51.06 -26.21 -26.94
CA GLY C 120 -51.10 -27.64 -26.69
C GLY C 120 -50.36 -28.11 -25.46
N GLN C 121 -50.55 -27.39 -24.35
CA GLN C 121 -49.90 -27.76 -23.09
C GLN C 121 -50.87 -27.87 -21.96
N THR C 122 -50.43 -28.56 -20.91
CA THR C 122 -51.22 -28.72 -19.70
C THR C 122 -50.69 -27.87 -18.57
N ILE C 123 -51.46 -26.86 -18.17
CA ILE C 123 -51.01 -25.97 -17.11
C ILE C 123 -51.86 -26.00 -15.87
N GLY C 124 -51.22 -26.37 -14.77
CA GLY C 124 -51.93 -26.47 -13.52
C GLY C 124 -52.99 -27.56 -13.57
N GLY C 125 -52.68 -28.69 -14.20
CA GLY C 125 -53.63 -29.80 -14.26
C GLY C 125 -54.79 -29.74 -15.27
N LEU C 126 -54.88 -28.66 -16.02
CA LEU C 126 -55.94 -28.49 -17.02
C LEU C 126 -55.30 -28.10 -18.35
N THR C 127 -55.68 -28.77 -19.43
CA THR C 127 -55.14 -28.45 -20.75
C THR C 127 -55.49 -27.00 -21.11
N ALA C 128 -54.74 -26.42 -22.04
CA ALA C 128 -54.96 -25.03 -22.40
C ALA C 128 -55.83 -24.73 -23.61
N PHE C 129 -56.78 -23.84 -23.40
CA PHE C 129 -57.64 -23.42 -24.46
C PHE C 129 -57.68 -21.90 -24.41
N GLY C 130 -57.73 -21.29 -25.60
CA GLY C 130 -57.77 -19.85 -25.67
C GLY C 130 -59.14 -19.34 -25.99
N LEU C 131 -59.16 -18.04 -26.22
CA LEU C 131 -60.36 -17.34 -26.53
C LEU C 131 -60.63 -17.17 -28.06
N VAL C 132 -61.88 -17.38 -28.44
CA VAL C 132 -62.25 -17.23 -29.83
C VAL C 132 -63.41 -16.28 -30.09
N PHE C 133 -63.24 -15.43 -31.13
CA PHE C 133 -64.23 -14.41 -31.56
C PHE C 133 -64.79 -14.58 -32.99
N TRP C 134 -66.12 -14.78 -33.13
CA TRP C 134 -66.75 -15.01 -34.46
C TRP C 134 -67.61 -13.91 -35.10
N SER C 196 -71.75 -16.96 -23.81
CA SER C 196 -70.53 -17.21 -23.08
C SER C 196 -70.04 -15.95 -22.31
N PHE C 197 -70.81 -14.86 -22.22
CA PHE C 197 -70.31 -13.67 -21.48
C PHE C 197 -71.01 -13.52 -20.13
N ASP C 198 -70.23 -13.37 -19.06
CA ASP C 198 -70.80 -13.23 -17.72
C ASP C 198 -70.41 -11.88 -17.10
N ASP C 199 -71.37 -11.18 -16.49
CA ASP C 199 -71.12 -9.88 -15.86
C ASP C 199 -70.23 -9.91 -14.62
N GLN C 200 -70.11 -11.09 -14.03
CA GLN C 200 -69.29 -11.31 -12.84
C GLN C 200 -67.81 -11.53 -13.17
N TYR C 201 -67.49 -11.72 -14.45
CA TYR C 201 -66.12 -11.98 -14.87
C TYR C 201 -65.58 -11.07 -15.98
N PRO C 202 -65.20 -9.83 -15.63
CA PRO C 202 -64.67 -8.90 -16.62
C PRO C 202 -63.25 -9.30 -17.02
N PHE C 203 -62.85 -8.99 -18.25
CA PHE C 203 -61.52 -9.32 -18.71
C PHE C 203 -61.06 -8.56 -19.94
N ALA C 204 -59.74 -8.55 -20.12
CA ALA C 204 -59.08 -7.91 -21.27
C ALA C 204 -58.06 -8.90 -21.88
N THR C 205 -57.68 -8.69 -23.14
CA THR C 205 -56.75 -9.59 -23.82
C THR C 205 -56.29 -9.09 -25.20
N ILE C 206 -55.19 -9.64 -25.69
CA ILE C 206 -54.59 -9.27 -27.00
C ILE C 206 -54.88 -10.29 -28.12
N LEU C 207 -55.43 -9.85 -29.26
CA LEU C 207 -55.69 -10.74 -30.41
C LEU C 207 -55.22 -10.10 -31.72
N ALA C 208 -54.58 -10.88 -32.59
CA ALA C 208 -54.10 -10.37 -33.87
C ALA C 208 -55.15 -10.24 -34.95
N GLY C 209 -55.64 -9.01 -35.13
CA GLY C 209 -56.64 -8.71 -36.15
C GLY C 209 -57.26 -7.31 -36.15
N THR C 210 -58.29 -7.12 -36.97
CA THR C 210 -59.00 -5.84 -37.05
C THR C 210 -60.53 -6.07 -37.16
N TRP C 211 -61.28 -5.03 -36.90
CA TRP C 211 -62.73 -5.11 -36.94
C TRP C 211 -63.33 -4.42 -38.17
N GLU C 212 -64.26 -5.08 -38.86
CA GLU C 212 -64.93 -4.53 -40.06
C GLU C 212 -66.43 -4.45 -39.90
N VAL C 213 -67.00 -3.36 -40.40
CA VAL C 213 -68.43 -3.13 -40.33
C VAL C 213 -69.02 -3.03 -41.74
N ASN C 214 -70.13 -3.72 -42.00
CA ASN C 214 -70.81 -3.75 -43.30
C ASN C 214 -72.28 -3.38 -43.14
N TYR C 215 -72.77 -2.45 -43.96
CA TYR C 215 -74.17 -2.04 -43.84
C TYR C 215 -75.16 -2.71 -44.78
N VAL C 216 -76.06 -3.55 -44.27
CA VAL C 216 -77.08 -4.23 -45.09
C VAL C 216 -78.16 -3.19 -45.46
N SER C 217 -78.62 -2.46 -44.45
CA SER C 217 -79.65 -1.45 -44.62
C SER C 217 -79.23 -0.17 -43.88
N THR C 218 -80.12 0.82 -43.83
CA THR C 218 -79.85 2.11 -43.16
C THR C 218 -79.55 1.98 -41.67
N ASN C 219 -80.23 1.07 -41.00
CA ASN C 219 -80.01 0.88 -39.56
C ASN C 219 -79.52 -0.51 -39.12
N TYR C 220 -79.20 -1.36 -40.09
CA TYR C 220 -78.74 -2.71 -39.76
C TYR C 220 -77.38 -2.99 -40.35
N VAL C 221 -76.59 -3.76 -39.62
CA VAL C 221 -75.24 -4.07 -40.07
C VAL C 221 -74.82 -5.52 -39.92
N GLU C 222 -73.75 -5.89 -40.63
CA GLU C 222 -73.15 -7.23 -40.51
C GLU C 222 -71.68 -6.96 -40.09
N THR C 223 -71.10 -7.80 -39.26
CA THR C 223 -69.73 -7.62 -38.77
C THR C 223 -68.74 -8.77 -38.88
N ASN C 224 -67.57 -8.52 -39.47
CA ASN C 224 -66.60 -9.58 -39.63
C ASN C 224 -65.25 -9.31 -38.99
N PHE C 225 -64.73 -10.30 -38.24
CA PHE C 225 -63.41 -10.15 -37.59
C PHE C 225 -62.37 -10.97 -38.35
N ARG C 226 -61.33 -10.26 -38.79
CA ARG C 226 -60.25 -10.79 -39.61
C ARG C 226 -58.83 -10.93 -39.01
N ASN C 227 -58.04 -11.96 -39.43
CA ASN C 227 -56.65 -12.18 -38.95
C ASN C 227 -55.71 -11.15 -39.59
N THR C 228 -54.60 -10.83 -38.92
CA THR C 228 -53.64 -9.82 -39.41
C THR C 228 -52.21 -10.28 -39.62
N SER C 229 -51.95 -11.52 -39.29
CA SER C 229 -50.63 -12.08 -39.47
C SER C 229 -49.60 -11.43 -38.56
N ALA C 230 -49.96 -11.27 -37.30
CA ALA C 230 -49.03 -10.71 -36.31
C ALA C 230 -48.72 -11.72 -35.19
N VAL C 231 -47.63 -11.51 -34.46
CA VAL C 231 -47.25 -12.46 -33.39
C VAL C 231 -47.82 -12.16 -32.00
N ILE C 232 -48.19 -13.20 -31.26
CA ILE C 232 -48.71 -13.00 -29.92
C ILE C 232 -48.12 -14.03 -28.97
N LYS C 233 -47.58 -13.51 -27.87
CA LYS C 233 -46.97 -14.35 -26.85
C LYS C 233 -47.42 -13.89 -25.45
N PHE C 234 -47.27 -14.78 -24.46
CA PHE C 234 -47.63 -14.44 -23.09
C PHE C 234 -46.44 -14.54 -22.13
N ASP C 235 -46.18 -13.46 -21.40
CA ASP C 235 -45.03 -13.37 -20.50
C ASP C 235 -45.03 -14.32 -19.29
N ARG C 236 -46.16 -14.41 -18.59
CA ARG C 236 -46.21 -15.15 -17.33
C ARG C 236 -47.57 -15.76 -16.96
N PHE C 237 -47.56 -16.74 -16.06
CA PHE C 237 -48.77 -17.34 -15.53
C PHE C 237 -48.91 -17.12 -14.02
N VAL C 238 -50.08 -16.67 -13.60
CA VAL C 238 -50.36 -16.50 -12.19
C VAL C 238 -51.48 -17.45 -11.86
N ASN C 239 -51.38 -18.14 -10.74
CA ASN C 239 -52.32 -19.22 -10.46
C ASN C 239 -53.75 -18.70 -10.47
N THR C 240 -54.60 -19.46 -11.14
CA THR C 240 -56.00 -19.11 -11.38
C THR C 240 -56.42 -19.77 -12.67
N HIS C 241 -57.67 -19.55 -13.08
CA HIS C 241 -58.15 -20.03 -14.37
C HIS C 241 -59.39 -19.29 -14.85
N TYR C 242 -59.71 -19.42 -16.12
CA TYR C 242 -60.92 -18.81 -16.64
C TYR C 242 -61.95 -19.85 -17.03
N SER C 243 -63.17 -19.68 -16.54
CA SER C 243 -64.26 -20.59 -16.86
C SER C 243 -63.80 -22.03 -17.01
N PRO C 244 -63.13 -22.59 -15.97
CA PRO C 244 -62.65 -23.96 -16.03
C PRO C 244 -63.66 -25.08 -15.85
N ASP C 245 -63.46 -26.16 -16.59
CA ASP C 245 -64.30 -27.36 -16.54
C ASP C 245 -63.49 -28.45 -15.78
N THR C 246 -63.89 -28.75 -14.55
CA THR C 246 -63.20 -29.75 -13.73
C THR C 246 -63.26 -31.18 -14.31
N GLN C 247 -64.43 -31.53 -14.85
CA GLN C 247 -64.70 -32.86 -15.43
C GLN C 247 -63.85 -33.16 -16.67
N ASN C 248 -63.70 -32.19 -17.55
CA ASN C 248 -62.94 -32.37 -18.79
C ASN C 248 -61.54 -31.79 -18.81
N ASN C 249 -61.09 -31.19 -17.70
CA ASN C 249 -59.75 -30.60 -17.66
C ASN C 249 -59.61 -29.41 -18.58
N ASN C 250 -60.71 -28.72 -18.85
CA ASN C 250 -60.71 -27.53 -19.74
C ASN C 250 -60.53 -26.24 -18.95
N GLY C 251 -59.72 -25.32 -19.48
CA GLY C 251 -59.49 -24.07 -18.79
C GLY C 251 -58.56 -23.10 -19.49
N VAL C 252 -58.59 -21.85 -19.05
CA VAL C 252 -57.77 -20.85 -19.66
C VAL C 252 -56.74 -20.30 -18.70
N PRO C 253 -55.47 -20.57 -18.96
CA PRO C 253 -54.38 -20.07 -18.10
C PRO C 253 -54.34 -18.53 -18.09
N ILE C 254 -53.97 -17.92 -16.97
CA ILE C 254 -53.89 -16.47 -16.88
C ILE C 254 -52.43 -16.04 -16.67
N PHE C 255 -51.93 -15.14 -17.50
CA PHE C 255 -50.55 -14.68 -17.40
C PHE C 255 -50.51 -13.20 -17.07
N ASP C 256 -49.50 -12.77 -16.30
CA ASP C 256 -49.36 -11.35 -15.94
C ASP C 256 -48.89 -10.41 -17.03
N VAL C 257 -48.12 -10.91 -18.00
CA VAL C 257 -47.70 -10.06 -19.10
C VAL C 257 -47.99 -10.57 -20.51
N ALA C 258 -48.47 -9.63 -21.35
CA ALA C 258 -48.81 -9.91 -22.75
C ALA C 258 -47.93 -9.10 -23.68
N SER C 259 -47.47 -9.75 -24.75
CA SER C 259 -46.54 -9.15 -25.72
C SER C 259 -47.00 -9.28 -27.18
N ALA C 260 -46.58 -8.33 -28.03
CA ALA C 260 -46.93 -8.32 -29.45
C ALA C 260 -45.72 -7.95 -30.32
N SER C 261 -45.89 -8.13 -31.62
CA SER C 261 -44.81 -8.01 -32.60
C SER C 261 -45.22 -7.13 -33.76
N GLN C 262 -44.47 -7.24 -34.85
CA GLN C 262 -44.70 -6.44 -36.04
C GLN C 262 -46.08 -6.70 -36.63
N SER C 263 -46.65 -5.64 -37.20
CA SER C 263 -47.97 -5.66 -37.84
C SER C 263 -49.11 -5.38 -36.88
N ASN C 264 -50.33 -5.34 -37.41
CA ASN C 264 -51.50 -4.95 -36.65
C ASN C 264 -51.98 -5.92 -35.58
N PHE C 265 -52.68 -5.38 -34.60
CA PHE C 265 -53.17 -6.16 -33.47
C PHE C 265 -54.28 -5.36 -32.77
N ALA C 266 -55.21 -6.08 -32.17
CA ALA C 266 -56.32 -5.45 -31.48
C ALA C 266 -56.32 -5.74 -29.99
N VAL C 267 -57.11 -4.97 -29.25
CA VAL C 267 -57.26 -5.14 -27.82
C VAL C 267 -58.77 -5.28 -27.52
N VAL C 268 -59.20 -6.33 -26.83
CA VAL C 268 -60.63 -6.51 -26.52
C VAL C 268 -60.89 -6.26 -25.03
N ILE C 269 -61.70 -5.25 -24.71
CA ILE C 269 -61.94 -4.94 -23.32
C ILE C 269 -63.38 -5.07 -22.88
N TRP C 270 -63.61 -5.84 -21.81
CA TRP C 270 -64.96 -6.01 -21.30
C TRP C 270 -65.27 -5.62 -19.85
N CYS C 271 -65.80 -4.40 -19.67
CA CYS C 271 -66.16 -3.89 -18.35
C CYS C 271 -67.65 -3.61 -18.28
N PRO C 272 -68.39 -4.44 -17.51
CA PRO C 272 -69.83 -4.36 -17.33
C PRO C 272 -70.32 -3.03 -16.75
N ASN C 273 -69.44 -2.29 -16.10
CA ASN C 273 -69.81 -1.01 -15.48
C ASN C 273 -70.04 0.14 -16.49
N VAL C 274 -69.49 0.04 -17.71
CA VAL C 274 -69.65 1.10 -18.74
C VAL C 274 -71.03 1.12 -19.41
N ASN C 275 -71.69 2.27 -19.33
CA ASN C 275 -73.03 2.45 -19.91
C ASN C 275 -73.04 3.56 -20.96
N PRO C 276 -73.23 3.19 -22.24
CA PRO C 276 -73.28 4.09 -23.39
C PRO C 276 -74.36 5.19 -23.31
N ASN C 277 -75.49 4.89 -22.67
CA ASN C 277 -76.56 5.87 -22.57
C ASN C 277 -76.27 7.09 -21.70
N VAL C 278 -75.36 6.93 -20.74
CA VAL C 278 -75.00 8.05 -19.84
C VAL C 278 -73.56 8.56 -19.95
N MET C 279 -72.71 7.81 -20.64
CA MET C 279 -71.29 8.19 -20.81
C MET C 279 -71.03 8.68 -22.26
N GLN C 280 -70.49 9.88 -22.39
CA GLN C 280 -70.19 10.44 -23.71
C GLN C 280 -68.98 9.77 -24.35
N SER C 281 -67.97 9.48 -23.53
CA SER C 281 -66.72 8.88 -23.97
C SER C 281 -65.95 8.22 -22.81
N VAL C 282 -65.04 7.31 -23.13
CA VAL C 282 -64.20 6.68 -22.12
C VAL C 282 -62.75 6.78 -22.58
N ASP C 283 -61.84 6.38 -21.69
CA ASP C 283 -60.43 6.42 -22.01
C ASP C 283 -59.73 5.16 -21.55
N VAL C 284 -58.67 4.77 -22.25
CA VAL C 284 -57.89 3.58 -21.92
C VAL C 284 -56.42 3.92 -21.67
N LYS C 285 -55.82 3.24 -20.70
CA LYS C 285 -54.43 3.49 -20.35
C LYS C 285 -53.67 2.18 -20.26
N MET C 286 -52.48 2.17 -20.87
CA MET C 286 -51.63 0.99 -20.85
C MET C 286 -50.35 1.27 -20.07
N VAL C 287 -49.94 0.31 -19.25
CA VAL C 287 -48.72 0.43 -18.46
C VAL C 287 -47.71 -0.59 -18.93
N PHE C 288 -46.58 -0.10 -19.42
CA PHE C 288 -45.53 -0.96 -19.93
C PHE C 288 -44.71 -1.69 -18.89
N SER C 289 -43.95 -2.68 -19.34
CA SER C 289 -43.09 -3.42 -18.43
C SER C 289 -41.98 -2.51 -17.86
N ASP C 290 -41.46 -1.62 -18.70
CA ASP C 290 -40.42 -0.67 -18.28
C ASP C 290 -40.95 0.47 -17.38
N GLY C 291 -42.28 0.59 -17.27
CA GLY C 291 -42.87 1.62 -16.44
C GLY C 291 -43.45 2.84 -17.16
N SER C 292 -43.13 3.01 -18.45
CA SER C 292 -43.68 4.15 -19.20
C SER C 292 -45.16 3.91 -19.47
N THR C 293 -45.90 4.94 -19.88
CA THR C 293 -47.32 4.74 -20.17
C THR C 293 -47.82 5.35 -21.47
N TRP C 294 -48.94 4.84 -21.96
CA TRP C 294 -49.53 5.31 -23.22
C TRP C 294 -51.05 5.36 -23.08
N GLU C 295 -51.67 6.36 -23.68
CA GLU C 295 -53.14 6.51 -23.63
C GLU C 295 -53.78 6.87 -24.93
N ALA C 296 -55.02 6.40 -25.12
CA ALA C 296 -55.79 6.63 -26.34
C ALA C 296 -57.21 7.06 -26.00
N SER C 297 -57.90 7.64 -26.98
CA SER C 297 -59.24 8.13 -26.73
C SER C 297 -60.32 7.46 -27.57
N VAL C 298 -61.37 6.98 -26.91
CA VAL C 298 -62.47 6.30 -27.63
C VAL C 298 -63.87 6.88 -27.43
N PRO C 299 -64.51 7.42 -28.51
CA PRO C 299 -65.87 7.96 -28.35
C PRO C 299 -66.82 6.78 -28.19
N LEU C 300 -67.88 7.00 -27.42
CA LEU C 300 -68.87 5.96 -27.18
C LEU C 300 -70.21 6.34 -27.79
N SER C 301 -70.46 7.65 -27.87
CA SER C 301 -71.70 8.16 -28.43
C SER C 301 -72.06 7.44 -29.72
N ILE C 302 -73.34 7.09 -29.86
CA ILE C 302 -73.82 6.43 -31.06
C ILE C 302 -73.30 7.15 -32.29
N THR C 303 -73.59 8.44 -32.38
CA THR C 303 -73.14 9.25 -33.51
C THR C 303 -73.89 10.58 -33.56
N VAL D 1 23.12 -12.55 17.74
CA VAL D 1 22.95 -11.18 17.20
C VAL D 1 22.29 -11.19 15.83
N SER D 2 21.79 -12.38 15.48
CA SER D 2 21.09 -12.64 14.22
C SER D 2 19.95 -11.64 13.94
N PRO D 3 18.95 -11.55 14.85
CA PRO D 3 17.87 -10.60 14.59
C PRO D 3 18.35 -9.17 14.22
N VAL D 4 19.34 -8.64 14.95
CA VAL D 4 19.82 -7.29 14.68
C VAL D 4 20.35 -7.04 13.28
N ILE D 5 21.07 -8.00 12.72
CA ILE D 5 21.62 -7.85 11.39
C ILE D 5 20.55 -8.08 10.34
N ALA D 6 19.66 -9.04 10.60
CA ALA D 6 18.57 -9.38 9.68
C ALA D 6 17.66 -8.18 9.45
N THR D 7 17.18 -7.60 10.53
CA THR D 7 16.30 -6.45 10.44
C THR D 7 16.88 -5.32 9.59
N LEU D 8 18.17 -5.05 9.73
CA LEU D 8 18.83 -3.97 8.99
C LEU D 8 18.83 -4.14 7.49
N LEU D 9 19.13 -5.35 7.06
CA LEU D 9 19.13 -5.60 5.64
C LEU D 9 17.72 -5.51 5.05
N LEU D 10 16.71 -5.88 5.84
CA LEU D 10 15.30 -5.85 5.37
C LEU D 10 14.79 -4.43 5.19
N ILE D 11 15.19 -3.51 6.09
CA ILE D 11 14.82 -2.08 6.06
C ILE D 11 15.34 -1.41 4.79
N LEU D 12 16.61 -1.66 4.50
CA LEU D 12 17.23 -1.09 3.32
C LEU D 12 16.53 -1.51 2.03
N ILE D 13 16.17 -2.80 1.94
CA ILE D 13 15.53 -3.40 0.76
C ILE D 13 14.18 -2.78 0.40
N ALA D 14 13.34 -2.62 1.42
CA ALA D 14 12.02 -2.03 1.25
C ALA D 14 12.10 -0.53 0.86
N VAL D 15 13.08 0.20 1.37
CA VAL D 15 13.27 1.62 1.04
C VAL D 15 13.63 1.79 -0.43
N ALA D 16 14.54 0.96 -0.92
CA ALA D 16 15.00 0.97 -2.33
C ALA D 16 13.88 0.68 -3.32
N ALA D 17 13.04 -0.29 -3.00
CA ALA D 17 11.93 -0.65 -3.87
C ALA D 17 10.86 0.45 -3.92
N ALA D 18 10.62 1.14 -2.80
CA ALA D 18 9.63 2.21 -2.75
C ALA D 18 10.02 3.39 -3.63
N VAL D 19 11.30 3.74 -3.61
CA VAL D 19 11.79 4.85 -4.41
C VAL D 19 11.71 4.48 -5.88
N LEU D 20 11.94 3.21 -6.19
CA LEU D 20 11.86 2.75 -7.56
C LEU D 20 10.41 2.81 -8.04
N LEU D 21 9.45 2.58 -7.15
CA LEU D 21 8.03 2.63 -7.52
C LEU D 21 7.63 4.03 -7.94
N TYR D 22 8.17 5.00 -7.23
CA TYR D 22 7.89 6.40 -7.50
C TYR D 22 8.31 6.82 -8.91
N THR D 23 9.54 6.48 -9.28
CA THR D 23 10.06 6.84 -10.60
C THR D 23 9.22 6.21 -11.69
N TRP D 24 8.86 4.97 -11.50
CA TRP D 24 8.07 4.26 -12.48
C TRP D 24 6.64 4.83 -12.60
N VAL D 25 6.03 5.19 -11.47
CA VAL D 25 4.67 5.72 -11.48
C VAL D 25 4.63 7.06 -12.17
N SER D 26 5.52 7.96 -11.77
CA SER D 26 5.55 9.30 -12.37
C SER D 26 5.94 9.27 -13.85
N GLY D 27 6.82 8.36 -14.21
CA GLY D 27 7.17 8.26 -15.61
C GLY D 27 5.92 7.76 -16.34
N LEU D 28 5.16 6.83 -15.75
CA LEU D 28 3.94 6.29 -16.39
C LEU D 28 2.93 7.39 -16.71
N SER D 29 2.84 8.34 -15.79
CA SER D 29 1.93 9.45 -15.99
C SER D 29 2.52 10.43 -17.03
N ALA D 30 1.68 11.34 -17.54
CA ALA D 30 2.09 12.34 -18.51
C ALA D 30 2.62 11.65 -19.76
N ASN D 31 2.18 10.40 -19.93
CA ASN D 31 2.57 9.61 -21.06
C ASN D 31 1.31 9.22 -21.84
N VAL D 32 0.41 10.18 -22.03
CA VAL D 32 -0.80 9.94 -22.81
C VAL D 32 -0.92 11.04 -23.87
N ALA D 33 -0.98 10.61 -25.12
CA ALA D 33 -1.05 11.46 -26.31
C ALA D 33 -2.38 12.17 -26.51
N GLY D 34 -3.43 11.39 -26.78
CA GLY D 34 -4.75 11.98 -26.99
C GLY D 34 -5.09 12.35 -28.44
N THR D 35 -5.87 13.43 -28.61
CA THR D 35 -6.32 13.87 -29.93
C THR D 35 -6.65 15.36 -30.04
N GLN D 36 -6.90 15.75 -31.27
CA GLN D 36 -7.28 17.10 -31.57
C GLN D 36 -8.72 16.94 -32.02
N VAL D 37 -9.45 18.05 -31.95
CA VAL D 37 -10.83 18.07 -32.39
C VAL D 37 -10.86 18.91 -33.66
N THR D 38 -11.24 18.23 -34.74
CA THR D 38 -11.32 18.83 -36.06
C THR D 38 -12.29 19.98 -35.96
N GLY D 39 -11.97 21.02 -36.71
CA GLY D 39 -12.79 22.21 -36.69
C GLY D 39 -14.13 21.91 -37.25
N LYS D 40 -14.95 22.96 -37.20
CA LYS D 40 -16.30 22.90 -37.69
C LYS D 40 -16.18 22.68 -39.14
N SER D 41 -17.21 22.06 -39.69
CA SER D 41 -17.22 21.77 -41.10
C SER D 41 -16.95 22.99 -41.92
N LEU D 42 -16.23 22.71 -42.99
CA LEU D 42 -15.79 23.67 -43.96
C LEU D 42 -16.99 24.12 -44.76
N THR D 43 -17.15 25.44 -44.93
CA THR D 43 -18.27 25.93 -45.72
C THR D 43 -17.99 25.63 -47.20
N LEU D 44 -19.05 25.31 -47.92
CA LEU D 44 -18.94 24.95 -49.31
C LEU D 44 -19.03 26.20 -50.17
N ILE D 45 -17.92 26.57 -50.81
CA ILE D 45 -17.90 27.73 -51.68
C ILE D 45 -18.53 27.40 -53.02
N GLN D 46 -18.32 26.17 -53.51
CA GLN D 46 -18.89 25.74 -54.79
C GLN D 46 -18.74 24.24 -54.98
N ALA D 47 -19.60 23.68 -55.83
CA ALA D 47 -19.57 22.26 -56.18
C ALA D 47 -19.87 22.32 -57.64
N THR D 48 -18.97 21.76 -58.43
CA THR D 48 -19.16 21.74 -59.88
C THR D 48 -18.40 20.63 -60.61
N TRP D 49 -18.54 20.56 -61.93
CA TRP D 49 -17.88 19.51 -62.69
C TRP D 49 -17.69 19.86 -64.16
N ALA D 50 -16.64 19.30 -64.78
CA ALA D 50 -16.35 19.53 -66.20
C ALA D 50 -15.87 18.24 -66.90
N ARG D 51 -15.82 18.28 -68.23
CA ARG D 51 -15.40 17.13 -69.01
C ARG D 51 -13.89 17.03 -69.16
N PRO D 52 -13.30 15.86 -68.82
CA PRO D 52 -11.86 15.62 -68.91
C PRO D 52 -11.43 15.35 -70.34
N ALA D 53 -10.12 15.36 -70.55
CA ALA D 53 -9.56 15.12 -71.85
C ALA D 53 -8.64 13.94 -71.68
N THR D 54 -8.91 12.85 -72.40
CA THR D 54 -8.03 11.68 -72.34
C THR D 54 -7.13 11.62 -73.59
N ASN D 55 -7.54 12.32 -74.64
CA ASN D 55 -6.72 12.36 -75.87
C ASN D 55 -5.95 13.64 -75.92
N VAL D 56 -4.64 13.54 -75.70
CA VAL D 56 -3.76 14.70 -75.67
C VAL D 56 -2.63 14.53 -76.66
N GLY D 57 -2.46 15.55 -77.49
CA GLY D 57 -1.39 15.59 -78.47
C GLY D 57 -0.43 16.68 -78.02
N THR D 58 0.34 17.22 -78.95
CA THR D 58 1.27 18.31 -78.64
C THR D 58 0.51 19.67 -78.64
N THR D 59 -0.68 19.64 -79.27
CA THR D 59 -1.64 20.76 -79.35
C THR D 59 -3.05 20.18 -79.13
N ILE D 60 -3.89 20.96 -78.47
CA ILE D 60 -5.25 20.57 -78.15
C ILE D 60 -6.34 21.28 -78.97
N SER D 61 -7.28 20.50 -79.49
CA SER D 61 -8.41 21.01 -80.25
C SER D 61 -9.59 20.94 -79.31
N LYS D 62 -10.76 21.38 -79.76
CA LYS D 62 -11.91 21.33 -78.88
C LYS D 62 -12.48 19.92 -78.80
N ASP D 63 -12.14 19.11 -79.81
CA ASP D 63 -12.55 17.73 -79.89
C ASP D 63 -11.61 16.77 -79.16
N SER D 64 -10.57 17.32 -78.54
CA SER D 64 -9.65 16.49 -77.77
C SER D 64 -10.27 16.18 -76.39
N PHE D 65 -11.34 16.91 -76.04
CA PHE D 65 -12.08 16.74 -74.78
C PHE D 65 -13.21 15.78 -74.97
N ASP D 66 -13.31 14.82 -74.06
CA ASP D 66 -14.33 13.76 -74.10
C ASP D 66 -15.74 14.12 -73.69
N ARG D 67 -16.69 13.27 -74.11
CA ARG D 67 -18.08 13.44 -73.78
C ARG D 67 -18.54 12.25 -72.96
N SER D 68 -19.50 12.52 -72.09
CA SER D 68 -20.09 11.52 -71.19
C SER D 68 -19.06 11.03 -70.14
N LYS D 69 -18.16 11.94 -69.74
CA LYS D 69 -17.14 11.68 -68.74
C LYS D 69 -17.23 12.88 -67.83
N ALA D 70 -16.86 12.72 -66.56
CA ALA D 70 -16.95 13.84 -65.62
C ALA D 70 -15.87 13.84 -64.54
N VAL D 71 -15.44 15.04 -64.12
CA VAL D 71 -14.45 15.18 -63.05
C VAL D 71 -15.10 16.10 -62.04
N LEU D 72 -15.10 15.69 -60.76
CA LEU D 72 -15.75 16.49 -59.74
C LEU D 72 -14.88 17.57 -59.04
N ILE D 73 -15.38 18.81 -58.92
CA ILE D 73 -14.63 19.87 -58.23
C ILE D 73 -15.33 20.43 -57.00
N LEU D 74 -14.56 20.64 -55.94
CA LEU D 74 -15.13 21.13 -54.70
C LEU D 74 -14.29 22.20 -54.03
N SER D 75 -14.93 23.27 -53.58
CA SER D 75 -14.20 24.33 -52.89
C SER D 75 -14.66 24.50 -51.43
N PHE D 76 -13.72 24.35 -50.50
CA PHE D 76 -14.00 24.50 -49.07
C PHE D 76 -13.21 25.61 -48.39
N GLN D 77 -13.88 26.33 -47.48
CA GLN D 77 -13.31 27.44 -46.67
C GLN D 77 -13.44 27.13 -45.17
N PRO D 78 -12.35 26.74 -44.53
CA PRO D 78 -12.36 26.42 -43.11
C PRO D 78 -12.59 27.70 -42.34
N PRO D 79 -13.26 27.59 -41.14
CA PRO D 79 -13.39 28.84 -40.41
C PRO D 79 -12.33 28.88 -39.32
N ALA D 80 -11.58 29.97 -39.26
CA ALA D 80 -10.37 30.02 -38.43
C ALA D 80 -10.62 29.86 -36.93
N GLN D 81 -11.69 30.46 -36.44
CA GLN D 81 -11.86 30.71 -35.01
C GLN D 81 -12.63 29.65 -34.21
N VAL D 82 -12.88 28.49 -34.82
CA VAL D 82 -13.72 27.48 -34.20
C VAL D 82 -13.21 27.01 -32.84
N LEU D 83 -14.12 26.96 -31.88
CA LEU D 83 -13.89 26.54 -30.48
C LEU D 83 -12.45 26.30 -30.06
N GLN D 84 -12.02 25.04 -30.19
CA GLN D 84 -10.63 24.68 -29.98
C GLN D 84 -10.04 24.19 -31.29
N GLY D 85 -10.80 24.37 -32.36
CA GLY D 85 -10.51 23.72 -33.62
C GLY D 85 -9.06 23.81 -34.04
N GLY D 86 -8.58 22.70 -34.59
CA GLY D 86 -7.21 22.60 -35.08
C GLY D 86 -6.91 23.40 -36.33
N GLN D 87 -5.67 23.85 -36.43
CA GLN D 87 -5.19 24.62 -37.58
C GLN D 87 -5.23 23.83 -38.88
N ALA D 88 -4.89 22.55 -38.80
CA ALA D 88 -4.78 21.71 -40.00
C ALA D 88 -5.79 20.57 -40.05
N ILE D 89 -6.41 20.40 -41.21
CA ILE D 89 -7.44 19.36 -41.40
C ILE D 89 -6.89 18.19 -42.22
N THR D 90 -7.05 16.98 -41.71
CA THR D 90 -6.47 15.80 -42.40
C THR D 90 -7.51 14.79 -42.89
N ILE D 91 -7.29 14.26 -44.08
CA ILE D 91 -8.20 13.31 -44.68
C ILE D 91 -7.57 11.97 -45.02
N ASP D 92 -8.00 10.89 -44.38
CA ASP D 92 -7.47 9.58 -44.71
C ASP D 92 -8.23 8.93 -45.85
N ALA D 93 -9.56 9.14 -45.96
CA ALA D 93 -10.35 8.50 -47.03
C ALA D 93 -11.49 9.33 -47.63
N ILE D 94 -11.57 9.34 -48.97
CA ILE D 94 -12.59 10.09 -49.70
C ILE D 94 -13.46 9.09 -50.47
N ASP D 95 -14.79 9.27 -50.43
CA ASP D 95 -15.70 8.32 -51.10
C ASP D 95 -16.79 8.94 -51.93
N VAL D 96 -17.20 8.23 -52.98
CA VAL D 96 -18.25 8.70 -53.86
C VAL D 96 -19.45 7.75 -53.76
N LEU D 97 -20.60 8.28 -53.35
CA LEU D 97 -21.85 7.52 -53.15
C LEU D 97 -23.02 7.90 -54.03
N TYR D 98 -23.80 6.90 -54.38
CA TYR D 98 -24.96 7.14 -55.22
C TYR D 98 -26.02 6.16 -54.82
N GLN D 99 -27.15 6.68 -54.33
CA GLN D 99 -28.29 5.90 -53.83
C GLN D 99 -27.95 5.23 -52.49
N GLY D 100 -27.02 5.82 -51.75
CA GLY D 100 -26.58 5.25 -50.48
C GLY D 100 -25.58 4.09 -50.63
N ARG D 101 -25.08 3.85 -51.85
CA ARG D 101 -24.10 2.79 -52.12
C ARG D 101 -22.80 3.45 -52.59
N VAL D 102 -21.70 2.72 -52.42
CA VAL D 102 -20.41 3.27 -52.80
C VAL D 102 -19.95 2.98 -54.21
N VAL D 103 -19.83 4.03 -55.02
CA VAL D 103 -19.38 3.91 -56.40
C VAL D 103 -17.88 3.59 -56.44
N CYS D 104 -17.07 4.30 -55.65
CA CYS D 104 -15.61 4.08 -55.59
C CYS D 104 -15.02 4.55 -54.24
N HIS D 105 -13.88 4.01 -53.86
CA HIS D 105 -13.26 4.36 -52.58
C HIS D 105 -11.79 4.72 -52.74
N TYR D 106 -11.37 5.83 -52.14
CA TYR D 106 -9.96 6.25 -52.21
C TYR D 106 -9.38 6.29 -50.80
N ASP D 107 -8.35 5.51 -50.54
CA ASP D 107 -7.76 5.47 -49.20
C ASP D 107 -6.47 6.25 -49.02
N SER D 108 -5.88 6.54 -50.19
CA SER D 108 -4.61 7.26 -50.32
C SER D 108 -4.72 8.26 -51.50
N PHE D 109 -3.68 9.08 -51.69
CA PHE D 109 -3.68 10.10 -52.74
C PHE D 109 -2.35 10.29 -53.45
N PRO D 110 -2.38 10.67 -54.73
CA PRO D 110 -1.14 10.90 -55.45
C PRO D 110 -0.59 12.28 -55.01
N MET D 111 0.74 12.43 -54.93
CA MET D 111 1.32 13.73 -54.50
C MET D 111 0.93 14.88 -55.44
N THR D 112 0.65 16.03 -54.87
CA THR D 112 0.29 17.17 -55.67
C THR D 112 1.48 18.04 -56.01
N ALA D 113 1.41 18.68 -57.18
CA ALA D 113 2.49 19.54 -57.66
C ALA D 113 2.83 20.66 -56.69
N ASP D 114 1.82 21.29 -56.13
CA ASP D 114 2.03 22.36 -55.19
C ASP D 114 2.37 21.79 -53.81
N ASP D 115 3.60 21.30 -53.68
CA ASP D 115 4.09 20.74 -52.43
C ASP D 115 5.59 20.90 -52.47
N LYS D 116 6.05 21.99 -51.90
CA LYS D 116 7.46 22.31 -51.88
C LYS D 116 8.34 21.32 -51.15
N TYR D 117 7.82 20.80 -50.05
CA TYR D 117 8.58 19.84 -49.24
C TYR D 117 9.01 18.58 -49.98
N HIS D 118 8.06 17.93 -50.65
CA HIS D 118 8.31 16.70 -51.37
C HIS D 118 8.63 16.82 -52.86
N ILE D 119 8.56 18.02 -53.43
CA ILE D 119 8.82 18.24 -54.85
C ILE D 119 10.26 17.93 -55.31
N GLY D 120 11.28 18.35 -54.57
CA GLY D 120 12.63 18.09 -55.02
C GLY D 120 13.34 16.95 -54.33
N GLN D 121 12.62 15.83 -54.16
CA GLN D 121 13.21 14.67 -53.50
C GLN D 121 13.06 13.42 -54.33
N THR D 122 13.88 12.42 -53.99
CA THR D 122 13.84 11.13 -54.65
C THR D 122 13.22 10.08 -53.76
N ILE D 123 12.03 9.59 -54.13
CA ILE D 123 11.36 8.60 -53.32
C ILE D 123 11.16 7.26 -53.98
N GLY D 124 11.74 6.25 -53.36
CA GLY D 124 11.65 4.93 -53.92
C GLY D 124 12.38 4.84 -55.26
N GLY D 125 13.53 5.50 -55.38
CA GLY D 125 14.29 5.44 -56.62
C GLY D 125 13.86 6.29 -57.81
N LEU D 126 12.77 7.03 -57.66
CA LEU D 126 12.26 7.90 -58.73
C LEU D 126 12.04 9.31 -58.16
N THR D 127 12.54 10.33 -58.85
CA THR D 127 12.35 11.70 -58.40
C THR D 127 10.86 12.03 -58.33
N ALA D 128 10.50 13.05 -57.55
CA ALA D 128 9.11 13.38 -57.37
C ALA D 128 8.52 14.48 -58.25
N PHE D 129 7.38 14.16 -58.85
CA PHE D 129 6.69 15.12 -59.66
C PHE D 129 5.23 15.08 -59.23
N GLY D 130 4.60 16.25 -59.22
CA GLY D 130 3.23 16.33 -58.83
C GLY D 130 2.30 16.48 -60.02
N LEU D 131 1.07 16.73 -59.65
CA LEU D 131 0.02 16.89 -60.62
C LEU D 131 -0.27 18.37 -60.99
N VAL D 132 -0.47 18.60 -62.29
CA VAL D 132 -0.76 19.94 -62.76
C VAL D 132 -2.04 20.06 -63.59
N PHE D 133 -2.81 21.12 -63.30
CA PHE D 133 -4.11 21.44 -63.97
C PHE D 133 -4.15 22.79 -64.72
N TRP D 134 -4.37 22.77 -66.05
CA TRP D 134 -4.39 24.01 -66.86
C TRP D 134 -5.71 24.55 -67.43
N SER D 196 -3.73 12.81 -70.96
CA SER D 196 -3.09 12.24 -69.79
C SER D 196 -4.11 11.56 -68.85
N PHE D 197 -5.39 11.37 -69.23
CA PHE D 197 -6.34 10.70 -68.31
C PHE D 197 -6.67 9.28 -68.77
N ASP D 198 -6.54 8.31 -67.87
CA ASP D 198 -6.80 6.91 -68.20
C ASP D 198 -7.95 6.35 -67.35
N ASP D 199 -8.89 5.63 -67.98
CA ASP D 199 -10.03 5.04 -67.26
C ASP D 199 -9.69 3.92 -66.29
N GLN D 200 -8.51 3.35 -66.47
CA GLN D 200 -8.03 2.26 -65.63
C GLN D 200 -7.36 2.77 -64.33
N TYR D 201 -7.15 4.08 -64.24
CA TYR D 201 -6.49 4.65 -63.06
C TYR D 201 -7.22 5.84 -62.41
N PRO D 202 -8.28 5.54 -61.64
CA PRO D 202 -9.04 6.59 -60.97
C PRO D 202 -8.23 7.16 -59.78
N PHE D 203 -8.45 8.44 -59.47
CA PHE D 203 -7.73 9.04 -58.35
C PHE D 203 -8.37 10.31 -57.84
N ALA D 204 -7.97 10.66 -56.61
CA ALA D 204 -8.42 11.89 -55.92
C ALA D 204 -7.18 12.61 -55.33
N THR D 205 -7.31 13.91 -55.05
CA THR D 205 -6.19 14.68 -54.53
C THR D 205 -6.57 16.11 -54.10
N ILE D 206 -5.73 16.73 -53.29
CA ILE D 206 -5.93 18.10 -52.76
C ILE D 206 -5.08 19.19 -53.48
N LEU D 207 -5.71 20.25 -53.99
CA LEU D 207 -4.97 21.35 -54.64
C LEU D 207 -5.48 22.71 -54.15
N ALA D 208 -4.57 23.64 -53.90
CA ALA D 208 -4.94 24.97 -53.43
C ALA D 208 -5.42 25.93 -54.51
N GLY D 209 -6.75 26.06 -54.62
CA GLY D 209 -7.36 26.95 -55.60
C GLY D 209 -8.88 26.88 -55.76
N THR D 210 -9.40 27.57 -56.77
CA THR D 210 -10.85 27.58 -57.06
C THR D 210 -11.09 27.50 -58.59
N TRP D 211 -12.31 27.16 -58.95
CA TRP D 211 -12.67 27.02 -60.34
C TRP D 211 -13.54 28.18 -60.84
N GLU D 212 -13.22 28.75 -62.00
CA GLU D 212 -13.97 29.87 -62.62
C GLU D 212 -14.51 29.53 -63.99
N VAL D 213 -15.73 29.95 -64.27
CA VAL D 213 -16.38 29.72 -65.53
C VAL D 213 -16.71 31.05 -66.22
N ASN D 214 -16.39 31.16 -67.51
CA ASN D 214 -16.61 32.37 -68.31
C ASN D 214 -17.40 32.04 -69.57
N TYR D 215 -18.46 32.79 -69.85
CA TYR D 215 -19.27 32.52 -71.03
C TYR D 215 -18.96 33.32 -72.28
N VAL D 216 -18.41 32.69 -73.33
CA VAL D 216 -18.11 33.39 -74.60
C VAL D 216 -19.43 33.63 -75.33
N SER D 217 -20.23 32.58 -75.44
CA SER D 217 -21.52 32.63 -76.12
C SER D 217 -22.58 31.95 -75.24
N THR D 218 -23.81 31.82 -75.78
CA THR D 218 -24.93 31.18 -75.06
C THR D 218 -24.67 29.75 -74.64
N ASN D 219 -23.98 28.99 -75.49
CA ASN D 219 -23.69 27.58 -75.16
C ASN D 219 -22.21 27.20 -75.07
N TYR D 220 -21.33 28.20 -75.13
CA TYR D 220 -19.90 27.91 -75.07
C TYR D 220 -19.24 28.66 -73.94
N VAL D 221 -18.24 28.03 -73.35
CA VAL D 221 -17.55 28.64 -72.22
C VAL D 221 -16.03 28.53 -72.23
N GLU D 222 -15.38 29.35 -71.44
CA GLU D 222 -13.92 29.29 -71.27
C GLU D 222 -13.72 29.06 -69.74
N THR D 223 -12.71 28.30 -69.36
CA THR D 223 -12.46 27.97 -67.94
C THR D 223 -11.06 28.19 -67.37
N ASN D 224 -10.96 28.92 -66.25
CA ASN D 224 -9.67 29.19 -65.68
C ASN D 224 -9.48 28.72 -64.25
N PHE D 225 -8.37 28.03 -63.96
CA PHE D 225 -8.09 27.54 -62.60
C PHE D 225 -7.02 28.43 -61.95
N ARG D 226 -7.39 28.99 -60.80
CA ARG D 226 -6.58 29.93 -60.04
C ARG D 226 -5.99 29.50 -58.67
N ASN D 227 -4.79 30.01 -58.29
CA ASN D 227 -4.15 29.71 -56.99
C ASN D 227 -4.86 30.46 -55.86
N THR D 228 -4.82 29.93 -54.64
CA THR D 228 -5.50 30.54 -53.48
C THR D 228 -4.64 30.91 -52.29
N SER D 229 -3.36 30.61 -52.38
CA SER D 229 -2.43 30.94 -51.32
C SER D 229 -2.71 30.16 -50.05
N ALA D 230 -2.93 28.87 -50.19
CA ALA D 230 -3.16 28.01 -49.03
C ALA D 230 -2.06 26.92 -48.91
N VAL D 231 -1.90 26.33 -47.73
CA VAL D 231 -0.86 25.31 -47.53
C VAL D 231 -1.28 23.87 -47.83
N ILE D 232 -0.38 23.08 -48.41
CA ILE D 232 -0.69 21.68 -48.68
C ILE D 232 0.49 20.80 -48.32
N LYS D 233 0.21 19.79 -47.53
CA LYS D 233 1.22 18.84 -47.09
C LYS D 233 0.69 17.40 -47.21
N PHE D 234 1.61 16.43 -47.22
CA PHE D 234 1.22 15.02 -47.29
C PHE D 234 1.71 14.21 -46.09
N ASP D 235 0.77 13.53 -45.43
CA ASP D 235 1.06 12.77 -44.22
C ASP D 235 2.00 11.57 -44.36
N ARG D 236 1.78 10.74 -45.38
CA ARG D 236 2.50 9.47 -45.50
C ARG D 236 2.67 8.95 -46.94
N PHE D 237 3.64 8.04 -47.11
CA PHE D 237 3.86 7.37 -48.38
C PHE D 237 3.66 5.86 -48.27
N VAL D 238 2.89 5.30 -49.19
CA VAL D 238 2.68 3.87 -49.24
C VAL D 238 3.26 3.40 -50.56
N ASN D 239 3.98 2.28 -50.54
CA ASN D 239 4.73 1.89 -51.71
C ASN D 239 3.81 1.74 -52.90
N THR D 240 4.25 2.29 -54.03
CA THR D 240 3.48 2.36 -55.27
C THR D 240 3.94 3.60 -56.01
N HIS D 241 3.34 3.85 -57.17
CA HIS D 241 3.61 5.07 -57.92
C HIS D 241 2.52 5.39 -58.93
N TYR D 242 2.51 6.62 -59.43
CA TYR D 242 1.55 6.99 -60.44
C TYR D 242 2.21 7.25 -61.78
N SER D 243 1.69 6.61 -62.81
CA SER D 243 2.22 6.80 -64.17
C SER D 243 3.72 6.99 -64.18
N PRO D 244 4.48 6.04 -63.60
CA PRO D 244 5.94 6.15 -63.57
C PRO D 244 6.70 5.83 -64.86
N ASP D 245 7.78 6.59 -65.07
CA ASP D 245 8.67 6.42 -66.23
C ASP D 245 9.97 5.77 -65.70
N THR D 246 10.17 4.49 -66.03
CA THR D 246 11.36 3.76 -65.60
C THR D 246 12.69 4.30 -66.15
N GLN D 247 12.65 4.69 -67.43
CA GLN D 247 13.80 5.24 -68.16
C GLN D 247 14.33 6.58 -67.59
N ASN D 248 13.41 7.47 -67.25
CA ASN D 248 13.78 8.79 -66.74
C ASN D 248 13.65 8.98 -65.23
N ASN D 249 13.25 7.94 -64.50
CA ASN D 249 13.09 8.06 -63.04
C ASN D 249 11.98 9.00 -62.66
N ASN D 250 10.97 9.15 -63.52
CA ASN D 250 9.82 10.03 -63.27
C ASN D 250 8.67 9.28 -62.60
N GLY D 251 8.02 9.91 -61.63
CA GLY D 251 6.92 9.27 -60.94
C GLY D 251 6.26 10.08 -59.84
N VAL D 252 5.08 9.65 -59.45
CA VAL D 252 4.36 10.36 -58.43
C VAL D 252 4.17 9.53 -57.18
N PRO D 253 4.80 9.94 -56.09
CA PRO D 253 4.68 9.22 -54.82
C PRO D 253 3.23 9.23 -54.30
N ILE D 254 2.80 8.16 -53.64
CA ILE D 254 1.44 8.09 -53.11
C ILE D 254 1.48 8.07 -51.57
N PHE D 255 0.74 8.96 -50.93
CA PHE D 255 0.72 9.03 -49.46
C PHE D 255 -0.65 8.71 -48.94
N ASP D 256 -0.73 8.08 -47.76
CA ASP D 256 -2.04 7.73 -47.16
C ASP D 256 -2.82 8.89 -46.56
N VAL D 257 -2.14 9.93 -46.10
CA VAL D 257 -2.85 11.09 -45.56
C VAL D 257 -2.50 12.45 -46.16
N ALA D 258 -3.56 13.23 -46.43
CA ALA D 258 -3.44 14.58 -47.00
C ALA D 258 -3.98 15.61 -46.02
N SER D 259 -3.25 16.72 -45.91
CA SER D 259 -3.56 17.81 -44.97
C SER D 259 -3.64 19.19 -45.61
N ALA D 260 -4.43 20.09 -45.02
CA ALA D 260 -4.59 21.47 -45.51
C ALA D 260 -4.60 22.48 -44.36
N SER D 261 -4.52 23.76 -44.73
CA SER D 261 -4.33 24.85 -43.79
C SER D 261 -5.34 25.96 -44.03
N GLN D 262 -5.04 27.13 -43.49
CA GLN D 262 -5.90 28.29 -43.60
C GLN D 262 -6.10 28.71 -45.06
N SER D 263 -7.30 29.20 -45.34
CA SER D 263 -7.69 29.69 -46.67
C SER D 263 -8.28 28.59 -47.55
N ASN D 264 -8.69 28.98 -48.74
CA ASN D 264 -9.41 28.09 -49.66
C ASN D 264 -8.60 26.97 -50.27
N PHE D 265 -9.29 25.90 -50.65
CA PHE D 265 -8.66 24.71 -51.23
C PHE D 265 -9.74 23.90 -51.95
N ALA D 266 -9.32 23.18 -52.97
CA ALA D 266 -10.24 22.38 -53.76
C ALA D 266 -9.91 20.89 -53.67
N VAL D 267 -10.87 20.07 -54.10
CA VAL D 267 -10.70 18.62 -54.13
C VAL D 267 -11.02 18.14 -55.56
N VAL D 268 -10.13 17.40 -56.20
CA VAL D 268 -10.39 16.92 -57.57
C VAL D 268 -10.65 15.41 -57.57
N ILE D 269 -11.85 15.00 -57.98
CA ILE D 269 -12.17 13.59 -57.96
C ILE D 269 -12.48 12.99 -59.30
N TRP D 270 -11.78 11.89 -59.63
CA TRP D 270 -12.01 11.22 -60.90
C TRP D 270 -12.43 9.74 -60.91
N CYS D 271 -13.74 9.51 -61.02
CA CYS D 271 -14.31 8.16 -61.04
C CYS D 271 -15.02 7.92 -62.37
N PRO D 272 -14.42 7.06 -63.22
CA PRO D 272 -14.95 6.70 -64.54
C PRO D 272 -16.33 6.08 -64.53
N ASN D 273 -16.75 5.54 -63.39
CA ASN D 273 -18.07 4.90 -63.29
C ASN D 273 -19.27 5.87 -63.26
N VAL D 274 -19.04 7.15 -62.91
CA VAL D 274 -20.12 8.16 -62.87
C VAL D 274 -20.59 8.66 -64.25
N ASN D 275 -21.89 8.51 -64.52
CA ASN D 275 -22.49 8.93 -65.79
C ASN D 275 -23.57 9.99 -65.59
N PRO D 276 -23.31 11.22 -66.02
CA PRO D 276 -24.22 12.36 -65.93
C PRO D 276 -25.59 12.15 -66.61
N ASN D 277 -25.63 11.39 -67.69
CA ASN D 277 -26.89 11.17 -68.40
C ASN D 277 -27.93 10.34 -67.65
N VAL D 278 -27.48 9.51 -66.71
CA VAL D 278 -28.40 8.66 -65.95
C VAL D 278 -28.45 8.94 -64.43
N MET D 279 -27.51 9.73 -63.94
CA MET D 279 -27.44 10.07 -62.51
C MET D 279 -27.87 11.55 -62.27
N GLN D 280 -28.86 11.75 -61.42
CA GLN D 280 -29.34 13.10 -61.12
C GLN D 280 -28.36 13.88 -60.25
N SER D 281 -27.76 13.17 -59.29
CA SER D 281 -26.80 13.76 -58.34
C SER D 281 -25.91 12.69 -57.68
N VAL D 282 -24.78 13.12 -57.13
CA VAL D 282 -23.89 12.21 -56.41
C VAL D 282 -23.56 12.83 -55.07
N ASP D 283 -22.88 12.08 -54.23
CA ASP D 283 -22.49 12.56 -52.91
C ASP D 283 -21.08 12.17 -52.60
N VAL D 284 -20.41 13.00 -51.79
CA VAL D 284 -19.03 12.75 -51.37
C VAL D 284 -18.89 12.68 -49.84
N LYS D 285 -18.04 11.78 -49.37
CA LYS D 285 -17.84 11.61 -47.94
C LYS D 285 -16.36 11.61 -47.61
N MET D 286 -16.00 12.35 -46.56
CA MET D 286 -14.63 12.42 -46.11
C MET D 286 -14.47 11.81 -44.73
N VAL D 287 -13.40 11.03 -44.54
CA VAL D 287 -13.14 10.40 -43.26
C VAL D 287 -11.88 10.98 -42.67
N PHE D 288 -12.01 11.61 -41.50
CA PHE D 288 -10.89 12.23 -40.83
C PHE D 288 -9.92 11.30 -40.16
N SER D 289 -8.76 11.83 -39.81
CA SER D 289 -7.76 11.03 -39.10
C SER D 289 -8.28 10.60 -37.71
N ASP D 290 -8.99 11.50 -37.04
CA ASP D 290 -9.57 11.21 -35.72
C ASP D 290 -10.79 10.27 -35.79
N GLY D 291 -11.30 9.99 -36.98
CA GLY D 291 -12.44 9.11 -37.11
C GLY D 291 -13.79 9.77 -37.38
N SER D 292 -13.90 11.08 -37.19
CA SER D 292 -15.17 11.77 -37.45
C SER D 292 -15.40 11.85 -38.95
N THR D 293 -16.61 12.18 -39.38
CA THR D 293 -16.88 12.29 -40.82
C THR D 293 -17.65 13.53 -41.25
N TRP D 294 -17.51 13.88 -42.53
CA TRP D 294 -18.17 15.06 -43.09
C TRP D 294 -18.67 14.74 -44.49
N GLU D 295 -19.84 15.27 -44.86
CA GLU D 295 -20.42 15.03 -46.19
C GLU D 295 -21.00 16.26 -46.83
N ALA D 296 -20.93 16.30 -48.17
CA ALA D 296 -21.42 17.41 -48.97
C ALA D 296 -22.25 16.91 -50.14
N SER D 297 -23.05 17.80 -50.74
CA SER D 297 -23.92 17.40 -51.83
C SER D 297 -23.62 18.10 -53.15
N VAL D 298 -23.47 17.32 -54.20
CA VAL D 298 -23.17 17.88 -55.54
C VAL D 298 -24.15 17.54 -56.66
N PRO D 299 -24.88 18.53 -57.22
CA PRO D 299 -25.81 18.20 -58.32
C PRO D 299 -24.97 17.92 -59.56
N LEU D 300 -25.47 17.03 -60.41
CA LEU D 300 -24.77 16.67 -61.64
C LEU D 300 -25.57 17.11 -62.86
N SER D 301 -26.89 17.17 -62.71
CA SER D 301 -27.77 17.58 -63.79
C SER D 301 -27.24 18.81 -64.50
N ILE D 302 -27.30 18.79 -65.83
CA ILE D 302 -26.84 19.92 -66.63
C ILE D 302 -27.41 21.22 -66.05
N THR D 303 -28.73 21.29 -65.95
CA THR D 303 -29.40 22.46 -65.40
C THR D 303 -30.90 22.42 -65.72
N VAL E 1 22.12 -16.96 24.92
CA VAL E 1 20.75 -16.43 25.12
C VAL E 1 20.52 -15.15 24.33
N SER E 2 21.49 -14.86 23.46
CA SER E 2 21.49 -13.71 22.56
C SER E 2 20.18 -13.56 21.76
N PRO E 3 19.83 -14.59 20.95
CA PRO E 3 18.58 -14.45 20.19
C PRO E 3 17.36 -14.02 21.03
N VAL E 4 17.17 -14.62 22.21
CA VAL E 4 16.02 -14.28 23.05
C VAL E 4 15.90 -12.82 23.46
N ILE E 5 17.01 -12.19 23.79
CA ILE E 5 17.00 -10.80 24.20
C ILE E 5 16.86 -9.89 22.99
N ALA E 6 17.52 -10.26 21.89
CA ALA E 6 17.48 -9.48 20.66
C ALA E 6 16.05 -9.35 20.13
N THR E 7 15.39 -10.48 19.98
CA THR E 7 14.02 -10.49 19.48
C THR E 7 13.10 -9.57 20.27
N LEU E 8 13.24 -9.56 21.60
CA LEU E 8 12.38 -8.73 22.47
C LEU E 8 12.50 -7.24 22.24
N LEU E 9 13.73 -6.78 22.11
CA LEU E 9 13.93 -5.38 21.86
C LEU E 9 13.40 -4.97 20.49
N LEU E 10 13.46 -5.87 19.51
CA LEU E 10 13.00 -5.58 18.14
C LEU E 10 11.47 -5.45 18.06
N ILE E 11 10.75 -6.28 18.83
CA ILE E 11 9.29 -6.29 18.90
C ILE E 11 8.77 -4.97 19.45
N LEU E 12 9.37 -4.53 20.54
CA LEU E 12 8.98 -3.28 21.17
C LEU E 12 9.13 -2.09 20.22
N ILE E 13 10.25 -2.04 19.49
CA ILE E 13 10.58 -0.96 18.55
C ILE E 13 9.58 -0.76 17.43
N ALA E 14 9.20 -1.88 16.79
CA ALA E 14 8.23 -1.86 15.72
C ALA E 14 6.82 -1.44 16.19
N VAL E 15 6.44 -1.84 17.41
CA VAL E 15 5.14 -1.47 17.99
C VAL E 15 5.03 0.03 18.21
N ALA E 16 6.09 0.62 18.76
CA ALA E 16 6.18 2.07 19.03
C ALA E 16 6.08 2.92 17.77
N ALA E 17 6.76 2.50 16.71
CA ALA E 17 6.74 3.22 15.45
C ALA E 17 5.36 3.16 14.77
N ALA E 18 4.67 2.02 14.88
CA ALA E 18 3.34 1.85 14.27
C ALA E 18 2.31 2.78 14.91
N VAL E 19 2.37 2.92 16.22
CA VAL E 19 1.44 3.78 16.93
C VAL E 19 1.72 5.23 16.56
N LEU E 20 2.99 5.56 16.36
CA LEU E 20 3.36 6.91 15.99
C LEU E 20 2.85 7.21 14.58
N LEU E 21 2.81 6.20 13.71
CA LEU E 21 2.32 6.40 12.34
C LEU E 21 0.86 6.78 12.33
N TYR E 22 0.11 6.15 13.22
CA TYR E 22 -1.32 6.40 13.35
C TYR E 22 -1.62 7.84 13.72
N THR E 23 -0.94 8.36 14.74
CA THR E 23 -1.17 9.73 15.18
C THR E 23 -0.87 10.70 14.07
N TRP E 24 0.23 10.46 13.37
CA TRP E 24 0.63 11.33 12.30
C TRP E 24 -0.35 11.29 11.11
N VAL E 25 -0.84 10.10 10.77
CA VAL E 25 -1.76 9.95 9.65
C VAL E 25 -3.07 10.64 9.93
N SER E 26 -3.65 10.36 11.09
CA SER E 26 -4.94 10.96 11.46
C SER E 26 -4.82 12.47 11.65
N GLY E 27 -3.71 12.93 12.15
CA GLY E 27 -3.55 14.36 12.30
C GLY E 27 -3.48 14.93 10.89
N LEU E 28 -2.80 14.25 9.95
CA LEU E 28 -2.68 14.74 8.56
C LEU E 28 -4.03 14.93 7.90
N SER E 29 -4.95 14.03 8.20
CA SER E 29 -6.28 14.12 7.66
C SER E 29 -7.07 15.22 8.39
N ALA E 30 -8.20 15.64 7.82
CA ALA E 30 -9.07 16.67 8.40
C ALA E 30 -8.29 17.96 8.55
N ASN E 31 -7.23 18.06 7.74
CA ASN E 31 -6.39 19.23 7.73
C ASN E 31 -6.43 19.86 6.33
N VAL E 32 -7.62 19.94 5.74
CA VAL E 32 -7.78 20.57 4.44
C VAL E 32 -8.90 21.60 4.54
N ALA E 33 -8.55 22.85 4.20
CA ALA E 33 -9.43 24.02 4.25
C ALA E 33 -10.50 24.06 3.19
N GLY E 34 -10.09 24.19 1.94
CA GLY E 34 -11.05 24.26 0.84
C GLY E 34 -11.56 25.66 0.46
N THR E 35 -12.82 25.73 0.03
CA THR E 35 -13.42 27.00 -0.41
C THR E 35 -14.93 27.08 -0.28
N GLN E 36 -15.42 28.27 -0.55
CA GLN E 36 -16.83 28.53 -0.53
C GLN E 36 -17.14 28.80 -1.99
N VAL E 37 -18.41 28.66 -2.34
CA VAL E 37 -18.87 28.92 -3.69
C VAL E 37 -19.70 30.18 -3.60
N THR E 38 -19.21 31.21 -4.31
CA THR E 38 -19.84 32.51 -4.35
C THR E 38 -21.23 32.30 -4.89
N GLY E 39 -22.15 33.10 -4.37
CA GLY E 39 -23.52 32.98 -4.77
C GLY E 39 -23.67 33.38 -6.20
N LYS E 40 -24.90 33.24 -6.66
CA LYS E 40 -25.27 33.57 -8.01
C LYS E 40 -25.08 35.02 -8.13
N SER E 41 -24.81 35.43 -9.36
CA SER E 41 -24.59 36.83 -9.62
C SER E 41 -25.70 37.68 -9.07
N LEU E 42 -25.24 38.82 -8.62
CA LEU E 42 -26.04 39.85 -8.02
C LEU E 42 -26.87 40.50 -9.11
N THR E 43 -28.17 40.65 -8.88
CA THR E 43 -29.01 41.31 -9.88
C THR E 43 -28.68 42.80 -9.88
N LEU E 44 -28.72 43.40 -11.05
CA LEU E 44 -28.39 44.78 -11.23
C LEU E 44 -29.63 45.64 -11.03
N ILE E 45 -29.66 46.41 -9.94
CA ILE E 45 -30.80 47.28 -9.68
C ILE E 45 -30.71 48.53 -10.53
N GLN E 46 -29.50 49.04 -10.75
CA GLN E 46 -29.28 50.24 -11.58
C GLN E 46 -27.82 50.43 -11.92
N ALA E 47 -27.57 51.17 -13.00
CA ALA E 47 -26.23 51.51 -13.44
C ALA E 47 -26.42 52.93 -13.87
N THR E 48 -25.63 53.82 -13.28
CA THR E 48 -25.73 55.23 -13.65
C THR E 48 -24.45 56.04 -13.35
N TRP E 49 -24.47 57.34 -13.65
CA TRP E 49 -23.29 58.16 -13.44
C TRP E 49 -23.62 59.65 -13.32
N ALA E 50 -22.79 60.39 -12.57
CA ALA E 50 -22.96 61.84 -12.39
C ALA E 50 -21.61 62.58 -12.41
N ARG E 51 -21.66 63.91 -12.50
CA ARG E 51 -20.46 64.71 -12.55
C ARG E 51 -19.92 65.05 -11.17
N PRO E 52 -18.62 64.79 -10.93
CA PRO E 52 -17.96 65.05 -9.64
C PRO E 52 -17.61 66.51 -9.48
N ALA E 53 -17.24 66.88 -8.28
CA ALA E 53 -16.87 68.24 -7.98
C ALA E 53 -15.47 68.18 -7.44
N THR E 54 -14.53 68.84 -8.11
CA THR E 54 -13.15 68.88 -7.62
C THR E 54 -12.87 70.23 -6.94
N ASN E 55 -13.69 71.24 -7.22
CA ASN E 55 -13.50 72.54 -6.60
C ASN E 55 -14.50 72.70 -5.48
N VAL E 56 -14.00 72.64 -4.25
CA VAL E 56 -14.83 72.72 -3.06
C VAL E 56 -14.37 73.84 -2.16
N GLY E 57 -15.31 74.69 -1.79
CA GLY E 57 -15.06 75.79 -0.87
C GLY E 57 -15.79 75.47 0.42
N THR E 58 -16.10 76.49 1.22
CA THR E 58 -16.85 76.28 2.46
C THR E 58 -18.37 76.20 2.14
N THR E 59 -18.73 76.69 0.94
CA THR E 59 -20.08 76.66 0.37
C THR E 59 -19.95 76.27 -1.12
N ILE E 60 -20.93 75.51 -1.60
CA ILE E 60 -20.95 75.04 -2.96
C ILE E 60 -21.99 75.71 -3.87
N SER E 61 -21.54 76.12 -5.06
CA SER E 61 -22.40 76.75 -6.07
C SER E 61 -22.66 75.67 -7.10
N LYS E 62 -23.44 75.98 -8.12
CA LYS E 62 -23.72 74.97 -9.12
C LYS E 62 -22.54 74.81 -10.07
N ASP E 63 -21.71 75.84 -10.11
CA ASP E 63 -20.51 75.87 -10.94
C ASP E 63 -19.29 75.24 -10.26
N SER E 64 -19.48 74.77 -9.04
CA SER E 64 -18.39 74.10 -8.34
C SER E 64 -18.24 72.66 -8.86
N PHE E 65 -19.24 72.19 -9.60
CA PHE E 65 -19.27 70.86 -10.19
C PHE E 65 -18.70 70.90 -11.58
N ASP E 66 -17.80 69.97 -11.86
CA ASP E 66 -17.10 69.89 -13.15
C ASP E 66 -17.85 69.31 -14.34
N ARG E 67 -17.34 69.60 -15.53
CA ARG E 67 -17.92 69.12 -16.76
C ARG E 67 -16.89 68.25 -17.47
N SER E 68 -17.41 67.26 -18.20
CA SER E 68 -16.61 66.28 -18.94
C SER E 68 -15.81 65.36 -18.00
N LYS E 69 -16.39 65.09 -16.83
CA LYS E 69 -15.80 64.21 -15.83
C LYS E 69 -16.94 63.30 -15.44
N ALA E 70 -16.64 62.09 -14.98
CA ALA E 70 -17.71 61.15 -14.61
C ALA E 70 -17.34 60.20 -13.47
N VAL E 71 -18.33 59.85 -12.65
CA VAL E 71 -18.14 58.91 -11.56
C VAL E 71 -19.18 57.83 -11.77
N LEU E 72 -18.76 56.56 -11.75
CA LEU E 72 -19.69 55.47 -12.00
C LEU E 72 -20.43 54.88 -10.76
N ILE E 73 -21.76 54.71 -10.85
CA ILE E 73 -22.52 54.13 -9.73
C ILE E 73 -23.23 52.83 -10.08
N LEU E 74 -23.16 51.87 -9.17
CA LEU E 74 -23.76 50.58 -9.42
C LEU E 74 -24.50 50.02 -8.22
N SER E 75 -25.70 49.50 -8.45
CA SER E 75 -26.47 48.90 -7.35
C SER E 75 -26.73 47.41 -7.58
N PHE E 76 -26.28 46.60 -6.62
CA PHE E 76 -26.45 45.14 -6.67
C PHE E 76 -27.26 44.57 -5.50
N GLN E 77 -28.11 43.58 -5.81
CA GLN E 77 -28.97 42.86 -4.84
C GLN E 77 -28.68 41.36 -4.88
N PRO E 78 -27.95 40.85 -3.90
CA PRO E 78 -27.61 39.44 -3.84
C PRO E 78 -28.86 38.65 -3.58
N PRO E 79 -28.93 37.37 -4.10
CA PRO E 79 -30.15 36.64 -3.76
C PRO E 79 -29.83 35.69 -2.63
N ALA E 80 -30.63 35.73 -1.58
CA ALA E 80 -30.29 35.05 -0.33
C ALA E 80 -30.16 33.53 -0.42
N GLN E 81 -31.04 32.91 -1.20
CA GLN E 81 -31.30 31.48 -1.12
C GLN E 81 -30.49 30.58 -2.07
N VAL E 82 -29.49 31.15 -2.74
CA VAL E 82 -28.75 30.43 -3.77
C VAL E 82 -28.10 29.14 -3.26
N LEU E 83 -28.30 28.08 -4.04
CA LEU E 83 -27.81 26.71 -3.78
C LEU E 83 -27.11 26.46 -2.45
N GLN E 84 -25.80 26.64 -2.44
CA GLN E 84 -25.02 26.60 -1.21
C GLN E 84 -24.42 27.97 -0.95
N GLY E 85 -24.85 28.94 -1.74
CA GLY E 85 -24.18 30.21 -1.80
C GLY E 85 -23.84 30.81 -0.45
N GLY E 86 -22.66 31.41 -0.39
CA GLY E 86 -22.16 32.07 0.80
C GLY E 86 -22.88 33.34 1.19
N GLN E 87 -22.94 33.59 2.49
CA GLN E 87 -23.56 34.79 3.04
C GLN E 87 -22.85 36.07 2.60
N ALA E 88 -21.52 36.03 2.55
CA ALA E 88 -20.72 37.23 2.27
C ALA E 88 -19.95 37.14 0.95
N ILE E 89 -20.00 38.22 0.16
CA ILE E 89 -19.34 38.28 -1.14
C ILE E 89 -18.09 39.15 -1.07
N THR E 90 -16.95 38.63 -1.53
CA THR E 90 -15.68 39.38 -1.41
C THR E 90 -15.06 39.72 -2.77
N ILE E 91 -14.52 40.94 -2.85
CA ILE E 91 -13.91 41.41 -4.07
C ILE E 91 -12.46 41.82 -3.93
N ASP E 92 -11.54 41.11 -4.59
CA ASP E 92 -10.13 41.51 -4.52
C ASP E 92 -9.79 42.55 -5.57
N ALA E 93 -10.38 42.49 -6.77
CA ALA E 93 -10.05 43.45 -7.84
C ALA E 93 -11.20 43.92 -8.73
N ILE E 94 -11.28 45.24 -8.97
CA ILE E 94 -12.32 45.85 -9.79
C ILE E 94 -11.66 46.51 -11.01
N ASP E 95 -12.22 46.30 -12.19
CA ASP E 95 -11.63 46.85 -13.43
C ASP E 95 -12.57 47.56 -14.36
N VAL E 96 -12.05 48.54 -15.10
CA VAL E 96 -12.85 49.29 -16.04
C VAL E 96 -12.30 49.04 -17.46
N LEU E 97 -13.13 48.49 -18.34
CA LEU E 97 -12.78 48.14 -19.72
C LEU E 97 -13.53 48.88 -20.83
N TYR E 98 -12.83 49.13 -21.91
CA TYR E 98 -13.42 49.82 -23.02
C TYR E 98 -12.80 49.30 -24.28
N GLN E 99 -13.63 48.67 -25.13
CA GLN E 99 -13.21 48.04 -26.39
C GLN E 99 -12.42 46.75 -26.13
N GLY E 100 -12.69 46.13 -24.97
CA GLY E 100 -11.98 44.91 -24.58
C GLY E 100 -10.57 45.18 -24.00
N ARG E 101 -10.23 46.44 -23.75
CA ARG E 101 -8.92 46.83 -23.17
C ARG E 101 -9.17 47.44 -21.80
N VAL E 102 -8.15 47.41 -20.96
CA VAL E 102 -8.29 47.95 -19.62
C VAL E 102 -7.92 49.41 -19.43
N VAL E 103 -8.91 50.22 -19.10
CA VAL E 103 -8.70 51.65 -18.86
C VAL E 103 -7.94 51.87 -17.55
N CYS E 104 -8.34 51.18 -16.47
CA CYS E 104 -7.69 51.30 -15.15
C CYS E 104 -7.92 50.03 -14.31
N HIS E 105 -7.06 49.79 -13.34
CA HIS E 105 -7.16 48.59 -12.51
C HIS E 105 -7.05 48.93 -11.02
N TYR E 106 -7.96 48.38 -10.21
CA TYR E 106 -7.95 48.63 -8.77
C TYR E 106 -7.77 47.30 -8.04
N ASP E 107 -6.70 47.16 -7.28
CA ASP E 107 -6.45 45.90 -6.56
C ASP E 107 -6.79 45.88 -5.09
N SER E 108 -6.92 47.12 -4.58
CA SER E 108 -7.22 47.41 -3.18
C SER E 108 -8.26 48.56 -3.12
N PHE E 109 -8.72 48.89 -1.91
CA PHE E 109 -9.73 49.94 -1.71
C PHE E 109 -9.52 50.80 -0.48
N PRO E 110 -9.94 52.07 -0.55
CA PRO E 110 -9.81 52.94 0.62
C PRO E 110 -10.94 52.57 1.60
N MET E 111 -10.68 52.65 2.91
CA MET E 111 -11.72 52.31 3.91
C MET E 111 -12.96 53.20 3.80
N THR E 112 -14.13 52.60 3.94
CA THR E 112 -15.36 53.36 3.85
C THR E 112 -15.83 53.85 5.20
N ALA E 113 -16.49 55.01 5.19
CA ALA E 113 -17.00 55.61 6.42
C ALA E 113 -17.94 54.70 7.20
N ASP E 114 -18.83 54.03 6.49
CA ASP E 114 -19.75 53.13 7.13
C ASP E 114 -19.07 51.79 7.43
N ASP E 115 -18.23 51.82 8.46
CA ASP E 115 -17.51 50.63 8.90
C ASP E 115 -17.21 50.85 10.36
N LYS E 116 -18.09 50.34 11.20
CA LYS E 116 -17.96 50.50 12.63
C LYS E 116 -16.73 49.87 13.24
N TYR E 117 -16.35 48.71 12.73
CA TYR E 117 -15.19 48.00 13.24
C TYR E 117 -13.88 48.77 13.19
N HIS E 118 -13.58 49.31 12.00
CA HIS E 118 -12.34 50.05 11.78
C HIS E 118 -12.40 51.57 11.97
N ILE E 119 -13.60 52.13 12.18
CA ILE E 119 -13.76 53.58 12.34
C ILE E 119 -13.05 54.21 13.55
N GLY E 120 -13.12 53.60 14.73
CA GLY E 120 -12.48 54.21 15.87
C GLY E 120 -11.16 53.59 16.27
N GLN E 121 -10.30 53.33 15.28
CA GLN E 121 -8.99 52.75 15.56
C GLN E 121 -7.87 53.54 14.94
N THR E 122 -6.67 53.29 15.45
CA THR E 122 -5.47 53.94 14.94
C THR E 122 -4.63 52.97 14.13
N ILE E 123 -4.53 53.21 12.83
CA ILE E 123 -3.77 52.30 11.98
C ILE E 123 -2.58 52.93 11.32
N GLY E 124 -1.42 52.38 11.62
CA GLY E 124 -0.20 52.91 11.08
C GLY E 124 0.06 54.33 11.57
N GLY E 125 -0.22 54.60 12.85
CA GLY E 125 0.03 55.92 13.41
C GLY E 125 -0.95 57.05 13.12
N LEU E 126 -1.99 56.78 12.34
CA LEU E 126 -2.99 57.78 11.99
C LEU E 126 -4.38 57.19 12.28
N THR E 127 -5.22 57.95 12.97
CA THR E 127 -6.58 57.48 13.27
C THR E 127 -7.34 57.24 11.96
N ALA E 128 -8.39 56.43 12.04
CA ALA E 128 -9.13 56.09 10.84
C ALA E 128 -10.38 56.89 10.51
N PHE E 129 -10.44 57.35 9.27
CA PHE E 129 -11.58 58.08 8.81
C PHE E 129 -11.98 57.47 7.48
N GLY E 130 -13.28 57.40 7.23
CA GLY E 130 -13.76 56.85 6.00
C GLY E 130 -14.22 57.91 5.04
N LEU E 131 -14.81 57.41 3.98
CA LEU E 131 -15.32 58.24 2.93
C LEU E 131 -16.82 58.59 3.06
N VAL E 132 -17.14 59.85 2.80
CA VAL E 132 -18.53 60.29 2.87
C VAL E 132 -19.05 60.97 1.61
N PHE E 133 -20.29 60.59 1.23
CA PHE E 133 -21.01 61.10 0.03
C PHE E 133 -22.33 61.85 0.30
N TRP E 134 -22.41 63.15 -0.06
CA TRP E 134 -23.63 63.96 0.21
C TRP E 134 -24.55 64.37 -0.95
N SER E 196 -12.89 68.03 -3.04
CA SER E 196 -12.12 66.95 -2.49
C SER E 196 -11.74 65.89 -3.56
N PHE E 197 -11.97 66.11 -4.86
CA PHE E 197 -11.57 65.08 -5.86
C PHE E 197 -10.34 65.48 -6.65
N ASP E 198 -9.35 64.60 -6.72
CA ASP E 198 -8.11 64.90 -7.43
C ASP E 198 -7.89 63.90 -8.58
N ASP E 199 -7.52 64.41 -9.76
CA ASP E 199 -7.29 63.57 -10.94
C ASP E 199 -6.09 62.63 -10.85
N GLN E 200 -5.18 62.94 -9.93
CA GLN E 200 -3.97 62.16 -9.71
C GLN E 200 -4.22 60.96 -8.78
N TYR E 201 -5.39 60.89 -8.15
CA TYR E 201 -5.71 59.81 -7.22
C TYR E 201 -7.03 59.09 -7.48
N PRO E 202 -7.05 58.19 -8.47
CA PRO E 202 -8.26 57.45 -8.81
C PRO E 202 -8.52 56.37 -7.73
N PHE E 203 -9.78 56.03 -7.51
CA PHE E 203 -10.12 55.01 -6.53
C PHE E 203 -11.51 54.44 -6.67
N ALA E 204 -11.68 53.27 -6.05
CA ALA E 204 -12.96 52.53 -6.02
C ALA E 204 -13.26 52.10 -4.57
N THR E 205 -14.52 51.82 -4.26
CA THR E 205 -14.91 51.44 -2.91
C THR E 205 -16.37 50.97 -2.78
N ILE E 206 -16.69 50.27 -1.69
CA ILE E 206 -18.03 49.74 -1.41
C ILE E 206 -18.83 50.55 -0.36
N LEU E 207 -20.04 51.00 -0.69
CA LEU E 207 -20.89 51.74 0.27
C LEU E 207 -22.32 51.21 0.25
N ALA E 208 -22.93 51.07 1.43
CA ALA E 208 -24.31 50.56 1.53
C ALA E 208 -25.39 51.58 1.24
N GLY E 209 -25.91 51.54 0.02
CA GLY E 209 -26.98 52.43 -0.40
C GLY E 209 -27.39 52.41 -1.88
N THR E 210 -28.23 53.35 -2.28
CA THR E 210 -28.68 53.47 -3.68
C THR E 210 -28.73 54.96 -4.10
N TRP E 211 -28.77 55.17 -5.41
CA TRP E 211 -28.81 56.51 -5.95
C TRP E 211 -30.18 56.91 -6.49
N GLU E 212 -30.66 58.10 -6.13
CA GLU E 212 -31.97 58.62 -6.59
C GLU E 212 -31.86 59.93 -7.35
N VAL E 213 -32.64 60.04 -8.41
CA VAL E 213 -32.66 61.23 -9.25
C VAL E 213 -34.04 61.88 -9.23
N ASN E 214 -34.09 63.20 -9.04
CA ASN E 214 -35.34 63.98 -8.97
C ASN E 214 -35.30 65.13 -9.97
N TYR E 215 -36.34 65.28 -10.77
CA TYR E 215 -36.36 66.36 -11.77
C TYR E 215 -37.08 67.65 -11.37
N VAL E 216 -36.34 68.74 -11.17
CA VAL E 216 -36.95 70.05 -10.81
C VAL E 216 -37.60 70.62 -12.08
N SER E 217 -36.85 70.62 -13.16
CA SER E 217 -37.31 71.15 -14.44
C SER E 217 -36.95 70.15 -15.55
N THR E 218 -37.21 70.52 -16.81
CA THR E 218 -36.93 69.67 -17.99
C THR E 218 -35.48 69.28 -18.13
N ASN E 219 -34.57 70.19 -17.81
CA ASN E 219 -33.13 69.90 -17.92
C ASN E 219 -32.31 69.98 -16.63
N TYR E 220 -32.99 70.16 -15.50
CA TYR E 220 -32.29 70.27 -14.22
C TYR E 220 -32.77 69.23 -13.24
N VAL E 221 -31.84 68.76 -12.43
CA VAL E 221 -32.19 67.72 -11.45
C VAL E 221 -31.61 67.92 -10.06
N GLU E 222 -32.18 67.21 -9.09
CA GLU E 222 -31.68 67.21 -7.72
C GLU E 222 -31.35 65.72 -7.42
N THR E 223 -30.31 65.45 -6.65
CA THR E 223 -29.89 64.07 -6.34
C THR E 223 -29.65 63.68 -4.89
N ASN E 224 -30.27 62.59 -4.45
CA ASN E 224 -30.13 62.18 -3.07
C ASN E 224 -29.58 60.78 -2.88
N PHE E 225 -28.57 60.62 -2.00
CA PHE E 225 -27.99 59.31 -1.72
C PHE E 225 -28.48 58.79 -0.37
N ARG E 226 -29.09 57.62 -0.42
CA ARG E 226 -29.72 56.96 0.73
C ARG E 226 -29.10 55.66 1.30
N ASN E 227 -29.20 55.44 2.65
CA ASN E 227 -28.68 54.21 3.30
C ASN E 227 -29.58 53.02 3.00
N THR E 228 -29.02 51.80 3.02
CA THR E 228 -29.77 50.57 2.69
C THR E 228 -29.84 49.50 3.76
N SER E 229 -29.16 49.74 4.87
CA SER E 229 -29.17 48.81 5.97
C SER E 229 -28.47 47.51 5.62
N ALA E 230 -27.31 47.61 4.99
CA ALA E 230 -26.52 46.42 4.66
C ALA E 230 -25.15 46.44 5.37
N VAL E 231 -24.49 45.28 5.49
CA VAL E 231 -23.20 45.20 6.17
C VAL E 231 -21.97 45.43 5.31
N ILE E 232 -20.96 46.11 5.85
CA ILE E 232 -19.73 46.33 5.11
C ILE E 232 -18.52 46.11 6.00
N LYS E 233 -17.62 45.28 5.50
CA LYS E 233 -16.39 44.97 6.23
C LYS E 233 -15.19 45.01 5.28
N PHE E 234 -13.99 45.13 5.86
CA PHE E 234 -12.78 45.14 5.04
C PHE E 234 -11.82 44.01 5.40
N ASP E 235 -11.44 43.23 4.38
CA ASP E 235 -10.58 42.05 4.58
C ASP E 235 -9.15 42.30 5.08
N ARG E 236 -8.46 43.28 4.49
CA ARG E 236 -7.03 43.49 4.78
C ARG E 236 -6.53 44.93 4.61
N PHE E 237 -5.38 45.21 5.24
CA PHE E 237 -4.71 46.50 5.09
C PHE E 237 -3.33 46.35 4.45
N VAL E 238 -3.06 47.17 3.45
CA VAL E 238 -1.76 47.18 2.80
C VAL E 238 -1.18 48.56 3.06
N ASN E 239 0.10 48.62 3.40
CA ASN E 239 0.67 49.87 3.86
C ASN E 239 0.50 50.95 2.80
N THR E 240 0.07 52.12 3.26
CA THR E 240 -0.27 53.25 2.41
C THR E 240 -1.33 54.06 3.13
N HIS E 241 -1.78 55.14 2.51
CA HIS E 241 -2.88 55.93 3.05
C HIS E 241 -3.56 56.80 2.00
N TYR E 242 -4.74 57.29 2.31
CA TYR E 242 -5.43 58.19 1.39
C TYR E 242 -5.51 59.60 1.94
N SER E 243 -5.09 60.57 1.13
CA SER E 243 -5.14 61.96 1.53
C SER E 243 -4.87 62.17 3.00
N PRO E 244 -3.72 61.68 3.51
CA PRO E 244 -3.39 61.82 4.92
C PRO E 244 -2.89 63.18 5.40
N ASP E 245 -3.28 63.53 6.62
CA ASP E 245 -2.90 64.79 7.27
C ASP E 245 -1.87 64.42 8.36
N THR E 246 -0.60 64.76 8.13
CA THR E 246 0.47 64.46 9.09
C THR E 246 0.33 65.18 10.44
N GLN E 247 -0.08 66.45 10.38
CA GLN E 247 -0.28 67.31 11.55
C GLN E 247 -1.37 66.81 12.51
N ASN E 248 -2.50 66.38 11.96
CA ASN E 248 -3.63 65.92 12.76
C ASN E 248 -3.80 64.40 12.88
N ASN E 249 -2.91 63.62 12.27
CA ASN E 249 -3.03 62.16 12.33
C ASN E 249 -4.26 61.65 11.60
N ASN E 250 -4.72 62.39 10.60
CA ASN E 250 -5.90 62.00 9.80
C ASN E 250 -5.51 61.21 8.57
N GLY E 251 -6.28 60.16 8.26
CA GLY E 251 -5.98 59.34 7.09
C GLY E 251 -6.92 58.18 6.84
N VAL E 252 -6.85 57.65 5.64
CA VAL E 252 -7.72 56.55 5.29
C VAL E 252 -6.94 55.28 5.01
N PRO E 253 -7.12 54.29 5.87
CA PRO E 253 -6.43 53.00 5.69
C PRO E 253 -6.86 52.30 4.37
N ILE E 254 -5.95 51.59 3.71
CA ILE E 254 -6.27 50.90 2.47
C ILE E 254 -6.19 49.38 2.67
N PHE E 255 -7.25 48.65 2.33
CA PHE E 255 -7.27 47.21 2.51
C PHE E 255 -7.38 46.51 1.16
N ASP E 256 -6.75 45.34 1.03
CA ASP E 256 -6.81 44.57 -0.23
C ASP E 256 -8.12 43.90 -0.55
N VAL E 257 -8.90 43.53 0.46
CA VAL E 257 -10.20 42.91 0.20
C VAL E 257 -11.42 43.56 0.87
N ALA E 258 -12.49 43.70 0.09
CA ALA E 258 -13.75 44.29 0.53
C ALA E 258 -14.87 43.26 0.46
N SER E 259 -15.70 43.24 1.50
CA SER E 259 -16.79 42.29 1.64
C SER E 259 -18.16 42.92 1.93
N ALA E 260 -19.24 42.24 1.50
CA ALA E 260 -20.61 42.72 1.71
C ALA E 260 -21.54 41.58 2.16
N SER E 261 -22.74 41.96 2.58
CA SER E 261 -23.70 41.06 3.18
C SER E 261 -25.07 41.19 2.56
N GLN E 262 -26.08 40.69 3.25
CA GLN E 262 -27.45 40.71 2.78
C GLN E 262 -27.95 42.12 2.55
N SER E 263 -28.79 42.27 1.54
CA SER E 263 -29.41 43.55 1.15
C SER E 263 -28.57 44.34 0.16
N ASN E 264 -29.11 45.48 -0.25
CA ASN E 264 -28.50 46.29 -1.30
C ASN E 264 -27.21 47.00 -0.94
N PHE E 265 -26.41 47.28 -1.98
CA PHE E 265 -25.11 47.92 -1.81
C PHE E 265 -24.69 48.50 -3.15
N ALA E 266 -23.91 49.57 -3.10
CA ALA E 266 -23.44 50.23 -4.30
C ALA E 266 -21.92 50.17 -4.43
N VAL E 267 -21.45 50.48 -5.64
CA VAL E 267 -20.02 50.52 -5.92
C VAL E 267 -19.71 51.91 -6.54
N VAL E 268 -18.74 52.64 -6.00
CA VAL E 268 -18.41 53.97 -6.54
C VAL E 268 -17.05 53.92 -7.25
N ILE E 269 -17.04 54.19 -8.55
CA ILE E 269 -15.79 54.13 -9.28
C ILE E 269 -15.34 55.42 -9.92
N TRP E 270 -14.10 55.82 -9.63
CA TRP E 270 -13.57 57.04 -10.21
C TRP E 270 -12.29 56.99 -11.05
N CYS E 271 -12.47 56.95 -12.37
CA CYS E 271 -11.36 56.89 -13.32
C CYS E 271 -11.37 58.11 -14.23
N PRO E 272 -10.41 59.03 -14.02
CA PRO E 272 -10.26 60.28 -14.77
C PRO E 272 -10.09 60.10 -16.27
N ASN E 273 -9.67 58.91 -16.70
CA ASN E 273 -9.46 58.65 -18.13
C ASN E 273 -10.75 58.49 -18.96
N VAL E 274 -11.88 58.18 -18.32
CA VAL E 274 -13.17 58.00 -19.03
C VAL E 274 -13.83 59.31 -19.48
N ASN E 275 -14.09 59.43 -20.78
CA ASN E 275 -14.70 60.62 -21.37
C ASN E 275 -16.03 60.31 -22.05
N PRO E 276 -17.15 60.78 -21.47
CA PRO E 276 -18.50 60.58 -21.98
C PRO E 276 -18.74 61.09 -23.41
N ASN E 277 -18.06 62.15 -23.81
CA ASN E 277 -18.26 62.70 -25.16
C ASN E 277 -17.76 61.83 -26.30
N VAL E 278 -16.79 60.96 -26.03
CA VAL E 278 -16.24 60.07 -27.07
C VAL E 278 -16.48 58.57 -26.85
N MET E 279 -16.92 58.19 -25.65
CA MET E 279 -17.20 56.78 -25.33
C MET E 279 -18.71 56.50 -25.26
N GLN E 280 -19.18 55.53 -26.03
CA GLN E 280 -20.60 55.20 -26.04
C GLN E 280 -21.03 54.45 -24.77
N SER E 281 -20.15 53.57 -24.30
CA SER E 281 -20.39 52.74 -23.11
C SER E 281 -19.08 52.19 -22.52
N VAL E 282 -19.13 51.78 -21.26
CA VAL E 282 -17.97 51.17 -20.61
C VAL E 282 -18.43 49.87 -19.95
N ASP E 283 -17.46 49.12 -19.44
CA ASP E 283 -17.77 47.87 -18.78
C ASP E 283 -16.97 47.71 -17.52
N VAL E 284 -17.53 47.00 -16.54
CA VAL E 284 -16.86 46.75 -15.26
C VAL E 284 -16.70 45.26 -14.97
N LYS E 285 -15.58 44.88 -14.38
CA LYS E 285 -15.30 43.48 -14.08
C LYS E 285 -14.84 43.32 -12.65
N MET E 286 -15.41 42.34 -11.97
CA MET E 286 -15.06 42.06 -10.58
C MET E 286 -14.37 40.70 -10.47
N VAL E 287 -13.31 40.64 -9.67
CA VAL E 287 -12.59 39.39 -9.46
C VAL E 287 -12.74 38.96 -8.02
N PHE E 288 -13.35 37.80 -7.83
CA PHE E 288 -13.58 37.26 -6.49
C PHE E 288 -12.38 36.71 -5.78
N SER E 289 -12.52 36.49 -4.48
CA SER E 289 -11.43 35.91 -3.71
C SER E 289 -11.13 34.47 -4.16
N ASP E 290 -12.18 33.72 -4.48
CA ASP E 290 -12.05 32.35 -4.96
C ASP E 290 -11.52 32.25 -6.42
N GLY E 291 -11.45 33.38 -7.12
CA GLY E 291 -10.95 33.37 -8.48
C GLY E 291 -12.00 33.47 -9.59
N SER E 292 -13.28 33.28 -9.27
CA SER E 292 -14.33 33.39 -10.29
C SER E 292 -14.52 34.85 -10.66
N THR E 293 -15.21 35.13 -11.75
CA THR E 293 -15.44 36.54 -12.14
C THR E 293 -16.87 36.88 -12.54
N TRP E 294 -17.20 38.16 -12.45
CA TRP E 294 -18.54 38.65 -12.79
C TRP E 294 -18.44 39.99 -13.52
N GLU E 295 -19.30 40.20 -14.51
CA GLU E 295 -19.29 41.45 -15.28
C GLU E 295 -20.66 42.04 -15.53
N ALA E 296 -20.71 43.36 -15.61
CA ALA E 296 -21.95 44.12 -15.83
C ALA E 296 -21.76 45.16 -16.91
N SER E 297 -22.87 45.67 -17.45
CA SER E 297 -22.78 46.65 -18.52
C SER E 297 -23.40 47.99 -18.19
N VAL E 298 -22.64 49.06 -18.41
CA VAL E 298 -23.12 50.42 -18.11
C VAL E 298 -23.13 51.42 -19.27
N PRO E 299 -24.31 51.90 -19.72
CA PRO E 299 -24.32 52.87 -20.83
C PRO E 299 -23.84 54.20 -20.25
N LEU E 300 -23.16 54.98 -21.10
CA LEU E 300 -22.64 56.28 -20.70
C LEU E 300 -23.35 57.39 -21.45
N SER E 301 -23.79 57.08 -22.67
CA SER E 301 -24.48 58.06 -23.50
C SER E 301 -25.51 58.84 -22.70
N ILE E 302 -25.56 60.15 -22.92
CA ILE E 302 -26.52 61.00 -22.25
C ILE E 302 -27.91 60.37 -22.32
N THR E 303 -28.37 60.11 -23.53
CA THR E 303 -29.67 59.50 -23.75
C THR E 303 -30.11 59.63 -25.21
N VAL F 1 26.23 -24.24 23.46
CA VAL F 1 25.32 -24.61 22.34
C VAL F 1 24.01 -23.83 22.43
N SER F 2 24.00 -22.85 23.32
CA SER F 2 22.87 -21.97 23.57
C SER F 2 22.31 -21.31 22.29
N PRO F 3 23.16 -20.56 21.55
CA PRO F 3 22.62 -19.96 20.32
C PRO F 3 21.86 -20.95 19.39
N VAL F 4 22.42 -22.13 19.17
CA VAL F 4 21.77 -23.10 18.28
C VAL F 4 20.36 -23.51 18.66
N ILE F 5 20.11 -23.71 19.95
CA ILE F 5 18.79 -24.10 20.40
C ILE F 5 17.85 -22.91 20.41
N ALA F 6 18.36 -21.75 20.80
CA ALA F 6 17.56 -20.51 20.85
C ALA F 6 17.00 -20.16 19.48
N THR F 7 17.87 -20.10 18.48
CA THR F 7 17.44 -19.77 17.13
C THR F 7 16.32 -20.66 16.64
N LEU F 8 16.38 -21.97 16.93
CA LEU F 8 15.36 -22.92 16.47
C LEU F 8 13.97 -22.68 17.01
N LEU F 9 13.90 -22.39 18.30
CA LEU F 9 12.63 -22.11 18.87
C LEU F 9 12.03 -20.81 18.35
N LEU F 10 12.88 -19.84 18.02
CA LEU F 10 12.42 -18.54 17.50
C LEU F 10 11.83 -18.63 16.10
N ILE F 11 12.43 -19.48 15.26
CA ILE F 11 11.99 -19.74 13.87
C ILE F 11 10.59 -20.34 13.84
N LEU F 12 10.38 -21.34 14.68
CA LEU F 12 9.10 -22.01 14.76
C LEU F 12 7.98 -21.05 15.17
N ILE F 13 8.25 -20.17 16.15
CA ILE F 13 7.29 -19.21 16.69
C ILE F 13 6.77 -18.21 15.67
N ALA F 14 7.70 -17.64 14.89
CA ALA F 14 7.35 -16.67 13.85
C ALA F 14 6.54 -17.32 12.71
N VAL F 15 6.84 -18.58 12.36
CA VAL F 15 6.11 -19.30 11.31
C VAL F 15 4.66 -19.52 11.70
N ALA F 16 4.43 -19.93 12.94
CA ALA F 16 3.09 -20.19 13.49
C ALA F 16 2.21 -18.95 13.52
N ALA F 17 2.79 -17.82 13.91
CA ALA F 17 2.05 -16.55 13.96
C ALA F 17 1.68 -16.05 12.56
N ALA F 18 2.56 -16.25 11.57
CA ALA F 18 2.29 -15.81 10.20
C ALA F 18 1.11 -16.55 9.58
N VAL F 19 1.05 -17.85 9.82
CA VAL F 19 -0.04 -18.67 9.30
C VAL F 19 -1.34 -18.26 9.96
N LEU F 20 -1.28 -17.90 11.24
CA LEU F 20 -2.46 -17.48 11.95
C LEU F 20 -2.94 -16.14 11.39
N LEU F 21 -2.02 -15.29 10.95
CA LEU F 21 -2.40 -13.98 10.38
C LEU F 21 -3.22 -14.15 9.12
N TYR F 22 -2.81 -15.13 8.33
CA TYR F 22 -3.47 -15.43 7.06
C TYR F 22 -4.94 -15.81 7.26
N THR F 23 -5.19 -16.74 8.18
CA THR F 23 -6.55 -17.20 8.43
C THR F 23 -7.41 -16.05 8.89
N TRP F 24 -6.88 -15.23 9.76
CA TRP F 24 -7.62 -14.11 10.29
C TRP F 24 -7.91 -13.05 9.22
N VAL F 25 -6.94 -12.77 8.35
CA VAL F 25 -7.10 -11.78 7.30
C VAL F 25 -8.15 -12.21 6.31
N SER F 26 -8.02 -13.44 5.80
CA SER F 26 -8.97 -13.95 4.82
C SER F 26 -10.38 -14.11 5.39
N GLY F 27 -10.47 -14.49 6.67
CA GLY F 27 -11.77 -14.60 7.26
C GLY F 27 -12.34 -13.18 7.34
N LEU F 28 -11.51 -12.17 7.65
CA LEU F 28 -11.98 -10.78 7.77
C LEU F 28 -12.60 -10.28 6.46
N SER F 29 -12.00 -10.70 5.36
CA SER F 29 -12.51 -10.32 4.06
C SER F 29 -13.78 -11.14 3.74
N ALA F 30 -14.54 -10.71 2.72
CA ALA F 30 -15.76 -11.38 2.29
C ALA F 30 -16.75 -11.42 3.45
N ASN F 31 -16.55 -10.49 4.38
CA ASN F 31 -17.41 -10.38 5.53
C ASN F 31 -18.05 -8.98 5.51
N VAL F 32 -18.52 -8.54 4.35
CA VAL F 32 -19.21 -7.26 4.24
C VAL F 32 -20.52 -7.49 3.51
N ALA F 33 -21.61 -7.10 4.17
CA ALA F 33 -23.00 -7.26 3.71
C ALA F 33 -23.40 -6.33 2.58
N GLY F 34 -23.44 -5.03 2.86
CA GLY F 34 -23.82 -4.06 1.84
C GLY F 34 -25.32 -3.73 1.75
N THR F 35 -25.78 -3.46 0.53
CA THR F 35 -27.18 -3.08 0.30
C THR F 35 -27.72 -3.39 -1.11
N GLN F 36 -29.01 -3.18 -1.23
CA GLN F 36 -29.69 -3.37 -2.49
C GLN F 36 -30.08 -1.96 -2.85
N VAL F 37 -30.34 -1.77 -4.14
CA VAL F 37 -30.77 -0.48 -4.65
C VAL F 37 -32.22 -0.64 -5.05
N THR F 38 -33.07 0.11 -4.35
CA THR F 38 -34.51 0.09 -4.55
C THR F 38 -34.74 0.46 -5.99
N GLY F 39 -35.75 -0.16 -6.56
CA GLY F 39 -36.08 0.07 -7.93
C GLY F 39 -36.55 1.47 -8.12
N LYS F 40 -36.81 1.77 -9.39
CA LYS F 40 -37.27 3.07 -9.80
C LYS F 40 -38.59 3.23 -9.19
N SER F 41 -38.95 4.48 -8.94
CA SER F 41 -40.21 4.78 -8.34
C SER F 41 -41.35 4.11 -9.06
N LEU F 42 -42.28 3.71 -8.23
CA LEU F 42 -43.49 3.03 -8.61
C LEU F 42 -44.39 4.02 -9.32
N THR F 43 -44.92 3.64 -10.48
CA THR F 43 -45.83 4.53 -11.18
C THR F 43 -47.16 4.58 -10.41
N LEU F 44 -47.77 5.75 -10.42
CA LEU F 44 -48.99 5.96 -9.69
C LEU F 44 -50.18 5.63 -10.59
N ILE F 45 -50.88 4.55 -10.25
CA ILE F 45 -52.06 4.16 -11.03
C ILE F 45 -53.25 5.02 -10.65
N GLN F 46 -53.37 5.39 -9.39
CA GLN F 46 -54.47 6.25 -8.93
C GLN F 46 -54.23 6.76 -7.52
N ALA F 47 -54.88 7.86 -7.18
CA ALA F 47 -54.82 8.48 -5.86
C ALA F 47 -56.24 8.88 -5.66
N THR F 48 -56.83 8.41 -4.58
CA THR F 48 -58.21 8.77 -4.28
C THR F 48 -58.59 8.62 -2.79
N TRP F 49 -59.83 8.93 -2.45
CA TRP F 49 -60.26 8.87 -1.06
C TRP F 49 -61.76 8.72 -0.90
N ALA F 50 -62.19 8.08 0.20
CA ALA F 50 -63.62 7.90 0.50
C ALA F 50 -63.91 8.09 2.00
N ARG F 51 -65.21 8.17 2.33
CA ARG F 51 -65.62 8.38 3.72
C ARG F 51 -65.73 7.07 4.49
N PRO F 52 -65.06 6.99 5.66
CA PRO F 52 -65.08 5.79 6.52
C PRO F 52 -66.36 5.69 7.31
N ALA F 53 -66.56 4.53 7.92
CA ALA F 53 -67.74 4.30 8.72
C ALA F 53 -67.23 3.93 10.09
N THR F 54 -67.61 4.72 11.09
CA THR F 54 -67.21 4.39 12.48
C THR F 54 -68.39 3.76 13.23
N ASN F 55 -69.60 3.95 12.73
CA ASN F 55 -70.77 3.36 13.37
C ASN F 55 -71.19 2.13 12.61
N VAL F 56 -70.94 0.97 13.21
CA VAL F 56 -71.24 -0.32 12.59
C VAL F 56 -72.13 -1.14 13.47
N GLY F 57 -73.22 -1.62 12.88
CA GLY F 57 -74.16 -2.49 13.57
C GLY F 57 -74.04 -3.86 12.93
N THR F 58 -75.08 -4.67 13.04
CA THR F 58 -75.08 -6.01 12.41
C THR F 58 -75.48 -5.88 10.92
N THR F 59 -76.07 -4.72 10.59
CA THR F 59 -76.48 -4.32 9.22
C THR F 59 -76.11 -2.83 9.06
N ILE F 60 -75.71 -2.47 7.85
CA ILE F 60 -75.30 -1.13 7.52
C ILE F 60 -76.30 -0.34 6.64
N SER F 61 -76.57 0.89 7.04
CA SER F 61 -77.46 1.79 6.31
C SER F 61 -76.54 2.77 5.61
N LYS F 62 -77.11 3.70 4.85
CA LYS F 62 -76.25 4.64 4.16
C LYS F 62 -75.79 5.73 5.12
N ASP F 63 -76.51 5.88 6.22
CA ASP F 63 -76.20 6.85 7.26
C ASP F 63 -75.22 6.31 8.30
N SER F 64 -74.78 5.07 8.12
CA SER F 64 -73.79 4.51 9.04
C SER F 64 -72.39 5.03 8.68
N PHE F 65 -72.27 5.64 7.49
CA PHE F 65 -71.02 6.22 6.99
C PHE F 65 -70.93 7.67 7.38
N ASP F 66 -69.78 8.04 7.92
CA ASP F 66 -69.53 9.41 8.41
C ASP F 66 -69.25 10.49 7.38
N ARG F 67 -69.42 11.75 7.81
CA ARG F 67 -69.16 12.90 6.98
C ARG F 67 -68.03 13.71 7.59
N SER F 68 -67.28 14.36 6.72
CA SER F 68 -66.13 15.20 7.08
C SER F 68 -64.98 14.35 7.68
N LYS F 69 -64.86 13.12 7.18
CA LYS F 69 -63.82 12.19 7.59
C LYS F 69 -63.28 11.65 6.27
N ALA F 70 -62.02 11.23 6.25
CA ALA F 70 -61.44 10.73 5.00
C ALA F 70 -60.40 9.64 5.18
N VAL F 71 -60.34 8.71 4.24
CA VAL F 71 -59.35 7.62 4.26
C VAL F 71 -58.64 7.70 2.92
N LEU F 72 -57.32 7.73 2.93
CA LEU F 72 -56.56 7.85 1.69
C LEU F 72 -56.19 6.53 0.96
N ILE F 73 -56.43 6.46 -0.35
CA ILE F 73 -56.07 5.25 -1.12
C ILE F 73 -55.06 5.51 -2.23
N LEU F 74 -54.10 4.60 -2.36
CA LEU F 74 -53.05 4.76 -3.35
C LEU F 74 -52.71 3.48 -4.07
N SER F 75 -52.59 3.56 -5.39
CA SER F 75 -52.22 2.38 -6.17
C SER F 75 -50.88 2.56 -6.90
N PHE F 76 -49.94 1.66 -6.61
CA PHE F 76 -48.61 1.68 -7.22
C PHE F 76 -48.27 0.42 -8.03
N GLN F 77 -47.60 0.62 -9.16
CA GLN F 77 -47.15 -0.46 -10.08
C GLN F 77 -45.62 -0.39 -10.27
N PRO F 78 -44.90 -1.28 -9.63
CA PRO F 78 -43.44 -1.30 -9.72
C PRO F 78 -43.07 -1.73 -11.13
N PRO F 79 -41.89 -1.22 -11.63
CA PRO F 79 -41.54 -1.72 -12.96
C PRO F 79 -40.51 -2.81 -12.82
N ALA F 80 -40.75 -3.94 -13.44
CA ALA F 80 -39.97 -5.15 -13.18
C ALA F 80 -38.49 -5.05 -13.54
N GLN F 81 -38.19 -4.39 -14.65
CA GLN F 81 -36.89 -4.50 -15.31
C GLN F 81 -35.83 -3.47 -14.94
N VAL F 82 -36.08 -2.69 -13.89
CA VAL F 82 -35.21 -1.58 -13.54
C VAL F 82 -33.77 -2.01 -13.27
N LEU F 83 -32.84 -1.27 -13.88
CA LEU F 83 -31.38 -1.48 -13.78
C LEU F 83 -30.89 -2.72 -13.05
N GLN F 84 -30.66 -2.57 -11.74
CA GLN F 84 -30.35 -3.69 -10.88
C GLN F 84 -31.46 -3.87 -9.86
N GLY F 85 -32.54 -3.13 -10.07
CA GLY F 85 -33.56 -2.98 -9.06
C GLY F 85 -33.98 -4.28 -8.40
N GLY F 86 -34.20 -4.18 -7.09
CA GLY F 86 -34.63 -5.31 -6.28
C GLY F 86 -36.04 -5.76 -6.52
N GLN F 87 -36.26 -7.06 -6.34
CA GLN F 87 -37.58 -7.67 -6.51
C GLN F 87 -38.59 -7.15 -5.50
N ALA F 88 -38.16 -6.93 -4.26
CA ALA F 88 -39.06 -6.55 -3.18
C ALA F 88 -38.79 -5.16 -2.63
N ILE F 89 -39.85 -4.38 -2.45
CA ILE F 89 -39.75 -3.00 -1.95
C ILE F 89 -40.20 -2.91 -0.49
N THR F 90 -39.37 -2.32 0.36
CA THR F 90 -39.69 -2.28 1.81
C THR F 90 -39.88 -0.87 2.36
N ILE F 91 -40.87 -0.69 3.22
CA ILE F 91 -41.17 0.59 3.80
C ILE F 91 -41.12 0.62 5.32
N ASP F 92 -40.18 1.39 5.89
CA ASP F 92 -40.13 1.49 7.34
C ASP F 92 -41.05 2.59 7.87
N ALA F 93 -41.21 3.71 7.14
CA ALA F 93 -42.06 4.81 7.64
C ALA F 93 -42.88 5.57 6.58
N ILE F 94 -44.17 5.79 6.88
CA ILE F 94 -45.09 6.50 5.99
C ILE F 94 -45.55 7.79 6.68
N ASP F 95 -45.57 8.89 5.93
CA ASP F 95 -45.94 10.19 6.52
C ASP F 95 -46.92 11.01 5.74
N VAL F 96 -47.74 11.80 6.45
CA VAL F 96 -48.71 12.66 5.80
C VAL F 96 -48.35 14.13 6.08
N LEU F 97 -48.11 14.89 5.02
CA LEU F 97 -47.71 16.32 5.09
C LEU F 97 -48.67 17.31 4.47
N TYR F 98 -48.73 18.48 5.09
CA TYR F 98 -49.61 19.52 4.60
C TYR F 98 -48.95 20.84 4.89
N GLN F 99 -48.64 21.57 3.81
CA GLN F 99 -47.94 22.88 3.87
C GLN F 99 -46.47 22.69 4.26
N GLY F 100 -45.93 21.51 3.95
CA GLY F 100 -44.54 21.21 4.30
C GLY F 100 -44.35 20.80 5.77
N ARG F 101 -45.45 20.61 6.52
CA ARG F 101 -45.40 20.19 7.93
C ARG F 101 -46.02 18.80 8.05
N VAL F 102 -45.65 18.09 9.10
CA VAL F 102 -46.16 16.75 9.29
C VAL F 102 -47.43 16.61 10.10
N VAL F 103 -48.50 16.17 9.45
CA VAL F 103 -49.78 15.97 10.12
C VAL F 103 -49.72 14.76 11.05
N CYS F 104 -49.17 13.64 10.59
CA CYS F 104 -49.03 12.41 11.40
C CYS F 104 -47.87 11.53 10.89
N HIS F 105 -47.35 10.68 11.75
CA HIS F 105 -46.22 9.82 11.39
C HIS F 105 -46.47 8.37 11.75
N TYR F 106 -46.20 7.46 10.82
CA TYR F 106 -46.38 6.02 11.09
C TYR F 106 -45.04 5.32 10.94
N ASP F 107 -44.56 4.68 12.00
CA ASP F 107 -43.26 3.99 11.93
C ASP F 107 -43.30 2.50 11.77
N SER F 108 -44.49 1.98 12.08
CA SER F 108 -44.83 0.55 12.05
C SER F 108 -46.24 0.37 11.44
N PHE F 109 -46.65 -0.88 11.23
CA PHE F 109 -47.96 -1.18 10.63
C PHE F 109 -48.67 -2.38 11.22
N PRO F 110 -50.01 -2.36 11.21
CA PRO F 110 -50.77 -3.49 11.74
C PRO F 110 -50.73 -4.61 10.68
N MET F 111 -50.69 -5.88 11.08
CA MET F 111 -50.64 -7.01 10.12
C MET F 111 -51.87 -7.02 9.20
N THR F 112 -51.65 -7.31 7.94
CA THR F 112 -52.75 -7.37 7.00
C THR F 112 -53.32 -8.76 6.86
N ALA F 113 -54.62 -8.82 6.58
CA ALA F 113 -55.31 -10.10 6.43
C ALA F 113 -54.71 -11.00 5.37
N ASP F 114 -54.36 -10.40 4.24
CA ASP F 114 -53.77 -11.15 3.15
C ASP F 114 -52.28 -11.38 3.43
N ASP F 115 -52.01 -12.30 4.35
CA ASP F 115 -50.65 -12.66 4.72
C ASP F 115 -50.73 -14.07 5.25
N LYS F 116 -50.48 -15.02 4.36
CA LYS F 116 -50.56 -16.42 4.69
C LYS F 116 -49.56 -16.88 5.74
N TYR F 117 -48.35 -16.34 5.68
CA TYR F 117 -47.31 -16.71 6.62
C TYR F 117 -47.65 -16.49 8.08
N HIS F 118 -48.11 -15.27 8.40
CA HIS F 118 -48.45 -14.90 9.76
C HIS F 118 -49.91 -15.07 10.20
N ILE F 119 -50.80 -15.43 9.27
CA ILE F 119 -52.21 -15.60 9.57
C ILE F 119 -52.57 -16.70 10.57
N GLY F 120 -51.97 -17.89 10.45
CA GLY F 120 -52.31 -18.95 11.39
C GLY F 120 -51.32 -19.19 12.50
N GLN F 121 -50.85 -18.11 13.11
CA GLN F 121 -49.89 -18.22 14.20
C GLN F 121 -50.32 -17.47 15.42
N THR F 122 -49.71 -17.83 16.55
CA THR F 122 -49.97 -17.17 17.82
C THR F 122 -48.81 -16.28 18.23
N ILE F 123 -49.04 -14.98 18.23
CA ILE F 123 -47.99 -14.04 18.57
C ILE F 123 -48.24 -13.23 19.82
N GLY F 124 -47.35 -13.41 20.79
CA GLY F 124 -47.51 -12.71 22.04
C GLY F 124 -48.77 -13.16 22.77
N GLY F 125 -49.06 -14.47 22.74
CA GLY F 125 -50.23 -14.98 23.44
C GLY F 125 -51.62 -14.81 22.83
N LEU F 126 -51.69 -14.16 21.68
CA LEU F 126 -52.96 -13.93 20.99
C LEU F 126 -52.82 -14.38 19.53
N THR F 127 -53.77 -15.17 19.05
CA THR F 127 -53.73 -15.63 17.66
C THR F 127 -53.76 -14.43 16.71
N ALA F 128 -53.32 -14.63 15.48
CA ALA F 128 -53.25 -13.53 14.53
C ALA F 128 -54.40 -13.35 13.56
N PHE F 129 -54.90 -12.13 13.50
CA PHE F 129 -55.95 -11.80 12.58
C PHE F 129 -55.54 -10.53 11.87
N GLY F 130 -55.87 -10.45 10.59
CA GLY F 130 -55.53 -9.28 9.82
C GLY F 130 -56.71 -8.38 9.60
N LEU F 131 -56.44 -7.40 8.76
CA LEU F 131 -57.41 -6.42 8.41
C LEU F 131 -58.20 -6.72 7.11
N VAL F 132 -59.50 -6.50 7.16
CA VAL F 132 -60.35 -6.74 6.01
C VAL F 132 -61.19 -5.54 5.57
N PHE F 133 -61.22 -5.31 4.24
CA PHE F 133 -61.96 -4.20 3.57
C PHE F 133 -63.06 -4.62 2.58
N TRP F 134 -64.33 -4.27 2.85
CA TRP F 134 -65.46 -4.67 1.99
C TRP F 134 -66.18 -3.64 1.10
N SER F 196 -66.19 -0.12 13.00
CA SER F 196 -64.90 -0.59 13.47
C SER F 196 -63.80 0.51 13.37
N PHE F 197 -64.13 1.78 13.07
CA PHE F 197 -63.06 2.81 13.01
C PHE F 197 -63.09 3.74 14.21
N ASP F 198 -61.95 3.92 14.87
CA ASP F 198 -61.88 4.78 16.05
C ASP F 198 -60.91 5.95 15.81
N ASP F 199 -61.30 7.17 16.19
CA ASP F 199 -60.47 8.36 16.01
C ASP F 199 -59.21 8.41 16.87
N GLN F 200 -59.21 7.61 17.93
CA GLN F 200 -58.08 7.52 18.86
C GLN F 200 -56.99 6.57 18.37
N TYR F 201 -57.27 5.81 17.30
CA TYR F 201 -56.30 4.83 16.79
C TYR F 201 -56.02 4.93 15.29
N PRO F 202 -55.21 5.91 14.89
CA PRO F 202 -54.87 6.08 13.48
C PRO F 202 -53.89 4.98 13.02
N PHE F 203 -53.95 4.60 11.74
CA PHE F 203 -53.05 3.57 11.25
C PHE F 203 -52.92 3.55 9.73
N ALA F 204 -51.85 2.91 9.28
CA ALA F 204 -51.53 2.72 7.86
C ALA F 204 -51.17 1.23 7.62
N THR F 205 -51.28 0.77 6.37
CA THR F 205 -50.98 -0.62 6.05
C THR F 205 -51.00 -0.92 4.54
N ILE F 206 -50.38 -2.05 4.16
CA ILE F 206 -50.27 -2.50 2.75
C ILE F 206 -51.26 -3.62 2.36
N LEU F 207 -52.06 -3.43 1.31
CA LEU F 207 -52.99 -4.49 0.86
C LEU F 207 -52.92 -4.65 -0.67
N ALA F 208 -52.93 -5.90 -1.15
CA ALA F 208 -52.87 -6.17 -2.58
C ALA F 208 -54.18 -6.01 -3.32
N GLY F 209 -54.33 -4.85 -3.97
CA GLY F 209 -55.52 -4.55 -4.76
C GLY F 209 -55.66 -3.14 -5.33
N THR F 210 -56.84 -2.84 -5.89
CA THR F 210 -57.13 -1.50 -6.43
C THR F 210 -58.56 -1.07 -6.09
N TRP F 211 -58.83 0.22 -6.21
CA TRP F 211 -60.13 0.76 -5.90
C TRP F 211 -60.94 1.13 -7.14
N GLU F 212 -62.21 0.73 -7.18
CA GLU F 212 -63.12 1.03 -8.32
C GLU F 212 -64.35 1.81 -7.90
N VAL F 213 -64.73 2.76 -8.73
CA VAL F 213 -65.89 3.61 -8.48
C VAL F 213 -66.93 3.42 -9.59
N ASN F 214 -68.20 3.23 -9.21
CA ASN F 214 -69.31 3.02 -10.15
C ASN F 214 -70.43 4.03 -9.87
N TYR F 215 -70.92 4.70 -10.91
CA TYR F 215 -71.97 5.68 -10.72
C TYR F 215 -73.40 5.22 -10.95
N VAL F 216 -74.22 5.11 -9.91
CA VAL F 216 -75.63 4.69 -10.05
C VAL F 216 -76.42 5.88 -10.63
N SER F 217 -76.23 7.04 -10.04
CA SER F 217 -76.90 8.26 -10.47
C SER F 217 -75.88 9.40 -10.57
N THR F 218 -76.36 10.63 -10.84
CA THR F 218 -75.49 11.82 -10.98
C THR F 218 -74.68 12.13 -9.73
N ASN F 219 -75.26 11.93 -8.56
CA ASN F 219 -74.56 12.22 -7.31
C ASN F 219 -74.34 11.03 -6.35
N TYR F 220 -74.69 9.83 -6.81
CA TYR F 220 -74.54 8.64 -5.96
C TYR F 220 -73.67 7.61 -6.62
N VAL F 221 -72.91 6.91 -5.79
CA VAL F 221 -72.00 5.89 -6.31
C VAL F 221 -71.97 4.57 -5.56
N GLU F 222 -71.43 3.55 -6.20
CA GLU F 222 -71.25 2.24 -5.56
C GLU F 222 -69.72 1.97 -5.66
N THR F 223 -69.12 1.34 -4.67
CA THR F 223 -67.68 1.08 -4.66
C THR F 223 -67.18 -0.35 -4.38
N ASN F 224 -66.32 -0.87 -5.26
CA ASN F 224 -65.84 -2.22 -5.08
C ASN F 224 -64.33 -2.35 -4.96
N PHE F 225 -63.86 -3.11 -3.97
CA PHE F 225 -62.41 -3.32 -3.77
C PHE F 225 -62.03 -4.73 -4.23
N ARG F 226 -61.09 -4.75 -5.18
CA ARG F 226 -60.63 -5.97 -5.85
C ARG F 226 -59.19 -6.49 -5.59
N ASN F 227 -58.97 -7.82 -5.60
CA ASN F 227 -57.62 -8.42 -5.40
C ASN F 227 -56.76 -8.24 -6.65
N THR F 228 -55.44 -8.20 -6.49
CA THR F 228 -54.51 -7.97 -7.62
C THR F 228 -53.47 -9.05 -7.86
N SER F 229 -53.47 -10.07 -7.02
CA SER F 229 -52.54 -11.17 -7.19
C SER F 229 -51.10 -10.75 -6.97
N ALA F 230 -50.87 -9.99 -5.91
CA ALA F 230 -49.50 -9.56 -5.57
C ALA F 230 -49.08 -10.10 -4.18
N VAL F 231 -47.78 -10.15 -3.91
CA VAL F 231 -47.29 -10.67 -2.63
C VAL F 231 -47.16 -9.66 -1.49
N ILE F 232 -47.49 -10.07 -0.27
CA ILE F 232 -47.35 -9.19 0.87
C ILE F 232 -46.74 -9.94 2.05
N LYS F 233 -45.70 -9.35 2.59
CA LYS F 233 -45.01 -9.91 3.74
C LYS F 233 -44.70 -8.82 4.78
N PHE F 234 -44.44 -9.25 6.01
CA PHE F 234 -44.11 -8.30 7.08
C PHE F 234 -42.72 -8.54 7.68
N ASP F 235 -41.90 -7.49 7.69
CA ASP F 235 -40.52 -7.59 8.15
C ASP F 235 -40.31 -7.91 9.64
N ARG F 236 -41.04 -7.24 10.53
CA ARG F 236 -40.79 -7.35 11.97
C ARG F 236 -42.02 -7.12 12.86
N PHE F 237 -41.92 -7.59 14.11
CA PHE F 237 -42.94 -7.36 15.12
C PHE F 237 -42.41 -6.56 16.31
N VAL F 238 -43.13 -5.53 16.69
CA VAL F 238 -42.77 -4.73 17.85
C VAL F 238 -43.90 -4.90 18.85
N ASN F 239 -43.56 -5.09 20.12
CA ASN F 239 -44.57 -5.47 21.09
C ASN F 239 -45.67 -4.43 21.13
N THR F 240 -46.90 -4.92 21.14
CA THR F 240 -48.11 -4.11 21.07
C THR F 240 -49.18 -4.95 20.39
N HIS F 241 -50.37 -4.38 20.22
CA HIS F 241 -51.43 -5.05 19.48
C HIS F 241 -52.50 -4.07 18.99
N TYR F 242 -53.32 -4.53 18.05
CA TYR F 242 -54.41 -3.69 17.57
C TYR F 242 -55.76 -4.24 17.99
N SER F 243 -56.57 -3.38 18.58
CA SER F 243 -57.92 -3.77 19.00
C SER F 243 -57.98 -5.21 19.50
N PRO F 244 -57.15 -5.56 20.50
CA PRO F 244 -57.14 -6.93 21.02
C PRO F 244 -58.27 -7.33 21.95
N ASP F 245 -58.69 -8.59 21.83
CA ASP F 245 -59.75 -9.18 22.65
C ASP F 245 -59.05 -10.14 23.65
N THR F 246 -59.00 -9.76 24.92
CA THR F 246 -58.36 -10.57 25.96
C THR F 246 -59.04 -11.93 26.21
N GLN F 247 -60.38 -11.91 26.18
CA GLN F 247 -61.24 -13.10 26.40
C GLN F 247 -61.06 -14.18 25.33
N ASN F 248 -61.00 -13.78 24.07
CA ASN F 248 -60.88 -14.71 22.97
C ASN F 248 -59.49 -14.86 22.34
N ASN F 249 -58.49 -14.15 22.88
CA ASN F 249 -57.14 -14.24 22.33
C ASN F 249 -57.04 -13.66 20.93
N ASN F 250 -57.92 -12.72 20.60
CA ASN F 250 -57.93 -12.08 19.28
C ASN F 250 -57.09 -10.80 19.25
N GLY F 251 -56.34 -10.60 18.17
CA GLY F 251 -55.50 -9.42 18.07
C GLY F 251 -54.69 -9.30 16.80
N VAL F 252 -54.20 -8.10 16.56
CA VAL F 252 -53.43 -7.86 15.37
C VAL F 252 -51.99 -7.50 15.68
N PRO F 253 -51.07 -8.37 15.31
CA PRO F 253 -49.64 -8.11 15.55
C PRO F 253 -49.14 -6.86 14.77
N ILE F 254 -48.22 -6.11 15.34
CA ILE F 254 -47.69 -4.92 14.67
C ILE F 254 -46.21 -5.12 14.32
N PHE F 255 -45.86 -4.91 13.05
CA PHE F 255 -44.48 -5.10 12.61
C PHE F 255 -43.89 -3.78 12.15
N ASP F 256 -42.58 -3.58 12.36
CA ASP F 256 -41.92 -2.34 11.93
C ASP F 256 -41.68 -2.19 10.44
N VAL F 257 -41.53 -3.30 9.71
CA VAL F 257 -41.35 -3.19 8.26
C VAL F 257 -42.31 -4.00 7.39
N ALA F 258 -42.79 -3.35 6.33
CA ALA F 258 -43.73 -3.94 5.37
C ALA F 258 -43.09 -4.01 3.99
N SER F 259 -43.29 -5.14 3.32
CA SER F 259 -42.71 -5.41 2.01
C SER F 259 -43.71 -5.86 0.94
N ALA F 260 -43.40 -5.59 -0.33
CA ALA F 260 -44.28 -5.96 -1.45
C ALA F 260 -43.46 -6.52 -2.63
N SER F 261 -44.17 -7.07 -3.60
CA SER F 261 -43.59 -7.80 -4.71
C SER F 261 -44.15 -7.33 -6.04
N GLN F 262 -43.96 -8.16 -7.06
CA GLN F 262 -44.40 -7.85 -8.41
C GLN F 262 -45.92 -7.68 -8.48
N SER F 263 -46.34 -6.77 -9.36
CA SER F 263 -47.75 -6.45 -9.59
C SER F 263 -48.28 -5.37 -8.68
N ASN F 264 -49.54 -5.01 -8.88
CA ASN F 264 -50.16 -3.88 -8.19
C ASN F 264 -50.43 -4.08 -6.71
N PHE F 265 -50.49 -2.96 -5.98
CA PHE F 265 -50.70 -2.97 -4.54
C PHE F 265 -51.18 -1.57 -4.12
N ALA F 266 -51.95 -1.53 -3.05
CA ALA F 266 -52.48 -0.27 -2.55
C ALA F 266 -51.96 0.04 -1.15
N VAL F 267 -52.14 1.29 -0.74
CA VAL F 267 -51.76 1.75 0.59
C VAL F 267 -53.00 2.41 1.23
N VAL F 268 -53.39 1.99 2.44
CA VAL F 268 -54.57 2.59 3.08
C VAL F 268 -54.14 3.46 4.27
N ILE F 269 -54.43 4.75 4.22
CA ILE F 269 -54.00 5.63 5.29
C ILE F 269 -55.12 6.31 6.03
N TRP F 270 -55.12 6.18 7.36
CA TRP F 270 -56.14 6.82 8.17
C TRP F 270 -55.73 7.81 9.27
N CYS F 271 -55.78 9.11 8.93
CA CYS F 271 -55.42 10.18 9.85
C CYS F 271 -56.61 11.09 10.10
N PRO F 272 -57.18 11.01 11.32
CA PRO F 272 -58.35 11.78 11.75
C PRO F 272 -58.18 13.29 11.68
N ASN F 273 -56.93 13.76 11.66
CA ASN F 273 -56.66 15.20 11.61
C ASN F 273 -56.93 15.86 10.25
N VAL F 274 -56.95 15.09 9.16
CA VAL F 274 -57.20 15.64 7.80
C VAL F 274 -58.67 16.02 7.53
N ASN F 275 -58.90 17.28 7.17
CA ASN F 275 -60.24 17.79 6.88
C ASN F 275 -60.36 18.31 5.45
N PRO F 276 -61.12 17.61 4.62
CA PRO F 276 -61.36 17.94 3.21
C PRO F 276 -61.97 19.34 2.97
N ASN F 277 -62.78 19.83 3.89
CA ASN F 277 -63.41 21.14 3.71
C ASN F 277 -62.46 22.33 3.78
N VAL F 278 -61.32 22.17 4.46
CA VAL F 278 -60.34 23.26 4.58
C VAL F 278 -58.97 23.01 3.93
N MET F 279 -58.73 21.76 3.53
CA MET F 279 -57.45 21.40 2.89
C MET F 279 -57.64 21.14 1.38
N GLN F 280 -56.89 21.85 0.55
CA GLN F 280 -57.00 21.68 -0.90
C GLN F 280 -56.38 20.37 -1.37
N SER F 281 -55.25 20.00 -0.76
CA SER F 281 -54.51 18.80 -1.10
C SER F 281 -53.56 18.35 0.03
N VAL F 282 -53.15 17.09 0.01
CA VAL F 282 -52.20 16.58 1.00
C VAL F 282 -51.08 15.86 0.26
N ASP F 283 -50.06 15.47 0.99
CA ASP F 283 -48.94 14.77 0.39
C ASP F 283 -48.51 13.61 1.26
N VAL F 284 -47.97 12.56 0.62
CA VAL F 284 -47.49 11.37 1.33
C VAL F 284 -46.01 11.10 1.06
N LYS F 285 -45.29 10.65 2.08
CA LYS F 285 -43.87 10.37 1.94
C LYS F 285 -43.54 9.00 2.50
N MET F 286 -42.74 8.25 1.74
CA MET F 286 -42.33 6.92 2.15
C MET F 286 -40.83 6.87 2.39
N VAL F 287 -40.42 6.22 3.47
CA VAL F 287 -39.01 6.09 3.81
C VAL F 287 -38.60 4.64 3.69
N PHE F 288 -37.67 4.36 2.79
CA PHE F 288 -37.18 3.01 2.57
C PHE F 288 -36.28 2.45 3.61
N SER F 289 -36.08 1.13 3.57
CA SER F 289 -35.17 0.49 4.52
C SER F 289 -33.72 0.96 4.30
N ASP F 290 -33.34 1.16 3.03
CA ASP F 290 -32.00 1.63 2.69
C ASP F 290 -31.79 3.15 3.00
N GLY F 291 -32.86 3.85 3.31
CA GLY F 291 -32.75 5.26 3.62
C GLY F 291 -33.20 6.24 2.54
N SER F 292 -33.39 5.78 1.31
CA SER F 292 -33.85 6.66 0.23
C SER F 292 -35.31 7.01 0.45
N THR F 293 -35.82 8.02 -0.25
CA THR F 293 -37.24 8.38 -0.08
C THR F 293 -38.00 8.61 -1.37
N TRP F 294 -39.33 8.50 -1.29
CA TRP F 294 -40.21 8.66 -2.44
C TRP F 294 -41.47 9.42 -2.02
N GLU F 295 -41.97 10.29 -2.89
CA GLU F 295 -43.18 11.06 -2.59
C GLU F 295 -44.16 11.16 -3.73
N ALA F 296 -45.45 11.23 -3.38
CA ALA F 296 -46.54 11.31 -4.36
C ALA F 296 -47.52 12.40 -3.98
N SER F 297 -48.35 12.82 -4.93
CA SER F 297 -49.29 13.90 -4.68
C SER F 297 -50.74 13.50 -4.81
N VAL F 298 -51.53 13.82 -3.80
CA VAL F 298 -52.97 13.47 -3.81
C VAL F 298 -53.96 14.63 -3.64
N PRO F 299 -54.79 14.94 -4.67
CA PRO F 299 -55.76 16.05 -4.50
C PRO F 299 -56.86 15.55 -3.58
N LEU F 300 -57.42 16.47 -2.81
CA LEU F 300 -58.48 16.14 -1.86
C LEU F 300 -59.79 16.82 -2.28
N SER F 301 -59.66 17.96 -2.94
CA SER F 301 -60.82 18.71 -3.40
C SER F 301 -61.86 17.80 -4.04
N ILE F 302 -63.12 18.02 -3.70
CA ILE F 302 -64.21 17.24 -4.28
C ILE F 302 -64.03 17.14 -5.79
N THR F 303 -63.96 18.29 -6.44
CA THR F 303 -63.78 18.34 -7.89
C THR F 303 -64.08 19.73 -8.43
N VAL G 1 34.36 -22.35 24.97
CA VAL G 1 34.40 -21.34 23.86
C VAL G 1 33.27 -21.58 22.87
N SER G 2 32.36 -22.46 23.26
CA SER G 2 31.18 -22.84 22.50
C SER G 2 30.35 -21.63 22.02
N PRO G 3 29.87 -20.79 22.96
CA PRO G 3 29.08 -19.63 22.49
C PRO G 3 29.77 -18.82 21.38
N VAL G 4 31.07 -18.53 21.51
CA VAL G 4 31.76 -17.73 20.50
C VAL G 4 31.75 -18.28 19.09
N ILE G 5 31.90 -19.59 18.93
CA ILE G 5 31.88 -20.21 17.62
C ILE G 5 30.46 -20.31 17.09
N ALA G 6 29.52 -20.62 17.98
CA ALA G 6 28.11 -20.77 17.61
C ALA G 6 27.55 -19.48 17.01
N THR G 7 27.73 -18.38 17.75
CA THR G 7 27.25 -17.10 17.29
C THR G 7 27.75 -16.74 15.89
N LEU G 8 29.01 -17.03 15.59
CA LEU G 8 29.60 -16.71 14.29
C LEU G 8 28.96 -17.41 13.11
N LEU G 9 28.71 -18.69 13.28
CA LEU G 9 28.07 -19.42 12.22
C LEU G 9 26.64 -18.95 11.99
N LEU G 10 25.96 -18.53 13.05
CA LEU G 10 24.55 -18.06 12.95
C LEU G 10 24.43 -16.73 12.20
N ILE G 11 25.40 -15.83 12.41
CA ILE G 11 25.46 -14.51 11.75
C ILE G 11 25.62 -14.66 10.24
N LEU G 12 26.54 -15.53 9.84
CA LEU G 12 26.78 -15.76 8.44
C LEU G 12 25.54 -16.29 7.72
N ILE G 13 24.82 -17.23 8.36
CA ILE G 13 23.63 -17.87 7.81
C ILE G 13 22.48 -16.91 7.50
N ALA G 14 22.20 -16.03 8.46
CA ALA G 14 21.13 -15.03 8.31
C ALA G 14 21.48 -13.99 7.21
N VAL G 15 22.75 -13.63 7.07
CA VAL G 15 23.19 -12.67 6.03
C VAL G 15 22.96 -13.23 4.64
N ALA G 16 23.33 -14.50 4.45
CA ALA G 16 23.18 -15.21 3.17
C ALA G 16 21.73 -15.33 2.71
N ALA G 17 20.84 -15.65 3.65
CA ALA G 17 19.43 -15.78 3.34
C ALA G 17 18.79 -14.43 2.98
N ALA G 18 19.21 -13.35 3.63
CA ALA G 18 18.67 -12.01 3.35
C ALA G 18 19.00 -11.55 1.95
N VAL G 19 20.23 -11.81 1.52
CA VAL G 19 20.66 -11.42 0.18
C VAL G 19 19.89 -12.23 -0.85
N LEU G 20 19.61 -13.49 -0.53
CA LEU G 20 18.88 -14.33 -1.44
C LEU G 20 17.44 -13.83 -1.55
N LEU G 21 16.88 -13.28 -0.47
CA LEU G 21 15.51 -12.76 -0.50
C LEU G 21 15.38 -11.60 -1.47
N TYR G 22 16.42 -10.78 -1.48
CA TYR G 22 16.46 -9.60 -2.34
C TYR G 22 16.39 -9.97 -3.82
N THR G 23 17.22 -10.91 -4.23
CA THR G 23 17.26 -11.34 -5.62
C THR G 23 15.92 -11.89 -6.04
N TRP G 24 15.33 -12.69 -5.19
CA TRP G 24 14.04 -13.28 -5.48
C TRP G 24 12.91 -12.25 -5.57
N VAL G 25 12.92 -11.27 -4.66
CA VAL G 25 11.89 -10.24 -4.64
C VAL G 25 11.96 -9.40 -5.88
N SER G 26 13.15 -8.88 -6.18
CA SER G 26 13.32 -8.03 -7.35
C SER G 26 13.07 -8.76 -8.66
N GLY G 27 13.44 -10.03 -8.71
CA GLY G 27 13.17 -10.78 -9.91
C GLY G 27 11.63 -10.93 -10.00
N LEU G 28 10.95 -11.14 -8.88
CA LEU G 28 9.47 -11.30 -8.89
C LEU G 28 8.77 -10.07 -9.47
N SER G 29 9.32 -8.91 -9.17
CA SER G 29 8.77 -7.67 -9.68
C SER G 29 9.15 -7.52 -11.17
N ALA G 30 8.48 -6.60 -11.87
CA ALA G 30 8.73 -6.32 -13.28
C ALA G 30 8.51 -7.59 -14.09
N ASN G 31 7.72 -8.47 -13.51
CA ASN G 31 7.38 -9.73 -14.16
C ASN G 31 5.86 -9.78 -14.34
N VAL G 32 5.26 -8.67 -14.78
CA VAL G 32 3.82 -8.64 -15.05
C VAL G 32 3.63 -8.07 -16.46
N ALA G 33 2.94 -8.88 -17.29
CA ALA G 33 2.66 -8.58 -18.70
C ALA G 33 1.61 -7.50 -18.93
N GLY G 34 0.38 -7.78 -18.53
CA GLY G 34 -0.69 -6.80 -18.72
C GLY G 34 -1.46 -6.89 -20.04
N THR G 35 -1.90 -5.73 -20.54
CA THR G 35 -2.69 -5.67 -21.78
C THR G 35 -2.60 -4.34 -22.55
N GLN G 36 -3.20 -4.38 -23.72
CA GLN G 36 -3.27 -3.21 -24.56
C GLN G 36 -4.74 -2.88 -24.54
N VAL G 37 -5.04 -1.64 -24.89
CA VAL G 37 -6.41 -1.17 -24.96
C VAL G 37 -6.71 -0.96 -26.43
N THR G 38 -7.66 -1.75 -26.92
CA THR G 38 -8.08 -1.71 -28.31
C THR G 38 -8.55 -0.31 -28.58
N GLY G 39 -8.28 0.12 -29.81
CA GLY G 39 -8.64 1.45 -30.20
C GLY G 39 -10.13 1.59 -30.23
N LYS G 40 -10.53 2.82 -30.53
CA LYS G 40 -11.93 3.17 -30.62
C LYS G 40 -12.45 2.41 -31.76
N SER G 41 -13.75 2.13 -31.68
CA SER G 41 -14.40 1.37 -32.72
C SER G 41 -14.13 1.96 -34.08
N LEU G 42 -14.00 1.02 -34.98
CA LEU G 42 -13.73 1.25 -36.38
C LEU G 42 -14.97 1.85 -37.01
N THR G 43 -14.80 2.93 -37.76
CA THR G 43 -15.95 3.52 -38.44
C THR G 43 -16.37 2.60 -39.59
N LEU G 44 -17.67 2.53 -39.81
CA LEU G 44 -18.23 1.67 -40.81
C LEU G 44 -18.29 2.42 -42.14
N ILE G 45 -17.48 1.99 -43.10
CA ILE G 45 -17.47 2.62 -44.42
C ILE G 45 -18.64 2.12 -45.24
N GLN G 46 -19.00 0.84 -45.09
CA GLN G 46 -20.13 0.25 -45.82
C GLN G 46 -20.50 -1.11 -45.27
N ALA G 47 -21.75 -1.52 -45.51
CA ALA G 47 -22.27 -2.82 -45.11
C ALA G 47 -23.07 -3.19 -46.30
N THR G 48 -22.77 -4.34 -46.87
CA THR G 48 -23.52 -4.80 -48.04
C THR G 48 -23.45 -6.32 -48.27
N TRP G 49 -24.11 -6.81 -49.31
CA TRP G 49 -24.15 -8.24 -49.58
C TRP G 49 -24.45 -8.58 -51.02
N ALA G 50 -23.94 -9.73 -51.48
CA ALA G 50 -24.19 -10.20 -52.86
C ALA G 50 -24.41 -11.72 -52.91
N ARG G 51 -24.87 -12.21 -54.07
CA ARG G 51 -25.14 -13.62 -54.23
C ARG G 51 -23.91 -14.42 -54.64
N PRO G 52 -23.59 -15.50 -53.90
CA PRO G 52 -22.43 -16.37 -54.18
C PRO G 52 -22.70 -17.31 -55.34
N ALA G 53 -21.64 -17.94 -55.80
CA ALA G 53 -21.74 -18.87 -56.89
C ALA G 53 -21.20 -20.18 -56.37
N THR G 54 -22.03 -21.22 -56.36
CA THR G 54 -21.56 -22.54 -55.93
C THR G 54 -21.29 -23.44 -57.15
N ASN G 55 -21.86 -23.08 -58.29
CA ASN G 55 -21.62 -23.87 -59.51
C ASN G 55 -20.61 -23.18 -60.36
N VAL G 56 -19.40 -23.74 -60.41
CA VAL G 56 -18.29 -23.16 -61.16
C VAL G 56 -17.75 -24.16 -62.15
N GLY G 57 -17.64 -23.70 -63.39
CA GLY G 57 -17.08 -24.51 -64.47
C GLY G 57 -15.76 -23.87 -64.84
N THR G 58 -15.29 -24.10 -66.06
CA THR G 58 -14.03 -23.49 -66.54
C THR G 58 -14.33 -22.05 -67.05
N THR G 59 -15.63 -21.79 -67.30
CA THR G 59 -16.17 -20.48 -67.73
C THR G 59 -17.48 -20.27 -66.94
N ILE G 60 -17.73 -19.02 -66.59
CA ILE G 60 -18.90 -18.64 -65.84
C ILE G 60 -19.99 -17.87 -66.63
N SER G 61 -21.23 -18.30 -66.48
CA SER G 61 -22.38 -17.68 -67.13
C SER G 61 -23.06 -16.87 -66.05
N LYS G 62 -24.13 -16.18 -66.39
CA LYS G 62 -24.80 -15.38 -65.37
C LYS G 62 -25.67 -16.26 -64.48
N ASP G 63 -25.99 -17.45 -64.99
CA ASP G 63 -26.79 -18.43 -64.28
C ASP G 63 -25.94 -19.35 -63.39
N SER G 64 -24.64 -19.12 -63.38
CA SER G 64 -23.77 -19.92 -62.52
C SER G 64 -23.86 -19.39 -61.07
N PHE G 65 -24.43 -18.20 -60.91
CA PHE G 65 -24.63 -17.54 -59.62
C PHE G 65 -25.96 -17.91 -59.05
N ASP G 66 -25.96 -18.31 -57.78
CA ASP G 66 -27.17 -18.75 -57.07
C ASP G 66 -28.15 -17.69 -56.59
N ARG G 67 -29.37 -18.13 -56.32
CA ARG G 67 -30.42 -17.27 -55.82
C ARG G 67 -30.84 -17.74 -54.44
N SER G 68 -31.25 -16.77 -53.63
CA SER G 68 -31.69 -17.00 -52.25
C SER G 68 -30.51 -17.45 -51.36
N LYS G 69 -29.32 -16.94 -51.67
CA LYS G 69 -28.11 -17.24 -50.91
C LYS G 69 -27.48 -15.87 -50.72
N ALA G 70 -26.69 -15.69 -49.67
CA ALA G 70 -26.08 -14.39 -49.42
C ALA G 70 -24.72 -14.44 -48.74
N VAL G 71 -23.84 -13.50 -49.08
CA VAL G 71 -22.51 -13.42 -48.47
C VAL G 71 -22.41 -12.00 -47.93
N LEU G 72 -22.04 -11.85 -46.66
CA LEU G 72 -21.96 -10.54 -46.06
C LEU G 72 -20.62 -9.77 -46.20
N ILE G 73 -20.67 -8.50 -46.60
CA ILE G 73 -19.43 -7.69 -46.72
C ILE G 73 -19.41 -6.47 -45.81
N LEU G 74 -18.25 -6.24 -45.20
CA LEU G 74 -18.12 -5.13 -44.28
C LEU G 74 -16.81 -4.37 -44.43
N SER G 75 -16.89 -3.05 -44.44
CA SER G 75 -15.68 -2.23 -44.55
C SER G 75 -15.47 -1.35 -43.31
N PHE G 76 -14.32 -1.53 -42.66
CA PHE G 76 -13.96 -0.77 -41.47
C PHE G 76 -12.67 0.07 -41.63
N GLN G 77 -12.70 1.28 -41.07
CA GLN G 77 -11.57 2.24 -41.06
C GLN G 77 -11.17 2.61 -39.63
N PRO G 78 -10.08 2.05 -39.14
CA PRO G 78 -9.63 2.33 -37.78
C PRO G 78 -9.15 3.76 -37.72
N PRO G 79 -9.30 4.42 -36.51
CA PRO G 79 -8.76 5.78 -36.50
C PRO G 79 -7.40 5.75 -35.83
N ALA G 80 -6.41 6.33 -36.48
CA ALA G 80 -5.02 6.16 -36.08
C ALA G 80 -4.68 6.70 -34.69
N GLN G 81 -5.25 7.83 -34.33
CA GLN G 81 -4.77 8.65 -33.22
C GLN G 81 -5.42 8.41 -31.86
N VAL G 82 -6.20 7.35 -31.73
CA VAL G 82 -6.98 7.11 -30.53
C VAL G 82 -6.13 7.01 -29.26
N LEU G 83 -6.57 7.72 -28.23
CA LEU G 83 -5.94 7.81 -26.90
C LEU G 83 -4.58 7.13 -26.74
N GLN G 84 -4.61 5.87 -26.33
CA GLN G 84 -3.41 5.04 -26.27
C GLN G 84 -3.55 3.90 -27.26
N GLY G 85 -4.59 3.98 -28.07
CA GLY G 85 -5.01 2.85 -28.87
C GLY G 85 -3.88 2.14 -29.58
N GLY G 86 -4.00 0.82 -29.61
CA GLY G 86 -3.03 -0.05 -30.27
C GLY G 86 -3.03 0.02 -31.78
N GLN G 87 -1.86 -0.19 -32.36
CA GLN G 87 -1.68 -0.20 -33.80
C GLN G 87 -2.45 -1.31 -34.49
N ALA G 88 -2.49 -2.49 -33.86
CA ALA G 88 -3.10 -3.67 -34.47
C ALA G 88 -4.33 -4.18 -33.72
N ILE G 89 -5.39 -4.49 -34.48
CA ILE G 89 -6.65 -4.95 -33.91
C ILE G 89 -6.82 -6.46 -34.13
N THR G 90 -7.10 -7.21 -33.07
CA THR G 90 -7.20 -8.68 -33.18
C THR G 90 -8.59 -9.23 -32.86
N ILE G 91 -9.02 -10.21 -33.65
CA ILE G 91 -10.32 -10.81 -33.48
C ILE G 91 -10.28 -12.31 -33.24
N ASP G 92 -10.71 -12.77 -32.06
CA ASP G 92 -10.75 -14.20 -31.81
C ASP G 92 -12.06 -14.82 -32.28
N ALA G 93 -13.20 -14.12 -32.18
CA ALA G 93 -14.49 -14.69 -32.59
C ALA G 93 -15.48 -13.75 -33.26
N ILE G 94 -16.08 -14.20 -34.37
CA ILE G 94 -17.06 -13.41 -35.14
C ILE G 94 -18.40 -14.15 -35.09
N ASP G 95 -19.49 -13.40 -34.86
CA ASP G 95 -20.82 -14.03 -34.74
C ASP G 95 -21.94 -13.36 -35.52
N VAL G 96 -22.91 -14.16 -35.96
CA VAL G 96 -24.04 -13.63 -36.71
C VAL G 96 -25.32 -13.86 -35.88
N LEU G 97 -26.01 -12.77 -35.54
CA LEU G 97 -27.24 -12.79 -34.73
C LEU G 97 -28.50 -12.28 -35.40
N TYR G 98 -29.61 -12.90 -35.04
CA TYR G 98 -30.88 -12.52 -35.61
C TYR G 98 -31.93 -12.71 -34.54
N GLN G 99 -32.57 -11.60 -34.15
CA GLN G 99 -33.60 -11.56 -33.09
C GLN G 99 -32.96 -11.77 -31.71
N GLY G 100 -31.68 -11.40 -31.59
CA GLY G 100 -30.97 -11.59 -30.34
C GLY G 100 -30.47 -13.03 -30.10
N ARG G 101 -30.59 -13.90 -31.11
CA ARG G 101 -30.14 -15.30 -31.03
C ARG G 101 -29.01 -15.50 -32.03
N VAL G 102 -28.18 -16.50 -31.76
CA VAL G 102 -27.05 -16.77 -32.63
C VAL G 102 -27.28 -17.73 -33.78
N VAL G 103 -27.20 -17.21 -35.01
CA VAL G 103 -27.38 -18.03 -36.20
C VAL G 103 -26.18 -18.96 -36.41
N CYS G 104 -24.96 -18.43 -36.28
CA CYS G 104 -23.72 -19.23 -36.43
C CYS G 104 -22.55 -18.59 -35.65
N HIS G 105 -21.55 -19.39 -35.33
CA HIS G 105 -20.40 -18.90 -34.56
C HIS G 105 -19.08 -19.30 -35.19
N TYR G 106 -18.16 -18.34 -35.32
CA TYR G 106 -16.85 -18.63 -35.90
C TYR G 106 -15.77 -18.33 -34.87
N ASP G 107 -14.98 -19.33 -34.48
CA ASP G 107 -13.94 -19.11 -33.47
C ASP G 107 -12.53 -18.97 -33.98
N SER G 108 -12.39 -19.43 -35.23
CA SER G 108 -11.13 -19.44 -35.99
C SER G 108 -11.41 -19.01 -37.44
N PHE G 109 -10.34 -18.86 -38.25
CA PHE G 109 -10.47 -18.42 -39.64
C PHE G 109 -9.53 -19.10 -40.61
N PRO G 110 -9.95 -19.25 -41.87
CA PRO G 110 -9.09 -19.87 -42.87
C PRO G 110 -8.05 -18.82 -43.31
N MET G 111 -6.81 -19.23 -43.60
CA MET G 111 -5.76 -18.28 -44.01
C MET G 111 -6.14 -17.51 -45.29
N THR G 112 -5.84 -16.23 -45.31
CA THR G 112 -6.15 -15.44 -46.49
C THR G 112 -5.00 -15.37 -47.46
N ALA G 113 -5.34 -15.25 -48.74
CA ALA G 113 -4.34 -15.20 -49.80
C ALA G 113 -3.33 -14.07 -49.62
N ASP G 114 -3.84 -12.90 -49.25
CA ASP G 114 -2.97 -11.76 -49.04
C ASP G 114 -2.29 -11.85 -47.67
N ASP G 115 -1.30 -12.74 -47.58
CA ASP G 115 -0.54 -12.96 -46.37
C ASP G 115 0.80 -13.50 -46.81
N LYS G 116 1.74 -12.58 -46.97
CA LYS G 116 3.08 -12.92 -47.43
C LYS G 116 3.84 -13.85 -46.50
N TYR G 117 3.68 -13.65 -45.21
CA TYR G 117 4.39 -14.46 -44.22
C TYR G 117 4.12 -15.95 -44.31
N HIS G 118 2.84 -16.31 -44.33
CA HIS G 118 2.42 -17.71 -44.38
C HIS G 118 2.16 -18.31 -45.77
N ILE G 119 2.20 -17.50 -46.82
CA ILE G 119 1.93 -17.98 -48.18
C ILE G 119 2.91 -19.02 -48.73
N GLY G 120 4.22 -18.83 -48.54
CA GLY G 120 5.15 -19.80 -49.09
C GLY G 120 5.72 -20.79 -48.08
N GLN G 121 4.85 -21.33 -47.24
CA GLN G 121 5.29 -22.30 -46.23
C GLN G 121 4.47 -23.56 -46.27
N THR G 122 5.04 -24.61 -45.67
CA THR G 122 4.37 -25.90 -45.57
C THR G 122 3.89 -26.15 -44.16
N ILE G 123 2.57 -26.18 -43.98
CA ILE G 123 2.01 -26.39 -42.65
C ILE G 123 1.20 -27.65 -42.51
N GLY G 124 1.67 -28.50 -41.60
CA GLY G 124 0.99 -29.76 -41.39
C GLY G 124 1.07 -30.64 -42.63
N GLY G 125 2.22 -30.65 -43.31
CA GLY G 125 2.38 -31.49 -44.49
C GLY G 125 1.77 -31.05 -45.82
N LEU G 126 1.10 -29.92 -45.83
CA LEU G 126 0.47 -29.38 -47.04
C LEU G 126 0.91 -27.92 -47.21
N THR G 127 1.35 -27.56 -48.41
CA THR G 127 1.76 -26.18 -48.67
C THR G 127 0.57 -25.24 -48.46
N ALA G 128 0.86 -23.96 -48.23
CA ALA G 128 -0.20 -23.01 -47.95
C ALA G 128 -0.74 -22.18 -49.10
N PHE G 129 -2.06 -22.17 -49.19
CA PHE G 129 -2.72 -21.39 -50.21
C PHE G 129 -3.83 -20.63 -49.50
N GLY G 130 -4.04 -19.39 -49.94
CA GLY G 130 -5.07 -18.57 -49.36
C GLY G 130 -6.30 -18.50 -50.22
N LEU G 131 -7.17 -17.62 -49.77
CA LEU G 131 -8.42 -17.39 -50.43
C LEU G 131 -8.41 -16.20 -51.42
N VAL G 132 -9.02 -16.40 -52.58
CA VAL G 132 -9.08 -15.36 -53.58
C VAL G 132 -10.49 -15.01 -54.07
N PHE G 133 -10.76 -13.69 -54.18
CA PHE G 133 -12.06 -13.12 -54.62
C PHE G 133 -12.02 -12.28 -55.91
N TRP G 134 -12.74 -12.70 -56.97
CA TRP G 134 -12.72 -11.98 -58.26
C TRP G 134 -13.95 -11.17 -58.72
N SER G 196 -16.93 -22.97 -56.27
CA SER G 196 -16.09 -23.28 -55.14
C SER G 196 -16.80 -23.04 -53.79
N PHE G 197 -18.11 -22.77 -53.74
CA PHE G 197 -18.78 -22.57 -52.43
C PHE G 197 -19.64 -23.77 -52.03
N ASP G 198 -19.45 -24.28 -50.82
CA ASP G 198 -20.21 -25.44 -50.35
C ASP G 198 -21.03 -25.09 -49.10
N ASP G 199 -22.30 -25.50 -49.08
CA ASP G 199 -23.19 -25.21 -47.93
C ASP G 199 -22.83 -25.91 -46.62
N GLN G 200 -22.02 -26.97 -46.75
CA GLN G 200 -21.57 -27.75 -45.60
C GLN G 200 -20.35 -27.15 -44.92
N TYR G 201 -19.74 -26.13 -45.53
CA TYR G 201 -18.55 -25.51 -44.98
C TYR G 201 -18.59 -23.98 -44.86
N PRO G 202 -19.29 -23.48 -43.83
CA PRO G 202 -19.39 -22.03 -43.63
C PRO G 202 -18.06 -21.48 -43.09
N PHE G 203 -17.77 -20.22 -43.41
CA PHE G 203 -16.52 -19.61 -42.94
C PHE G 203 -16.51 -18.10 -43.00
N ALA G 204 -15.59 -17.52 -42.23
CA ALA G 204 -15.35 -16.08 -42.16
C ALA G 204 -13.84 -15.81 -42.29
N THR G 205 -13.48 -14.58 -42.68
CA THR G 205 -12.07 -14.23 -42.87
C THR G 205 -11.83 -12.74 -43.14
N ILE G 206 -10.59 -12.30 -42.95
CA ILE G 206 -10.18 -10.89 -43.15
C ILE G 206 -9.41 -10.64 -44.47
N LEU G 207 -9.85 -9.68 -45.30
CA LEU G 207 -9.15 -9.35 -46.55
C LEU G 207 -9.03 -7.83 -46.70
N ALA G 208 -7.87 -7.36 -47.16
CA ALA G 208 -7.62 -5.93 -47.35
C ALA G 208 -8.20 -5.35 -48.62
N GLY G 209 -9.37 -4.71 -48.49
CA GLY G 209 -10.04 -4.07 -49.61
C GLY G 209 -11.45 -3.52 -49.38
N THR G 210 -12.11 -3.10 -50.46
CA THR G 210 -13.48 -2.58 -50.40
C THR G 210 -14.32 -3.11 -51.58
N TRP G 211 -15.62 -3.00 -51.46
CA TRP G 211 -16.52 -3.47 -52.48
C TRP G 211 -17.16 -2.33 -53.28
N GLU G 212 -17.17 -2.44 -54.62
CA GLU G 212 -17.76 -1.42 -55.52
C GLU G 212 -18.86 -1.99 -56.39
N VAL G 213 -19.92 -1.20 -56.56
CA VAL G 213 -21.06 -1.58 -57.36
C VAL G 213 -21.23 -0.61 -58.54
N ASN G 214 -21.43 -1.14 -59.74
CA ASN G 214 -21.60 -0.35 -60.97
C ASN G 214 -22.89 -0.74 -61.69
N TYR G 215 -23.70 0.23 -62.07
CA TYR G 215 -24.96 -0.09 -62.74
C TYR G 215 -24.96 -0.02 -64.27
N VAL G 216 -25.07 -1.17 -64.95
CA VAL G 216 -25.10 -1.20 -66.43
C VAL G 216 -26.48 -0.71 -66.88
N SER G 217 -27.53 -1.26 -66.27
CA SER G 217 -28.90 -0.91 -66.58
C SER G 217 -29.67 -0.68 -65.29
N THR G 218 -30.99 -0.46 -65.39
CA THR G 218 -31.87 -0.22 -64.24
C THR G 218 -31.89 -1.35 -63.22
N ASN G 219 -31.83 -2.59 -63.70
CA ASN G 219 -31.85 -3.74 -62.79
C ASN G 219 -30.63 -4.68 -62.84
N TYR G 220 -29.60 -4.27 -63.59
CA TYR G 220 -28.40 -5.09 -63.71
C TYR G 220 -27.17 -4.35 -63.28
N VAL G 221 -26.25 -5.07 -62.69
CA VAL G 221 -25.03 -4.46 -62.19
C VAL G 221 -23.73 -5.21 -62.48
N GLU G 222 -22.61 -4.52 -62.35
CA GLU G 222 -21.29 -5.14 -62.51
C GLU G 222 -20.58 -4.85 -61.15
N THR G 223 -19.75 -5.77 -60.67
CA THR G 223 -19.07 -5.61 -59.37
C THR G 223 -17.56 -5.84 -59.31
N ASN G 224 -16.83 -4.86 -58.75
CA ASN G 224 -15.40 -4.99 -58.70
C ASN G 224 -14.81 -4.93 -57.29
N PHE G 225 -13.91 -5.87 -56.96
CA PHE G 225 -13.26 -5.89 -55.63
C PHE G 225 -11.83 -5.38 -55.76
N ARG G 226 -11.54 -4.33 -55.00
CA ARG G 226 -10.26 -3.62 -55.00
C ARG G 226 -9.34 -3.71 -53.76
N ASN G 227 -7.99 -3.69 -53.96
CA ASN G 227 -7.00 -3.72 -52.85
C ASN G 227 -6.95 -2.37 -52.13
N THR G 228 -6.58 -2.37 -50.85
CA THR G 228 -6.56 -1.15 -50.03
C THR G 228 -5.22 -0.77 -49.41
N SER G 229 -4.23 -1.61 -49.61
CA SER G 229 -2.90 -1.34 -49.09
C SER G 229 -2.86 -1.38 -47.58
N ALA G 230 -3.49 -2.40 -47.00
CA ALA G 230 -3.46 -2.58 -45.55
C ALA G 230 -2.77 -3.90 -45.15
N VAL G 231 -2.34 -4.02 -43.90
CA VAL G 231 -1.64 -5.23 -43.45
C VAL G 231 -2.53 -6.35 -42.88
N ILE G 232 -2.19 -7.60 -43.18
CA ILE G 232 -2.97 -8.71 -42.64
C ILE G 232 -2.04 -9.81 -42.16
N LYS G 233 -2.27 -10.22 -40.93
CA LYS G 233 -1.48 -11.28 -40.31
C LYS G 233 -2.39 -12.27 -39.58
N PHE G 234 -1.87 -13.47 -39.30
CA PHE G 234 -2.64 -14.47 -38.57
C PHE G 234 -1.98 -14.90 -37.27
N ASP G 235 -2.71 -14.80 -36.17
CA ASP G 235 -2.19 -15.10 -34.84
C ASP G 235 -1.77 -16.55 -34.57
N ARG G 236 -2.62 -17.51 -34.96
CA ARG G 236 -2.38 -18.92 -34.60
C ARG G 236 -2.95 -19.96 -35.57
N PHE G 237 -2.44 -21.18 -35.48
CA PHE G 237 -2.94 -22.31 -36.26
C PHE G 237 -3.49 -23.42 -35.36
N VAL G 238 -4.69 -23.87 -35.69
CA VAL G 238 -5.30 -24.98 -34.98
C VAL G 238 -5.45 -26.11 -35.97
N ASN G 239 -5.13 -27.33 -35.56
CA ASN G 239 -5.04 -28.41 -36.52
C ASN G 239 -6.36 -28.58 -37.24
N THR G 240 -6.26 -28.75 -38.55
CA THR G 240 -7.40 -28.81 -39.47
C THR G 240 -6.95 -28.29 -40.81
N HIS G 241 -7.85 -28.24 -41.77
CA HIS G 241 -7.57 -27.65 -43.08
C HIS G 241 -8.83 -27.28 -43.84
N TYR G 242 -8.68 -26.45 -44.87
CA TYR G 242 -9.82 -26.10 -45.69
C TYR G 242 -9.70 -26.68 -47.08
N SER G 243 -10.75 -27.36 -47.53
CA SER G 243 -10.77 -27.94 -48.87
C SER G 243 -9.41 -28.45 -49.31
N PRO G 244 -8.78 -29.34 -48.51
CA PRO G 244 -7.46 -29.88 -48.86
C PRO G 244 -7.39 -30.94 -49.94
N ASP G 245 -6.33 -30.88 -50.74
CA ASP G 245 -6.06 -31.82 -51.82
C ASP G 245 -4.89 -32.74 -51.34
N THR G 246 -5.20 -33.99 -51.02
CA THR G 246 -4.20 -34.95 -50.55
C THR G 246 -3.11 -35.28 -51.58
N GLN G 247 -3.53 -35.42 -52.84
CA GLN G 247 -2.66 -35.75 -53.98
C GLN G 247 -1.60 -34.67 -54.26
N ASN G 248 -2.02 -33.41 -54.24
CA ASN G 248 -1.12 -32.30 -54.53
C ASN G 248 -0.57 -31.53 -53.34
N ASN G 249 -0.92 -31.93 -52.12
CA ASN G 249 -0.46 -31.21 -50.93
C ASN G 249 -1.02 -29.81 -50.82
N ASN G 250 -2.19 -29.59 -51.41
CA ASN G 250 -2.85 -28.26 -51.38
C ASN G 250 -3.81 -28.14 -50.20
N GLY G 251 -3.81 -26.97 -49.56
CA GLY G 251 -4.68 -26.76 -48.41
C GLY G 251 -4.60 -25.41 -47.76
N VAL G 252 -5.60 -25.09 -46.94
CA VAL G 252 -5.62 -23.82 -46.29
C VAL G 252 -5.53 -23.95 -44.78
N PRO G 253 -4.42 -23.48 -44.22
CA PRO G 253 -4.23 -23.55 -42.76
C PRO G 253 -5.29 -22.71 -42.02
N ILE G 254 -5.71 -23.16 -40.83
CA ILE G 254 -6.71 -22.43 -40.06
C ILE G 254 -6.08 -21.89 -38.76
N PHE G 255 -6.21 -20.60 -38.51
CA PHE G 255 -5.63 -19.98 -37.31
C PHE G 255 -6.73 -19.45 -36.41
N ASP G 256 -6.50 -19.51 -35.09
CA ASP G 256 -7.50 -18.98 -34.13
C ASP G 256 -7.62 -17.47 -34.03
N VAL G 257 -6.54 -16.74 -34.32
CA VAL G 257 -6.63 -15.28 -34.28
C VAL G 257 -6.17 -14.54 -35.53
N ALA G 258 -6.98 -13.53 -35.92
CA ALA G 258 -6.72 -12.71 -37.09
C ALA G 258 -6.51 -11.26 -36.67
N SER G 259 -5.52 -10.62 -37.29
CA SER G 259 -5.11 -9.25 -36.97
C SER G 259 -5.03 -8.32 -38.18
N ALA G 260 -5.24 -7.01 -37.96
CA ALA G 260 -5.19 -6.01 -39.02
C ALA G 260 -4.45 -4.75 -38.56
N SER G 261 -4.16 -3.88 -39.52
CA SER G 261 -3.32 -2.70 -39.32
C SER G 261 -3.98 -1.44 -39.86
N GLN G 262 -3.17 -0.41 -40.05
CA GLN G 262 -3.64 0.87 -40.53
C GLN G 262 -4.26 0.75 -41.91
N SER G 263 -5.29 1.58 -42.14
CA SER G 263 -6.02 1.65 -43.40
C SER G 263 -7.19 0.68 -43.47
N ASN G 264 -7.92 0.73 -44.58
CA ASN G 264 -9.15 -0.02 -44.75
C ASN G 264 -9.00 -1.54 -44.88
N PHE G 265 -10.06 -2.24 -44.52
CA PHE G 265 -10.08 -3.70 -44.55
C PHE G 265 -11.54 -4.18 -44.51
N ALA G 266 -11.78 -5.32 -45.11
CA ALA G 266 -13.12 -5.88 -45.17
C ALA G 266 -13.22 -7.20 -44.42
N VAL G 267 -14.45 -7.62 -44.17
CA VAL G 267 -14.74 -8.90 -43.51
C VAL G 267 -15.71 -9.68 -44.41
N VAL G 268 -15.40 -10.92 -44.77
CA VAL G 268 -16.30 -11.71 -45.63
C VAL G 268 -16.96 -12.82 -44.81
N ILE G 269 -18.28 -12.80 -44.70
CA ILE G 269 -18.96 -13.81 -43.90
C ILE G 269 -19.93 -14.67 -44.66
N TRP G 270 -19.76 -15.99 -44.54
CA TRP G 270 -20.65 -16.92 -45.23
C TRP G 270 -21.44 -17.95 -44.40
N CYS G 271 -22.70 -17.61 -44.10
CA CYS G 271 -23.58 -18.47 -43.32
C CYS G 271 -24.80 -18.87 -44.15
N PRO G 272 -24.86 -20.15 -44.58
CA PRO G 272 -25.94 -20.70 -45.39
C PRO G 272 -27.32 -20.60 -44.77
N ASN G 273 -27.40 -20.44 -43.46
CA ASN G 273 -28.69 -20.35 -42.77
C ASN G 273 -29.44 -19.02 -42.97
N VAL G 274 -28.75 -17.95 -43.36
CA VAL G 274 -29.38 -16.63 -43.59
C VAL G 274 -30.19 -16.53 -44.89
N ASN G 275 -31.49 -16.19 -44.76
CA ASN G 275 -32.38 -16.07 -45.90
C ASN G 275 -32.95 -14.66 -46.03
N PRO G 276 -32.55 -13.92 -47.06
CA PRO G 276 -32.98 -12.55 -47.35
C PRO G 276 -34.50 -12.38 -47.53
N ASN G 277 -35.19 -13.39 -48.04
CA ASN G 277 -36.63 -13.29 -48.26
C ASN G 277 -37.48 -13.23 -46.99
N VAL G 278 -36.96 -13.77 -45.88
CA VAL G 278 -37.70 -13.77 -44.62
C VAL G 278 -37.07 -12.96 -43.47
N MET G 279 -35.81 -12.54 -43.65
CA MET G 279 -35.10 -11.75 -42.64
C MET G 279 -34.96 -10.27 -43.09
N GLN G 280 -35.44 -9.35 -42.25
CA GLN G 280 -35.35 -7.93 -42.57
C GLN G 280 -33.93 -7.39 -42.44
N SER G 281 -33.21 -7.87 -41.42
CA SER G 281 -31.85 -7.45 -41.12
C SER G 281 -31.11 -8.46 -40.22
N VAL G 282 -29.78 -8.40 -40.22
CA VAL G 282 -28.98 -9.27 -39.36
C VAL G 282 -27.98 -8.39 -38.62
N ASP G 283 -27.27 -9.00 -37.68
CA ASP G 283 -26.28 -8.28 -36.90
C ASP G 283 -25.02 -9.09 -36.74
N VAL G 284 -23.88 -8.41 -36.63
CA VAL G 284 -22.58 -9.06 -36.46
C VAL G 284 -21.88 -8.60 -35.17
N LYS G 285 -21.20 -9.53 -34.52
CA LYS G 285 -20.52 -9.23 -33.27
C LYS G 285 -19.09 -9.75 -33.32
N MET G 286 -18.16 -8.91 -32.88
CA MET G 286 -16.75 -9.28 -32.85
C MET G 286 -16.25 -9.34 -31.41
N VAL G 287 -15.47 -10.36 -31.09
CA VAL G 287 -14.90 -10.51 -29.76
C VAL G 287 -13.39 -10.37 -29.84
N PHE G 288 -12.88 -9.36 -29.14
CA PHE G 288 -11.45 -9.09 -29.13
C PHE G 288 -10.61 -10.02 -28.32
N SER G 289 -9.30 -9.96 -28.53
CA SER G 289 -8.39 -10.80 -27.76
C SER G 289 -8.41 -10.40 -26.26
N ASP G 290 -8.51 -9.11 -25.99
CA ASP G 290 -8.57 -8.59 -24.62
C ASP G 290 -9.94 -8.86 -23.93
N GLY G 291 -10.93 -9.31 -24.69
CA GLY G 291 -12.23 -9.59 -24.12
C GLY G 291 -13.33 -8.56 -24.38
N SER G 292 -12.97 -7.36 -24.84
CA SER G 292 -14.00 -6.34 -25.12
C SER G 292 -14.76 -6.74 -26.38
N THR G 293 -15.90 -6.10 -26.63
CA THR G 293 -16.66 -6.44 -27.84
C THR G 293 -17.15 -5.24 -28.65
N TRP G 294 -17.45 -5.50 -29.93
CA TRP G 294 -17.91 -4.45 -30.84
C TRP G 294 -18.99 -5.01 -31.75
N GLU G 295 -20.01 -4.21 -32.06
CA GLU G 295 -21.11 -4.65 -32.94
C GLU G 295 -21.52 -3.63 -33.96
N ALA G 296 -21.97 -4.12 -35.12
CA ALA G 296 -22.40 -3.30 -36.24
C ALA G 296 -23.74 -3.78 -36.78
N SER G 297 -24.41 -2.94 -37.56
CA SER G 297 -25.72 -3.29 -38.10
C SER G 297 -25.79 -3.34 -39.61
N VAL G 298 -26.29 -4.44 -40.14
CA VAL G 298 -26.40 -4.60 -41.61
C VAL G 298 -27.80 -4.89 -42.16
N PRO G 299 -28.38 -3.96 -42.97
CA PRO G 299 -29.71 -4.23 -43.53
C PRO G 299 -29.55 -5.29 -44.62
N LEU G 300 -30.58 -6.12 -44.78
CA LEU G 300 -30.56 -7.17 -45.77
C LEU G 300 -31.60 -6.92 -46.84
N SER G 301 -32.67 -6.24 -46.46
CA SER G 301 -33.76 -5.93 -47.37
C SER G 301 -33.22 -5.42 -48.71
N ILE G 302 -33.81 -5.91 -49.80
CA ILE G 302 -33.41 -5.47 -51.14
C ILE G 302 -33.30 -3.95 -51.17
N THR G 303 -34.40 -3.28 -50.82
CA THR G 303 -34.44 -1.82 -50.81
C THR G 303 -35.88 -1.32 -50.73
N VAL H 1 35.05 -22.87 33.42
CA VAL H 1 34.08 -21.76 33.63
C VAL H 1 33.92 -20.91 32.37
N SER H 2 34.50 -21.42 31.29
CA SER H 2 34.49 -20.80 29.97
C SER H 2 33.07 -20.41 29.49
N PRO H 3 32.15 -21.40 29.41
CA PRO H 3 30.80 -21.03 28.97
C PRO H 3 30.18 -19.82 29.73
N VAL H 4 30.31 -19.80 31.07
CA VAL H 4 29.73 -18.71 31.85
C VAL H 4 30.20 -17.31 31.49
N ILE H 5 31.49 -17.15 31.21
CA ILE H 5 32.04 -15.86 30.87
C ILE H 5 31.70 -15.50 29.43
N ALA H 6 31.74 -16.50 28.55
CA ALA H 6 31.43 -16.30 27.12
C ALA H 6 30.02 -15.77 26.92
N THR H 7 29.05 -16.47 27.51
CA THR H 7 27.66 -16.07 27.40
C THR H 7 27.43 -14.62 27.81
N LEU H 8 28.08 -14.17 28.88
CA LEU H 8 27.91 -12.79 29.38
C LEU H 8 28.35 -11.70 28.43
N LEU H 9 29.50 -11.92 27.82
CA LEU H 9 29.96 -10.95 26.87
C LEU H 9 29.09 -10.89 25.64
N LEU H 10 28.50 -12.02 25.24
CA LEU H 10 27.63 -12.09 24.05
C LEU H 10 26.31 -11.36 24.24
N ILE H 11 25.74 -11.44 25.46
CA ILE H 11 24.49 -10.77 25.85
C ILE H 11 24.63 -9.26 25.77
N LEU H 12 25.72 -8.75 26.33
CA LEU H 12 25.98 -7.33 26.32
C LEU H 12 26.08 -6.77 24.90
N ILE H 13 26.77 -7.49 24.01
CA ILE H 13 27.01 -7.10 22.62
C ILE H 13 25.74 -6.92 21.80
N ALA H 14 24.85 -7.90 21.91
CA ALA H 14 23.57 -7.88 21.20
C ALA H 14 22.65 -6.74 21.70
N VAL H 15 22.68 -6.44 23.01
CA VAL H 15 21.88 -5.35 23.59
C VAL H 15 22.29 -4.00 23.05
N ALA H 16 23.62 -3.77 22.99
CA ALA H 16 24.20 -2.53 22.48
C ALA H 16 23.87 -2.25 21.01
N ALA H 17 23.92 -3.29 20.18
CA ALA H 17 23.60 -3.16 18.77
C ALA H 17 22.11 -2.87 18.53
N ALA H 18 21.23 -3.46 19.34
CA ALA H 18 19.79 -3.23 19.21
C ALA H 18 19.40 -1.80 19.49
N VAL H 19 20.01 -1.22 20.52
CA VAL H 19 19.73 0.17 20.89
C VAL H 19 20.24 1.10 19.81
N LEU H 20 21.36 0.73 19.19
CA LEU H 20 21.92 1.54 18.13
C LEU H 20 21.00 1.48 16.91
N LEU H 21 20.34 0.34 16.68
CA LEU H 21 19.42 0.21 15.54
C LEU H 21 18.26 1.16 15.66
N TYR H 22 17.78 1.30 16.89
CA TYR H 22 16.65 2.17 17.18
C TYR H 22 16.93 3.63 16.84
N THR H 23 18.08 4.13 17.29
CA THR H 23 18.45 5.52 17.04
C THR H 23 18.55 5.76 15.54
N TRP H 24 19.17 4.83 14.84
CA TRP H 24 19.34 4.97 13.41
C TRP H 24 18.00 4.92 12.65
N VAL H 25 17.11 4.04 13.06
CA VAL H 25 15.81 3.89 12.41
C VAL H 25 14.97 5.13 12.58
N SER H 26 14.84 5.59 13.82
CA SER H 26 14.04 6.77 14.12
C SER H 26 14.64 8.04 13.50
N GLY H 27 15.95 8.12 13.45
CA GLY H 27 16.55 9.28 12.83
C GLY H 27 16.22 9.19 11.34
N LEU H 28 16.24 7.98 10.74
CA LEU H 28 15.95 7.81 9.30
C LEU H 28 14.55 8.32 8.95
N SER H 29 13.61 8.09 9.85
CA SER H 29 12.26 8.54 9.64
C SER H 29 12.18 10.06 9.87
N ALA H 30 11.08 10.68 9.44
CA ALA H 30 10.84 12.11 9.60
C ALA H 30 11.96 12.89 8.91
N ASN H 31 12.58 12.21 7.95
CA ASN H 31 13.65 12.80 7.18
C ASN H 31 13.24 12.80 5.70
N VAL H 32 11.99 13.17 5.43
CA VAL H 32 11.52 13.27 4.05
C VAL H 32 10.87 14.65 3.86
N ALA H 33 11.41 15.39 2.88
CA ALA H 33 10.99 16.76 2.53
C ALA H 33 9.64 16.86 1.86
N GLY H 34 9.54 16.31 0.65
CA GLY H 34 8.29 16.38 -0.08
C GLY H 34 8.09 17.60 -1.00
N THR H 35 6.84 18.05 -1.12
CA THR H 35 6.51 19.19 -1.99
C THR H 35 5.24 19.96 -1.59
N GLN H 36 5.06 21.05 -2.31
CA GLN H 36 3.91 21.89 -2.11
C GLN H 36 3.14 21.70 -3.41
N VAL H 37 1.85 22.01 -3.34
CA VAL H 37 0.99 21.92 -4.51
C VAL H 37 0.65 23.34 -4.89
N THR H 38 1.10 23.71 -6.09
CA THR H 38 0.91 25.03 -6.64
C THR H 38 -0.59 25.26 -6.70
N GLY H 39 -0.95 26.51 -6.44
CA GLY H 39 -2.35 26.86 -6.43
C GLY H 39 -2.92 26.73 -7.80
N LYS H 40 -4.22 26.98 -7.84
CA LYS H 40 -4.98 26.90 -9.06
C LYS H 40 -4.45 27.96 -9.92
N SER H 41 -4.58 27.72 -11.22
CA SER H 41 -4.09 28.67 -12.18
C SER H 41 -4.60 30.06 -11.91
N LEU H 42 -3.70 30.97 -12.19
CA LEU H 42 -3.88 32.39 -12.02
C LEU H 42 -4.84 32.86 -13.09
N THR H 43 -5.85 33.65 -12.68
CA THR H 43 -6.78 34.18 -13.67
C THR H 43 -6.07 35.26 -14.49
N LEU H 44 -6.40 35.33 -15.76
CA LEU H 44 -5.79 36.25 -16.67
C LEU H 44 -6.55 37.56 -16.66
N ILE H 45 -5.93 38.61 -16.13
CA ILE H 45 -6.56 39.92 -16.08
C ILE H 45 -6.46 40.59 -17.43
N GLN H 46 -5.35 40.39 -18.16
CA GLN H 46 -5.16 40.98 -19.48
C GLN H 46 -3.96 40.38 -20.18
N ALA H 47 -3.96 40.47 -21.51
CA ALA H 47 -2.86 40.00 -22.35
C ALA H 47 -2.79 41.08 -23.38
N THR H 48 -1.62 41.69 -23.50
CA THR H 48 -1.45 42.74 -24.48
C THR H 48 0.02 42.96 -24.91
N TRP H 49 0.25 43.92 -25.81
CA TRP H 49 1.60 44.16 -26.30
C TRP H 49 1.78 45.56 -26.86
N ALA H 50 3.02 46.08 -26.79
CA ALA H 50 3.35 47.41 -27.32
C ALA H 50 4.73 47.42 -28.00
N ARG H 51 5.02 48.51 -28.72
CA ARG H 51 6.29 48.63 -29.43
C ARG H 51 7.39 49.19 -28.56
N PRO H 52 8.55 48.48 -28.50
CA PRO H 52 9.71 48.90 -27.70
C PRO H 52 10.50 49.99 -28.38
N ALA H 53 11.40 50.58 -27.62
CA ALA H 53 12.23 51.65 -28.13
C ALA H 53 13.66 51.18 -27.95
N THR H 54 14.39 51.07 -29.06
CA THR H 54 15.81 50.69 -28.97
C THR H 54 16.71 51.92 -29.11
N ASN H 55 16.16 53.00 -29.69
CA ASN H 55 16.94 54.22 -29.85
C ASN H 55 16.57 55.20 -28.77
N VAL H 56 17.47 55.38 -27.81
CA VAL H 56 17.23 56.27 -26.69
C VAL H 56 18.31 57.31 -26.58
N GLY H 57 17.88 58.56 -26.49
CA GLY H 57 18.77 59.69 -26.33
C GLY H 57 18.57 60.23 -24.92
N THR H 58 18.89 61.49 -24.69
CA THR H 58 18.67 62.12 -23.38
C THR H 58 17.20 62.61 -23.28
N THR H 59 16.55 62.70 -24.46
CA THR H 59 15.12 63.06 -24.62
C THR H 59 14.55 62.12 -25.71
N ILE H 60 13.29 61.76 -25.52
CA ILE H 60 12.59 60.87 -26.42
C ILE H 60 11.52 61.54 -27.30
N SER H 61 11.55 61.23 -28.60
CA SER H 61 10.58 61.74 -29.57
C SER H 61 9.64 60.59 -29.84
N LYS H 62 8.65 60.79 -30.68
CA LYS H 62 7.72 59.72 -30.94
C LYS H 62 8.32 58.72 -31.93
N ASP H 63 9.33 59.19 -32.66
CA ASP H 63 10.06 58.39 -33.63
C ASP H 63 11.21 57.59 -33.01
N SER H 64 11.39 57.74 -31.70
CA SER H 64 12.43 56.98 -31.03
C SER H 64 11.95 55.54 -30.78
N PHE H 65 10.65 55.32 -30.94
CA PHE H 65 10.00 54.01 -30.77
C PHE H 65 9.97 53.28 -32.08
N ASP H 66 10.38 52.02 -32.04
CA ASP H 66 10.46 51.16 -33.24
C ASP H 66 9.17 50.58 -33.79
N ARG H 67 9.22 50.16 -35.04
CA ARG H 67 8.09 49.55 -35.72
C ARG H 67 8.46 48.13 -36.09
N SER H 68 7.44 47.27 -36.10
CA SER H 68 7.57 45.85 -36.42
C SER H 68 8.38 45.10 -35.34
N LYS H 69 8.25 45.56 -34.10
CA LYS H 69 8.92 44.96 -32.95
C LYS H 69 7.82 44.85 -31.91
N ALA H 70 7.92 43.90 -31.00
CA ALA H 70 6.86 43.74 -29.99
C ALA H 70 7.37 43.23 -28.64
N VAL H 71 6.72 43.68 -27.56
CA VAL H 71 7.05 43.22 -26.21
C VAL H 71 5.75 42.72 -25.62
N LEU H 72 5.77 41.50 -25.07
CA LEU H 72 4.55 40.93 -24.53
C LEU H 72 4.22 41.23 -23.04
N ILE H 73 2.98 41.63 -22.74
CA ILE H 73 2.60 41.90 -21.34
C ILE H 73 1.47 41.02 -20.84
N LEU H 74 1.61 40.55 -19.61
CA LEU H 74 0.62 39.66 -19.04
C LEU H 74 0.29 39.97 -17.59
N SER H 75 -0.99 39.98 -17.27
CA SER H 75 -1.40 40.24 -15.89
C SER H 75 -2.14 39.04 -15.27
N PHE H 76 -1.60 38.53 -14.16
CA PHE H 76 -2.19 37.40 -13.45
C PHE H 76 -2.59 37.71 -11.99
N GLN H 77 -3.74 37.17 -11.59
CA GLN H 77 -4.31 37.31 -10.22
C GLN H 77 -4.50 35.93 -9.57
N PRO H 78 -3.62 35.57 -8.65
CA PRO H 78 -3.71 34.29 -7.98
C PRO H 78 -4.92 34.29 -7.08
N PRO H 79 -5.55 33.07 -6.88
CA PRO H 79 -6.68 33.13 -5.96
C PRO H 79 -6.23 32.64 -4.60
N ALA H 80 -6.50 33.41 -3.56
CA ALA H 80 -5.90 33.18 -2.26
C ALA H 80 -6.26 31.84 -1.61
N GLN H 81 -7.51 31.42 -1.76
CA GLN H 81 -8.11 30.39 -0.93
C GLN H 81 -8.04 28.95 -1.46
N VAL H 82 -7.26 28.73 -2.51
CA VAL H 82 -7.24 27.43 -3.17
C VAL H 82 -6.84 26.28 -2.25
N LEU H 83 -7.62 25.21 -2.32
CA LEU H 83 -7.47 23.98 -1.54
C LEU H 83 -6.41 23.96 -0.44
N GLN H 84 -5.21 23.54 -0.81
CA GLN H 84 -4.05 23.62 0.06
C GLN H 84 -3.04 24.58 -0.54
N GLY H 85 -3.46 25.27 -1.58
CA GLY H 85 -2.53 26.00 -2.41
C GLY H 85 -1.53 26.84 -1.65
N GLY H 86 -0.30 26.83 -2.16
CA GLY H 86 0.78 27.60 -1.60
C GLY H 86 0.67 29.10 -1.75
N GLN H 87 1.21 29.82 -0.77
CA GLN H 87 1.23 31.27 -0.77
C GLN H 87 2.04 31.86 -1.93
N ALA H 88 3.17 31.22 -2.24
CA ALA H 88 4.09 31.75 -3.25
C ALA H 88 4.22 30.85 -4.48
N ILE H 89 4.17 31.47 -5.66
CA ILE H 89 4.26 30.74 -6.93
C ILE H 89 5.62 30.94 -7.58
N THR H 90 6.28 29.84 -7.95
CA THR H 90 7.65 29.94 -8.51
C THR H 90 7.76 29.44 -9.94
N ILE H 91 8.54 30.18 -10.74
CA ILE H 91 8.73 29.84 -12.14
C ILE H 91 10.18 29.60 -12.53
N ASP H 92 10.51 28.37 -12.93
CA ASP H 92 11.87 28.11 -13.39
C ASP H 92 12.05 28.41 -14.86
N ALA H 93 11.05 28.18 -15.71
CA ALA H 93 11.19 28.42 -17.16
C ALA H 93 9.96 28.98 -17.89
N ILE H 94 10.17 30.01 -18.72
CA ILE H 94 9.12 30.65 -19.49
C ILE H 94 9.41 30.44 -20.99
N ASP H 95 8.37 30.08 -21.76
CA ASP H 95 8.57 29.81 -23.20
C ASP H 95 7.58 30.45 -24.13
N VAL H 96 8.02 30.76 -25.34
CA VAL H 96 7.16 31.37 -26.34
C VAL H 96 7.01 30.40 -27.53
N LEU H 97 5.77 29.98 -27.81
CA LEU H 97 5.44 29.03 -28.88
C LEU H 97 4.55 29.55 -29.99
N TYR H 98 4.82 29.04 -31.18
CA TYR H 98 4.05 29.46 -32.34
C TYR H 98 3.95 28.28 -33.27
N GLN H 99 2.71 27.81 -33.49
CA GLN H 99 2.40 26.64 -34.32
C GLN H 99 2.82 25.34 -33.62
N GLY H 100 2.87 25.39 -32.29
CA GLY H 100 3.30 24.22 -31.52
C GLY H 100 4.83 24.04 -31.47
N ARG H 101 5.59 25.02 -31.96
CA ARG H 101 7.07 24.99 -31.96
C ARG H 101 7.57 26.11 -31.06
N VAL H 102 8.79 25.95 -30.56
CA VAL H 102 9.35 26.95 -29.67
C VAL H 102 10.16 28.05 -30.32
N VAL H 103 9.65 29.28 -30.22
CA VAL H 103 10.34 30.43 -30.78
C VAL H 103 11.58 30.78 -29.96
N CYS H 104 11.46 30.79 -28.63
CA CYS H 104 12.59 31.09 -27.71
C CYS H 104 12.36 30.47 -26.32
N HIS H 105 13.42 30.25 -25.58
CA HIS H 105 13.33 29.64 -24.26
C HIS H 105 14.10 30.42 -23.20
N TYR H 106 13.47 30.67 -22.05
CA TYR H 106 14.13 31.40 -20.97
C TYR H 106 14.20 30.51 -19.74
N ASP H 107 15.40 30.21 -19.27
CA ASP H 107 15.53 29.34 -18.09
C ASP H 107 15.82 30.02 -16.78
N SER H 108 16.25 31.27 -16.93
CA SER H 108 16.63 32.17 -15.84
C SER H 108 16.08 33.59 -16.12
N PHE H 109 16.24 34.52 -15.17
CA PHE H 109 15.74 35.89 -15.32
C PHE H 109 16.65 36.96 -14.76
N PRO H 110 16.62 38.16 -15.34
CA PRO H 110 17.45 39.25 -14.83
C PRO H 110 16.75 39.80 -13.58
N MET H 111 17.50 40.25 -12.57
CA MET H 111 16.90 40.79 -11.34
C MET H 111 16.02 42.02 -11.62
N THR H 112 14.89 42.08 -10.94
CA THR H 112 14.00 43.21 -11.12
C THR H 112 14.26 44.33 -10.13
N ALA H 113 14.00 45.56 -10.57
CA ALA H 113 14.22 46.73 -9.73
C ALA H 113 13.46 46.69 -8.42
N ASP H 114 12.21 46.26 -8.48
CA ASP H 114 11.38 46.16 -7.30
C ASP H 114 11.72 44.88 -6.53
N ASP H 115 12.87 44.91 -5.86
CA ASP H 115 13.35 43.80 -5.06
C ASP H 115 14.25 44.39 -4.01
N LYS H 116 13.67 44.68 -2.86
CA LYS H 116 14.38 45.28 -1.76
C LYS H 116 15.52 44.46 -1.20
N TYR H 117 15.33 43.15 -1.14
CA TYR H 117 16.33 42.25 -0.60
C TYR H 117 17.67 42.30 -1.32
N HIS H 118 17.63 42.16 -2.66
CA HIS H 118 18.83 42.15 -3.48
C HIS H 118 19.28 43.49 -4.07
N ILE H 119 18.48 44.55 -3.90
CA ILE H 119 18.82 45.86 -4.46
C ILE H 119 20.10 46.53 -3.91
N GLY H 120 20.32 46.49 -2.60
CA GLY H 120 21.51 47.13 -2.08
C GLY H 120 22.65 46.20 -1.73
N GLN H 121 22.94 45.25 -2.61
CA GLN H 121 24.01 44.31 -2.38
C GLN H 121 24.97 44.23 -3.54
N THR H 122 26.16 43.69 -3.25
CA THR H 122 27.19 43.51 -4.26
C THR H 122 27.33 42.05 -4.64
N ILE H 123 26.96 41.72 -5.87
CA ILE H 123 27.03 40.33 -6.30
C ILE H 123 27.99 40.07 -7.43
N GLY H 124 28.97 39.24 -7.15
CA GLY H 124 29.97 38.92 -8.14
C GLY H 124 30.79 40.17 -8.48
N GLY H 125 31.13 40.98 -7.48
CA GLY H 125 31.95 42.17 -7.73
C GLY H 125 31.30 43.41 -8.33
N LEU H 126 30.01 43.35 -8.61
CA LEU H 126 29.27 44.48 -9.18
C LEU H 126 28.02 44.70 -8.35
N THR H 127 27.76 45.95 -7.96
CA THR H 127 26.57 46.28 -7.19
C THR H 127 25.31 45.92 -7.99
N ALA H 128 24.20 45.74 -7.31
CA ALA H 128 22.98 45.34 -7.98
C ALA H 128 21.99 46.42 -8.38
N PHE H 129 21.57 46.36 -9.63
CA PHE H 129 20.60 47.28 -10.13
C PHE H 129 19.55 46.46 -10.87
N GLY H 130 18.30 46.88 -10.75
CA GLY H 130 17.24 46.19 -11.41
C GLY H 130 16.76 46.89 -12.64
N LEU H 131 15.67 46.34 -13.15
CA LEU H 131 15.06 46.85 -14.34
C LEU H 131 13.89 47.85 -14.07
N VAL H 132 13.87 48.92 -14.84
CA VAL H 132 12.83 49.91 -14.71
C VAL H 132 12.05 50.22 -15.99
N PHE H 133 10.71 50.31 -15.85
CA PHE H 133 9.75 50.60 -16.96
C PHE H 133 8.92 51.89 -16.81
N TRP H 134 9.07 52.85 -17.74
CA TRP H 134 8.36 54.14 -17.66
C TRP H 134 7.21 54.45 -18.63
N SER H 196 17.61 51.58 -24.76
CA SER H 196 18.19 50.56 -23.92
C SER H 196 17.79 49.14 -24.37
N PHE H 197 17.14 48.93 -25.52
CA PHE H 197 16.80 47.54 -25.94
C PHE H 197 17.67 47.04 -27.06
N ASP H 198 18.26 45.87 -26.90
CA ASP H 198 19.15 45.29 -27.91
C ASP H 198 18.60 43.96 -28.44
N ASP H 199 18.60 43.77 -29.76
CA ASP H 199 18.10 42.53 -30.38
C ASP H 199 18.91 41.28 -30.10
N GLN H 200 20.16 41.49 -29.68
CA GLN H 200 21.08 40.40 -29.36
C GLN H 200 20.89 39.87 -27.94
N TYR H 201 20.10 40.56 -27.13
CA TYR H 201 19.88 40.16 -25.73
C TYR H 201 18.42 40.05 -25.30
N PRO H 202 17.75 38.95 -25.69
CA PRO H 202 16.36 38.74 -25.32
C PRO H 202 16.24 38.38 -23.83
N PHE H 203 15.13 38.73 -23.20
CA PHE H 203 14.94 38.42 -21.79
C PHE H 203 13.50 38.49 -21.32
N ALA H 204 13.26 37.84 -20.20
CA ALA H 204 11.96 37.81 -19.52
C ALA H 204 12.15 38.13 -18.02
N THR H 205 11.08 38.56 -17.34
CA THR H 205 11.17 38.92 -15.93
C THR H 205 9.81 39.23 -15.28
N ILE H 206 9.77 39.20 -13.95
CA ILE H 206 8.55 39.45 -13.14
C ILE H 206 8.50 40.86 -12.51
N LEU H 207 7.43 41.63 -12.74
CA LEU H 207 7.29 42.96 -12.12
C LEU H 207 5.88 43.14 -11.56
N ALA H 208 5.77 43.73 -10.35
CA ALA H 208 4.48 43.97 -9.72
C ALA H 208 3.71 45.16 -10.23
N GLY H 209 2.75 44.88 -11.13
CA GLY H 209 1.90 45.94 -11.70
C GLY H 209 0.96 45.54 -12.84
N THR H 210 0.33 46.53 -13.46
CA THR H 210 -0.58 46.31 -14.60
C THR H 210 -0.37 47.39 -15.68
N TRP H 211 -0.87 47.10 -16.87
CA TRP H 211 -0.72 48.01 -17.98
C TRP H 211 -2.03 48.73 -18.34
N GLU H 212 -1.96 50.05 -18.53
CA GLU H 212 -3.14 50.87 -18.88
C GLU H 212 -2.97 51.61 -20.20
N VAL H 213 -4.03 51.66 -20.97
CA VAL H 213 -4.05 52.31 -22.27
C VAL H 213 -5.06 53.46 -22.27
N ASN H 214 -4.65 54.63 -22.76
CA ASN H 214 -5.49 55.84 -22.82
C ASN H 214 -5.52 56.39 -24.24
N TYR H 215 -6.71 56.67 -24.76
CA TYR H 215 -6.82 57.19 -26.12
C TYR H 215 -6.93 58.71 -26.29
N VAL H 216 -5.89 59.36 -26.82
CA VAL H 216 -5.91 60.83 -27.03
C VAL H 216 -6.82 61.11 -28.24
N SER H 217 -6.58 60.38 -29.32
CA SER H 217 -7.34 60.53 -30.55
C SER H 217 -7.76 59.15 -31.07
N THR H 218 -8.37 59.09 -32.26
CA THR H 218 -8.84 57.84 -32.88
C THR H 218 -7.73 56.82 -33.12
N ASN H 219 -6.55 57.30 -33.50
CA ASN H 219 -5.43 56.38 -33.76
C ASN H 219 -4.16 56.59 -32.90
N TYR H 220 -4.27 57.44 -31.89
CA TYR H 220 -3.12 57.70 -31.03
C TYR H 220 -3.45 57.43 -29.59
N VAL H 221 -2.45 56.95 -28.86
CA VAL H 221 -2.66 56.60 -27.46
C VAL H 221 -1.55 57.04 -26.51
N GLU H 222 -1.87 57.06 -25.22
CA GLU H 222 -0.89 57.37 -24.18
C GLU H 222 -0.91 56.11 -23.26
N THR H 223 0.23 55.73 -22.70
CA THR H 223 0.33 54.53 -21.86
C THR H 223 1.00 54.64 -20.48
N ASN H 224 0.32 54.18 -19.43
CA ASN H 224 0.88 54.29 -18.11
C ASN H 224 1.04 52.98 -17.37
N PHE H 225 2.21 52.75 -16.77
CA PHE H 225 2.46 51.51 -16.01
C PHE H 225 2.42 51.81 -14.51
N ARG H 226 1.53 51.09 -13.83
CA ARG H 226 1.25 51.26 -12.41
C ARG H 226 1.65 50.14 -11.41
N ASN H 227 2.02 50.50 -10.16
CA ASN H 227 2.40 49.52 -9.10
C ASN H 227 1.15 48.82 -8.57
N THR H 228 1.30 47.59 -8.07
CA THR H 228 0.16 46.79 -7.57
C THR H 228 0.23 46.33 -6.13
N SER H 229 1.33 46.65 -5.46
CA SER H 229 1.49 46.29 -4.08
C SER H 229 1.59 44.79 -3.86
N ALA H 230 2.38 44.15 -4.70
CA ALA H 230 2.60 42.70 -4.56
C ALA H 230 4.08 42.37 -4.26
N VAL H 231 4.37 41.19 -3.73
CA VAL H 231 5.75 40.82 -3.40
C VAL H 231 6.55 40.14 -4.51
N ILE H 232 7.84 40.47 -4.62
CA ILE H 232 8.68 39.84 -5.62
C ILE H 232 10.02 39.46 -5.03
N LYS H 233 10.38 38.20 -5.21
CA LYS H 233 11.64 37.68 -4.72
C LYS H 233 12.34 36.83 -5.80
N PHE H 234 13.64 36.62 -5.64
CA PHE H 234 14.39 35.80 -6.59
C PHE H 234 15.04 34.58 -5.93
N ASP H 235 14.76 33.41 -6.49
CA ASP H 235 15.24 32.14 -5.93
C ASP H 235 16.76 31.91 -5.94
N ARG H 236 17.41 32.19 -7.06
CA ARG H 236 18.82 31.85 -7.24
C ARG H 236 19.61 32.74 -8.20
N PHE H 237 20.94 32.70 -8.08
CA PHE H 237 21.83 33.41 -8.98
C PHE H 237 22.75 32.46 -9.75
N VAL H 238 22.82 32.63 -11.06
CA VAL H 238 23.70 31.83 -11.89
C VAL H 238 24.70 32.80 -12.49
N ASN H 239 25.97 32.42 -12.50
CA ASN H 239 27.00 33.38 -12.87
C ASN H 239 26.74 33.93 -14.25
N THR H 240 26.89 35.24 -14.37
CA THR H 240 26.57 36.01 -15.57
C THR H 240 26.17 37.40 -15.13
N HIS H 241 25.83 38.25 -16.10
CA HIS H 241 25.30 39.58 -15.79
C HIS H 241 24.55 40.19 -16.96
N TYR H 242 23.78 41.23 -16.69
CA TYR H 242 23.07 41.92 -17.76
C TYR H 242 23.61 43.32 -17.98
N SER H 243 23.94 43.62 -19.23
CA SER H 243 24.45 44.94 -19.58
C SER H 243 25.32 45.55 -18.50
N PRO H 244 26.39 44.82 -18.09
CA PRO H 244 27.28 45.33 -17.04
C PRO H 244 28.30 46.40 -17.44
N ASP H 245 28.53 47.32 -16.50
CA ASP H 245 29.47 48.41 -16.66
C ASP H 245 30.71 48.08 -15.79
N THR H 246 31.82 47.71 -16.42
CA THR H 246 33.05 47.35 -15.71
C THR H 246 33.67 48.52 -14.90
N GLN H 247 33.64 49.71 -15.49
CA GLN H 247 34.18 50.94 -14.90
C GLN H 247 33.47 51.36 -13.60
N ASN H 248 32.14 51.29 -13.61
CA ASN H 248 31.34 51.70 -12.46
C ASN H 248 30.81 50.59 -11.57
N ASN H 249 31.12 49.33 -11.88
CA ASN H 249 30.63 48.21 -11.08
C ASN H 249 29.12 48.05 -11.17
N ASN H 250 28.53 48.48 -12.28
CA ASN H 250 27.07 48.39 -12.49
C ASN H 250 26.70 47.10 -13.23
N GLY H 251 25.61 46.47 -12.79
CA GLY H 251 25.18 45.23 -13.43
C GLY H 251 23.93 44.60 -12.85
N VAL H 252 23.35 43.68 -13.60
CA VAL H 252 22.16 43.04 -13.17
C VAL H 252 22.35 41.56 -12.94
N PRO H 253 22.26 41.13 -11.68
CA PRO H 253 22.43 39.70 -11.35
C PRO H 253 21.32 38.83 -12.01
N ILE H 254 21.66 37.62 -12.40
CA ILE H 254 20.68 36.73 -13.04
C ILE H 254 20.41 35.52 -12.12
N PHE H 255 19.14 35.26 -11.83
CA PHE H 255 18.77 34.15 -10.95
C PHE H 255 17.96 33.12 -11.71
N ASP H 256 18.11 31.83 -11.37
CA ASP H 256 17.35 30.77 -12.04
C ASP H 256 15.88 30.67 -11.67
N VAL H 257 15.50 31.07 -10.47
CA VAL H 257 14.08 31.04 -10.11
C VAL H 257 13.48 32.36 -9.60
N ALA H 258 12.27 32.64 -10.10
CA ALA H 258 11.51 33.85 -9.73
C ALA H 258 10.21 33.46 -9.05
N SER H 259 9.90 34.20 -7.98
CA SER H 259 8.72 33.94 -7.15
C SER H 259 7.81 35.16 -6.93
N ALA H 260 6.52 34.92 -6.70
CA ALA H 260 5.54 36.00 -6.48
C ALA H 260 4.58 35.63 -5.33
N SER H 261 3.81 36.62 -4.91
CA SER H 261 2.96 36.53 -3.73
C SER H 261 1.54 36.99 -4.04
N GLN H 262 0.80 37.29 -2.97
CA GLN H 262 -0.59 37.73 -3.08
C GLN H 262 -0.71 39.02 -3.87
N SER H 263 -1.81 39.13 -4.61
CA SER H 263 -2.13 40.30 -5.44
C SER H 263 -1.57 40.22 -6.84
N ASN H 264 -1.88 41.23 -7.65
CA ASN H 264 -1.53 41.24 -9.06
C ASN H 264 -0.06 41.38 -9.40
N PHE H 265 0.31 40.89 -10.57
CA PHE H 265 1.70 40.91 -11.04
C PHE H 265 1.70 40.70 -12.55
N ALA H 266 2.71 41.25 -13.21
CA ALA H 266 2.83 41.14 -14.64
C ALA H 266 4.08 40.38 -15.06
N VAL H 267 4.11 39.97 -16.32
CA VAL H 267 5.25 39.28 -16.90
C VAL H 267 5.68 40.05 -18.16
N VAL H 268 6.95 40.44 -18.29
CA VAL H 268 7.39 41.17 -19.48
C VAL H 268 8.28 40.28 -20.35
N ILE H 269 7.87 40.00 -21.58
CA ILE H 269 8.64 39.12 -22.43
C ILE H 269 9.15 39.75 -23.71
N TRP H 270 10.47 39.66 -23.94
CA TRP H 270 11.05 40.22 -25.14
C TRP H 270 11.81 39.30 -26.10
N CYS H 271 11.12 38.84 -27.15
CA CYS H 271 11.70 37.96 -28.16
C CYS H 271 11.68 38.63 -29.53
N PRO H 272 12.87 39.03 -30.03
CA PRO H 272 13.04 39.71 -31.31
C PRO H 272 12.55 38.93 -32.52
N ASN H 273 12.41 37.62 -32.38
CA ASN H 273 11.96 36.77 -33.49
C ASN H 273 10.46 36.89 -33.83
N VAL H 274 9.63 37.38 -32.88
CA VAL H 274 8.17 37.53 -33.11
C VAL H 274 7.80 38.72 -34.00
N ASN H 275 7.09 38.45 -35.09
CA ASN H 275 6.67 39.47 -36.05
C ASN H 275 5.14 39.54 -36.17
N PRO H 276 4.53 40.62 -35.68
CA PRO H 276 3.09 40.87 -35.71
C PRO H 276 2.46 40.85 -37.12
N ASN H 277 3.19 41.27 -38.13
CA ASN H 277 2.65 41.31 -39.48
C ASN H 277 2.39 39.95 -40.13
N VAL H 278 3.09 38.92 -39.66
CA VAL H 278 2.90 37.56 -40.21
C VAL H 278 2.35 36.52 -39.24
N MET H 279 2.33 36.85 -37.94
CA MET H 279 1.83 35.94 -36.92
C MET H 279 0.45 36.40 -36.38
N GLN H 280 -0.55 35.52 -36.45
CA GLN H 280 -1.89 35.86 -35.98
C GLN H 280 -1.97 35.90 -34.46
N SER H 281 -1.26 34.97 -33.82
CA SER H 281 -1.24 34.85 -32.35
C SER H 281 -0.02 34.04 -31.87
N VAL H 282 0.32 34.20 -30.59
CA VAL H 282 1.42 33.44 -29.99
C VAL H 282 0.91 32.82 -28.69
N ASP H 283 1.74 31.98 -28.10
CA ASP H 283 1.37 31.33 -26.86
C ASP H 283 2.53 31.32 -25.89
N VAL H 284 2.23 31.35 -24.59
CA VAL H 284 3.25 31.33 -23.54
C VAL H 284 3.07 30.14 -22.58
N LYS H 285 4.18 29.56 -22.15
CA LYS H 285 4.13 28.41 -21.27
C LYS H 285 5.06 28.62 -20.08
N MET H 286 4.56 28.31 -18.89
CA MET H 286 5.34 28.44 -17.68
C MET H 286 5.59 27.08 -17.04
N VAL H 287 6.81 26.86 -16.58
CA VAL H 287 7.17 25.60 -15.95
C VAL H 287 7.48 25.85 -14.49
N PHE H 288 6.70 25.23 -13.61
CA PHE H 288 6.88 25.39 -12.18
C PHE H 288 8.05 24.68 -11.56
N SER H 289 8.39 25.05 -10.34
CA SER H 289 9.47 24.39 -9.64
C SER H 289 9.14 22.91 -9.36
N ASP H 290 7.88 22.64 -9.03
CA ASP H 290 7.42 21.27 -8.78
C ASP H 290 7.28 20.41 -10.06
N GLY H 291 7.38 21.05 -11.23
CA GLY H 291 7.27 20.33 -12.48
C GLY H 291 5.95 20.45 -13.24
N SER H 292 4.90 20.96 -12.59
CA SER H 292 3.62 21.13 -13.27
C SER H 292 3.72 22.28 -14.27
N THR H 293 2.76 22.41 -15.17
CA THR H 293 2.81 23.50 -16.14
C THR H 293 1.50 24.27 -16.34
N TRP H 294 1.61 25.49 -16.84
CA TRP H 294 0.44 26.35 -17.06
C TRP H 294 0.63 27.12 -18.37
N GLU H 295 -0.45 27.31 -19.11
CA GLU H 295 -0.39 28.04 -20.39
C GLU H 295 -1.52 29.02 -20.60
N ALA H 296 -1.22 30.10 -21.31
CA ALA H 296 -2.17 31.18 -21.59
C ALA H 296 -2.14 31.55 -23.06
N SER H 297 -3.17 32.24 -23.54
CA SER H 297 -3.24 32.61 -24.93
C SER H 297 -3.26 34.11 -25.19
N VAL H 298 -2.38 34.57 -26.07
CA VAL H 298 -2.31 36.00 -26.39
C VAL H 298 -2.49 36.38 -27.86
N PRO H 299 -3.56 37.13 -28.23
CA PRO H 299 -3.73 37.52 -29.64
C PRO H 299 -2.70 38.61 -29.92
N LEU H 300 -2.23 38.64 -31.17
CA LEU H 300 -1.24 39.62 -31.59
C LEU H 300 -1.84 40.57 -32.63
N SER H 301 -2.80 40.05 -33.39
CA SER H 301 -3.45 40.85 -34.43
C SER H 301 -3.82 42.24 -33.92
N ILE H 302 -3.57 43.24 -34.75
CA ILE H 302 -3.90 44.62 -34.40
C ILE H 302 -5.32 44.67 -33.84
N THR H 303 -6.27 44.21 -34.64
CA THR H 303 -7.67 44.19 -34.23
C THR H 303 -8.59 43.95 -35.42
N VAL I 1 36.05 -31.15 34.92
CA VAL I 1 34.70 -31.47 34.35
C VAL I 1 33.81 -30.23 34.32
N SER I 2 34.43 -29.09 34.59
CA SER I 2 33.81 -27.78 34.60
C SER I 2 32.98 -27.48 33.32
N PRO I 3 33.64 -27.51 32.14
CA PRO I 3 32.86 -27.24 30.93
C PRO I 3 31.56 -28.06 30.81
N VAL I 4 31.62 -29.36 31.09
CA VAL I 4 30.42 -30.21 30.97
C VAL I 4 29.23 -29.79 31.81
N ILE I 5 29.46 -29.36 33.04
CA ILE I 5 28.38 -28.93 33.90
C ILE I 5 27.89 -27.54 33.52
N ALA I 6 28.83 -26.67 33.15
CA ALA I 6 28.51 -25.29 32.76
C ALA I 6 27.56 -25.27 31.55
N THR I 7 27.94 -25.97 30.50
CA THR I 7 27.13 -26.02 29.30
C THR I 7 25.70 -26.45 29.57
N LEU I 8 25.50 -27.43 30.45
CA LEU I 8 24.16 -27.95 30.77
C LEU I 8 23.23 -26.94 31.40
N LEU I 9 23.77 -26.19 32.35
CA LEU I 9 22.95 -25.18 32.98
C LEU I 9 22.59 -24.06 32.02
N LEU I 10 23.49 -23.75 31.07
CA LEU I 10 23.25 -22.67 30.09
C LEU I 10 22.15 -23.03 29.08
N ILE I 11 22.09 -24.30 28.67
CA ILE I 11 21.08 -24.84 27.73
C ILE I 11 19.69 -24.72 28.32
N LEU I 12 19.55 -25.15 29.57
CA LEU I 12 18.28 -25.09 30.25
C LEU I 12 17.73 -23.67 30.35
N ILE I 13 18.61 -22.71 30.68
CA ILE I 13 18.26 -21.30 30.86
C ILE I 13 17.67 -20.64 29.61
N ALA I 14 18.35 -20.86 28.48
CA ALA I 14 17.91 -20.30 27.21
C ALA I 14 16.56 -20.92 26.74
N VAL I 15 16.32 -22.20 27.02
CA VAL I 15 15.06 -22.87 26.65
C VAL I 15 13.89 -22.27 27.40
N ALA I 16 14.07 -22.04 28.70
CA ALA I 16 13.04 -21.46 29.58
C ALA I 16 12.63 -20.04 29.18
N ALA I 17 13.62 -19.23 28.82
CA ALA I 17 13.36 -17.86 28.39
C ALA I 17 12.62 -17.81 27.04
N ALA I 18 12.93 -18.72 26.13
CA ALA I 18 12.29 -18.76 24.81
C ALA I 18 10.81 -19.08 24.92
N VAL I 19 10.47 -20.02 25.79
CA VAL I 19 9.08 -20.41 25.99
C VAL I 19 8.31 -19.27 26.63
N LEU I 20 8.99 -18.52 27.51
CA LEU I 20 8.36 -17.40 28.15
C LEU I 20 8.09 -16.29 27.13
N LEU I 21 8.96 -16.16 26.12
CA LEU I 21 8.79 -15.13 25.09
C LEU I 21 7.52 -15.40 24.28
N TYR I 22 7.29 -16.67 24.02
CA TYR I 22 6.12 -17.10 23.26
C TYR I 22 4.81 -16.71 23.93
N THR I 23 4.69 -17.01 25.23
CA THR I 23 3.47 -16.70 25.96
C THR I 23 3.22 -15.21 25.96
N TRP I 24 4.28 -14.44 26.16
CA TRP I 24 4.15 -13.00 26.20
C TRP I 24 3.77 -12.41 24.83
N VAL I 25 4.35 -12.94 23.76
CA VAL I 25 4.07 -12.44 22.42
C VAL I 25 2.65 -12.71 22.04
N SER I 26 2.21 -13.96 22.20
CA SER I 26 0.84 -14.33 21.84
C SER I 26 -0.20 -13.63 22.71
N GLY I 27 0.12 -13.43 23.98
CA GLY I 27 -0.81 -12.73 24.81
C GLY I 27 -0.87 -11.28 24.30
N LEU I 28 0.26 -10.70 23.89
CA LEU I 28 0.29 -9.32 23.39
C LEU I 28 -0.63 -9.12 22.18
N SER I 29 -0.66 -10.14 21.33
CA SER I 29 -1.51 -10.10 20.17
C SER I 29 -2.97 -10.33 20.58
N ALA I 30 -3.92 -10.02 19.68
CA ALA I 30 -5.34 -10.20 19.91
C ALA I 30 -5.76 -9.38 21.12
N ASN I 31 -4.95 -8.35 21.39
CA ASN I 31 -5.22 -7.45 22.50
C ASN I 31 -5.39 -6.04 21.93
N VAL I 32 -6.14 -5.91 20.83
CA VAL I 32 -6.42 -4.60 20.25
C VAL I 32 -7.92 -4.49 20.04
N ALA I 33 -8.50 -3.44 20.64
CA ALA I 33 -9.93 -3.15 20.64
C ALA I 33 -10.47 -2.63 19.31
N GLY I 34 -10.02 -1.44 18.91
CA GLY I 34 -10.48 -0.87 17.65
C GLY I 34 -11.73 0.02 17.74
N THR I 35 -12.54 0.00 16.68
CA THR I 35 -13.75 0.82 16.60
C THR I 35 -14.86 0.28 15.70
N GLN I 36 -15.98 0.98 15.77
CA GLN I 36 -17.12 0.65 14.97
C GLN I 36 -17.21 1.84 14.03
N VAL I 37 -17.89 1.63 12.92
CA VAL I 37 -18.10 2.68 11.94
C VAL I 37 -19.58 3.02 12.01
N THR I 38 -19.83 4.27 12.40
CA THR I 38 -21.17 4.80 12.55
C THR I 38 -21.84 4.67 11.21
N GLY I 39 -23.13 4.39 11.27
CA GLY I 39 -23.89 4.21 10.07
C GLY I 39 -23.97 5.50 9.32
N LYS I 40 -24.61 5.38 8.17
CA LYS I 40 -24.81 6.50 7.27
C LYS I 40 -25.68 7.43 8.00
N SER I 41 -25.53 8.70 7.65
CA SER I 41 -26.32 9.72 8.29
C SER I 41 -27.78 9.41 8.26
N LEU I 42 -28.38 9.79 9.37
CA LEU I 42 -29.78 9.62 9.65
C LEU I 42 -30.57 10.57 8.75
N THR I 43 -31.60 10.04 8.09
CA THR I 43 -32.42 10.92 7.26
C THR I 43 -33.26 11.81 8.16
N LEU I 44 -33.46 13.04 7.72
CA LEU I 44 -34.18 14.02 8.48
C LEU I 44 -35.66 13.93 8.16
N ILE I 45 -36.46 13.48 9.13
CA ILE I 45 -37.90 13.37 8.94
C ILE I 45 -38.55 14.74 9.07
N GLN I 46 -38.04 15.58 9.98
CA GLN I 46 -38.58 16.92 10.19
C GLN I 46 -37.66 17.76 11.06
N ALA I 47 -37.79 19.08 10.93
CA ALA I 47 -37.03 20.04 11.72
C ALA I 47 -38.08 21.07 12.00
N THR I 48 -38.29 21.35 13.27
CA THR I 48 -39.28 22.35 13.64
C THR I 48 -39.06 22.96 15.04
N TRP I 49 -39.93 23.89 15.45
CA TRP I 49 -39.77 24.53 16.74
C TRP I 49 -41.06 25.12 17.28
N ALA I 50 -41.18 25.21 18.61
CA ALA I 50 -42.36 25.79 19.26
C ALA I 50 -41.97 26.63 20.49
N ARG I 51 -42.93 27.39 21.01
CA ARG I 51 -42.68 28.25 22.16
C ARG I 51 -42.85 27.51 23.49
N PRO I 52 -41.83 27.59 24.37
CA PRO I 52 -41.84 26.94 25.69
C PRO I 52 -42.68 27.72 26.69
N ALA I 53 -42.94 27.08 27.82
CA ALA I 53 -43.73 27.69 28.86
C ALA I 53 -42.84 27.69 30.08
N THR I 54 -42.54 28.87 30.61
CA THR I 54 -41.75 28.95 31.84
C THR I 54 -42.65 29.22 33.06
N ASN I 55 -43.86 29.73 32.80
CA ASN I 55 -44.79 29.99 33.89
C ASN I 55 -45.80 28.89 33.95
N VAL I 56 -45.68 28.04 34.98
CA VAL I 56 -46.55 26.90 35.17
C VAL I 56 -47.21 26.94 36.52
N GLY I 57 -48.54 26.80 36.50
CA GLY I 57 -49.33 26.75 37.71
C GLY I 57 -49.87 25.34 37.84
N THR I 58 -50.97 25.16 38.55
CA THR I 58 -51.59 23.84 38.70
C THR I 58 -52.50 23.56 37.46
N THR I 59 -52.82 24.65 36.74
CA THR I 59 -53.60 24.65 35.49
C THR I 59 -52.92 25.64 34.53
N ILE I 60 -52.95 25.31 33.24
CA ILE I 60 -52.34 26.10 32.22
C ILE I 60 -53.33 26.86 31.29
N SER I 61 -53.06 28.14 31.08
CA SER I 61 -53.87 28.98 30.21
C SER I 61 -53.07 29.14 28.94
N LYS I 62 -53.60 29.85 27.96
CA LYS I 62 -52.86 29.99 26.72
C LYS I 62 -51.76 31.04 26.87
N ASP I 63 -51.92 31.90 27.88
CA ASP I 63 -50.96 32.93 28.21
C ASP I 63 -49.84 32.45 29.13
N SER I 64 -49.88 31.18 29.50
CA SER I 64 -48.82 30.63 30.34
C SER I 64 -47.59 30.31 29.48
N PHE I 65 -47.78 30.32 28.15
CA PHE I 65 -46.73 30.06 27.17
C PHE I 65 -46.08 31.35 26.75
N ASP I 66 -44.76 31.36 26.76
CA ASP I 66 -43.96 32.55 26.44
C ASP I 66 -43.81 32.93 24.96
N ARG I 67 -43.43 34.19 24.75
CA ARG I 67 -43.21 34.71 23.41
C ARG I 67 -41.75 35.12 23.29
N SER I 68 -41.25 35.00 22.05
CA SER I 68 -39.87 35.31 21.71
C SER I 68 -38.87 34.34 22.37
N LYS I 69 -39.31 33.09 22.53
CA LYS I 69 -38.50 32.04 23.11
C LYS I 69 -38.70 30.87 22.17
N ALA I 70 -37.74 29.96 22.07
CA ALA I 70 -37.87 28.84 21.14
C ALA I 70 -37.20 27.55 21.63
N VAL I 71 -37.78 26.41 21.28
CA VAL I 71 -37.22 25.10 21.62
C VAL I 71 -37.10 24.36 20.30
N LEU I 72 -35.93 23.81 20.01
CA LEU I 72 -35.74 23.12 18.74
C LEU I 72 -36.07 21.60 18.71
N ILE I 73 -36.83 21.15 17.69
CA ILE I 73 -37.16 19.72 17.57
C ILE I 73 -36.65 19.08 16.29
N LEU I 74 -36.11 17.87 16.44
CA LEU I 74 -35.55 17.18 15.29
C LEU I 74 -35.90 15.71 15.25
N SER I 75 -36.29 15.22 14.08
CA SER I 75 -36.63 13.80 13.93
C SER I 75 -35.69 13.10 12.94
N PHE I 76 -35.01 12.05 13.43
CA PHE I 76 -34.09 11.27 12.61
C PHE I 76 -34.47 9.78 12.49
N GLN I 77 -34.28 9.23 11.29
CA GLN I 77 -34.55 7.81 10.95
C GLN I 77 -33.27 7.13 10.43
N PRO I 78 -32.64 6.32 11.26
CA PRO I 78 -31.42 5.63 10.87
C PRO I 78 -31.76 4.60 9.82
N PRO I 79 -30.78 4.32 8.89
CA PRO I 79 -31.16 3.26 7.94
C PRO I 79 -30.51 1.97 8.37
N ALA I 80 -31.29 0.91 8.47
CA ALA I 80 -30.85 -0.32 9.12
C ALA I 80 -29.67 -1.02 8.45
N GLN I 81 -29.65 -1.02 7.13
CA GLN I 81 -28.83 -1.93 6.34
C GLN I 81 -27.45 -1.40 5.91
N VAL I 82 -27.04 -0.27 6.46
CA VAL I 82 -25.82 0.39 6.00
C VAL I 82 -24.57 -0.49 6.14
N LEU I 83 -23.79 -0.51 5.06
CA LEU I 83 -22.54 -1.28 4.91
C LEU I 83 -22.18 -2.24 6.04
N GLN I 84 -21.41 -1.73 7.01
CA GLN I 84 -21.12 -2.47 8.23
C GLN I 84 -21.74 -1.74 9.41
N GLY I 85 -22.55 -0.75 9.10
CA GLY I 85 -22.99 0.20 10.10
C GLY I 85 -23.47 -0.44 11.40
N GLY I 86 -23.11 0.22 12.49
CA GLY I 86 -23.49 -0.20 13.82
C GLY I 86 -24.96 -0.05 14.16
N GLN I 87 -25.44 -0.95 15.00
CA GLN I 87 -26.83 -0.94 15.46
C GLN I 87 -27.17 0.31 16.27
N ALA I 88 -26.24 0.76 17.11
CA ALA I 88 -26.49 1.87 18.02
C ALA I 88 -25.63 3.10 17.73
N ILE I 89 -26.26 4.27 17.72
CA ILE I 89 -25.59 5.53 17.43
C ILE I 89 -25.38 6.34 18.71
N THR I 90 -24.15 6.79 18.95
CA THR I 90 -23.84 7.50 20.21
C THR I 90 -23.38 8.95 20.00
N ILE I 91 -23.86 9.84 20.86
CA ILE I 91 -23.53 11.24 20.77
C ILE I 91 -22.87 11.81 22.01
N ASP I 92 -21.61 12.24 21.91
CA ASP I 92 -20.96 12.84 23.07
C ASP I 92 -21.25 14.35 23.16
N ALA I 93 -21.35 15.06 22.03
CA ALA I 93 -21.59 16.51 22.07
C ALA I 93 -22.51 17.09 20.99
N ILE I 94 -23.45 17.96 21.41
CA ILE I 94 -24.41 18.60 20.52
C ILE I 94 -24.17 20.12 20.55
N ASP I 95 -24.17 20.75 19.38
CA ASP I 95 -23.88 22.20 19.31
C ASP I 95 -24.83 23.01 18.46
N VAL I 96 -25.02 24.28 18.83
CA VAL I 96 -25.89 25.16 18.08
C VAL I 96 -25.05 26.31 17.51
N LEU I 97 -25.04 26.44 16.18
CA LEU I 97 -24.27 27.45 15.44
C LEU I 97 -25.06 28.46 14.64
N TYR I 98 -24.54 29.67 14.59
CA TYR I 98 -25.20 30.72 13.85
C TYR I 98 -24.13 31.62 13.28
N GLN I 99 -24.08 31.68 11.95
CA GLN I 99 -23.08 32.47 11.20
C GLN I 99 -21.70 31.83 11.28
N GLY I 100 -21.68 30.50 11.51
CA GLY I 100 -20.42 29.79 11.64
C GLY I 100 -19.77 29.92 13.04
N ARG I 101 -20.49 30.50 14.00
CA ARG I 101 -20.01 30.68 15.39
C ARG I 101 -20.91 29.86 16.30
N VAL I 102 -20.36 29.50 17.47
CA VAL I 102 -21.12 28.69 18.41
C VAL I 102 -21.94 29.44 19.44
N VAL I 103 -23.26 29.31 19.34
CA VAL I 103 -24.17 29.95 20.27
C VAL I 103 -24.10 29.28 21.66
N CYS I 104 -24.11 27.95 21.70
CA CYS I 104 -24.02 27.18 22.97
C CYS I 104 -23.45 25.77 22.72
N HIS I 105 -22.90 25.16 23.75
CA HIS I 105 -22.30 23.84 23.63
C HIS I 105 -22.79 22.89 24.72
N TYR I 106 -23.18 21.67 24.34
CA TYR I 106 -23.65 20.67 25.31
C TYR I 106 -22.73 19.46 25.24
N ASP I 107 -22.08 19.12 26.35
CA ASP I 107 -21.17 17.97 26.35
C ASP I 107 -21.68 16.71 26.98
N SER I 108 -22.76 16.92 27.75
CA SER I 108 -23.46 15.89 28.51
C SER I 108 -24.98 16.12 28.40
N PHE I 109 -25.78 15.20 28.94
CA PHE I 109 -27.25 15.30 28.87
C PHE I 109 -27.98 14.86 30.12
N PRO I 110 -29.16 15.45 30.39
CA PRO I 110 -29.92 15.05 31.57
C PRO I 110 -30.63 13.72 31.22
N MET I 111 -30.79 12.82 32.19
CA MET I 111 -31.45 11.51 31.93
C MET I 111 -32.90 11.69 31.44
N THR I 112 -33.28 10.89 30.47
CA THR I 112 -34.63 10.97 29.96
C THR I 112 -35.58 10.02 30.66
N ALA I 113 -36.84 10.44 30.74
CA ALA I 113 -37.87 9.64 31.41
C ALA I 113 -38.02 8.24 30.82
N ASP I 114 -37.99 8.15 29.50
CA ASP I 114 -38.12 6.88 28.83
C ASP I 114 -36.78 6.14 28.85
N ASP I 115 -36.43 5.62 30.03
CA ASP I 115 -35.20 4.87 30.22
C ASP I 115 -35.46 3.94 31.39
N LYS I 116 -35.88 2.74 31.06
CA LYS I 116 -36.20 1.73 32.05
C LYS I 116 -35.05 1.32 32.95
N TYR I 117 -33.86 1.21 32.36
CA TYR I 117 -32.68 0.81 33.10
C TYR I 117 -32.35 1.68 34.30
N HIS I 118 -32.27 3.00 34.06
CA HIS I 118 -31.92 3.96 35.09
C HIS I 118 -33.08 4.62 35.86
N ILE I 119 -34.32 4.36 35.45
CA ILE I 119 -35.48 4.96 36.10
C ILE I 119 -35.71 4.57 37.56
N GLY I 120 -35.57 3.31 37.93
CA GLY I 120 -35.81 2.94 39.32
C GLY I 120 -34.56 2.72 40.15
N GLN I 121 -33.60 3.62 40.02
CA GLN I 121 -32.36 3.52 40.78
C GLN I 121 -32.04 4.77 41.52
N THR I 122 -31.16 4.63 42.52
CA THR I 122 -30.70 5.76 43.30
C THR I 122 -29.28 6.15 42.95
N ILE I 123 -29.10 7.32 42.36
CA ILE I 123 -27.79 7.74 41.95
C ILE I 123 -27.28 8.98 42.64
N GLY I 124 -26.17 8.81 43.35
CA GLY I 124 -25.61 9.92 44.09
C GLY I 124 -26.55 10.37 45.20
N GLY I 125 -27.18 9.42 45.89
CA GLY I 125 -28.08 9.77 46.99
C GLY I 125 -29.48 10.30 46.68
N LEU I 126 -29.83 10.43 45.42
CA LEU I 126 -31.14 10.91 45.01
C LEU I 126 -31.71 9.93 43.97
N THR I 127 -32.96 9.52 44.17
CA THR I 127 -33.61 8.61 43.22
C THR I 127 -33.67 9.26 41.84
N ALA I 128 -33.82 8.44 40.81
CA ALA I 128 -33.83 8.96 39.46
C ALA I 128 -35.17 9.24 38.80
N PHE I 129 -35.28 10.43 38.25
CA PHE I 129 -36.48 10.82 37.55
C PHE I 129 -36.03 11.42 36.23
N GLY I 130 -36.80 11.15 35.19
CA GLY I 130 -36.48 11.67 33.88
C GLY I 130 -37.34 12.84 33.51
N LEU I 131 -37.16 13.21 32.25
CA LEU I 131 -37.87 14.31 31.69
C LEU I 131 -39.17 13.91 30.92
N VAL I 132 -40.21 14.69 31.13
CA VAL I 132 -41.47 14.43 30.47
C VAL I 132 -42.05 15.61 29.69
N PHE I 133 -42.53 15.31 28.46
CA PHE I 133 -43.13 16.30 27.51
C PHE I 133 -44.61 16.06 27.13
N TRP I 134 -45.50 17.02 27.46
CA TRP I 134 -46.95 16.85 27.19
C TRP I 134 -47.63 17.68 26.07
N SER I 196 -41.92 25.00 34.31
CA SER I 196 -40.74 24.23 34.66
C SER I 196 -39.52 24.62 33.78
N PHE I 197 -39.57 25.68 32.97
CA PHE I 197 -38.36 26.04 32.17
C PHE I 197 -37.65 27.27 32.72
N ASP I 198 -36.34 27.17 32.93
CA ASP I 198 -35.55 28.28 33.48
C ASP I 198 -34.47 28.72 32.49
N ASP I 199 -34.33 30.04 32.28
CA ASP I 199 -33.32 30.57 31.35
C ASP I 199 -31.87 30.39 31.77
N GLN I 200 -31.68 30.12 33.06
CA GLN I 200 -30.36 29.91 33.64
C GLN I 200 -29.87 28.47 33.47
N TYR I 201 -30.74 27.57 33.02
CA TYR I 201 -30.39 26.16 32.86
C TYR I 201 -30.71 25.55 31.49
N PRO I 202 -29.87 25.85 30.49
CA PRO I 202 -30.08 25.32 29.14
C PRO I 202 -29.73 23.82 29.10
N PHE I 203 -30.39 23.06 28.23
CA PHE I 203 -30.11 21.64 28.12
C PHE I 203 -30.60 21.01 26.84
N ALA I 204 -30.01 19.84 26.55
CA ALA I 204 -30.37 19.02 25.38
C ALA I 204 -30.57 17.55 25.84
N THR I 205 -31.28 16.76 25.04
CA THR I 205 -31.56 15.36 25.40
C THR I 205 -32.24 14.56 24.29
N ILE I 206 -32.18 13.23 24.40
CA ILE I 206 -32.77 12.30 23.41
C ILE I 206 -34.11 11.66 23.88
N LEU I 207 -35.17 11.77 23.08
CA LEU I 207 -36.46 11.14 23.41
C LEU I 207 -37.05 10.41 22.20
N ALA I 208 -37.60 9.21 22.43
CA ALA I 208 -38.19 8.42 21.35
C ALA I 208 -39.58 8.85 20.93
N GLY I 209 -39.65 9.62 19.84
CA GLY I 209 -40.92 10.10 19.28
C GLY I 209 -40.87 11.10 18.14
N THR I 210 -42.02 11.65 17.78
CA THR I 210 -42.11 12.67 16.71
C THR I 210 -43.11 13.78 17.11
N TRP I 211 -43.02 14.90 16.42
CA TRP I 211 -43.88 16.03 16.70
C TRP I 211 -44.98 16.23 15.65
N GLU I 212 -46.21 16.43 16.09
CA GLU I 212 -47.38 16.64 15.19
C GLU I 212 -48.06 17.98 15.42
N VAL I 213 -48.44 18.62 14.33
CA VAL I 213 -49.12 19.91 14.37
C VAL I 213 -50.51 19.80 13.76
N ASN I 214 -51.53 20.33 14.45
CA ASN I 214 -52.94 20.30 14.01
C ASN I 214 -53.51 21.71 13.99
N TYR I 215 -54.16 22.08 12.88
CA TYR I 215 -54.73 23.43 12.79
C TYR I 215 -56.20 23.58 13.12
N VAL I 216 -56.53 24.25 14.24
CA VAL I 216 -57.93 24.46 14.64
C VAL I 216 -58.52 25.56 13.74
N SER I 217 -57.79 26.65 13.60
CA SER I 217 -58.19 27.79 12.79
C SER I 217 -57.02 28.23 11.91
N THR I 218 -57.20 29.34 11.18
CA THR I 218 -56.16 29.89 10.28
C THR I 218 -54.86 30.26 10.99
N ASN I 219 -54.97 30.78 12.20
CA ASN I 219 -53.77 31.17 12.95
C ASN I 219 -53.54 30.47 14.31
N TYR I 220 -54.37 29.46 14.59
CA TYR I 220 -54.24 28.75 15.85
C TYR I 220 -54.03 27.28 15.63
N VAL I 221 -53.26 26.68 16.51
CA VAL I 221 -52.95 25.26 16.38
C VAL I 221 -52.99 24.45 17.67
N GLU I 222 -53.07 23.13 17.53
CA GLU I 222 -53.03 22.22 18.67
C GLU I 222 -51.81 21.29 18.37
N THR I 223 -51.08 20.88 19.40
CA THR I 223 -49.88 20.04 19.22
C THR I 223 -49.75 18.76 20.06
N ASN I 224 -49.49 17.64 19.40
CA ASN I 224 -49.39 16.39 20.12
C ASN I 224 -48.06 15.66 19.95
N PHE I 225 -47.47 15.21 21.06
CA PHE I 225 -46.18 14.48 21.01
C PHE I 225 -46.44 12.98 21.24
N ARG I 226 -46.00 12.20 20.26
CA ARG I 226 -46.21 10.76 20.21
C ARG I 226 -44.99 9.80 20.37
N ASN I 227 -45.18 8.61 20.98
CA ASN I 227 -44.10 7.60 21.15
C ASN I 227 -43.80 6.91 19.82
N THR I 228 -42.56 6.43 19.65
CA THR I 228 -42.13 5.79 18.38
C THR I 228 -41.63 4.36 18.48
N SER I 229 -41.59 3.84 19.70
CA SER I 229 -41.15 2.47 19.90
C SER I 229 -39.69 2.26 19.56
N ALA I 230 -38.85 3.18 20.01
CA ALA I 230 -37.41 3.07 19.80
C ALA I 230 -36.63 2.95 21.14
N VAL I 231 -35.40 2.45 21.10
CA VAL I 231 -34.62 2.29 22.33
C VAL I 231 -33.77 3.48 22.75
N ILE I 232 -33.69 3.75 24.06
CA ILE I 232 -32.87 4.83 24.54
C ILE I 232 -32.09 4.40 25.77
N LYS I 233 -30.78 4.63 25.70
CA LYS I 233 -29.88 4.29 26.79
C LYS I 233 -28.91 5.45 27.06
N PHE I 234 -28.30 5.44 28.25
CA PHE I 234 -27.31 6.47 28.60
C PHE I 234 -25.94 5.89 28.92
N ASP I 235 -24.92 6.39 28.23
CA ASP I 235 -23.56 5.88 28.36
C ASP I 235 -22.87 6.08 29.72
N ARG I 236 -22.98 7.28 30.28
CA ARG I 236 -22.22 7.62 31.50
C ARG I 236 -22.87 8.67 32.40
N PHE I 237 -22.43 8.71 33.66
CA PHE I 237 -22.85 9.74 34.61
C PHE I 237 -21.68 10.59 35.09
N VAL I 238 -21.87 11.90 35.06
CA VAL I 238 -20.87 12.83 35.56
C VAL I 238 -21.50 13.55 36.73
N ASN I 239 -20.76 13.72 37.81
CA ASN I 239 -21.37 14.21 39.03
C ASN I 239 -22.01 15.56 38.79
N THR I 240 -23.23 15.70 39.31
CA THR I 240 -24.08 16.85 39.11
C THR I 240 -25.52 16.39 39.21
N HIS I 241 -26.46 17.30 39.03
CA HIS I 241 -27.88 16.95 38.98
C HIS I 241 -28.72 18.03 38.31
N TYR I 242 -29.94 17.67 37.93
CA TYR I 242 -30.84 18.64 37.35
C TYR I 242 -32.01 18.94 38.26
N SER I 243 -32.24 20.22 38.52
CA SER I 243 -33.36 20.65 39.36
C SER I 243 -33.63 19.69 40.50
N PRO I 244 -32.61 19.40 41.33
CA PRO I 244 -32.78 18.47 42.45
C PRO I 244 -33.51 18.98 43.69
N ASP I 245 -34.29 18.10 44.30
CA ASP I 245 -35.05 18.37 45.51
C ASP I 245 -34.32 17.65 46.68
N THR I 246 -33.67 18.42 47.54
CA THR I 246 -32.92 17.87 48.68
C THR I 246 -33.81 17.14 49.71
N GLN I 247 -34.99 17.73 49.98
CA GLN I 247 -35.97 17.21 50.94
C GLN I 247 -36.55 15.85 50.55
N ASN I 248 -36.89 15.69 49.27
CA ASN I 248 -37.49 14.46 48.79
C ASN I 248 -36.56 13.50 48.04
N ASN I 249 -35.28 13.85 47.92
CA ASN I 249 -34.33 12.98 47.19
C ASN I 249 -34.64 12.88 45.71
N ASN I 250 -35.27 13.92 45.16
CA ASN I 250 -35.63 13.95 43.73
C ASN I 250 -34.54 14.62 42.89
N GLY I 251 -34.26 14.06 41.71
CA GLY I 251 -33.23 14.62 40.86
C GLY I 251 -32.99 13.89 39.56
N VAL I 252 -32.30 14.57 38.65
CA VAL I 252 -32.05 13.99 37.37
C VAL I 252 -30.57 13.77 37.13
N PRO I 253 -30.16 12.52 37.05
CA PRO I 253 -28.74 12.20 36.81
C PRO I 253 -28.26 12.70 35.44
N ILE I 254 -27.01 13.13 35.34
CA ILE I 254 -26.48 13.63 34.07
C ILE I 254 -25.38 12.68 33.55
N PHE I 255 -25.52 12.23 32.30
CA PHE I 255 -24.55 11.31 31.72
C PHE I 255 -23.84 11.96 30.54
N ASP I 256 -22.55 11.63 30.35
CA ASP I 256 -21.79 12.19 29.21
C ASP I 256 -22.13 11.66 27.83
N VAL I 257 -22.60 10.43 27.74
CA VAL I 257 -22.98 9.88 26.43
C VAL I 257 -24.40 9.31 26.32
N ALA I 258 -25.06 9.67 25.20
CA ALA I 258 -26.43 9.22 24.91
C ALA I 258 -26.44 8.38 23.65
N SER I 259 -27.20 7.29 23.69
CA SER I 259 -27.29 6.32 22.60
C SER I 259 -28.72 6.00 22.15
N ALA I 260 -28.88 5.62 20.87
CA ALA I 260 -30.19 5.27 20.31
C ALA I 260 -30.10 4.02 19.41
N SER I 261 -31.26 3.52 19.04
CA SER I 261 -31.40 2.25 18.35
C SER I 261 -32.28 2.37 17.11
N GLN I 262 -32.75 1.24 16.63
CA GLN I 262 -33.59 1.18 15.43
C GLN I 262 -34.89 1.96 15.62
N SER I 263 -35.35 2.57 14.54
CA SER I 263 -36.59 3.34 14.49
C SER I 263 -36.38 4.81 14.83
N ASN I 264 -37.47 5.58 14.75
CA ASN I 264 -37.40 7.03 14.91
C ASN I 264 -37.10 7.54 16.31
N PHE I 265 -36.56 8.75 16.37
CA PHE I 265 -36.18 9.38 17.63
C PHE I 265 -36.01 10.88 17.39
N ALA I 266 -36.25 11.66 18.44
CA ALA I 266 -36.16 13.09 18.35
C ALA I 266 -35.06 13.66 19.25
N VAL I 267 -34.70 14.90 19.01
CA VAL I 267 -33.71 15.61 19.81
C VAL I 267 -34.36 16.93 20.30
N VAL I 268 -34.35 17.21 21.59
CA VAL I 268 -34.94 18.45 22.11
C VAL I 268 -33.85 19.42 22.57
N ILE I 269 -33.76 20.59 21.95
CA ILE I 269 -32.71 21.52 22.31
C ILE I 269 -33.19 22.85 22.84
N TRP I 270 -32.71 23.23 24.02
CA TRP I 270 -33.10 24.51 24.59
C TRP I 270 -32.02 25.55 24.93
N CYS I 271 -31.83 26.50 24.02
CA CYS I 271 -30.85 27.57 24.18
C CYS I 271 -31.53 28.92 24.20
N PRO I 272 -31.57 29.57 25.38
CA PRO I 272 -32.20 30.87 25.60
C PRO I 272 -31.64 32.00 24.76
N ASN I 273 -30.43 31.84 24.24
CA ASN I 273 -29.81 32.88 23.43
C ASN I 273 -30.38 33.03 22.01
N VAL I 274 -31.06 32.00 21.49
CA VAL I 274 -31.66 32.05 20.13
C VAL I 274 -32.94 32.90 20.04
N ASN I 275 -32.93 33.90 19.14
CA ASN I 275 -34.06 34.79 18.95
C ASN I 275 -34.58 34.73 17.51
N PRO I 276 -35.79 34.18 17.32
CA PRO I 276 -36.46 34.03 16.03
C PRO I 276 -36.68 35.35 15.26
N ASN I 277 -36.89 36.46 15.97
CA ASN I 277 -37.13 37.74 15.31
C ASN I 277 -35.94 38.33 14.57
N VAL I 278 -34.73 37.94 14.97
CA VAL I 278 -33.51 38.47 14.31
C VAL I 278 -32.65 37.42 13.59
N MET I 279 -32.95 36.13 13.82
CA MET I 279 -32.19 35.04 13.19
C MET I 279 -33.02 34.35 12.09
N GLN I 280 -32.50 34.30 10.88
CA GLN I 280 -33.21 33.67 9.77
C GLN I 280 -33.23 32.14 9.89
N SER I 281 -32.11 31.58 10.35
CA SER I 281 -31.94 30.14 10.50
C SER I 281 -30.79 29.79 11.46
N VAL I 282 -30.80 28.57 11.99
CA VAL I 282 -29.72 28.10 12.86
C VAL I 282 -29.25 26.75 12.35
N ASP I 283 -28.18 26.25 12.94
CA ASP I 283 -27.63 24.97 12.53
C ASP I 283 -27.24 24.16 13.75
N VAL I 284 -27.32 22.83 13.62
CA VAL I 284 -26.95 21.91 14.70
C VAL I 284 -25.85 20.93 14.29
N LYS I 285 -24.96 20.63 15.21
CA LYS I 285 -23.84 19.74 14.92
C LYS I 285 -23.72 18.67 16.00
N MET I 286 -23.54 17.43 15.56
CA MET I 286 -23.40 16.31 16.49
C MET I 286 -22.00 15.71 16.37
N VAL I 287 -21.41 15.40 17.52
CA VAL I 287 -20.08 14.80 17.56
C VAL I 287 -20.19 13.39 18.10
N PHE I 288 -19.80 12.42 17.27
CA PHE I 288 -19.86 11.02 17.66
C PHE I 288 -18.80 10.56 18.61
N SER I 289 -19.02 9.38 19.19
CA SER I 289 -18.04 8.80 20.11
C SER I 289 -16.72 8.49 19.37
N ASP I 290 -16.84 8.01 18.14
CA ASP I 290 -15.66 7.68 17.31
C ASP I 290 -14.94 8.94 16.77
N GLY I 291 -15.55 10.11 16.92
CA GLY I 291 -14.91 11.33 16.45
C GLY I 291 -15.47 11.93 15.14
N SER I 292 -16.26 11.16 14.39
CA SER I 292 -16.83 11.68 13.15
C SER I 292 -17.92 12.70 13.48
N THR I 293 -18.35 13.49 12.50
CA THR I 293 -19.42 14.46 12.78
C THR I 293 -20.54 14.50 11.74
N TRP I 294 -21.69 15.02 12.16
CA TRP I 294 -22.87 15.11 11.30
C TRP I 294 -23.59 16.42 11.55
N GLU I 295 -24.12 17.04 10.50
CA GLU I 295 -24.84 18.31 10.63
C GLU I 295 -26.12 18.39 9.84
N ALA I 296 -27.09 19.13 10.37
CA ALA I 296 -28.41 19.31 9.76
C ALA I 296 -28.80 20.78 9.74
N SER I 297 -29.78 21.12 8.91
CA SER I 297 -30.19 22.52 8.80
C SER I 297 -31.63 22.77 9.20
N VAL I 298 -31.83 23.75 10.07
CA VAL I 298 -33.19 24.09 10.55
C VAL I 298 -33.65 25.54 10.32
N PRO I 299 -34.70 25.78 9.49
CA PRO I 299 -35.15 27.16 9.29
C PRO I 299 -35.89 27.58 10.55
N LEU I 300 -35.81 28.87 10.86
CA LEU I 300 -36.47 29.41 12.05
C LEU I 300 -37.58 30.38 11.64
N SER I 301 -37.41 31.01 10.49
CA SER I 301 -38.39 31.97 10.00
C SER I 301 -39.81 31.44 10.13
N ILE I 302 -40.71 32.29 10.58
CA ILE I 302 -42.11 31.90 10.72
C ILE I 302 -42.58 31.19 9.47
N THR I 303 -42.45 31.85 8.33
CA THR I 303 -42.85 31.28 7.05
C THR I 303 -42.93 32.34 5.97
N VAL J 1 44.27 -32.55 33.50
CA VAL J 1 44.15 -32.16 32.05
C VAL J 1 42.70 -32.22 31.58
N SER J 2 41.81 -32.40 32.56
CA SER J 2 40.37 -32.48 32.36
C SER J 2 39.80 -31.31 31.53
N PRO J 3 39.99 -30.06 32.00
CA PRO J 3 39.45 -28.95 31.21
C PRO J 3 39.84 -28.99 29.70
N VAL J 4 41.11 -29.28 29.40
CA VAL J 4 41.54 -29.31 28.01
C VAL J 4 40.81 -30.28 27.10
N ILE J 5 40.51 -31.47 27.59
CA ILE J 5 39.80 -32.45 26.80
C ILE J 5 38.32 -32.12 26.72
N ALA J 6 37.76 -31.63 27.83
CA ALA J 6 36.34 -31.28 27.90
C ALA J 6 35.99 -30.20 26.87
N THR J 7 36.75 -29.12 26.89
CA THR J 7 36.51 -28.02 25.97
C THR J 7 36.50 -28.47 24.52
N LEU J 8 37.39 -29.36 24.13
CA LEU J 8 37.49 -29.84 22.75
C LEU J 8 36.26 -30.58 22.25
N LEU J 9 35.75 -31.45 23.10
CA LEU J 9 34.56 -32.17 22.70
C LEU J 9 33.35 -31.25 22.59
N LEU J 10 33.29 -30.21 23.42
CA LEU J 10 32.16 -29.25 23.41
C LEU J 10 32.14 -28.38 22.14
N ILE J 11 33.33 -28.00 21.66
CA ILE J 11 33.50 -27.19 20.44
C ILE J 11 32.99 -27.94 19.21
N LEU J 12 33.39 -29.19 19.10
CA LEU J 12 32.97 -30.02 17.99
C LEU J 12 31.46 -30.18 17.92
N ILE J 13 30.82 -30.40 19.08
CA ILE J 13 29.37 -30.61 19.20
C ILE J 13 28.53 -29.44 18.70
N ALA J 14 28.91 -28.23 19.14
CA ALA J 14 28.21 -27.01 18.74
C ALA J 14 28.37 -26.72 17.23
N VAL J 15 29.53 -27.03 16.65
CA VAL J 15 29.78 -26.84 15.21
C VAL J 15 28.86 -27.71 14.37
N ALA J 16 28.74 -28.98 14.76
CA ALA J 16 27.91 -29.97 14.07
C ALA J 16 26.43 -29.61 14.07
N ALA J 17 25.93 -29.13 15.21
CA ALA J 17 24.54 -28.73 15.32
C ALA J 17 24.22 -27.48 14.49
N ALA J 18 25.16 -26.54 14.40
CA ALA J 18 24.96 -25.31 13.62
C ALA J 18 24.82 -25.60 12.14
N VAL J 19 25.64 -26.52 11.63
CA VAL J 19 25.60 -26.88 10.22
C VAL J 19 24.30 -27.60 9.92
N LEU J 20 23.82 -28.38 10.88
CA LEU J 20 22.57 -29.10 10.71
C LEU J 20 21.41 -28.10 10.68
N LEU J 21 21.52 -27.00 11.43
CA LEU J 21 20.46 -25.98 11.44
C LEU J 21 20.30 -25.34 10.09
N TYR J 22 21.43 -25.11 9.43
CA TYR J 22 21.46 -24.51 8.11
C TYR J 22 20.71 -25.33 7.08
N THR J 23 21.00 -26.62 7.02
CA THR J 23 20.36 -27.51 6.06
C THR J 23 18.87 -27.53 6.27
N TRP J 24 18.47 -27.60 7.52
CA TRP J 24 17.05 -27.65 7.85
C TRP J 24 16.34 -26.33 7.50
N VAL J 25 16.98 -25.20 7.77
CA VAL J 25 16.38 -23.89 7.51
C VAL J 25 16.18 -23.69 6.02
N SER J 26 17.25 -23.90 5.26
CA SER J 26 17.18 -23.72 3.81
C SER J 26 16.23 -24.70 3.14
N GLY J 27 16.16 -25.92 3.65
CA GLY J 27 15.25 -26.87 3.07
C GLY J 27 13.84 -26.35 3.39
N LEU J 28 13.62 -25.79 4.60
CA LEU J 28 12.29 -25.28 4.99
C LEU J 28 11.79 -24.20 4.04
N SER J 29 12.72 -23.37 3.59
CA SER J 29 12.38 -22.31 2.67
C SER J 29 12.17 -22.91 1.26
N ALA J 30 11.57 -22.12 0.37
CA ALA J 30 11.32 -22.53 -1.01
C ALA J 30 10.45 -23.77 -1.02
N ASN J 31 9.71 -23.93 0.09
CA ASN J 31 8.81 -25.06 0.24
C ASN J 31 7.39 -24.51 0.44
N VAL J 32 7.02 -23.50 -0.35
CA VAL J 32 5.67 -22.95 -0.28
C VAL J 32 5.10 -22.92 -1.70
N ALA J 33 3.95 -23.60 -1.85
CA ALA J 33 3.23 -23.76 -3.11
C ALA J 33 2.53 -22.50 -3.62
N GLY J 34 1.53 -22.04 -2.88
CA GLY J 34 0.80 -20.85 -3.29
C GLY J 34 -0.42 -21.07 -4.19
N THR J 35 -0.68 -20.12 -5.09
CA THR J 35 -1.83 -20.19 -5.99
C THR J 35 -1.68 -19.43 -7.31
N GLN J 36 -2.68 -19.63 -8.15
CA GLN J 36 -2.74 -18.97 -9.42
C GLN J 36 -3.93 -18.05 -9.25
N VAL J 37 -3.97 -17.02 -10.10
CA VAL J 37 -5.06 -16.07 -10.09
C VAL J 37 -5.83 -16.32 -11.37
N THR J 38 -7.09 -16.73 -11.17
CA THR J 38 -7.99 -17.04 -12.26
C THR J 38 -8.12 -15.79 -13.10
N GLY J 39 -8.24 -16.01 -14.40
CA GLY J 39 -8.34 -14.90 -15.31
C GLY J 39 -9.60 -14.16 -15.08
N LYS J 40 -9.73 -13.09 -15.86
CA LYS J 40 -10.87 -12.23 -15.81
C LYS J 40 -12.00 -13.04 -16.26
N SER J 41 -13.18 -12.68 -15.78
CA SER J 41 -14.37 -13.40 -16.13
C SER J 41 -14.51 -13.55 -17.63
N LEU J 42 -15.03 -14.71 -17.94
CA LEU J 42 -15.28 -15.17 -19.29
C LEU J 42 -16.44 -14.37 -19.85
N THR J 43 -16.28 -13.84 -21.05
CA THR J 43 -17.38 -13.11 -21.67
C THR J 43 -18.47 -14.09 -22.08
N LEU J 44 -19.71 -13.68 -21.95
CA LEU J 44 -20.85 -14.51 -22.23
C LEU J 44 -21.22 -14.37 -23.71
N ILE J 45 -21.00 -15.43 -24.48
CA ILE J 45 -21.34 -15.41 -25.90
C ILE J 45 -22.83 -15.62 -26.08
N GLN J 46 -23.45 -16.46 -25.24
CA GLN J 46 -24.88 -16.71 -25.31
C GLN J 46 -25.38 -17.47 -24.09
N ALA J 47 -26.68 -17.34 -23.82
CA ALA J 47 -27.34 -18.03 -22.72
C ALA J 47 -28.63 -18.43 -23.37
N THR J 48 -28.91 -19.71 -23.34
CA THR J 48 -30.16 -20.20 -23.93
C THR J 48 -30.63 -21.56 -23.37
N TRP J 49 -31.76 -22.06 -23.85
CA TRP J 49 -32.30 -23.31 -23.35
C TRP J 49 -33.23 -24.00 -24.34
N ALA J 50 -33.30 -25.33 -24.27
CA ALA J 50 -34.19 -26.13 -25.13
C ALA J 50 -34.84 -27.29 -24.37
N ARG J 51 -35.84 -27.92 -24.98
CA ARG J 51 -36.55 -29.03 -24.35
C ARG J 51 -35.86 -30.36 -24.58
N PRO J 52 -35.60 -31.12 -23.48
CA PRO J 52 -34.94 -32.43 -23.53
C PRO J 52 -35.91 -33.51 -23.97
N ALA J 53 -35.34 -34.67 -24.28
CA ALA J 53 -36.13 -35.80 -24.71
C ALA J 53 -35.82 -36.90 -23.73
N THR J 54 -36.83 -37.39 -23.03
CA THR J 54 -36.63 -38.52 -22.11
C THR J 54 -37.14 -39.83 -22.74
N ASN J 55 -37.99 -39.71 -23.76
CA ASN J 55 -38.48 -40.92 -24.44
C ASN J 55 -37.73 -41.11 -25.72
N VAL J 56 -36.86 -42.12 -25.74
CA VAL J 56 -36.03 -42.41 -26.89
C VAL J 56 -36.23 -43.84 -27.34
N GLY J 57 -36.49 -43.98 -28.65
CA GLY J 57 -36.66 -45.28 -29.26
C GLY J 57 -35.47 -45.47 -30.19
N THR J 58 -35.62 -46.32 -31.20
CA THR J 58 -34.53 -46.55 -32.17
C THR J 58 -34.58 -45.43 -33.26
N THR J 59 -35.74 -44.74 -33.32
CA THR J 59 -36.01 -43.59 -34.20
C THR J 59 -36.79 -42.56 -33.37
N ILE J 60 -36.52 -41.29 -33.65
CA ILE J 60 -37.13 -40.18 -32.94
C ILE J 60 -38.16 -39.39 -33.77
N SER J 61 -39.31 -39.14 -33.15
CA SER J 61 -40.39 -38.37 -33.75
C SER J 61 -40.33 -37.01 -33.10
N LYS J 62 -41.20 -36.09 -33.50
CA LYS J 62 -41.15 -34.78 -32.90
C LYS J 62 -41.81 -34.79 -31.53
N ASP J 63 -42.64 -35.80 -31.30
CA ASP J 63 -43.33 -36.00 -30.04
C ASP J 63 -42.51 -36.79 -29.01
N SER J 64 -41.30 -37.17 -29.40
CA SER J 64 -40.42 -37.86 -28.47
C SER J 64 -39.77 -36.86 -27.50
N PHE J 65 -39.88 -35.57 -27.83
CA PHE J 65 -39.35 -34.46 -27.03
C PHE J 65 -40.39 -33.97 -26.08
N ASP J 66 -40.00 -33.82 -24.82
CA ASP J 66 -40.90 -33.40 -23.74
C ASP J 66 -41.26 -31.92 -23.66
N ARG J 67 -42.35 -31.64 -22.94
CA ARG J 67 -42.83 -30.29 -22.73
C ARG J 67 -42.78 -29.98 -21.25
N SER J 68 -42.54 -28.70 -20.95
CA SER J 68 -42.43 -28.19 -19.59
C SER J 68 -41.19 -28.73 -18.86
N LYS J 69 -40.13 -28.95 -19.64
CA LYS J 69 -38.86 -29.44 -19.13
C LYS J 69 -37.84 -28.53 -19.78
N ALA J 70 -36.68 -28.32 -19.16
CA ALA J 70 -35.67 -27.44 -19.74
C ALA J 70 -34.24 -27.83 -19.43
N VAL J 71 -33.33 -27.57 -20.37
CA VAL J 71 -31.91 -27.84 -20.20
C VAL J 71 -31.20 -26.53 -20.47
N LEU J 72 -30.34 -26.10 -19.57
CA LEU J 72 -29.66 -24.82 -19.74
C LEU J 72 -28.31 -24.84 -20.53
N ILE J 73 -28.15 -23.93 -21.49
CA ILE J 73 -26.90 -23.85 -22.26
C ILE J 73 -26.17 -22.53 -22.12
N LEU J 74 -24.85 -22.61 -21.96
CA LEU J 74 -24.06 -21.42 -21.77
C LEU J 74 -22.76 -21.42 -22.56
N SER J 75 -22.46 -20.32 -23.22
CA SER J 75 -21.21 -20.21 -23.97
C SER J 75 -20.27 -19.12 -23.42
N PHE J 76 -19.07 -19.53 -23.04
CA PHE J 76 -18.07 -18.62 -22.50
C PHE J 76 -16.77 -18.55 -23.33
N GLN J 77 -16.22 -17.34 -23.46
CA GLN J 77 -14.96 -17.05 -24.19
C GLN J 77 -13.94 -16.37 -23.25
N PRO J 78 -12.95 -17.13 -22.80
CA PRO J 78 -11.94 -16.59 -21.90
C PRO J 78 -11.09 -15.61 -22.66
N PRO J 79 -10.55 -14.56 -21.93
CA PRO J 79 -9.69 -13.67 -22.72
C PRO J 79 -8.26 -14.04 -22.45
N ALA J 80 -7.48 -14.24 -23.50
CA ALA J 80 -6.15 -14.83 -23.38
C ALA J 80 -5.15 -14.04 -22.55
N GLN J 81 -5.19 -12.71 -22.70
CA GLN J 81 -4.09 -11.84 -22.28
C GLN J 81 -4.20 -11.24 -20.87
N VAL J 82 -5.14 -11.72 -20.07
CA VAL J 82 -5.40 -11.12 -18.77
C VAL J 82 -4.19 -11.11 -17.85
N LEU J 83 -3.96 -9.95 -17.24
CA LEU J 83 -2.85 -9.66 -16.32
C LEU J 83 -1.79 -10.74 -16.13
N GLN J 84 -2.02 -11.60 -15.14
CA GLN J 84 -1.19 -12.78 -14.94
C GLN J 84 -2.03 -14.03 -15.17
N GLY J 85 -3.23 -13.81 -15.67
CA GLY J 85 -4.24 -14.85 -15.69
C GLY J 85 -3.74 -16.20 -16.17
N GLY J 86 -4.23 -17.24 -15.51
CA GLY J 86 -3.89 -18.61 -15.84
C GLY J 86 -4.47 -19.12 -17.14
N GLN J 87 -3.74 -20.02 -17.78
CA GLN J 87 -4.15 -20.64 -19.03
C GLN J 87 -5.42 -21.48 -18.88
N ALA J 88 -5.53 -22.19 -17.76
CA ALA J 88 -6.64 -23.12 -17.55
C ALA J 88 -7.57 -22.73 -16.40
N ILE J 89 -8.87 -22.79 -16.64
CA ILE J 89 -9.89 -22.41 -15.66
C ILE J 89 -10.55 -23.65 -15.06
N THR J 90 -10.59 -23.74 -13.73
CA THR J 90 -11.15 -24.94 -13.07
C THR J 90 -12.39 -24.67 -12.23
N ILE J 91 -13.35 -25.58 -12.31
CA ILE J 91 -14.59 -25.43 -11.57
C ILE J 91 -14.89 -26.59 -10.64
N ASP J 92 -14.93 -26.34 -9.33
CA ASP J 92 -15.27 -27.39 -8.40
C ASP J 92 -16.78 -27.51 -8.20
N ALA J 93 -17.54 -26.40 -8.21
CA ALA J 93 -18.98 -26.46 -7.98
C ALA J 93 -19.85 -25.50 -8.81
N ILE J 94 -20.94 -26.02 -9.38
CA ILE J 94 -21.87 -25.25 -10.20
C ILE J 94 -23.24 -25.24 -9.50
N ASP J 95 -23.88 -24.08 -9.45
CA ASP J 95 -25.18 -23.96 -8.75
C ASP J 95 -26.26 -23.22 -9.50
N VAL J 96 -27.51 -23.61 -9.25
CA VAL J 96 -28.65 -22.96 -9.89
C VAL J 96 -29.51 -22.28 -8.81
N LEU J 97 -29.67 -20.96 -8.92
CA LEU J 97 -30.41 -20.13 -7.96
C LEU J 97 -31.64 -19.42 -8.50
N TYR J 98 -32.64 -19.31 -7.65
CA TYR J 98 -33.87 -18.65 -8.03
C TYR J 98 -34.42 -17.95 -6.82
N GLN J 99 -34.50 -16.62 -6.91
CA GLN J 99 -34.97 -15.74 -5.81
C GLN J 99 -33.93 -15.68 -4.69
N GLY J 100 -32.66 -15.89 -5.05
CA GLY J 100 -31.59 -15.89 -4.06
C GLY J 100 -31.48 -17.19 -3.25
N ARG J 101 -32.23 -18.23 -3.64
CA ARG J 101 -32.20 -19.55 -2.97
C ARG J 101 -31.66 -20.57 -3.95
N VAL J 102 -31.13 -21.66 -3.41
CA VAL J 102 -30.56 -22.69 -4.26
C VAL J 102 -31.49 -23.81 -4.70
N VAL J 103 -31.76 -23.87 -6.00
CA VAL J 103 -32.61 -24.91 -6.55
C VAL J 103 -31.92 -26.28 -6.52
N CYS J 104 -30.65 -26.33 -6.93
CA CYS J 104 -29.86 -27.58 -6.94
C CYS J 104 -28.35 -27.27 -6.86
N HIS J 105 -27.57 -28.24 -6.40
CA HIS J 105 -26.12 -28.05 -6.25
C HIS J 105 -25.34 -29.19 -6.87
N TYR J 106 -24.32 -28.87 -7.66
CA TYR J 106 -23.47 -29.90 -8.29
C TYR J 106 -22.04 -29.73 -7.80
N ASP J 107 -21.49 -30.75 -7.15
CA ASP J 107 -20.11 -30.65 -6.64
C ASP J 107 -19.05 -31.34 -7.45
N SER J 108 -19.55 -32.23 -8.30
CA SER J 108 -18.76 -33.08 -9.20
C SER J 108 -19.44 -33.15 -10.57
N PHE J 109 -18.80 -33.80 -11.55
CA PHE J 109 -19.33 -33.90 -12.91
C PHE J 109 -19.09 -35.24 -13.59
N PRO J 110 -20.01 -35.64 -14.49
CA PRO J 110 -19.83 -36.90 -15.20
C PRO J 110 -18.78 -36.66 -16.31
N MET J 111 -17.94 -37.64 -16.63
CA MET J 111 -16.91 -37.47 -17.68
C MET J 111 -17.53 -37.15 -19.04
N THR J 112 -16.91 -36.24 -19.77
CA THR J 112 -17.41 -35.90 -21.08
C THR J 112 -16.78 -36.72 -22.19
N ALA J 113 -17.55 -36.95 -23.24
CA ALA J 113 -17.08 -37.74 -24.38
C ALA J 113 -15.81 -37.19 -25.01
N ASP J 114 -15.77 -35.88 -25.18
CA ASP J 114 -14.60 -35.23 -25.75
C ASP J 114 -13.50 -35.10 -24.70
N ASP J 115 -12.86 -36.23 -24.40
CA ASP J 115 -11.76 -36.28 -23.45
C ASP J 115 -10.92 -37.47 -23.84
N LYS J 116 -9.91 -37.20 -24.63
CA LYS J 116 -9.03 -38.23 -25.13
C LYS J 116 -8.25 -38.98 -24.07
N TYR J 117 -7.81 -38.25 -23.05
CA TYR J 117 -7.04 -38.86 -21.97
C TYR J 117 -7.73 -39.99 -21.24
N HIS J 118 -8.97 -39.74 -20.79
CA HIS J 118 -9.76 -40.71 -20.05
C HIS J 118 -10.70 -41.61 -20.85
N ILE J 119 -10.85 -41.35 -22.15
CA ILE J 119 -11.75 -42.14 -22.99
C ILE J 119 -11.42 -43.63 -23.16
N GLY J 120 -10.15 -43.97 -23.37
CA GLY J 120 -9.83 -45.39 -23.54
C GLY J 120 -9.21 -46.06 -22.34
N GLN J 121 -9.79 -45.81 -21.16
CA GLN J 121 -9.30 -46.41 -19.93
C GLN J 121 -10.37 -47.11 -19.16
N THR J 122 -9.94 -47.98 -18.26
CA THR J 122 -10.85 -48.71 -17.39
C THR J 122 -10.79 -48.19 -15.97
N ILE J 123 -11.87 -47.56 -15.52
CA ILE J 123 -11.90 -47.00 -14.18
C ILE J 123 -12.90 -47.63 -13.25
N GLY J 124 -12.37 -48.19 -12.17
CA GLY J 124 -13.24 -48.85 -11.22
C GLY J 124 -13.92 -50.06 -11.84
N GLY J 125 -13.20 -50.82 -12.65
CA GLY J 125 -13.76 -52.02 -13.26
C GLY J 125 -14.70 -51.89 -14.46
N LEU J 126 -14.96 -50.67 -14.89
CA LEU J 126 -15.83 -50.41 -16.03
C LEU J 126 -15.10 -49.47 -17.00
N THR J 127 -15.09 -49.81 -18.29
CA THR J 127 -14.45 -48.97 -19.28
C THR J 127 -15.12 -47.59 -19.31
N ALA J 128 -14.42 -46.59 -19.82
CA ALA J 128 -14.96 -45.25 -19.82
C ALA J 128 -15.65 -44.76 -21.09
N PHE J 129 -16.84 -44.22 -20.89
CA PHE J 129 -17.59 -43.66 -21.98
C PHE J 129 -18.06 -42.29 -21.54
N GLY J 130 -18.07 -41.35 -22.47
CA GLY J 130 -18.51 -40.02 -22.16
C GLY J 130 -19.90 -39.74 -22.65
N LEU J 131 -20.23 -38.47 -22.53
CA LEU J 131 -21.53 -37.99 -22.92
C LEU J 131 -21.56 -37.39 -24.36
N VAL J 132 -22.60 -37.72 -25.09
CA VAL J 132 -22.76 -37.21 -26.44
C VAL J 132 -24.08 -36.49 -26.71
N PHE J 133 -23.99 -35.34 -27.41
CA PHE J 133 -25.14 -34.47 -27.77
C PHE J 133 -25.37 -34.28 -29.29
N TRP J 134 -26.54 -34.70 -29.81
CA TRP J 134 -26.82 -34.61 -31.26
C TRP J 134 -27.86 -33.58 -31.78
N SER J 196 -32.85 -41.01 -23.19
CA SER J 196 -31.75 -41.22 -22.28
C SER J 196 -31.77 -40.20 -21.10
N PHE J 197 -32.83 -39.40 -20.91
CA PHE J 197 -32.83 -38.46 -19.76
C PHE J 197 -33.76 -38.90 -18.65
N ASP J 198 -33.26 -38.96 -17.41
CA ASP J 198 -34.07 -39.40 -16.27
C ASP J 198 -34.19 -38.28 -15.23
N ASP J 199 -35.41 -38.05 -14.72
CA ASP J 199 -35.64 -37.01 -13.71
C ASP J 199 -35.02 -37.25 -12.35
N GLN J 200 -34.67 -38.50 -12.09
CA GLN J 200 -34.05 -38.92 -10.84
C GLN J 200 -32.54 -38.70 -10.84
N TYR J 201 -31.96 -38.36 -11.99
CA TYR J 201 -30.51 -38.18 -12.10
C TYR J 201 -30.07 -36.86 -12.75
N PRO J 202 -30.13 -35.76 -11.99
CA PRO J 202 -29.73 -34.46 -12.51
C PRO J 202 -28.20 -34.38 -12.64
N PHE J 203 -27.70 -33.59 -13.59
CA PHE J 203 -26.26 -33.46 -13.77
C PHE J 203 -25.85 -32.25 -14.58
N ALA J 204 -24.57 -31.90 -14.42
CA ALA J 204 -23.92 -30.79 -15.13
C ALA J 204 -22.58 -31.28 -15.72
N THR J 205 -22.07 -30.58 -16.72
CA THR J 205 -20.81 -30.98 -17.37
C THR J 205 -20.28 -29.96 -18.39
N ILE J 206 -18.99 -30.07 -18.72
CA ILE J 206 -18.31 -29.17 -19.69
C ILE J 206 -18.10 -29.79 -21.08
N LEU J 207 -18.54 -29.13 -22.16
CA LEU J 207 -18.33 -29.63 -23.52
C LEU J 207 -17.85 -28.50 -24.45
N ALA J 208 -16.87 -28.80 -25.30
CA ALA J 208 -16.33 -27.80 -26.23
C ALA J 208 -17.18 -27.55 -27.47
N GLY J 209 -17.96 -26.47 -27.42
CA GLY J 209 -18.81 -26.08 -28.54
C GLY J 209 -19.79 -24.92 -28.31
N THR J 210 -20.68 -24.70 -29.28
CA THR J 210 -21.70 -23.65 -29.18
C THR J 210 -23.05 -24.16 -29.74
N TRP J 211 -24.11 -23.45 -29.40
CA TRP J 211 -25.44 -23.83 -29.83
C TRP J 211 -25.98 -22.91 -30.93
N GLU J 212 -26.55 -23.50 -31.99
CA GLU J 212 -27.13 -22.74 -33.13
C GLU J 212 -28.60 -23.04 -33.34
N VAL J 213 -29.36 -22.01 -33.65
CA VAL J 213 -30.80 -22.12 -33.89
C VAL J 213 -31.13 -21.69 -35.31
N ASN J 214 -31.93 -22.49 -36.02
CA ASN J 214 -32.34 -22.22 -37.41
C ASN J 214 -33.85 -22.25 -37.53
N TYR J 215 -34.44 -21.24 -38.16
CA TYR J 215 -35.90 -21.20 -38.29
C TYR J 215 -36.48 -21.72 -39.60
N VAL J 216 -37.18 -22.87 -39.58
CA VAL J 216 -37.80 -23.43 -40.80
C VAL J 216 -39.04 -22.59 -41.12
N SER J 217 -39.86 -22.36 -40.11
CA SER J 217 -41.09 -21.60 -40.26
C SER J 217 -41.19 -20.58 -39.11
N THR J 218 -42.33 -19.87 -39.02
CA THR J 218 -42.56 -18.85 -37.98
C THR J 218 -42.50 -19.40 -36.56
N ASN J 219 -42.99 -20.61 -36.35
CA ASN J 219 -42.98 -21.20 -35.01
C ASN J 219 -42.20 -22.52 -34.85
N TYR J 220 -41.48 -22.92 -35.91
CA TYR J 220 -40.72 -24.16 -35.85
C TYR J 220 -39.26 -23.92 -36.13
N VAL J 221 -38.42 -24.71 -35.47
CA VAL J 221 -36.98 -24.55 -35.63
C VAL J 221 -36.19 -25.84 -35.78
N GLU J 222 -34.96 -25.72 -36.26
CA GLU J 222 -34.04 -26.85 -36.37
C GLU J 222 -32.80 -26.42 -35.54
N THR J 223 -32.16 -27.36 -34.85
CA THR J 223 -31.00 -27.04 -33.99
C THR J 223 -29.73 -27.85 -34.16
N ASN J 224 -28.59 -27.18 -34.33
CA ASN J 224 -27.34 -27.87 -34.53
C ASN J 224 -26.26 -27.57 -33.52
N PHE J 225 -25.61 -28.60 -32.96
CA PHE J 225 -24.53 -28.39 -31.99
C PHE J 225 -23.18 -28.66 -32.66
N ARG J 226 -22.33 -27.64 -32.60
CA ARG J 226 -21.01 -27.62 -33.23
C ARG J 226 -19.74 -27.64 -32.35
N ASN J 227 -18.64 -28.28 -32.82
CA ASN J 227 -17.34 -28.33 -32.09
C ASN J 227 -16.64 -26.98 -32.16
N THR J 228 -15.81 -26.66 -31.16
CA THR J 228 -15.10 -25.36 -31.11
C THR J 228 -13.59 -25.40 -31.06
N SER J 229 -13.04 -26.60 -31.03
CA SER J 229 -11.61 -26.76 -31.01
C SER J 229 -10.97 -26.25 -29.73
N ALA J 230 -11.58 -26.59 -28.61
CA ALA J 230 -11.03 -26.20 -27.30
C ALA J 230 -10.65 -27.44 -26.45
N VAL J 231 -9.81 -27.26 -25.45
CA VAL J 231 -9.38 -28.39 -24.61
C VAL J 231 -10.25 -28.70 -23.39
N ILE J 232 -10.42 -29.97 -23.09
CA ILE J 232 -11.19 -30.35 -21.91
C ILE J 232 -10.51 -31.48 -21.15
N LYS J 233 -10.34 -31.25 -19.87
CA LYS J 233 -9.71 -32.22 -18.99
C LYS J 233 -10.50 -32.37 -17.68
N PHE J 234 -10.28 -33.47 -16.98
CA PHE J 234 -10.95 -33.69 -15.69
C PHE J 234 -9.97 -33.85 -14.53
N ASP J 235 -10.15 -33.03 -13.50
CA ASP J 235 -9.26 -33.01 -12.35
C ASP J 235 -9.20 -34.28 -11.48
N ARG J 236 -10.36 -34.84 -11.15
CA ARG J 236 -10.42 -35.95 -10.19
C ARG J 236 -11.59 -36.92 -10.37
N PHE J 237 -11.46 -38.12 -9.80
CA PHE J 237 -12.53 -39.11 -9.78
C PHE J 237 -12.96 -39.44 -8.35
N VAL J 238 -14.28 -39.41 -8.13
CA VAL J 238 -14.84 -39.79 -6.84
C VAL J 238 -15.68 -41.02 -7.09
N ASN J 239 -15.58 -42.00 -6.21
CA ASN J 239 -16.20 -43.29 -6.49
C ASN J 239 -17.69 -43.11 -6.72
N THR J 240 -18.18 -43.78 -7.76
CA THR J 240 -19.55 -43.68 -8.24
C THR J 240 -19.53 -43.95 -9.74
N HIS J 241 -20.69 -43.89 -10.37
CA HIS J 241 -20.79 -44.00 -11.82
C HIS J 241 -22.09 -43.44 -12.37
N TYR J 242 -22.13 -43.21 -13.68
CA TYR J 242 -23.35 -42.73 -14.30
C TYR J 242 -23.96 -43.78 -15.21
N SER J 243 -25.24 -44.05 -15.01
CA SER J 243 -25.96 -45.01 -15.84
C SER J 243 -25.09 -46.19 -16.25
N PRO J 244 -24.48 -46.89 -15.27
CA PRO J 244 -23.61 -48.03 -15.59
C PRO J 244 -24.29 -49.34 -15.97
N ASP J 245 -23.65 -50.05 -16.90
CA ASP J 245 -24.12 -51.35 -17.40
C ASP J 245 -23.17 -52.42 -16.80
N THR J 246 -23.68 -53.20 -15.84
CA THR J 246 -22.89 -54.23 -15.18
C THR J 246 -22.43 -55.37 -16.12
N GLN J 247 -23.35 -55.77 -17.01
CA GLN J 247 -23.12 -56.85 -17.99
C GLN J 247 -22.00 -56.54 -19.00
N ASN J 248 -22.00 -55.31 -19.52
CA ASN J 248 -21.02 -54.91 -20.51
C ASN J 248 -19.85 -54.06 -20.02
N ASN J 249 -19.79 -53.79 -18.72
CA ASN J 249 -18.70 -52.96 -18.17
C ASN J 249 -18.75 -51.54 -18.67
N ASN J 250 -19.95 -51.05 -19.01
CA ASN J 250 -20.13 -49.67 -19.51
C ASN J 250 -20.46 -48.71 -18.37
N GLY J 251 -19.88 -47.51 -18.41
CA GLY J 251 -20.13 -46.54 -17.36
C GLY J 251 -19.41 -45.21 -17.51
N VAL J 252 -19.87 -44.22 -16.77
CA VAL J 252 -19.27 -42.92 -16.85
C VAL J 252 -18.63 -42.51 -15.55
N PRO J 253 -17.30 -42.39 -15.55
CA PRO J 253 -16.58 -41.98 -14.33
C PRO J 253 -16.97 -40.56 -13.89
N ILE J 254 -17.00 -40.31 -12.59
CA ILE J 254 -17.35 -38.98 -12.09
C ILE J 254 -16.14 -38.34 -11.40
N PHE J 255 -15.78 -37.12 -11.81
CA PHE J 255 -14.63 -36.43 -11.24
C PHE J 255 -15.07 -35.17 -10.50
N ASP J 256 -14.37 -34.82 -9.41
CA ASP J 256 -14.71 -33.60 -8.66
C ASP J 256 -14.35 -32.28 -9.31
N VAL J 257 -13.31 -32.25 -10.14
CA VAL J 257 -12.96 -31.01 -10.82
C VAL J 257 -12.85 -31.07 -12.34
N ALA J 258 -13.42 -30.04 -12.99
CA ALA J 258 -13.42 -29.91 -14.45
C ALA J 258 -12.65 -28.66 -14.86
N SER J 259 -11.85 -28.81 -15.91
CA SER J 259 -10.99 -27.74 -16.41
C SER J 259 -11.13 -27.46 -17.92
N ALA J 260 -10.86 -26.22 -18.33
CA ALA J 260 -10.94 -25.82 -19.74
C ALA J 260 -9.74 -24.93 -20.15
N SER J 261 -9.63 -24.70 -21.44
CA SER J 261 -8.48 -24.04 -22.04
C SER J 261 -8.91 -22.92 -22.98
N GLN J 262 -7.99 -22.51 -23.83
CA GLN J 262 -8.22 -21.43 -24.78
C GLN J 262 -9.35 -21.76 -25.74
N SER J 263 -10.10 -20.74 -26.12
CA SER J 263 -11.22 -20.82 -27.06
C SER J 263 -12.54 -21.13 -26.38
N ASN J 264 -13.59 -21.19 -27.17
CA ASN J 264 -14.95 -21.33 -26.67
C ASN J 264 -15.31 -22.68 -26.07
N PHE J 265 -16.29 -22.66 -25.17
CA PHE J 265 -16.73 -23.87 -24.46
C PHE J 265 -18.13 -23.59 -23.89
N ALA J 266 -18.91 -24.66 -23.76
CA ALA J 266 -20.26 -24.55 -23.24
C ALA J 266 -20.43 -25.31 -21.92
N VAL J 267 -21.52 -25.02 -21.23
CA VAL J 267 -21.87 -25.69 -19.99
C VAL J 267 -23.30 -26.24 -20.14
N VAL J 268 -23.53 -27.53 -19.89
CA VAL J 268 -24.88 -28.10 -20.01
C VAL J 268 -25.45 -28.42 -18.63
N ILE J 269 -26.56 -27.78 -18.27
CA ILE J 269 -27.11 -28.01 -16.95
C ILE J 269 -28.51 -28.58 -16.94
N TRP J 270 -28.69 -29.70 -16.22
CA TRP J 270 -30.01 -30.31 -16.14
C TRP J 270 -30.66 -30.51 -14.77
N CYS J 271 -31.54 -29.56 -14.40
CA CYS J 271 -32.25 -29.60 -13.13
C CYS J 271 -33.76 -29.70 -13.35
N PRO J 272 -34.34 -30.87 -13.06
CA PRO J 272 -35.76 -31.16 -13.23
C PRO J 272 -36.69 -30.25 -12.47
N ASN J 273 -36.19 -29.59 -11.43
CA ASN J 273 -37.02 -28.69 -10.61
C ASN J 273 -37.38 -27.36 -11.28
N VAL J 274 -36.63 -26.93 -12.29
CA VAL J 274 -36.89 -25.65 -13.01
C VAL J 274 -38.09 -25.70 -13.97
N ASN J 275 -39.06 -24.82 -13.76
CA ASN J 275 -40.27 -24.74 -14.58
C ASN J 275 -40.41 -23.39 -15.27
N PRO J 276 -40.26 -23.35 -16.58
CA PRO J 276 -40.37 -22.15 -17.42
C PRO J 276 -41.71 -21.41 -17.32
N ASN J 277 -42.80 -22.13 -17.09
CA ASN J 277 -44.11 -21.49 -17.02
C ASN J 277 -44.33 -20.60 -15.79
N VAL J 278 -43.59 -20.87 -14.72
CA VAL J 278 -43.74 -20.07 -13.49
C VAL J 278 -42.51 -19.25 -13.08
N MET J 279 -41.37 -19.52 -13.71
CA MET J 279 -40.12 -18.81 -13.40
C MET J 279 -39.75 -17.82 -14.54
N GLN J 280 -39.56 -16.55 -14.20
CA GLN J 280 -39.21 -15.54 -15.19
C GLN J 280 -37.76 -15.68 -15.67
N SER J 281 -36.89 -16.00 -14.73
CA SER J 281 -35.45 -16.15 -14.98
C SER J 281 -34.74 -16.95 -13.89
N VAL J 282 -33.57 -17.49 -14.21
CA VAL J 282 -32.78 -18.23 -13.23
C VAL J 282 -31.35 -17.66 -13.25
N ASP J 283 -30.54 -18.13 -12.31
CA ASP J 283 -29.16 -17.67 -12.24
C ASP J 283 -28.23 -18.84 -11.97
N VAL J 284 -26.99 -18.73 -12.47
CA VAL J 284 -25.97 -19.76 -12.29
C VAL J 284 -24.73 -19.21 -11.59
N LYS J 285 -24.14 -20.03 -10.72
CA LYS J 285 -22.96 -19.61 -9.97
C LYS J 285 -21.88 -20.68 -10.06
N MET J 286 -20.66 -20.23 -10.32
CA MET J 286 -19.52 -21.13 -10.41
C MET J 286 -18.53 -20.86 -9.29
N VAL J 287 -18.01 -21.93 -8.69
CA VAL J 287 -17.04 -21.81 -7.61
C VAL J 287 -15.70 -22.37 -8.07
N PHE J 288 -14.70 -21.51 -8.10
CA PHE J 288 -13.37 -21.91 -8.54
C PHE J 288 -12.57 -22.74 -7.57
N SER J 289 -11.49 -23.34 -8.06
CA SER J 289 -10.63 -24.13 -7.20
C SER J 289 -9.94 -23.24 -6.14
N ASP J 290 -9.56 -22.03 -6.54
CA ASP J 290 -8.92 -21.07 -5.64
C ASP J 290 -9.92 -20.44 -4.62
N GLY J 291 -11.21 -20.66 -4.82
CA GLY J 291 -12.21 -20.11 -3.91
C GLY J 291 -12.98 -18.88 -4.40
N SER J 292 -12.51 -18.23 -5.47
CA SER J 292 -13.22 -17.06 -6.01
C SER J 292 -14.50 -17.52 -6.68
N THR J 293 -15.41 -16.59 -6.97
CA THR J 293 -16.65 -16.98 -7.66
C THR J 293 -17.06 -16.09 -8.82
N TRP J 294 -17.89 -16.64 -9.70
CA TRP J 294 -18.36 -15.93 -10.89
C TRP J 294 -19.82 -16.26 -11.14
N GLU J 295 -20.61 -15.28 -11.58
CA GLU J 295 -22.03 -15.48 -11.86
C GLU J 295 -22.52 -14.86 -13.13
N ALA J 296 -23.51 -15.49 -13.76
CA ALA J 296 -24.09 -15.05 -15.02
C ALA J 296 -25.61 -15.07 -14.94
N SER J 297 -26.26 -14.37 -15.86
CA SER J 297 -27.72 -14.28 -15.85
C SER J 297 -28.38 -14.86 -17.08
N VAL J 298 -29.35 -15.74 -16.87
CA VAL J 298 -30.07 -16.37 -17.99
C VAL J 298 -31.60 -16.20 -18.01
N PRO J 299 -32.16 -15.49 -19.03
CA PRO J 299 -33.63 -15.34 -19.07
C PRO J 299 -34.21 -16.69 -19.50
N LEU J 300 -35.40 -16.97 -18.99
CA LEU J 300 -36.09 -18.22 -19.31
C LEU J 300 -37.35 -17.95 -20.10
N SER J 301 -37.94 -16.79 -19.87
CA SER J 301 -39.17 -16.41 -20.57
C SER J 301 -39.08 -16.72 -22.07
N ILE J 302 -40.15 -17.27 -22.61
CA ILE J 302 -40.21 -17.58 -24.04
C ILE J 302 -39.70 -16.40 -24.84
N THR J 303 -40.33 -15.24 -24.65
CA THR J 303 -39.95 -14.03 -25.35
C THR J 303 -41.02 -12.96 -25.23
N VAL K 1 48.08 -30.16 40.68
CA VAL K 1 47.62 -28.75 40.51
C VAL K 1 47.23 -28.45 39.07
N SER K 2 47.16 -29.53 38.29
CA SER K 2 46.80 -29.51 36.88
C SER K 2 45.48 -28.75 36.60
N PRO K 3 44.37 -29.19 37.21
CA PRO K 3 43.11 -28.46 36.95
C PRO K 3 43.23 -26.92 37.13
N VAL K 4 43.88 -26.47 38.21
CA VAL K 4 43.99 -25.03 38.45
C VAL K 4 44.66 -24.21 37.36
N ILE K 5 45.72 -24.76 36.76
CA ILE K 5 46.42 -24.06 35.70
C ILE K 5 45.66 -24.16 34.38
N ALA K 6 45.06 -25.32 34.14
CA ALA K 6 44.29 -25.56 32.91
C ALA K 6 43.12 -24.58 32.79
N THR K 7 42.32 -24.50 33.84
CA THR K 7 41.17 -23.61 33.85
C THR K 7 41.55 -22.17 33.52
N LEU K 8 42.67 -21.69 34.05
CA LEU K 8 43.11 -20.30 33.84
C LEU K 8 43.42 -19.96 32.39
N LEU K 9 44.13 -20.86 31.73
CA LEU K 9 44.44 -20.62 30.36
C LEU K 9 43.19 -20.65 29.48
N LEU K 10 42.21 -21.48 29.84
CA LEU K 10 40.95 -21.59 29.06
C LEU K 10 40.08 -20.34 29.15
N ILE K 11 40.05 -19.71 30.34
CA ILE K 11 39.30 -18.47 30.60
C ILE K 11 39.82 -17.32 29.75
N LEU K 12 41.13 -17.17 29.74
CA LEU K 12 41.76 -16.13 28.96
C LEU K 12 41.45 -16.24 27.47
N ILE K 13 41.50 -17.47 26.94
CA ILE K 13 41.27 -17.76 25.52
C ILE K 13 39.88 -17.37 25.02
N ALA K 14 38.86 -17.75 25.79
CA ALA K 14 37.47 -17.43 25.46
C ALA K 14 37.20 -15.91 25.52
N VAL K 15 37.83 -15.19 26.45
CA VAL K 15 37.66 -13.74 26.58
C VAL K 15 38.20 -13.02 25.36
N ALA K 16 39.39 -13.43 24.90
CA ALA K 16 40.06 -12.85 23.72
C ALA K 16 39.26 -13.02 22.43
N ALA K 17 38.68 -14.21 22.25
CA ALA K 17 37.89 -14.49 21.07
C ALA K 17 36.58 -13.69 21.05
N ALA K 18 35.96 -13.48 22.21
CA ALA K 18 34.70 -12.73 22.30
C ALA K 18 34.90 -11.27 21.92
N VAL K 19 36.00 -10.68 22.35
CA VAL K 19 36.29 -9.29 22.04
C VAL K 19 36.57 -9.16 20.55
N LEU K 20 37.20 -10.17 19.97
CA LEU K 20 37.50 -10.15 18.56
C LEU K 20 36.19 -10.25 17.75
N LEU K 21 35.20 -10.97 18.29
CA LEU K 21 33.92 -11.12 17.59
C LEU K 21 33.21 -9.78 17.47
N TYR K 22 33.32 -9.00 18.54
CA TYR K 22 32.71 -7.69 18.60
C TYR K 22 33.23 -6.74 17.52
N THR K 23 34.55 -6.66 17.39
CA THR K 23 35.17 -5.78 16.41
C THR K 23 34.74 -6.18 15.02
N TRP K 24 34.73 -7.47 14.75
CA TRP K 24 34.34 -7.97 13.45
C TRP K 24 32.87 -7.70 13.13
N VAL K 25 32.00 -7.89 14.11
CA VAL K 25 30.56 -7.69 13.91
C VAL K 25 30.26 -6.24 13.61
N SER K 26 30.77 -5.34 14.48
CA SER K 26 30.52 -3.92 14.29
C SER K 26 31.15 -3.37 13.02
N GLY K 27 32.31 -3.90 12.65
CA GLY K 27 32.91 -3.44 11.42
C GLY K 27 32.00 -3.92 10.28
N LEU K 28 31.45 -5.15 10.38
CA LEU K 28 30.57 -5.70 9.33
C LEU K 28 29.36 -4.80 9.08
N SER K 29 28.84 -4.24 10.16
CA SER K 29 27.69 -3.35 10.05
C SER K 29 28.15 -1.99 9.51
N ALA K 30 27.19 -1.17 9.08
CA ALA K 30 27.46 0.17 8.54
C ALA K 30 28.38 0.05 7.34
N ASN K 31 28.35 -1.12 6.73
CA ASN K 31 29.15 -1.40 5.56
C ASN K 31 28.19 -1.77 4.41
N VAL K 32 27.11 -1.02 4.26
CA VAL K 32 26.18 -1.25 3.16
C VAL K 32 25.93 0.09 2.47
N ALA K 33 26.22 0.10 1.16
CA ALA K 33 26.11 1.27 0.28
C ALA K 33 24.69 1.70 -0.04
N GLY K 34 23.96 0.84 -0.77
CA GLY K 34 22.60 1.17 -1.15
C GLY K 34 22.42 1.91 -2.48
N THR K 35 21.40 2.79 -2.54
CA THR K 35 21.09 3.53 -3.75
C THR K 35 20.37 4.87 -3.53
N GLN K 36 20.23 5.57 -4.64
CA GLN K 36 19.54 6.84 -4.64
C GLN K 36 18.32 6.53 -5.45
N VAL K 37 17.30 7.36 -5.28
CA VAL K 37 16.06 7.22 -6.02
C VAL K 37 16.02 8.40 -6.98
N THR K 38 16.05 8.06 -8.28
CA THR K 38 16.02 9.03 -9.35
C THR K 38 14.77 9.84 -9.18
N GLY K 39 14.91 11.13 -9.52
CA GLY K 39 13.80 12.02 -9.37
C GLY K 39 12.71 11.65 -10.32
N LYS K 40 11.63 12.41 -10.21
CA LYS K 40 10.46 12.22 -11.02
C LYS K 40 10.88 12.54 -12.39
N SER K 41 10.19 11.92 -13.33
CA SER K 41 10.50 12.12 -14.72
C SER K 41 10.56 13.58 -15.08
N LEU K 42 11.50 13.83 -15.95
CA LEU K 42 11.81 15.13 -16.49
C LEU K 42 10.68 15.55 -17.41
N THR K 43 10.19 16.77 -17.24
CA THR K 43 9.14 17.25 -18.13
C THR K 43 9.74 17.52 -19.50
N LEU K 44 8.96 17.24 -20.53
CA LEU K 44 9.41 17.39 -21.88
C LEU K 44 9.12 18.81 -22.37
N ILE K 45 10.17 19.59 -22.58
CA ILE K 45 10.00 20.96 -23.06
C ILE K 45 9.75 20.96 -24.56
N GLN K 46 10.38 20.04 -25.29
CA GLN K 46 10.19 19.94 -26.74
C GLN K 46 10.79 18.67 -27.29
N ALA K 47 10.29 18.24 -28.46
CA ALA K 47 10.78 17.06 -29.16
C ALA K 47 10.74 17.54 -30.58
N THR K 48 11.88 17.48 -31.24
CA THR K 48 11.95 17.91 -32.63
C THR K 48 13.12 17.29 -33.42
N TRP K 49 13.24 17.63 -34.70
CA TRP K 49 14.28 17.06 -35.52
C TRP K 49 14.63 17.92 -36.73
N ALA K 50 15.88 17.84 -37.20
CA ALA K 50 16.34 18.58 -38.39
C ALA K 50 17.27 17.74 -39.26
N ARG K 51 17.56 18.23 -40.47
CA ARG K 51 18.41 17.51 -41.40
C ARG K 51 19.89 17.80 -41.19
N PRO K 52 20.72 16.74 -41.04
CA PRO K 52 22.17 16.87 -40.82
C PRO K 52 22.90 17.18 -42.12
N ALA K 53 24.16 17.55 -41.98
CA ALA K 53 24.98 17.88 -43.11
C ALA K 53 26.16 16.94 -43.04
N THR K 54 26.33 16.12 -44.07
CA THR K 54 27.50 15.22 -44.11
C THR K 54 28.57 15.78 -45.06
N ASN K 55 28.18 16.68 -45.95
CA ASN K 55 29.14 17.29 -46.87
C ASN K 55 29.52 18.65 -46.37
N VAL K 56 30.74 18.77 -45.86
CA VAL K 56 31.23 20.02 -45.29
C VAL K 56 32.52 20.44 -45.96
N GLY K 57 32.53 21.69 -46.41
CA GLY K 57 33.70 22.28 -47.04
C GLY K 57 34.21 23.34 -46.07
N THR K 58 34.95 24.32 -46.59
CA THR K 58 35.46 25.42 -45.75
C THR K 58 34.35 26.49 -45.59
N THR K 59 33.34 26.41 -46.47
CA THR K 59 32.14 27.27 -46.49
C THR K 59 30.94 26.35 -46.81
N ILE K 60 29.81 26.67 -46.20
CA ILE K 60 28.59 25.91 -46.35
C ILE K 60 27.49 26.60 -47.19
N SER K 61 26.93 25.85 -48.13
CA SER K 61 25.85 26.33 -48.98
C SER K 61 24.59 25.69 -48.43
N LYS K 62 23.44 25.99 -49.02
CA LYS K 62 22.22 25.41 -48.50
C LYS K 62 22.07 23.96 -48.97
N ASP K 63 22.80 23.63 -50.03
CA ASP K 63 22.82 22.28 -50.60
C ASP K 63 23.84 21.37 -49.95
N SER K 64 24.57 21.90 -48.96
CA SER K 64 25.53 21.07 -48.24
C SER K 64 24.80 20.20 -47.21
N PHE K 65 23.53 20.53 -46.95
CA PHE K 65 22.66 19.80 -46.02
C PHE K 65 21.91 18.73 -46.74
N ASP K 66 21.92 17.53 -46.18
CA ASP K 66 21.27 16.34 -46.78
C ASP K 66 19.76 16.23 -46.66
N ARG K 67 19.19 15.39 -47.52
CA ARG K 67 17.77 15.13 -47.53
C ARG K 67 17.53 13.67 -47.22
N SER K 68 16.40 13.41 -46.58
CA SER K 68 15.97 12.07 -46.16
C SER K 68 16.90 11.50 -45.06
N LYS K 69 17.41 12.40 -44.22
CA LYS K 69 18.28 12.04 -43.10
C LYS K 69 17.69 12.82 -41.94
N ALA K 70 17.87 12.34 -40.72
CA ALA K 70 17.30 13.03 -39.56
C ALA K 70 18.13 12.91 -38.28
N VAL K 71 18.13 13.96 -37.46
CA VAL K 71 18.82 13.95 -36.17
C VAL K 71 17.77 14.32 -35.14
N LEU K 72 17.66 13.52 -34.08
CA LEU K 72 16.65 13.78 -33.07
C LEU K 72 17.04 14.72 -31.90
N ILE K 73 16.19 15.71 -31.58
CA ILE K 73 16.48 16.62 -30.47
C ILE K 73 15.44 16.58 -29.34
N LEU K 74 15.93 16.59 -28.11
CA LEU K 74 15.03 16.50 -26.97
C LEU K 74 15.41 17.45 -25.84
N SER K 75 14.41 18.14 -25.30
CA SER K 75 14.68 19.04 -24.18
C SER K 75 13.93 18.61 -22.90
N PHE K 76 14.71 18.38 -21.84
CA PHE K 76 14.15 17.96 -20.54
C PHE K 76 14.45 18.95 -19.39
N GLN K 77 13.46 19.14 -18.53
CA GLN K 77 13.55 20.02 -17.33
C GLN K 77 13.25 19.22 -16.05
N PRO K 78 14.29 18.89 -15.29
CA PRO K 78 14.11 18.12 -14.07
C PRO K 78 13.40 18.99 -13.06
N PRO K 79 12.58 18.34 -12.15
CA PRO K 79 11.97 19.22 -11.16
C PRO K 79 12.77 19.13 -9.87
N ALA K 80 13.16 20.26 -9.32
CA ALA K 80 14.13 20.30 -8.24
C ALA K 80 13.70 19.60 -6.95
N GLN K 81 12.43 19.75 -6.60
CA GLN K 81 11.95 19.47 -5.25
C GLN K 81 11.38 18.07 -5.00
N VAL K 82 11.59 17.16 -5.94
CA VAL K 82 10.97 15.84 -5.85
C VAL K 82 11.36 15.07 -4.60
N LEU K 83 10.34 14.50 -3.96
CA LEU K 83 10.43 13.72 -2.71
C LEU K 83 11.78 13.65 -2.02
N GLN K 84 12.57 12.64 -2.38
CA GLN K 84 13.95 12.53 -1.94
C GLN K 84 14.88 12.65 -3.13
N GLY K 85 14.30 13.00 -4.27
CA GLY K 85 14.97 12.89 -5.54
C GLY K 85 16.39 13.42 -5.53
N GLY K 86 17.25 12.70 -6.22
CA GLY K 86 18.66 13.06 -6.37
C GLY K 86 18.92 14.28 -7.22
N GLN K 87 19.98 15.00 -6.87
CA GLN K 87 20.41 16.18 -7.60
C GLN K 87 20.83 15.87 -9.04
N ALA K 88 21.50 14.75 -9.24
CA ALA K 88 22.07 14.41 -10.54
C ALA K 88 21.44 13.16 -11.16
N ILE K 89 21.09 13.24 -12.45
CA ILE K 89 20.46 12.14 -13.17
C ILE K 89 21.45 11.46 -14.11
N THR K 90 21.58 10.14 -14.01
CA THR K 90 22.58 9.41 -14.83
C THR K 90 21.96 8.42 -15.82
N ILE K 91 22.54 8.38 -17.01
CA ILE K 91 22.05 7.50 -18.06
C ILE K 91 23.09 6.53 -18.59
N ASP K 92 22.87 5.22 -18.39
CA ASP K 92 23.81 4.25 -18.93
C ASP K 92 23.47 3.86 -20.37
N ALA K 93 22.19 3.80 -20.74
CA ALA K 93 21.81 3.40 -22.11
C ALA K 93 20.61 4.11 -22.73
N ILE K 94 20.75 4.56 -23.99
CA ILE K 94 19.70 5.25 -24.73
C ILE K 94 19.31 4.40 -25.93
N ASP K 95 18.00 4.27 -26.18
CA ASP K 95 17.52 3.42 -27.29
C ASP K 95 16.47 4.04 -28.18
N VAL K 96 16.46 3.65 -29.45
CA VAL K 96 15.49 4.15 -30.40
C VAL K 96 14.61 2.96 -30.88
N LEU K 97 13.30 3.07 -30.64
CA LEU K 97 12.32 2.03 -30.98
C LEU K 97 11.26 2.42 -31.99
N TYR K 98 10.86 1.46 -32.79
CA TYR K 98 9.85 1.70 -33.80
C TYR K 98 9.05 0.43 -33.97
N GLN K 99 7.77 0.51 -33.65
CA GLN K 99 6.82 -0.63 -33.71
C GLN K 99 7.10 -1.61 -32.56
N GLY K 100 7.69 -1.11 -31.47
CA GLY K 100 8.03 -1.96 -30.34
C GLY K 100 9.33 -2.76 -30.54
N ARG K 101 10.09 -2.47 -31.61
CA ARG K 101 11.37 -3.14 -31.90
C ARG K 101 12.49 -2.10 -31.83
N VAL K 102 13.70 -2.58 -31.59
CA VAL K 102 14.82 -1.68 -31.47
C VAL K 102 15.59 -1.36 -32.74
N VAL K 103 15.53 -0.10 -33.17
CA VAL K 103 16.24 0.33 -34.35
C VAL K 103 17.76 0.38 -34.10
N CYS K 104 18.17 0.94 -32.97
CA CYS K 104 19.61 1.04 -32.60
C CYS K 104 19.78 1.14 -31.08
N HIS K 105 20.94 0.78 -30.58
CA HIS K 105 21.21 0.81 -29.14
C HIS K 105 22.52 1.51 -28.82
N TYR K 106 22.50 2.42 -27.83
CA TYR K 106 23.71 3.13 -27.44
C TYR K 106 24.00 2.83 -25.97
N ASP K 107 25.16 2.24 -25.68
CA ASP K 107 25.49 1.91 -24.29
C ASP K 107 26.46 2.83 -23.59
N SER K 108 27.12 3.61 -24.44
CA SER K 108 28.14 4.59 -24.05
C SER K 108 27.96 5.88 -24.88
N PHE K 109 28.74 6.92 -24.58
CA PHE K 109 28.63 8.20 -25.28
C PHE K 109 29.96 8.90 -25.54
N PRO K 110 30.03 9.68 -26.62
CA PRO K 110 31.27 10.40 -26.92
C PRO K 110 31.31 11.63 -25.99
N MET K 111 32.50 12.04 -25.53
CA MET K 111 32.61 13.21 -24.63
C MET K 111 32.09 14.49 -25.28
N THR K 112 31.38 15.30 -24.51
CA THR K 112 30.86 16.53 -25.03
C THR K 112 31.79 17.71 -24.81
N ALA K 113 31.75 18.66 -25.73
CA ALA K 113 32.60 19.85 -25.66
C ALA K 113 32.45 20.62 -24.37
N ASP K 114 31.20 20.80 -23.94
CA ASP K 114 30.93 21.51 -22.72
C ASP K 114 31.17 20.61 -21.50
N ASP K 115 32.45 20.39 -21.21
CA ASP K 115 32.85 19.57 -20.09
C ASP K 115 34.23 20.05 -19.70
N LYS K 116 34.26 20.96 -18.75
CA LYS K 116 35.49 21.56 -18.28
C LYS K 116 36.47 20.59 -17.65
N TYR K 117 35.95 19.63 -16.90
CA TYR K 117 36.79 18.65 -16.22
C TYR K 117 37.69 17.83 -17.15
N HIS K 118 37.08 17.26 -18.19
CA HIS K 118 37.80 16.41 -19.14
C HIS K 118 38.34 17.09 -20.40
N ILE K 119 38.02 18.37 -20.61
CA ILE K 119 38.46 19.09 -21.81
C ILE K 119 39.98 19.28 -21.95
N GLY K 120 40.69 19.64 -20.89
CA GLY K 120 42.11 19.84 -21.03
C GLY K 120 42.98 18.72 -20.53
N GLN K 121 42.60 17.49 -20.85
CA GLN K 121 43.38 16.32 -20.42
C GLN K 121 43.73 15.42 -21.57
N THR K 122 44.73 14.57 -21.31
CA THR K 122 45.17 13.59 -22.29
C THR K 122 44.72 12.19 -21.91
N ILE K 123 43.83 11.61 -22.69
CA ILE K 123 43.32 10.29 -22.39
C ILE K 123 43.64 9.24 -23.42
N GLY K 124 44.37 8.22 -22.97
CA GLY K 124 44.76 7.17 -23.87
C GLY K 124 45.69 7.70 -24.96
N GLY K 125 46.61 8.59 -24.60
CA GLY K 125 47.57 9.12 -25.58
C GLY K 125 47.12 10.21 -26.56
N LEU K 126 45.86 10.60 -26.48
CA LEU K 126 45.32 11.63 -27.36
C LEU K 126 44.62 12.69 -26.50
N THR K 127 44.90 13.96 -26.74
CA THR K 127 44.26 15.04 -25.99
C THR K 127 42.75 14.99 -26.22
N ALA K 128 41.99 15.59 -25.31
CA ALA K 128 40.55 15.54 -25.40
C ALA K 128 39.83 16.70 -26.06
N PHE K 129 38.96 16.36 -26.99
CA PHE K 129 38.17 17.36 -27.67
C PHE K 129 36.73 16.87 -27.64
N GLY K 130 35.81 17.80 -27.48
CA GLY K 130 34.41 17.44 -27.45
C GLY K 130 33.71 17.77 -28.73
N LEU K 131 32.40 17.61 -28.64
CA LEU K 131 31.55 17.85 -29.76
C LEU K 131 30.91 19.27 -29.78
N VAL K 132 30.89 19.87 -30.96
CA VAL K 132 30.32 21.20 -31.11
C VAL K 132 29.23 21.32 -32.18
N PHE K 133 28.14 22.02 -31.81
CA PHE K 133 26.95 22.26 -32.67
C PHE K 133 26.64 23.73 -33.01
N TRP K 134 26.68 24.11 -34.31
CA TRP K 134 26.46 25.51 -34.72
C TRP K 134 25.14 25.90 -35.44
N SER K 196 30.99 16.73 -41.43
CA SER K 196 31.54 15.95 -40.34
C SER K 196 30.60 14.79 -39.92
N PHE K 197 29.52 14.48 -40.65
CA PHE K 197 28.66 13.35 -40.22
C PHE K 197 28.85 12.13 -41.12
N ASP K 198 29.08 10.97 -40.52
CA ASP K 198 29.29 9.73 -41.27
C ASP K 198 28.23 8.69 -40.93
N ASP K 199 27.65 8.04 -41.95
CA ASP K 199 26.62 7.02 -41.74
C ASP K 199 27.09 5.73 -41.06
N GLN K 200 28.40 5.52 -41.09
CA GLN K 200 29.01 4.35 -40.48
C GLN K 200 29.27 4.53 -38.97
N TYR K 201 29.09 5.75 -38.46
CA TYR K 201 29.33 6.02 -37.05
C TYR K 201 28.20 6.73 -36.31
N PRO K 202 27.15 5.98 -35.94
CA PRO K 202 26.02 6.55 -35.23
C PRO K 202 26.41 6.86 -33.78
N PHE K 203 25.78 7.87 -33.18
CA PHE K 203 26.09 8.22 -31.80
C PHE K 203 25.03 9.08 -31.13
N ALA K 204 25.10 9.08 -29.80
CA ALA K 204 24.21 9.87 -28.93
C ALA K 204 25.06 10.61 -27.88
N THR K 205 24.52 11.68 -27.30
CA THR K 205 25.26 12.46 -26.30
C THR K 205 24.42 13.55 -25.62
N ILE K 206 24.90 14.04 -24.48
CA ILE K 206 24.23 15.08 -23.67
C ILE K 206 24.84 16.49 -23.81
N LEU K 207 24.03 17.50 -24.16
CA LEU K 207 24.53 18.89 -24.27
C LEU K 207 23.58 19.86 -23.58
N ALA K 208 24.12 20.83 -22.85
CA ALA K 208 23.31 21.83 -22.15
C ALA K 208 22.78 22.95 -23.01
N GLY K 209 21.51 22.81 -23.41
CA GLY K 209 20.84 23.83 -24.22
C GLY K 209 19.45 23.49 -24.78
N THR K 210 18.94 24.34 -25.66
CA THR K 210 17.63 24.13 -26.30
C THR K 210 17.69 24.51 -27.79
N TRP K 211 16.70 24.06 -28.54
CA TRP K 211 16.65 24.32 -29.95
C TRP K 211 15.57 25.35 -30.33
N GLU K 212 15.93 26.33 -31.17
CA GLU K 212 15.00 27.40 -31.62
C GLU K 212 14.84 27.43 -33.12
N VAL K 213 13.61 27.64 -33.56
CA VAL K 213 13.28 27.70 -34.97
C VAL K 213 12.71 29.08 -35.33
N ASN K 214 13.22 29.69 -36.41
CA ASN K 214 12.80 31.03 -36.88
C ASN K 214 12.36 30.96 -38.34
N TYR K 215 11.20 31.51 -38.66
CA TYR K 215 10.72 31.47 -40.04
C TYR K 215 10.99 32.69 -40.90
N VAL K 216 11.88 32.58 -41.90
CA VAL K 216 12.18 33.71 -42.80
C VAL K 216 11.01 33.90 -43.76
N SER K 217 10.57 32.79 -44.36
CA SER K 217 9.46 32.79 -45.30
C SER K 217 8.50 31.63 -44.95
N THR K 218 7.48 31.42 -45.79
CA THR K 218 6.47 30.36 -45.58
C THR K 218 7.05 28.95 -45.51
N ASN K 219 8.07 28.69 -46.33
CA ASN K 219 8.68 27.36 -46.34
C ASN K 219 10.17 27.29 -45.99
N TYR K 220 10.73 28.42 -45.55
CA TYR K 220 12.14 28.46 -45.20
C TYR K 220 12.36 28.90 -43.78
N VAL K 221 13.37 28.35 -43.16
CA VAL K 221 13.66 28.68 -41.77
C VAL K 221 15.12 28.92 -41.43
N GLU K 222 15.36 29.54 -40.28
CA GLU K 222 16.72 29.76 -39.78
C GLU K 222 16.71 29.08 -38.38
N THR K 223 17.82 28.47 -37.97
CA THR K 223 17.89 27.76 -36.68
C THR K 223 19.06 28.07 -35.73
N ASN K 224 18.75 28.39 -34.48
CA ASN K 224 19.78 28.73 -33.55
C ASN K 224 19.85 27.85 -32.30
N PHE K 225 21.05 27.38 -31.94
CA PHE K 225 21.22 26.54 -30.74
C PHE K 225 21.85 27.37 -29.62
N ARG K 226 21.14 27.41 -28.51
CA ARG K 226 21.50 28.21 -27.32
C ARG K 226 21.93 27.49 -26.02
N ASN K 227 22.86 28.09 -25.23
CA ASN K 227 23.32 27.51 -23.94
C ASN K 227 22.24 27.68 -22.86
N THR K 228 22.23 26.80 -21.86
CA THR K 228 21.20 26.83 -20.80
C THR K 228 21.70 26.96 -19.38
N SER K 229 23.01 26.99 -19.22
CA SER K 229 23.60 27.15 -17.91
C SER K 229 23.35 25.95 -17.01
N ALA K 230 23.53 24.76 -17.56
CA ALA K 230 23.36 23.53 -16.77
C ALA K 230 24.68 22.73 -16.69
N VAL K 231 24.79 21.84 -15.71
CA VAL K 231 26.03 21.05 -15.55
C VAL K 231 26.10 19.74 -16.32
N ILE K 232 27.28 19.40 -16.85
CA ILE K 232 27.43 18.14 -17.55
C ILE K 232 28.73 17.47 -17.17
N LYS K 233 28.61 16.22 -16.78
CA LYS K 233 29.77 15.42 -16.38
C LYS K 233 29.69 14.02 -17.02
N PHE K 234 30.84 13.34 -17.06
CA PHE K 234 30.88 11.98 -17.62
C PHE K 234 31.36 10.95 -16.60
N ASP K 235 30.57 9.90 -16.41
CA ASP K 235 30.85 8.86 -15.42
C ASP K 235 32.10 8.01 -15.64
N ARG K 236 32.30 7.54 -16.88
CA ARG K 236 33.37 6.57 -17.16
C ARG K 236 33.94 6.60 -18.58
N PHE K 237 35.13 6.04 -18.75
CA PHE K 237 35.76 5.89 -20.06
C PHE K 237 35.98 4.42 -20.43
N VAL K 238 35.57 4.05 -21.62
CA VAL K 238 35.80 2.70 -22.12
C VAL K 238 36.70 2.83 -23.31
N ASN K 239 37.69 1.95 -23.42
CA ASN K 239 38.71 2.15 -24.43
C ASN K 239 38.10 2.21 -25.81
N THR K 240 38.55 3.18 -26.59
CA THR K 240 38.03 3.49 -27.91
C THR K 240 38.24 4.97 -28.15
N HIS K 241 37.81 5.45 -29.31
CA HIS K 241 37.84 6.88 -29.60
C HIS K 241 36.90 7.28 -30.72
N TYR K 242 36.62 8.57 -30.84
CA TYR K 242 35.78 9.05 -31.93
C TYR K 242 36.57 9.87 -32.93
N SER K 243 36.44 9.52 -34.20
CA SER K 243 37.11 10.24 -35.27
C SER K 243 38.48 10.76 -34.85
N PRO K 244 39.37 9.85 -34.38
CA PRO K 244 40.71 10.26 -33.94
C PRO K 244 41.74 10.56 -35.03
N ASP K 245 42.58 11.56 -34.75
CA ASP K 245 43.66 11.98 -35.64
C ASP K 245 44.98 11.49 -35.00
N THR K 246 45.60 10.48 -35.61
CA THR K 246 46.85 9.91 -35.09
C THR K 246 48.05 10.89 -35.12
N GLN K 247 48.12 11.67 -36.21
CA GLN K 247 49.18 12.66 -36.44
C GLN K 247 49.19 13.80 -35.42
N ASN K 248 48.01 14.32 -35.09
CA ASN K 248 47.90 15.43 -34.16
C ASN K 248 47.45 15.08 -32.75
N ASN K 249 47.25 13.80 -32.45
CA ASN K 249 46.81 13.39 -31.11
C ASN K 249 45.42 13.89 -30.77
N ASN K 250 44.59 14.08 -31.79
CA ASN K 250 43.21 14.56 -31.61
C ASN K 250 42.22 13.40 -31.49
N GLY K 251 41.26 13.53 -30.58
CA GLY K 251 40.28 12.46 -30.40
C GLY K 251 39.24 12.71 -29.33
N VAL K 252 38.18 11.91 -29.38
CA VAL K 252 37.12 12.07 -28.43
C VAL K 252 36.96 10.86 -27.54
N PRO K 253 37.25 11.02 -26.26
CA PRO K 253 37.12 9.90 -25.31
C PRO K 253 35.66 9.42 -25.19
N ILE K 254 35.44 8.13 -24.99
CA ILE K 254 34.10 7.60 -24.85
C ILE K 254 33.87 7.07 -23.43
N PHE K 255 32.81 7.52 -22.78
CA PHE K 255 32.51 7.09 -21.40
C PHE K 255 31.21 6.33 -21.36
N ASP K 256 31.11 5.33 -20.46
CA ASP K 256 29.88 4.54 -20.33
C ASP K 256 28.71 5.24 -19.66
N VAL K 257 28.97 6.19 -18.76
CA VAL K 257 27.87 6.91 -18.13
C VAL K 257 27.92 8.44 -18.22
N ALA K 258 26.74 9.02 -18.52
CA ALA K 258 26.57 10.47 -18.66
C ALA K 258 25.60 10.97 -17.60
N SER K 259 25.95 12.12 -17.00
CA SER K 259 25.19 12.72 -15.92
C SER K 259 24.83 14.21 -16.15
N ALA K 260 23.72 14.66 -15.55
CA ALA K 260 23.27 16.04 -15.68
C ALA K 260 22.77 16.59 -14.33
N SER K 261 22.55 17.90 -14.30
CA SER K 261 22.24 18.64 -13.09
C SER K 261 21.02 19.53 -13.26
N GLN K 262 20.87 20.48 -12.36
CA GLN K 262 19.74 21.40 -12.36
C GLN K 262 19.70 22.22 -13.64
N SER K 263 18.47 22.51 -14.08
CA SER K 263 18.19 23.30 -15.28
C SER K 263 18.11 22.47 -16.54
N ASN K 264 17.81 23.14 -17.65
CA ASN K 264 17.54 22.46 -18.92
C ASN K 264 18.75 21.81 -19.60
N PHE K 265 18.46 20.80 -20.42
CA PHE K 265 19.49 20.04 -21.12
C PHE K 265 18.84 19.30 -22.28
N ALA K 266 19.62 19.08 -23.32
CA ALA K 266 19.12 18.39 -24.50
C ALA K 266 19.84 17.07 -24.75
N VAL K 267 19.24 16.26 -25.61
CA VAL K 267 19.82 14.97 -26.00
C VAL K 267 19.91 14.95 -27.54
N VAL K 268 21.07 14.66 -28.12
CA VAL K 268 21.20 14.62 -29.58
C VAL K 268 21.38 13.17 -30.06
N ILE K 269 20.44 12.68 -30.87
CA ILE K 269 20.54 11.30 -31.31
C ILE K 269 20.65 11.12 -32.80
N TRP K 270 21.69 10.38 -33.23
CA TRP K 270 21.88 10.13 -34.65
C TRP K 270 21.91 8.70 -35.17
N CYS K 271 20.75 8.24 -35.67
CA CYS K 271 20.61 6.88 -36.21
C CYS K 271 20.24 6.93 -37.69
N PRO K 272 21.19 6.56 -38.56
CA PRO K 272 21.03 6.56 -40.01
C PRO K 272 19.90 5.69 -40.53
N ASN K 273 19.46 4.72 -39.73
CA ASN K 273 18.39 3.82 -40.13
C ASN K 273 16.98 4.44 -40.16
N VAL K 274 16.76 5.55 -39.43
CA VAL K 274 15.44 6.23 -39.38
C VAL K 274 15.10 7.03 -40.64
N ASN K 275 13.97 6.71 -41.26
CA ASN K 275 13.52 7.38 -42.48
C ASN K 275 12.16 8.05 -42.28
N PRO K 276 12.13 9.39 -42.28
CA PRO K 276 10.92 10.21 -42.11
C PRO K 276 9.81 9.95 -43.14
N ASN K 277 10.17 9.60 -44.37
CA ASN K 277 9.18 9.36 -45.40
C ASN K 277 8.30 8.12 -45.20
N VAL K 278 8.81 7.14 -44.45
CA VAL K 278 8.04 5.90 -44.20
C VAL K 278 7.64 5.65 -42.74
N MET K 279 8.24 6.41 -41.82
CA MET K 279 7.95 6.26 -40.39
C MET K 279 7.08 7.45 -39.87
N GLN K 280 5.94 7.13 -39.27
CA GLN K 280 5.05 8.18 -38.75
C GLN K 280 5.60 8.81 -37.47
N SER K 281 6.20 7.99 -36.63
CA SER K 281 6.77 8.41 -35.34
C SER K 281 7.79 7.41 -34.80
N VAL K 282 8.65 7.86 -33.89
CA VAL K 282 9.62 6.98 -33.24
C VAL K 282 9.51 7.18 -31.74
N ASP K 283 10.23 6.35 -30.99
CA ASP K 283 10.23 6.44 -29.55
C ASP K 283 11.61 6.29 -28.99
N VAL K 284 11.87 6.93 -27.85
CA VAL K 284 13.17 6.86 -27.18
C VAL K 284 13.05 6.32 -25.75
N LYS K 285 14.03 5.52 -25.34
CA LYS K 285 14.02 4.93 -24.01
C LYS K 285 15.35 5.14 -23.32
N MET K 286 15.29 5.55 -22.06
CA MET K 286 16.50 5.77 -21.27
C MET K 286 16.58 4.78 -20.12
N VAL K 287 17.77 4.24 -19.89
CA VAL K 287 17.98 3.29 -18.80
C VAL K 287 18.90 3.90 -17.77
N PHE K 288 18.38 4.07 -16.56
CA PHE K 288 19.15 4.65 -15.47
C PHE K 288 20.21 3.79 -14.87
N SER K 289 21.10 4.40 -14.09
CA SER K 289 22.15 3.65 -13.41
C SER K 289 21.53 2.68 -12.37
N ASP K 290 20.49 3.14 -11.67
CA ASP K 290 19.81 2.31 -10.69
C ASP K 290 18.92 1.19 -11.31
N GLY K 291 18.73 1.23 -12.63
CA GLY K 291 17.94 0.22 -13.28
C GLY K 291 16.52 0.62 -13.69
N SER K 292 16.00 1.74 -13.19
CA SER K 292 14.66 2.18 -13.56
C SER K 292 14.68 2.70 -15.00
N THR K 293 13.51 2.88 -15.61
CA THR K 293 13.50 3.41 -16.98
C THR K 293 12.49 4.52 -17.23
N TRP K 294 12.73 5.29 -18.29
CA TRP K 294 11.88 6.42 -18.65
C TRP K 294 11.73 6.49 -20.17
N GLU K 295 10.55 6.83 -20.65
CA GLU K 295 10.30 6.93 -22.10
C GLU K 295 9.52 8.16 -22.52
N ALA K 296 9.81 8.65 -23.72
CA ALA K 296 9.17 9.82 -24.28
C ALA K 296 8.72 9.58 -25.72
N SER K 297 7.83 10.41 -26.23
CA SER K 297 7.31 10.22 -27.57
C SER K 297 7.62 11.36 -28.53
N VAL K 298 8.17 11.03 -29.69
CA VAL K 298 8.52 12.05 -30.69
C VAL K 298 7.89 11.89 -32.08
N PRO K 299 7.02 12.83 -32.51
CA PRO K 299 6.43 12.70 -33.85
C PRO K 299 7.52 13.04 -34.87
N LEU K 300 7.45 12.39 -36.03
CA LEU K 300 8.42 12.61 -37.09
C LEU K 300 7.76 13.25 -38.29
N SER K 301 6.47 12.98 -38.47
CA SER K 301 5.71 13.52 -39.59
C SER K 301 6.00 15.00 -39.78
N ILE K 302 6.17 15.41 -41.04
CA ILE K 302 6.41 16.81 -41.34
C ILE K 302 5.41 17.68 -40.60
N THR K 303 4.13 17.43 -40.82
CA THR K 303 3.07 18.18 -40.17
C THR K 303 1.72 17.93 -40.84
N VAL L 1 47.16 -36.82 45.82
CA VAL L 1 45.67 -36.71 45.81
C VAL L 1 45.23 -35.33 45.36
N SER L 2 46.20 -34.56 44.87
CA SER L 2 46.04 -33.20 44.38
C SER L 2 44.90 -33.08 43.33
N PRO L 3 45.00 -33.82 42.21
CA PRO L 3 43.92 -33.71 41.22
C PRO L 3 42.50 -33.87 41.82
N VAL L 4 42.29 -34.86 42.69
CA VAL L 4 40.96 -35.07 43.26
C VAL L 4 40.36 -33.90 44.02
N ILE L 5 41.17 -33.19 44.79
CA ILE L 5 40.69 -32.05 45.54
C ILE L 5 40.51 -30.84 44.64
N ALA L 6 41.43 -30.67 43.68
CA ALA L 6 41.39 -29.55 42.74
C ALA L 6 40.10 -29.56 41.93
N THR L 7 39.82 -30.69 41.30
CA THR L 7 38.61 -30.83 40.49
C THR L 7 37.35 -30.46 41.25
N LEU L 8 37.24 -30.85 42.51
CA LEU L 8 36.05 -30.57 43.33
C LEU L 8 35.78 -29.10 43.56
N LEU L 9 36.82 -28.37 43.88
CA LEU L 9 36.65 -26.96 44.08
C LEU L 9 36.28 -26.24 42.80
N LEU L 10 36.77 -26.72 41.65
CA LEU L 10 36.49 -26.10 40.35
C LEU L 10 35.03 -26.29 39.92
N ILE L 11 34.45 -27.47 40.22
CA ILE L 11 33.06 -27.81 39.91
C ILE L 11 32.09 -26.90 40.65
N LEU L 12 32.35 -26.72 41.95
CA LEU L 12 31.51 -25.86 42.76
C LEU L 12 31.48 -24.42 42.26
N ILE L 13 32.65 -23.90 41.87
CA ILE L 13 32.82 -22.52 41.39
C ILE L 13 32.01 -22.19 40.15
N ALA L 14 32.09 -23.07 39.16
CA ALA L 14 31.36 -22.91 37.91
C ALA L 14 29.82 -23.00 38.11
N VAL L 15 29.36 -23.84 39.04
CA VAL L 15 27.92 -23.98 39.34
C VAL L 15 27.36 -22.70 39.92
N ALA L 16 28.10 -22.10 40.87
CA ALA L 16 27.72 -20.85 41.54
C ALA L 16 27.61 -19.67 40.58
N ALA L 17 28.55 -19.56 39.66
CA ALA L 17 28.55 -18.48 38.68
C ALA L 17 27.38 -18.62 37.68
N ALA L 18 27.04 -19.85 37.30
CA ALA L 18 25.94 -20.08 36.35
C ALA L 18 24.60 -19.66 36.93
N VAL L 19 24.38 -19.96 38.20
CA VAL L 19 23.13 -19.61 38.87
C VAL L 19 23.05 -18.09 39.00
N LEU L 20 24.19 -17.45 39.23
CA LEU L 20 24.22 -16.01 39.34
C LEU L 20 23.90 -15.38 37.98
N LEU L 21 24.30 -16.02 36.89
CA LEU L 21 24.02 -15.49 35.54
C LEU L 21 22.54 -15.45 35.28
N TYR L 22 21.85 -16.48 35.74
CA TYR L 22 20.41 -16.61 35.57
C TYR L 22 19.64 -15.47 36.22
N THR L 23 19.97 -15.19 37.48
CA THR L 23 19.29 -14.13 38.22
C THR L 23 19.49 -12.80 37.53
N TRP L 24 20.71 -12.55 37.10
CA TRP L 24 21.03 -11.30 36.44
C TRP L 24 20.32 -11.16 35.08
N VAL L 25 20.26 -12.24 34.31
CA VAL L 25 19.63 -12.22 32.99
C VAL L 25 18.15 -11.96 33.11
N SER L 26 17.48 -12.73 33.97
CA SER L 26 16.04 -12.58 34.15
C SER L 26 15.67 -11.23 34.76
N GLY L 27 16.51 -10.73 35.64
CA GLY L 27 16.22 -9.44 36.22
C GLY L 27 16.38 -8.42 35.08
N LEU L 28 17.37 -8.59 34.19
CA LEU L 28 17.60 -7.65 33.08
C LEU L 28 16.37 -7.54 32.17
N SER L 29 15.71 -8.67 31.97
CA SER L 29 14.52 -8.71 31.15
C SER L 29 13.34 -8.10 31.93
N ALA L 30 12.25 -7.78 31.23
CA ALA L 30 11.04 -7.21 31.83
C ALA L 30 11.39 -5.90 32.52
N ASN L 31 12.49 -5.32 32.07
CA ASN L 31 12.96 -4.05 32.60
C ASN L 31 12.98 -3.02 31.46
N VAL L 32 11.94 -3.02 30.64
CA VAL L 32 11.84 -2.03 29.57
C VAL L 32 10.47 -1.36 29.65
N ALA L 33 10.51 -0.03 29.78
CA ALA L 33 9.34 0.84 29.93
C ALA L 33 8.49 0.99 28.68
N GLY L 34 9.06 1.63 27.65
CA GLY L 34 8.33 1.83 26.41
C GLY L 34 7.52 3.14 26.32
N THR L 35 6.38 3.08 25.61
CA THR L 35 5.54 4.25 25.40
C THR L 35 4.05 3.96 25.16
N GLN L 36 3.30 5.04 25.11
CA GLN L 36 1.90 4.97 24.84
C GLN L 36 1.79 5.63 23.49
N VAL L 37 0.69 5.35 22.80
CA VAL L 37 0.43 5.93 21.51
C VAL L 37 -0.74 6.88 21.71
N THR L 38 -0.45 8.16 21.48
CA THR L 38 -1.41 9.24 21.64
C THR L 38 -2.56 8.93 20.72
N GLY L 39 -3.74 9.28 21.19
CA GLY L 39 -4.94 9.02 20.43
C GLY L 39 -4.93 9.82 19.18
N LYS L 40 -5.98 9.59 18.41
CA LYS L 40 -6.19 10.25 17.16
C LYS L 40 -6.40 11.66 17.49
N SER L 41 -6.05 12.51 16.54
CA SER L 41 -6.19 13.92 16.73
C SER L 41 -7.57 14.29 17.18
N LEU L 42 -7.54 15.29 18.05
CA LEU L 42 -8.71 15.85 18.68
C LEU L 42 -9.48 16.64 17.63
N THR L 43 -10.79 16.42 17.55
CA THR L 43 -11.58 17.18 16.60
C THR L 43 -11.70 18.61 17.09
N LEU L 44 -11.71 19.54 16.16
CA LEU L 44 -11.75 20.95 16.46
C LEU L 44 -13.21 21.40 16.56
N ILE L 45 -13.64 21.74 17.78
CA ILE L 45 -15.01 22.20 17.97
C ILE L 45 -15.14 23.65 17.56
N GLN L 46 -14.09 24.46 17.79
CA GLN L 46 -14.10 25.87 17.41
C GLN L 46 -12.72 26.48 17.53
N ALA L 47 -12.50 27.57 16.79
CA ALA L 47 -11.25 28.33 16.81
C ALA L 47 -11.76 29.73 16.77
N THR L 48 -11.38 30.53 17.75
CA THR L 48 -11.81 31.91 17.78
C THR L 48 -10.88 32.84 18.60
N TRP L 49 -11.22 34.12 18.68
CA TRP L 49 -10.38 35.06 19.40
C TRP L 49 -11.14 36.32 19.84
N ALA L 50 -10.69 36.92 20.94
CA ALA L 50 -11.30 38.16 21.46
C ALA L 50 -10.23 39.14 21.99
N ARG L 51 -10.65 40.38 22.27
CA ARG L 51 -9.73 41.40 22.75
C ARG L 51 -9.56 41.36 24.26
N PRO L 52 -8.30 41.31 24.75
CA PRO L 52 -7.97 41.28 26.17
C PRO L 52 -8.09 42.65 26.81
N ALA L 53 -8.06 42.65 28.13
CA ALA L 53 -8.16 43.89 28.87
C ALA L 53 -6.90 43.95 29.71
N THR L 54 -6.10 44.99 29.50
CA THR L 54 -4.89 45.17 30.31
C THR L 54 -5.12 46.24 31.40
N ASN L 55 -6.14 47.08 31.20
CA ASN L 55 -6.45 48.11 32.19
C ASN L 55 -7.62 47.67 33.02
N VAL L 56 -7.35 47.30 34.27
CA VAL L 56 -8.37 46.81 35.18
C VAL L 56 -8.40 47.64 36.44
N GLY L 57 -9.60 48.09 36.78
CA GLY L 57 -9.82 48.86 38.00
C GLY L 57 -10.65 47.97 38.92
N THR L 58 -11.38 48.58 39.85
CA THR L 58 -12.24 47.82 40.77
C THR L 58 -13.59 47.52 40.06
N THR L 59 -13.85 48.28 38.98
CA THR L 59 -15.03 48.16 38.11
C THR L 59 -14.53 48.32 36.66
N ILE L 60 -15.16 47.58 35.75
CA ILE L 60 -14.80 47.59 34.34
C ILE L 60 -15.82 48.29 33.43
N SER L 61 -15.30 49.15 32.55
CA SER L 61 -16.12 49.88 31.57
C SER L 61 -15.88 49.17 30.26
N LYS L 62 -16.52 49.62 29.20
CA LYS L 62 -16.32 48.96 27.92
C LYS L 62 -15.01 49.39 27.29
N ASP L 63 -14.50 50.54 27.75
CA ASP L 63 -13.23 51.10 27.30
C ASP L 63 -12.04 50.56 28.07
N SER L 64 -12.29 49.67 29.03
CA SER L 64 -11.19 49.06 29.77
C SER L 64 -10.54 47.95 28.93
N PHE L 65 -11.22 47.54 27.85
CA PHE L 65 -10.77 46.52 26.93
C PHE L 65 -10.00 47.14 25.80
N ASP L 66 -8.84 46.57 25.51
CA ASP L 66 -7.93 47.07 24.47
C ASP L 66 -8.27 46.78 23.03
N ARG L 67 -7.67 47.56 22.12
CA ARG L 67 -7.85 47.39 20.70
C ARG L 67 -6.51 47.04 20.08
N SER L 68 -6.60 46.27 18.99
CA SER L 68 -5.44 45.80 18.23
C SER L 68 -4.59 44.80 19.07
N LYS L 69 -5.26 44.04 19.91
CA LYS L 69 -4.62 43.04 20.76
C LYS L 69 -5.51 41.82 20.58
N ALA L 70 -4.96 40.62 20.74
CA ALA L 70 -5.76 39.41 20.55
C ALA L 70 -5.35 38.23 21.44
N VAL L 71 -6.32 37.42 21.85
CA VAL L 71 -6.07 36.24 22.66
C VAL L 71 -6.70 35.09 21.89
N LEU L 72 -5.94 34.02 21.68
CA LEU L 72 -6.48 32.89 20.91
C LEU L 72 -7.22 31.79 21.71
N ILE L 73 -8.40 31.37 21.24
CA ILE L 73 -9.14 30.30 21.93
C ILE L 73 -9.38 29.06 21.05
N LEU L 74 -9.21 27.90 21.66
CA LEU L 74 -9.37 26.66 20.92
C LEU L 74 -10.11 25.59 21.69
N SER L 75 -11.05 24.94 21.03
CA SER L 75 -11.80 23.86 21.69
C SER L 75 -11.58 22.50 21.00
N PHE L 76 -11.10 21.53 21.78
CA PHE L 76 -10.83 20.18 21.28
C PHE L 76 -11.64 19.08 22.00
N GLN L 77 -12.09 18.10 21.22
CA GLN L 77 -12.87 16.94 21.71
C GLN L 77 -12.16 15.63 21.33
N PRO L 78 -11.51 15.00 22.29
CA PRO L 78 -10.79 13.75 22.04
C PRO L 78 -11.80 12.67 21.75
N PRO L 79 -11.40 11.66 20.89
CA PRO L 79 -12.40 10.61 20.70
C PRO L 79 -12.02 9.42 21.57
N ALA L 80 -12.97 8.94 22.35
CA ALA L 80 -12.68 7.98 23.40
C ALA L 80 -12.10 6.65 22.93
N GLN L 81 -12.63 6.14 21.81
CA GLN L 81 -12.47 4.74 21.43
C GLN L 81 -11.28 4.42 20.50
N VAL L 82 -10.39 5.37 20.31
CA VAL L 82 -9.31 5.21 19.33
C VAL L 82 -8.43 3.99 19.61
N LEU L 83 -8.17 3.24 18.55
CA LEU L 83 -7.36 2.00 18.54
C LEU L 83 -6.86 1.48 19.89
N GLN L 84 -5.68 1.93 20.28
CA GLN L 84 -5.15 1.66 21.60
C GLN L 84 -5.01 2.95 22.37
N GLY L 85 -5.56 4.01 21.80
CA GLY L 85 -5.29 5.35 22.27
C GLY L 85 -5.36 5.52 23.76
N GLY L 86 -4.43 6.31 24.28
CA GLY L 86 -4.37 6.62 25.69
C GLY L 86 -5.47 7.51 26.22
N GLN L 87 -5.81 7.29 27.48
CA GLN L 87 -6.84 8.08 28.16
C GLN L 87 -6.46 9.54 28.29
N ALA L 88 -5.19 9.83 28.57
CA ALA L 88 -4.73 11.18 28.84
C ALA L 88 -3.75 11.71 27.79
N ILE L 89 -3.97 12.95 27.35
CA ILE L 89 -3.14 13.58 26.33
C ILE L 89 -2.22 14.64 26.95
N THR L 90 -0.92 14.54 26.67
CA THR L 90 0.05 15.46 27.31
C THR L 90 0.77 16.37 26.31
N ILE L 91 0.95 17.63 26.70
CA ILE L 91 1.61 18.60 25.85
C ILE L 91 2.84 19.24 26.48
N ASP L 92 4.02 19.01 25.90
CA ASP L 92 5.21 19.65 26.42
C ASP L 92 5.43 21.04 25.82
N ALA L 93 5.09 21.26 24.54
CA ALA L 93 5.32 22.56 23.91
C ALA L 93 4.26 23.04 22.91
N ILE L 94 3.85 24.31 23.04
CA ILE L 94 2.83 24.93 22.17
C ILE L 94 3.49 26.06 21.40
N ASP L 95 3.21 26.15 20.10
CA ASP L 95 3.84 27.19 19.26
C ASP L 95 2.91 27.95 18.35
N VAL L 96 3.24 29.21 18.07
CA VAL L 96 2.44 30.04 17.20
C VAL L 96 3.28 30.40 15.95
N LEU L 97 2.80 30.01 14.78
CA LEU L 97 3.48 30.23 13.48
C LEU L 97 2.75 31.10 12.48
N TYR L 98 3.53 31.85 11.73
CA TYR L 98 2.96 32.72 10.73
C TYR L 98 3.92 32.79 9.58
N GLN L 99 3.47 32.32 8.40
CA GLN L 99 4.26 32.25 7.17
C GLN L 99 5.33 31.15 7.26
N GLY L 100 5.05 30.14 8.09
CA GLY L 100 6.00 29.05 8.30
C GLY L 100 7.15 29.40 9.26
N ARG L 101 7.07 30.56 9.93
CA ARG L 101 8.09 31.00 10.91
C ARG L 101 7.44 31.06 12.29
N VAL L 102 8.27 30.96 13.32
CA VAL L 102 7.75 30.98 14.67
C VAL L 102 7.65 32.34 15.34
N VAL L 103 6.42 32.76 15.62
CA VAL L 103 6.18 34.03 16.29
C VAL L 103 6.60 33.97 17.77
N CYS L 104 6.23 32.90 18.47
CA CYS L 104 6.58 32.70 19.89
C CYS L 104 6.58 31.21 20.26
N HIS L 105 7.29 30.85 21.31
CA HIS L 105 7.39 29.45 21.74
C HIS L 105 7.13 29.29 23.23
N TYR L 106 6.30 28.33 23.60
CA TYR L 106 5.99 28.08 25.00
C TYR L 106 6.41 26.66 25.36
N ASP L 107 7.32 26.51 26.30
CA ASP L 107 7.79 25.17 26.68
C ASP L 107 7.22 24.59 27.95
N SER L 108 6.65 25.52 28.73
CA SER L 108 6.04 25.25 30.03
C SER L 108 4.73 26.07 30.15
N PHE L 109 3.99 25.87 31.24
CA PHE L 109 2.71 26.56 31.45
C PHE L 109 2.43 26.98 32.88
N PRO L 110 1.69 28.07 33.07
CA PRO L 110 1.37 28.52 34.42
C PRO L 110 0.24 27.61 34.95
N MET L 111 0.22 27.30 36.24
CA MET L 111 -0.83 26.43 36.82
C MET L 111 -2.23 27.02 36.63
N THR L 112 -3.18 26.17 36.30
CA THR L 112 -4.54 26.63 36.13
C THR L 112 -5.36 26.53 37.39
N ALA L 113 -6.32 27.45 37.53
CA ALA L 113 -7.19 27.49 38.70
C ALA L 113 -7.94 26.19 38.95
N ASP L 114 -8.47 25.62 37.87
CA ASP L 114 -9.20 24.37 37.97
C ASP L 114 -8.22 23.20 38.06
N ASP L 115 -7.61 23.06 39.23
CA ASP L 115 -6.67 21.98 39.51
C ASP L 115 -6.70 21.76 41.00
N LYS L 116 -7.54 20.83 41.41
CA LYS L 116 -7.72 20.52 42.81
C LYS L 116 -6.48 20.00 43.51
N TYR L 117 -5.71 19.19 42.82
CA TYR L 117 -4.49 18.62 43.39
C TYR L 117 -3.47 19.63 43.89
N HIS L 118 -3.13 20.59 43.02
CA HIS L 118 -2.15 21.61 43.33
C HIS L 118 -2.66 22.94 43.90
N ILE L 119 -3.98 23.12 43.95
CA ILE L 119 -4.57 24.36 44.46
C ILE L 119 -4.30 24.69 45.93
N GLY L 120 -4.40 23.72 46.83
CA GLY L 120 -4.16 24.03 48.23
C GLY L 120 -2.81 23.62 48.77
N GLN L 121 -1.75 23.90 48.00
CA GLN L 121 -0.41 23.56 48.42
C GLN L 121 0.53 24.73 48.35
N THR L 122 1.64 24.59 49.07
CA THR L 122 2.68 25.61 49.08
C THR L 122 3.89 25.18 48.28
N ILE L 123 4.14 25.84 47.16
CA ILE L 123 5.26 25.46 46.31
C ILE L 123 6.33 26.52 46.17
N GLY L 124 7.52 26.15 46.61
CA GLY L 124 8.62 27.09 46.56
C GLY L 124 8.36 28.29 47.47
N GLY L 125 7.80 28.05 48.66
CA GLY L 125 7.56 29.13 49.60
C GLY L 125 6.37 30.06 49.39
N LEU L 126 5.61 29.84 48.34
CA LEU L 126 4.43 30.65 48.03
C LEU L 126 3.25 29.72 47.79
N THR L 127 2.11 30.00 48.42
CA THR L 127 0.92 29.19 48.22
C THR L 127 0.49 29.23 46.75
N ALA L 128 -0.28 28.23 46.32
CA ALA L 128 -0.67 28.16 44.93
C ALA L 128 -2.02 28.74 44.53
N PHE L 129 -1.99 29.55 43.50
CA PHE L 129 -3.20 30.13 42.98
C PHE L 129 -3.17 29.93 41.47
N GLY L 130 -4.33 29.66 40.90
CA GLY L 130 -4.42 29.47 39.48
C GLY L 130 -4.97 30.66 38.76
N LEU L 131 -5.21 30.42 37.49
CA LEU L 131 -5.73 31.43 36.62
C LEU L 131 -7.29 31.37 36.45
N VAL L 132 -7.89 32.55 36.47
CA VAL L 132 -9.34 32.63 36.32
C VAL L 132 -9.81 33.56 35.20
N PHE L 133 -10.80 33.07 34.43
CA PHE L 133 -11.41 33.79 33.27
C PHE L 133 -12.92 34.10 33.39
N TRP L 134 -13.31 35.39 33.39
CA TRP L 134 -14.72 35.78 33.56
C TRP L 134 -15.51 36.34 32.35
N SER L 196 -5.20 42.92 34.40
CA SER L 196 -4.25 41.90 34.81
C SER L 196 -3.41 41.38 33.62
N PHE L 197 -3.47 41.96 32.42
CA PHE L 197 -2.63 41.43 31.31
C PHE L 197 -1.45 42.33 31.00
N ASP L 198 -0.25 41.76 30.95
CA ASP L 198 0.96 42.53 30.68
C ASP L 198 1.65 42.05 29.40
N ASP L 199 2.07 42.99 28.55
CA ASP L 199 2.74 42.66 27.27
C ASP L 199 4.12 42.03 27.41
N GLN L 200 4.72 42.21 28.57
CA GLN L 200 6.04 41.66 28.88
C GLN L 200 5.99 40.20 29.34
N TYR L 201 4.79 39.68 29.60
CA TYR L 201 4.65 38.32 30.09
C TYR L 201 3.65 37.45 29.31
N PRO L 202 4.06 36.96 28.14
CA PRO L 202 3.20 36.12 27.32
C PRO L 202 3.06 34.72 27.96
N PHE L 203 1.93 34.05 27.74
CA PHE L 203 1.73 32.73 28.29
C PHE L 203 0.61 31.94 27.64
N ALA L 204 0.68 30.63 27.85
CA ALA L 204 -0.33 29.67 27.35
C ALA L 204 -0.74 28.72 28.51
N THR L 205 -1.91 28.09 28.39
CA THR L 205 -2.40 27.20 29.44
C THR L 205 -3.66 26.43 29.05
N ILE L 206 -3.95 25.35 29.80
CA ILE L 206 -5.12 24.48 29.56
C ILE L 206 -6.29 24.70 30.56
N LEU L 207 -7.50 24.96 30.07
CA LEU L 207 -8.68 25.13 30.94
C LEU L 207 -9.87 24.34 30.42
N ALA L 208 -10.61 23.69 31.31
CA ALA L 208 -11.78 22.90 30.92
C ALA L 208 -13.04 23.69 30.66
N GLY L 209 -13.31 23.95 29.38
CA GLY L 209 -14.49 24.68 28.96
C GLY L 209 -14.61 25.06 27.48
N THR L 210 -15.62 25.88 27.16
CA THR L 210 -15.82 26.36 25.78
C THR L 210 -16.22 27.84 25.78
N TRP L 211 -16.10 28.46 24.62
CA TRP L 211 -16.41 29.87 24.49
C TRP L 211 -17.73 30.12 23.74
N GLU L 212 -18.59 31.00 24.28
CA GLU L 212 -19.90 31.34 23.67
C GLU L 212 -20.01 32.81 23.35
N VAL L 213 -20.60 33.10 22.20
CA VAL L 213 -20.81 34.46 21.74
C VAL L 213 -22.31 34.76 21.59
N ASN L 214 -22.76 35.90 22.12
CA ASN L 214 -24.18 36.32 22.08
C ASN L 214 -24.29 37.72 21.47
N TYR L 215 -25.18 37.90 20.51
CA TYR L 215 -25.33 39.21 19.88
C TYR L 215 -26.44 40.11 20.41
N VAL L 216 -26.10 41.20 21.09
CA VAL L 216 -27.10 42.14 21.63
C VAL L 216 -27.67 42.95 20.45
N SER L 217 -26.75 43.48 19.63
CA SER L 217 -27.12 44.29 18.47
C SER L 217 -26.31 43.82 17.26
N THR L 218 -26.43 44.54 16.13
CA THR L 218 -25.73 44.19 14.88
C THR L 218 -24.21 44.20 15.01
N ASN L 219 -23.67 45.12 15.79
CA ASN L 219 -22.22 45.20 15.97
C ASN L 219 -21.69 45.03 17.40
N TYR L 220 -22.58 44.67 18.32
CA TYR L 220 -22.18 44.49 19.71
C TYR L 220 -22.50 43.12 20.21
N VAL L 221 -21.64 42.61 21.08
CA VAL L 221 -21.83 41.26 21.61
C VAL L 221 -21.59 41.11 23.10
N GLU L 222 -22.09 40.00 23.66
CA GLU L 222 -21.87 39.66 25.06
C GLU L 222 -21.18 38.27 25.00
N THR L 223 -20.25 37.99 25.91
CA THR L 223 -19.52 36.72 25.93
C THR L 223 -19.44 35.91 27.23
N ASN L 224 -19.79 34.64 27.18
CA ASN L 224 -19.77 33.84 28.37
C ASN L 224 -18.88 32.60 28.31
N PHE L 225 -18.05 32.39 29.34
CA PHE L 225 -17.16 31.21 29.38
C PHE L 225 -17.73 30.18 30.36
N ARG L 226 -17.96 28.98 29.84
CA ARG L 226 -18.56 27.87 30.56
C ARG L 226 -17.71 26.61 30.89
N ASN L 227 -17.98 25.94 32.05
CA ASN L 227 -17.25 24.71 32.46
C ASN L 227 -17.70 23.52 31.62
N THR L 228 -16.84 22.52 31.44
CA THR L 228 -17.15 21.35 30.61
C THR L 228 -17.07 19.99 31.29
N SER L 229 -16.70 19.99 32.56
CA SER L 229 -16.63 18.76 33.31
C SER L 229 -15.54 17.83 32.82
N ALA L 230 -14.37 18.39 32.56
CA ALA L 230 -13.22 17.58 32.12
C ALA L 230 -12.06 17.64 33.13
N VAL L 231 -11.14 16.69 33.08
CA VAL L 231 -10.02 16.67 34.03
C VAL L 231 -8.76 17.44 33.61
N ILE L 232 -8.11 18.10 34.55
CA ILE L 232 -6.88 18.82 34.24
C ILE L 232 -5.84 18.58 35.31
N LYS L 233 -4.67 18.17 34.85
CA LYS L 233 -3.55 17.92 35.75
C LYS L 233 -2.26 18.52 35.19
N PHE L 234 -1.26 18.70 36.06
CA PHE L 234 0.03 19.24 35.62
C PHE L 234 1.19 18.29 35.88
N ASP L 235 1.95 18.00 34.83
CA ASP L 235 3.05 17.04 34.89
C ASP L 235 4.24 17.41 35.80
N ARG L 236 4.71 18.66 35.69
CA ARG L 236 5.94 19.05 36.38
C ARG L 236 6.05 20.54 36.75
N PHE L 237 6.95 20.84 37.70
CA PHE L 237 7.23 22.22 38.09
C PHE L 237 8.69 22.60 37.81
N VAL L 238 8.89 23.73 37.17
CA VAL L 238 10.22 24.24 36.91
C VAL L 238 10.34 25.54 37.68
N ASN L 239 11.45 25.76 38.33
CA ASN L 239 11.55 26.89 39.25
C ASN L 239 11.27 28.19 38.51
N THR L 240 10.46 29.02 39.15
CA THR L 240 9.97 30.27 38.60
C THR L 240 8.61 30.54 39.22
N HIS L 241 7.98 31.65 38.82
CA HIS L 241 6.63 31.95 39.26
C HIS L 241 5.93 32.95 38.36
N TYR L 242 4.61 33.04 38.47
CA TYR L 242 3.86 34.02 37.69
C TYR L 242 3.30 35.12 38.58
N SER L 243 3.55 36.36 38.20
CA SER L 243 3.03 37.51 38.94
C SER L 243 2.97 37.26 40.43
N PRO L 244 4.12 36.90 41.05
CA PRO L 244 4.15 36.62 42.49
C PRO L 244 4.14 37.83 43.43
N ASP L 245 3.45 37.66 44.56
CA ASP L 245 3.35 38.67 45.61
C ASP L 245 4.24 38.20 46.78
N THR L 246 5.37 38.86 46.98
CA THR L 246 6.31 38.50 48.06
C THR L 246 5.73 38.68 49.48
N GLN L 247 4.98 39.77 49.66
CA GLN L 247 4.35 40.13 50.94
C GLN L 247 3.29 39.13 51.41
N ASN L 248 2.46 38.66 50.49
CA ASN L 248 1.39 37.74 50.83
C ASN L 248 1.63 36.27 50.47
N ASN L 249 2.80 35.95 49.92
CA ASN L 249 3.10 34.56 49.54
C ASN L 249 2.22 34.06 48.41
N ASN L 250 1.73 34.98 47.57
CA ASN L 250 0.87 34.62 46.43
C ASN L 250 1.69 34.39 45.16
N GLY L 251 1.30 33.37 44.39
CA GLY L 251 2.03 33.06 43.17
C GLY L 251 1.51 31.88 42.37
N VAL L 252 1.94 31.80 41.13
CA VAL L 252 1.50 30.73 40.28
C VAL L 252 2.63 29.83 39.87
N PRO L 253 2.61 28.58 40.34
CA PRO L 253 3.66 27.61 39.99
C PRO L 253 3.67 27.32 38.47
N ILE L 254 4.85 27.08 37.90
CA ILE L 254 4.96 26.79 36.47
C ILE L 254 5.44 25.34 36.27
N PHE L 255 4.70 24.57 35.48
CA PHE L 255 5.06 23.17 35.23
C PHE L 255 5.40 22.95 33.77
N ASP L 256 6.34 22.06 33.49
CA ASP L 256 6.73 21.77 32.09
C ASP L 256 5.73 20.97 31.27
N VAL L 257 4.93 20.12 31.91
CA VAL L 257 3.93 19.36 31.17
C VAL L 257 2.48 19.47 31.67
N ALA L 258 1.58 19.62 30.70
CA ALA L 258 0.13 19.75 30.96
C ALA L 258 -0.62 18.59 30.33
N SER L 259 -1.58 18.05 31.07
CA SER L 259 -2.35 16.88 30.65
C SER L 259 -3.88 17.07 30.73
N ALA L 260 -4.63 16.35 29.90
CA ALA L 260 -6.09 16.44 29.88
C ALA L 260 -6.72 15.03 29.73
N SER L 261 -8.04 15.00 29.92
CA SER L 261 -8.79 13.75 30.00
C SER L 261 -10.01 13.79 29.09
N GLN L 262 -10.94 12.88 29.35
CA GLN L 262 -12.15 12.75 28.57
C GLN L 262 -12.99 14.02 28.62
N SER L 263 -13.65 14.32 27.50
CA SER L 263 -14.52 15.48 27.34
C SER L 263 -13.80 16.72 26.85
N ASN L 264 -14.55 17.79 26.65
CA ASN L 264 -14.03 19.01 26.05
C ASN L 264 -13.06 19.82 26.91
N PHE L 265 -12.22 20.60 26.23
CA PHE L 265 -11.21 21.41 26.90
C PHE L 265 -10.73 22.48 25.91
N ALA L 266 -10.31 23.61 26.46
CA ALA L 266 -9.85 24.72 25.65
C ALA L 266 -8.38 25.03 25.89
N VAL L 267 -7.81 25.81 24.99
CA VAL L 267 -6.42 26.26 25.09
C VAL L 267 -6.42 27.80 24.99
N VAL L 268 -5.82 28.51 25.93
CA VAL L 268 -5.79 29.98 25.88
C VAL L 268 -4.37 30.47 25.55
N ILE L 269 -4.20 31.15 24.43
CA ILE L 269 -2.88 31.60 24.05
C ILE L 269 -2.71 33.09 23.93
N TRP L 270 -1.71 33.64 24.62
CA TRP L 270 -1.47 35.06 24.56
C TRP L 270 -0.10 35.58 24.10
N CYS L 271 -0.02 35.93 22.80
CA CYS L 271 1.21 36.43 22.19
C CYS L 271 1.01 37.86 21.69
N PRO L 272 1.62 38.84 22.37
CA PRO L 272 1.53 40.27 22.05
C PRO L 272 2.00 40.63 20.66
N ASN L 273 2.81 39.78 20.04
CA ASN L 273 3.34 40.05 18.70
C ASN L 273 2.31 39.90 17.56
N VAL L 274 1.22 39.17 17.78
CA VAL L 274 0.17 38.96 16.74
C VAL L 274 -0.74 40.18 16.52
N ASN L 275 -0.79 40.66 15.28
CA ASN L 275 -1.61 41.81 14.91
C ASN L 275 -2.65 41.46 13.86
N PRO L 276 -3.93 41.46 14.23
CA PRO L 276 -5.07 41.15 13.36
C PRO L 276 -5.19 42.05 12.11
N ASN L 277 -4.77 43.31 12.21
CA ASN L 277 -4.89 44.21 11.07
C ASN L 277 -3.97 43.90 9.89
N VAL L 278 -2.86 43.21 10.16
CA VAL L 278 -1.91 42.86 9.08
C VAL L 278 -1.74 41.36 8.80
N MET L 279 -2.26 40.52 9.70
CA MET L 279 -2.17 39.06 9.56
C MET L 279 -3.54 38.45 9.15
N GLN L 280 -3.57 37.72 8.04
CA GLN L 280 -4.81 37.11 7.58
C GLN L 280 -5.21 35.91 8.44
N SER L 281 -4.22 35.13 8.86
CA SER L 281 -4.42 33.94 9.67
C SER L 281 -3.13 33.50 10.40
N VAL L 282 -3.27 32.70 11.45
CA VAL L 282 -2.12 32.18 12.18
C VAL L 282 -2.30 30.67 12.32
N ASP L 283 -1.27 30.01 12.82
CA ASP L 283 -1.32 28.58 13.02
C ASP L 283 -0.73 28.19 14.34
N VAL L 284 -1.23 27.09 14.92
CA VAL L 284 -0.75 26.58 16.21
C VAL L 284 -0.23 25.15 16.09
N LYS L 285 0.84 24.85 16.82
CA LYS L 285 1.44 23.53 16.79
C LYS L 285 1.67 23.00 18.19
N MET L 286 1.29 21.74 18.41
CA MET L 286 1.48 21.11 19.70
C MET L 286 2.48 19.97 19.61
N VAL L 287 3.37 19.88 20.59
CA VAL L 287 4.36 18.82 20.63
C VAL L 287 4.09 17.92 21.82
N PHE L 288 3.81 16.65 21.52
CA PHE L 288 3.53 15.67 22.55
C PHE L 288 4.68 15.18 23.36
N SER L 289 4.39 14.52 24.47
CA SER L 289 5.45 13.97 25.31
C SER L 289 6.21 12.86 24.56
N ASP L 290 5.49 12.05 23.79
CA ASP L 290 6.10 10.97 23.00
C ASP L 290 6.88 11.49 21.77
N GLY L 291 6.74 12.77 21.44
CA GLY L 291 7.44 13.32 20.31
C GLY L 291 6.62 13.56 19.04
N SER L 292 5.42 13.00 18.95
CA SER L 292 4.58 13.21 17.77
C SER L 292 4.04 14.64 17.78
N THR L 293 3.49 15.11 16.66
CA THR L 293 2.95 16.47 16.63
C THR L 293 1.58 16.61 16.01
N TRP L 294 0.89 17.69 16.35
CA TRP L 294 -0.46 17.96 15.83
C TRP L 294 -0.61 19.45 15.55
N GLU L 295 -1.32 19.79 14.47
CA GLU L 295 -1.53 21.19 14.10
C GLU L 295 -2.94 21.53 13.68
N ALA L 296 -3.36 22.76 13.96
CA ALA L 296 -4.70 23.25 13.66
C ALA L 296 -4.63 24.61 12.99
N SER L 297 -5.72 25.02 12.35
CA SER L 297 -5.74 26.29 11.64
C SER L 297 -6.76 27.29 12.17
N VAL L 298 -6.30 28.49 12.45
CA VAL L 298 -7.20 29.54 12.98
C VAL L 298 -7.29 30.84 12.18
N PRO L 299 -8.46 31.18 11.58
CA PRO L 299 -8.56 32.44 10.83
C PRO L 299 -8.58 33.58 11.85
N LEU L 300 -8.03 34.71 11.45
CA LEU L 300 -7.96 35.88 12.31
C LEU L 300 -8.82 37.01 11.74
N SER L 301 -8.94 37.03 10.42
CA SER L 301 -9.72 38.05 9.73
C SER L 301 -11.06 38.29 10.43
N ILE L 302 -11.44 39.55 10.58
CA ILE L 302 -12.71 39.90 11.19
C ILE L 302 -13.82 39.04 10.60
N THR L 303 -13.96 39.11 9.28
CA THR L 303 -14.98 38.34 8.59
C THR L 303 -15.17 38.85 7.16
N VAL M 1 53.39 -42.08 43.54
CA VAL M 1 52.82 -42.24 42.18
C VAL M 1 51.36 -41.84 42.13
N SER M 2 50.91 -41.23 43.22
CA SER M 2 49.56 -40.75 43.41
C SER M 2 49.06 -39.85 42.26
N PRO M 3 49.77 -38.73 41.99
CA PRO M 3 49.30 -37.88 40.89
C PRO M 3 49.04 -38.64 39.57
N VAL M 4 49.94 -39.55 39.17
CA VAL M 4 49.75 -40.28 37.92
C VAL M 4 48.48 -41.10 37.80
N ILE M 5 48.07 -41.75 38.88
CA ILE M 5 46.86 -42.56 38.86
C ILE M 5 45.64 -41.66 38.95
N ALA M 6 45.72 -40.61 39.76
CA ALA M 6 44.61 -39.67 39.95
C ALA M 6 44.21 -39.02 38.63
N THR M 7 45.18 -38.44 37.94
CA THR M 7 44.92 -37.79 36.67
C THR M 7 44.20 -38.69 35.68
N LEU M 8 44.59 -39.97 35.61
CA LEU M 8 43.98 -40.92 34.66
C LEU M 8 42.51 -41.16 34.88
N LEU M 9 42.14 -41.35 36.13
CA LEU M 9 40.75 -41.56 36.42
C LEU M 9 39.91 -40.32 36.13
N LEU M 10 40.48 -39.13 36.32
CA LEU M 10 39.78 -37.86 36.08
C LEU M 10 39.49 -37.62 34.60
N ILE M 11 40.45 -37.99 33.73
CA ILE M 11 40.35 -37.86 32.27
C ILE M 11 39.20 -38.71 31.73
N LEU M 12 39.15 -39.96 32.18
CA LEU M 12 38.11 -40.87 31.74
C LEU M 12 36.70 -40.36 32.09
N ILE M 13 36.55 -39.82 33.31
CA ILE M 13 35.27 -39.32 33.83
C ILE M 13 34.67 -38.18 33.03
N ALA M 14 35.52 -37.19 32.70
CA ALA M 14 35.10 -36.04 31.91
C ALA M 14 34.72 -36.43 30.46
N VAL M 15 35.41 -37.41 29.88
CA VAL M 15 35.12 -37.89 28.53
C VAL M 15 33.74 -38.53 28.45
N ALA M 16 33.44 -39.37 29.44
CA ALA M 16 32.15 -40.08 29.54
C ALA M 16 30.96 -39.13 29.67
N ALA M 17 31.11 -38.10 30.49
CA ALA M 17 30.05 -37.12 30.70
C ALA M 17 29.80 -36.27 29.44
N ALA M 18 30.85 -35.94 28.70
CA ALA M 18 30.72 -35.14 27.48
C ALA M 18 29.93 -35.87 26.40
N VAL M 19 30.19 -37.17 26.26
CA VAL M 19 29.49 -37.97 25.26
C VAL M 19 28.03 -38.11 25.66
N LEU M 20 27.77 -38.18 26.97
CA LEU M 20 26.41 -38.29 27.44
C LEU M 20 25.66 -36.98 27.17
N LEU M 21 26.37 -35.84 27.22
CA LEU M 21 25.74 -34.53 26.96
C LEU M 21 25.24 -34.46 25.54
N TYR M 22 26.04 -35.00 24.63
CA TYR M 22 25.71 -35.01 23.21
C TYR M 22 24.42 -35.74 22.92
N THR M 23 24.28 -36.94 23.46
CA THR M 23 23.09 -37.75 23.22
C THR M 23 21.86 -37.04 23.74
N TRP M 24 21.98 -36.45 24.92
CA TRP M 24 20.87 -35.75 25.52
C TRP M 24 20.48 -34.49 24.73
N VAL M 25 21.47 -33.75 24.26
CA VAL M 25 21.22 -32.51 23.51
C VAL M 25 20.51 -32.81 22.21
N SER M 26 21.07 -33.74 21.44
CA SER M 26 20.50 -34.10 20.15
C SER M 26 19.13 -34.74 20.28
N GLY M 27 18.93 -35.52 21.32
CA GLY M 27 17.63 -36.10 21.52
C GLY M 27 16.67 -34.95 21.84
N LEU M 28 17.11 -33.96 22.62
CA LEU M 28 16.25 -32.81 22.99
C LEU M 28 15.75 -32.06 21.75
N SER M 29 16.62 -31.95 20.76
CA SER M 29 16.26 -31.28 19.53
C SER M 29 15.36 -32.20 18.70
N ALA M 30 14.69 -31.63 17.68
CA ALA M 30 13.81 -32.37 16.79
C ALA M 30 12.69 -33.01 17.59
N ASN M 31 12.44 -32.41 18.76
CA ASN M 31 11.40 -32.87 19.64
C ASN M 31 10.40 -31.73 19.85
N VAL M 32 10.04 -31.05 18.77
CA VAL M 32 9.05 -29.98 18.84
C VAL M 32 7.99 -30.23 17.76
N ALA M 33 6.74 -30.33 18.23
CA ALA M 33 5.56 -30.62 17.39
C ALA M 33 5.12 -29.49 16.50
N GLY M 34 4.66 -28.39 17.11
CA GLY M 34 4.20 -27.25 16.33
C GLY M 34 2.71 -27.24 15.96
N THR M 35 2.41 -26.68 14.78
CA THR M 35 1.02 -26.57 14.31
C THR M 35 0.85 -26.51 12.79
N GLN M 36 -0.41 -26.55 12.41
CA GLN M 36 -0.78 -26.45 11.03
C GLN M 36 -1.49 -25.12 10.96
N VAL M 37 -1.57 -24.57 9.75
CA VAL M 37 -2.25 -23.31 9.53
C VAL M 37 -3.50 -23.66 8.74
N THR M 38 -4.63 -23.38 9.39
CA THR M 38 -5.95 -23.64 8.82
C THR M 38 -6.03 -22.87 7.53
N GLY M 39 -6.71 -23.48 6.57
CA GLY M 39 -6.84 -22.87 5.28
C GLY M 39 -7.65 -21.63 5.38
N LYS M 40 -7.76 -20.99 4.22
CA LYS M 40 -8.49 -19.76 4.08
C LYS M 40 -9.89 -20.11 4.35
N SER M 41 -10.62 -19.11 4.83
CA SER M 41 -12.00 -19.32 5.16
C SER M 41 -12.76 -19.94 4.01
N LEU M 42 -13.67 -20.79 4.44
CA LEU M 42 -14.55 -21.55 3.59
C LEU M 42 -15.56 -20.59 2.98
N THR M 43 -15.75 -20.68 1.66
CA THR M 43 -16.74 -19.82 1.03
C THR M 43 -18.14 -20.32 1.41
N LEU M 44 -19.05 -19.38 1.57
CA LEU M 44 -20.39 -19.68 2.00
C LEU M 44 -21.26 -19.95 0.77
N ILE M 45 -21.67 -21.21 0.61
CA ILE M 45 -22.53 -21.56 -0.51
C ILE M 45 -23.96 -21.16 -0.24
N GLN M 46 -24.41 -21.26 1.02
CA GLN M 46 -25.77 -20.87 1.39
C GLN M 46 -25.92 -20.81 2.90
N ALA M 47 -26.91 -20.05 3.35
CA ALA M 47 -27.26 -19.91 4.76
C ALA M 47 -28.75 -19.91 4.70
N THR M 48 -29.36 -20.83 5.42
CA THR M 48 -30.82 -20.91 5.44
C THR M 48 -31.39 -21.61 6.70
N TRP M 49 -32.71 -21.71 6.78
CA TRP M 49 -33.33 -22.32 7.95
C TRP M 49 -34.74 -22.83 7.67
N ALA M 50 -35.15 -23.87 8.40
CA ALA M 50 -36.50 -24.45 8.27
C ALA M 50 -37.09 -24.84 9.64
N ARG M 51 -38.38 -25.15 9.65
CA ARG M 51 -39.07 -25.52 10.88
C ARG M 51 -38.94 -26.99 11.21
N PRO M 52 -38.49 -27.32 12.45
CA PRO M 52 -38.32 -28.71 12.91
C PRO M 52 -39.63 -29.33 13.30
N ALA M 53 -39.59 -30.64 13.49
CA ALA M 53 -40.77 -31.38 13.86
C ALA M 53 -40.43 -32.06 15.17
N THR M 54 -41.18 -31.75 16.22
CA THR M 54 -40.96 -32.41 17.50
C THR M 54 -42.01 -33.51 17.74
N ASN M 55 -43.13 -33.42 17.02
CA ASN M 55 -44.18 -34.44 17.15
C ASN M 55 -44.09 -35.40 16.01
N VAL M 56 -43.63 -36.62 16.30
CA VAL M 56 -43.43 -37.65 15.30
C VAL M 56 -44.19 -38.90 15.67
N GLY M 57 -44.98 -39.38 14.71
CA GLY M 57 -45.74 -40.60 14.87
C GLY M 57 -45.12 -41.63 13.93
N THR M 58 -45.88 -42.64 13.55
CA THR M 58 -45.39 -43.66 12.60
C THR M 58 -45.55 -43.13 11.15
N THR M 59 -46.39 -42.08 11.01
CA THR M 59 -46.64 -41.36 9.75
C THR M 59 -46.70 -39.84 10.10
N ILE M 60 -46.21 -39.04 9.18
CA ILE M 60 -46.15 -37.60 9.35
C ILE M 60 -47.15 -36.81 8.49
N SER M 61 -47.85 -35.86 9.14
CA SER M 61 -48.81 -34.99 8.47
C SER M 61 -48.11 -33.66 8.33
N LYS M 62 -48.77 -32.68 7.73
CA LYS M 62 -48.11 -31.40 7.58
C LYS M 62 -48.15 -30.61 8.87
N ASP M 63 -49.06 -30.99 9.76
CA ASP M 63 -49.22 -30.38 11.07
C ASP M 63 -48.33 -31.00 12.14
N SER M 64 -47.53 -31.99 11.74
CA SER M 64 -46.59 -32.60 12.67
C SER M 64 -45.37 -31.69 12.84
N PHE M 65 -45.21 -30.72 11.95
CA PHE M 65 -44.12 -29.75 11.96
C PHE M 65 -44.52 -28.54 12.74
N ASP M 66 -43.63 -28.12 13.63
CA ASP M 66 -43.87 -26.96 14.51
C ASP M 66 -43.74 -25.57 13.93
N ARG M 67 -44.32 -24.60 14.63
CA ARG M 67 -44.27 -23.21 14.24
C ARG M 67 -43.55 -22.42 15.33
N SER M 68 -42.86 -21.37 14.88
CA SER M 68 -42.09 -20.48 15.75
C SER M 68 -40.86 -21.21 16.35
N LYS M 69 -40.31 -22.14 15.58
CA LYS M 69 -39.13 -22.91 15.97
C LYS M 69 -38.25 -22.84 14.74
N ALA M 70 -36.94 -22.95 14.92
CA ALA M 70 -36.03 -22.87 13.77
C ALA M 70 -34.77 -23.70 13.91
N VAL M 71 -34.27 -24.25 12.79
CA VAL M 71 -33.04 -25.02 12.76
C VAL M 71 -32.17 -24.35 11.73
N LEU M 72 -30.92 -24.04 12.08
CA LEU M 72 -30.04 -23.36 11.16
C LEU M 72 -29.17 -24.25 10.21
N ILE M 73 -29.16 -23.93 8.91
CA ILE M 73 -28.34 -24.70 7.96
C ILE M 73 -27.27 -23.89 7.25
N LEU M 74 -26.09 -24.47 7.13
CA LEU M 74 -24.97 -23.77 6.52
C LEU M 74 -24.15 -24.63 5.59
N SER M 75 -23.84 -24.10 4.41
CA SER M 75 -23.02 -24.84 3.47
C SER M 75 -21.69 -24.15 3.18
N PHE M 76 -20.59 -24.86 3.44
CA PHE M 76 -19.24 -24.36 3.21
C PHE M 76 -18.42 -25.17 2.21
N GLN M 77 -17.64 -24.46 1.37
CA GLN M 77 -16.75 -25.05 0.34
C GLN M 77 -15.30 -24.59 0.57
N PRO M 78 -14.47 -25.48 1.12
CA PRO M 78 -13.07 -25.15 1.37
C PRO M 78 -12.36 -24.99 0.06
N PRO M 79 -11.30 -24.10 0.03
CA PRO M 79 -10.60 -24.03 -1.25
C PRO M 79 -9.34 -24.86 -1.16
N ALA M 80 -9.15 -25.76 -2.11
CA ALA M 80 -8.11 -26.78 -2.01
C ALA M 80 -6.67 -26.25 -1.93
N GLN M 81 -6.40 -25.21 -2.70
CA GLN M 81 -5.02 -24.81 -3.02
C GLN M 81 -4.39 -23.75 -2.12
N VAL M 82 -5.03 -23.44 -0.99
CA VAL M 82 -4.57 -22.35 -0.15
C VAL M 82 -3.14 -22.52 0.35
N LEU M 83 -2.37 -21.44 0.24
CA LEU M 83 -0.96 -21.34 0.63
C LEU M 83 -0.26 -22.62 1.09
N GLN M 84 -0.32 -22.86 2.40
CA GLN M 84 0.15 -24.12 2.98
C GLN M 84 -1.03 -24.86 3.59
N GLY M 85 -2.21 -24.34 3.32
CA GLY M 85 -3.40 -24.76 4.05
C GLY M 85 -3.53 -26.26 4.19
N GLY M 86 -4.00 -26.65 5.38
CA GLY M 86 -4.22 -28.05 5.71
C GLY M 86 -5.39 -28.70 5.00
N GLN M 87 -5.26 -29.99 4.76
CA GLN M 87 -6.29 -30.79 4.11
C GLN M 87 -7.58 -30.86 4.93
N ALA M 88 -7.44 -30.98 6.25
CA ALA M 88 -8.59 -31.18 7.12
C ALA M 88 -8.82 -30.02 8.08
N ILE M 89 -10.08 -29.60 8.21
CA ILE M 89 -10.47 -28.48 9.06
C ILE M 89 -11.16 -28.98 10.33
N THR M 90 -10.69 -28.54 11.50
CA THR M 90 -11.26 -29.05 12.77
C THR M 90 -11.93 -27.96 13.62
N ILE M 91 -13.06 -28.32 14.21
CA ILE M 91 -13.83 -27.38 15.02
C ILE M 91 -14.04 -27.85 16.45
N ASP M 92 -13.48 -27.14 17.44
CA ASP M 92 -13.71 -27.51 18.81
C ASP M 92 -14.98 -26.87 19.37
N ALA M 93 -15.33 -25.65 18.97
CA ALA M 93 -16.52 -24.97 19.51
C ALA M 93 -17.33 -24.11 18.53
N ILE M 94 -18.66 -24.28 18.55
CA ILE M 94 -19.58 -23.54 17.67
C ILE M 94 -20.49 -22.68 18.55
N ASP M 95 -20.70 -21.42 18.17
CA ASP M 95 -21.52 -20.51 18.97
C ASP M 95 -22.56 -19.71 18.22
N VAL M 96 -23.66 -19.39 18.89
CA VAL M 96 -24.73 -18.60 18.27
C VAL M 96 -24.85 -17.26 19.03
N LEU M 97 -24.66 -16.16 18.31
CA LEU M 97 -24.69 -14.79 18.87
C LEU M 97 -25.78 -13.88 18.33
N TYR M 98 -26.28 -13.03 19.20
CA TYR M 98 -27.31 -12.10 18.82
C TYR M 98 -27.12 -10.84 19.61
N GLN M 99 -26.85 -9.74 18.89
CA GLN M 99 -26.58 -8.41 19.49
C GLN M 99 -25.20 -8.39 20.16
N GLY M 100 -24.30 -9.25 19.69
CA GLY M 100 -22.97 -9.35 20.28
C GLY M 100 -22.92 -10.16 21.59
N ARG M 101 -24.03 -10.83 21.94
CA ARG M 101 -24.12 -11.67 23.16
C ARG M 101 -24.32 -13.12 22.73
N VAL M 102 -23.95 -14.04 23.60
CA VAL M 102 -24.09 -15.45 23.28
C VAL M 102 -25.39 -16.11 23.68
N VAL M 103 -26.16 -16.54 22.68
CA VAL M 103 -27.42 -17.22 22.92
C VAL M 103 -27.18 -18.64 23.46
N CYS M 104 -26.26 -19.38 22.87
CA CYS M 104 -25.92 -20.75 23.31
C CYS M 104 -24.48 -21.13 22.90
N HIS M 105 -23.89 -22.10 23.59
CA HIS M 105 -22.53 -22.52 23.32
C HIS M 105 -22.40 -24.02 23.19
N TYR M 106 -21.73 -24.50 22.14
CA TYR M 106 -21.55 -25.94 21.95
C TYR M 106 -20.06 -26.25 21.95
N ASP M 107 -19.61 -27.08 22.89
CA ASP M 107 -18.17 -27.41 22.97
C ASP M 107 -17.76 -28.74 22.40
N SER M 108 -18.79 -29.58 22.24
CA SER M 108 -18.69 -30.95 21.74
C SER M 108 -19.86 -31.21 20.76
N PHE M 109 -19.86 -32.39 20.12
CA PHE M 109 -20.89 -32.75 19.15
C PHE M 109 -21.33 -34.21 19.19
N PRO M 110 -22.60 -34.46 18.84
CA PRO M 110 -23.08 -35.84 18.84
C PRO M 110 -22.55 -36.51 17.55
N MET M 111 -22.21 -37.81 17.59
CA MET M 111 -21.68 -38.51 16.40
C MET M 111 -22.68 -38.49 15.23
N THR M 112 -22.16 -38.29 14.04
CA THR M 112 -23.03 -38.28 12.88
C THR M 112 -23.14 -39.62 12.22
N ALA M 113 -24.30 -39.87 11.61
CA ALA M 113 -24.56 -41.15 10.95
C ALA M 113 -23.55 -41.48 9.87
N ASP M 114 -23.19 -40.49 9.06
CA ASP M 114 -22.23 -40.68 8.00
C ASP M 114 -20.82 -40.67 8.58
N ASP M 115 -20.46 -41.76 9.25
CA ASP M 115 -19.14 -41.92 9.85
C ASP M 115 -18.90 -43.41 9.92
N LYS M 116 -18.25 -43.92 8.89
CA LYS M 116 -17.96 -45.34 8.80
C LYS M 116 -17.08 -45.90 9.90
N TYR M 117 -16.09 -45.12 10.30
CA TYR M 117 -15.16 -45.54 11.33
C TYR M 117 -15.80 -45.90 12.67
N HIS M 118 -16.64 -44.99 13.18
CA HIS M 118 -17.31 -45.17 14.46
C HIS M 118 -18.70 -45.79 14.44
N ILE M 119 -19.27 -46.01 13.26
CA ILE M 119 -20.62 -46.56 13.14
C ILE M 119 -20.81 -47.99 13.67
N GLY M 120 -19.89 -48.90 13.38
CA GLY M 120 -20.08 -50.26 13.88
C GLY M 120 -19.26 -50.64 15.09
N GLN M 121 -19.22 -49.74 16.07
CA GLN M 121 -18.47 -50.00 17.31
C GLN M 121 -19.30 -49.80 18.53
N THR M 122 -18.82 -50.38 19.63
CA THR M 122 -19.47 -50.25 20.92
C THR M 122 -18.71 -49.32 21.83
N ILE M 123 -19.31 -48.17 22.14
CA ILE M 123 -18.64 -47.20 22.98
C ILE M 123 -19.32 -46.92 24.29
N GLY M 124 -18.60 -47.21 25.37
CA GLY M 124 -19.16 -47.01 26.69
C GLY M 124 -20.35 -47.94 26.92
N GLY M 125 -20.25 -49.19 26.46
CA GLY M 125 -21.33 -50.15 26.67
C GLY M 125 -22.58 -50.09 25.80
N LEU M 126 -22.63 -49.14 24.89
CA LEU M 126 -23.78 -48.97 23.99
C LEU M 126 -23.26 -48.87 22.55
N THR M 127 -23.84 -49.64 21.64
CA THR M 127 -23.44 -49.59 20.24
C THR M 127 -23.65 -48.19 19.68
N ALA M 128 -22.95 -47.86 18.60
CA ALA M 128 -23.05 -46.53 18.04
C ALA M 128 -24.01 -46.29 16.89
N PHE M 129 -24.81 -45.26 17.05
CA PHE M 129 -25.75 -44.88 16.02
C PHE M 129 -25.59 -43.39 15.81
N GLY M 130 -25.71 -42.96 14.57
CA GLY M 130 -25.58 -41.56 14.26
C GLY M 130 -26.91 -40.91 14.01
N LEU M 131 -26.79 -39.68 13.56
CA LEU M 131 -27.94 -38.87 13.27
C LEU M 131 -28.36 -38.89 11.77
N VAL M 132 -29.67 -38.99 11.55
CA VAL M 132 -30.19 -39.00 10.20
C VAL M 132 -31.25 -37.95 9.90
N PHE M 133 -31.10 -37.30 8.72
CA PHE M 133 -32.01 -36.22 8.22
C PHE M 133 -32.76 -36.52 6.91
N TRP M 134 -34.11 -36.56 6.93
CA TRP M 134 -34.90 -36.90 5.73
C TRP M 134 -35.72 -35.80 5.01
N SER M 196 -38.79 -36.51 17.01
CA SER M 196 -37.52 -36.82 17.65
C SER M 196 -36.80 -35.54 18.13
N PHE M 197 -37.42 -34.35 18.12
CA PHE M 197 -36.68 -33.14 18.62
C PHE M 197 -37.19 -32.70 19.97
N ASP M 198 -36.28 -32.49 20.92
CA ASP M 198 -36.66 -32.08 22.29
C ASP M 198 -36.03 -30.72 22.63
N ASP M 199 -36.83 -29.82 23.21
CA ASP M 199 -36.35 -28.47 23.59
C ASP M 199 -35.32 -28.44 24.72
N GLN M 200 -35.28 -29.54 25.48
CA GLN M 200 -34.35 -29.68 26.60
C GLN M 200 -32.97 -30.16 26.16
N TYR M 201 -32.82 -30.56 24.91
CA TYR M 201 -31.55 -31.07 24.40
C TYR M 201 -31.05 -30.43 23.10
N PRO M 202 -30.48 -29.22 23.20
CA PRO M 202 -29.98 -28.52 22.02
C PRO M 202 -28.66 -29.18 21.55
N PHE M 203 -28.38 -29.10 20.26
CA PHE M 203 -27.17 -29.69 19.73
C PHE M 203 -26.78 -29.18 18.36
N ALA M 204 -25.49 -29.39 18.04
CA ALA M 204 -24.90 -29.03 16.74
C ALA M 204 -24.10 -30.23 16.20
N THR M 205 -23.85 -30.26 14.90
CA THR M 205 -23.11 -31.37 14.28
C THR M 205 -22.77 -31.15 12.81
N ILE M 206 -21.82 -31.93 12.29
CA ILE M 206 -21.34 -31.85 10.89
C ILE M 206 -21.88 -32.97 9.98
N LEU M 207 -22.51 -32.62 8.85
CA LEU M 207 -23.01 -33.64 7.90
C LEU M 207 -22.62 -33.27 6.46
N ALA M 208 -22.21 -34.26 5.66
CA ALA M 208 -21.81 -34.02 4.29
C ALA M 208 -22.96 -33.91 3.31
N GLY M 209 -23.32 -32.67 2.97
CA GLY M 209 -24.40 -32.38 2.02
C GLY M 209 -24.84 -30.93 1.85
N THR M 210 -25.93 -30.72 1.13
CA THR M 210 -26.50 -29.38 0.91
C THR M 210 -28.03 -29.41 0.98
N TRP M 211 -28.62 -28.25 1.15
CA TRP M 211 -30.05 -28.14 1.27
C TRP M 211 -30.71 -27.56 0.01
N GLU M 212 -31.80 -28.18 -0.47
CA GLU M 212 -32.53 -27.75 -1.67
C GLU M 212 -33.99 -27.43 -1.37
N VAL M 213 -34.48 -26.36 -1.98
CA VAL M 213 -35.85 -25.92 -1.81
C VAL M 213 -36.59 -25.94 -3.16
N ASN M 214 -37.79 -26.52 -3.17
CA ASN M 214 -38.62 -26.64 -4.39
C ASN M 214 -40.01 -26.06 -4.14
N TYR M 215 -40.48 -25.20 -5.05
CA TYR M 215 -41.80 -24.59 -4.86
C TYR M 215 -42.97 -25.24 -5.57
N VAL M 216 -43.89 -25.86 -4.83
CA VAL M 216 -45.08 -26.52 -5.44
C VAL M 216 -46.06 -25.41 -5.86
N SER M 217 -46.31 -24.48 -4.94
CA SER M 217 -47.21 -23.37 -5.17
C SER M 217 -46.56 -22.07 -4.69
N THR M 218 -47.31 -20.96 -4.73
CA THR M 218 -46.82 -19.63 -4.30
C THR M 218 -46.35 -19.58 -2.85
N ASN M 219 -47.04 -20.28 -1.98
CA ASN M 219 -46.67 -20.28 -0.56
C ASN M 219 -46.31 -21.64 0.06
N TYR M 220 -46.21 -22.66 -0.78
CA TYR M 220 -45.88 -23.99 -0.29
C TYR M 220 -44.64 -24.55 -0.96
N VAL M 221 -43.88 -25.30 -0.20
CA VAL M 221 -42.64 -25.86 -0.73
C VAL M 221 -42.37 -27.32 -0.38
N GLU M 222 -41.45 -27.93 -1.11
CA GLU M 222 -41.02 -29.30 -0.84
C GLU M 222 -39.49 -29.18 -0.62
N THR M 223 -38.92 -29.97 0.28
CA THR M 223 -37.48 -29.89 0.58
C THR M 223 -36.65 -31.18 0.58
N ASN M 224 -35.54 -31.19 -0.16
CA ASN M 224 -34.73 -32.38 -0.24
C ASN M 224 -33.29 -32.21 0.21
N PHE M 225 -32.81 -33.13 1.05
CA PHE M 225 -31.42 -33.09 1.54
C PHE M 225 -30.58 -34.14 0.81
N ARG M 226 -29.52 -33.65 0.17
CA ARG M 226 -28.63 -34.45 -0.66
C ARG M 226 -27.16 -34.68 -0.19
N ASN M 227 -26.57 -35.87 -0.52
CA ASN M 227 -25.16 -36.19 -0.16
C ASN M 227 -24.20 -35.43 -1.05
N THR M 228 -22.98 -35.15 -0.55
CA THR M 228 -21.97 -34.37 -1.30
C THR M 228 -20.64 -35.05 -1.57
N SER M 229 -20.49 -36.27 -1.06
CA SER M 229 -19.28 -37.02 -1.28
C SER M 229 -18.08 -36.40 -0.59
N ALA M 230 -18.26 -35.99 0.65
CA ALA M 230 -17.16 -35.42 1.43
C ALA M 230 -16.84 -36.28 2.68
N VAL M 231 -15.65 -36.13 3.25
CA VAL M 231 -15.26 -36.94 4.42
C VAL M 231 -15.62 -36.36 5.78
N ILE M 232 -16.03 -37.21 6.71
CA ILE M 232 -16.34 -36.74 8.05
C ILE M 232 -15.77 -37.68 9.10
N LYS M 233 -15.04 -37.10 10.03
CA LYS M 233 -14.42 -37.84 11.11
C LYS M 233 -14.64 -37.12 12.46
N PHE M 234 -14.48 -37.86 13.55
CA PHE M 234 -14.62 -37.27 14.89
C PHE M 234 -13.35 -37.39 15.73
N ASP M 235 -12.87 -36.26 16.23
CA ASP M 235 -11.62 -36.20 16.98
C ASP M 235 -11.59 -36.95 18.33
N ARG M 236 -12.64 -36.78 19.14
CA ARG M 236 -12.62 -37.31 20.51
C ARG M 236 -13.99 -37.65 21.09
N PHE M 237 -13.98 -38.48 22.15
CA PHE M 237 -15.19 -38.82 22.89
C PHE M 237 -15.12 -38.36 24.35
N VAL M 238 -16.16 -37.70 24.81
CA VAL M 238 -16.25 -37.27 26.19
C VAL M 238 -17.43 -38.00 26.79
N ASN M 239 -17.28 -38.52 27.99
CA ASN M 239 -18.30 -39.41 28.53
C ASN M 239 -19.64 -38.70 28.58
N THR M 240 -20.66 -39.43 28.14
CA THR M 240 -22.02 -38.92 27.99
C THR M 240 -22.67 -39.71 26.86
N HIS M 241 -23.92 -39.38 26.55
CA HIS M 241 -24.61 -39.99 25.42
C HIS M 241 -25.80 -39.16 24.96
N TYR M 242 -26.28 -39.44 23.75
CA TYR M 242 -27.46 -38.75 23.27
C TYR M 242 -28.66 -39.69 23.16
N SER M 243 -29.77 -39.27 23.73
CA SER M 243 -31.00 -40.06 23.68
C SER M 243 -30.74 -41.55 23.73
N PRO M 244 -30.03 -42.03 24.77
CA PRO M 244 -29.72 -43.46 24.88
C PRO M 244 -30.83 -44.38 25.35
N ASP M 245 -30.85 -45.59 24.78
CA ASP M 245 -31.81 -46.63 25.11
C ASP M 245 -31.06 -47.69 25.96
N THR M 246 -31.34 -47.74 27.25
CA THR M 246 -30.68 -48.70 28.15
C THR M 246 -30.98 -50.18 27.83
N GLN M 247 -32.25 -50.45 27.48
CA GLN M 247 -32.75 -51.79 27.15
C GLN M 247 -32.08 -52.40 25.89
N ASN M 248 -31.94 -51.59 24.85
CA ASN M 248 -31.37 -52.06 23.60
C ASN M 248 -29.90 -51.69 23.34
N ASN M 249 -29.25 -51.01 24.28
CA ASN M 249 -27.86 -50.60 24.09
C ASN M 249 -27.69 -49.59 22.98
N ASN M 250 -28.73 -48.80 22.71
CA ASN M 250 -28.69 -47.78 21.64
C ASN M 250 -28.26 -46.42 22.19
N GLY M 251 -27.42 -45.71 21.42
CA GLY M 251 -26.96 -44.41 21.88
C GLY M 251 -26.01 -43.70 20.93
N VAL M 252 -25.84 -42.42 21.17
CA VAL M 252 -24.97 -41.63 20.33
C VAL M 252 -23.77 -41.09 21.07
N PRO M 253 -22.60 -41.57 20.72
CA PRO M 253 -21.36 -41.11 21.38
C PRO M 253 -21.12 -39.60 21.12
N ILE M 254 -20.56 -38.89 22.10
CA ILE M 254 -20.28 -37.46 21.95
C ILE M 254 -18.76 -37.21 21.93
N PHE M 255 -18.27 -36.52 20.91
CA PHE M 255 -16.84 -36.24 20.79
C PHE M 255 -16.58 -34.75 20.87
N ASP M 256 -15.44 -34.36 21.45
CA ASP M 256 -15.10 -32.93 21.56
C ASP M 256 -14.65 -32.24 20.29
N VAL M 257 -14.08 -32.99 19.35
CA VAL M 257 -13.68 -32.38 18.08
C VAL M 257 -14.21 -33.04 16.80
N ALA M 258 -14.66 -32.20 15.87
CA ALA M 258 -15.21 -32.63 14.58
C ALA M 258 -14.35 -32.09 13.45
N SER M 259 -14.10 -32.95 12.46
CA SER M 259 -13.25 -32.65 11.32
C SER M 259 -13.88 -32.92 9.96
N ALA M 260 -13.45 -32.18 8.92
CA ALA M 260 -13.97 -32.34 7.56
C ALA M 260 -12.83 -32.28 6.52
N SER M 261 -13.18 -32.62 5.29
CA SER M 261 -12.23 -32.81 4.21
C SER M 261 -12.65 -32.05 2.96
N GLN M 262 -12.07 -32.43 1.84
CA GLN M 262 -12.35 -31.80 0.56
C GLN M 262 -13.80 -31.94 0.16
N SER M 263 -14.32 -30.92 -0.50
CA SER M 263 -15.69 -30.85 -1.00
C SER M 263 -16.66 -30.27 0.01
N ASN M 264 -17.92 -30.15 -0.41
CA ASN M 264 -18.94 -29.48 0.40
C ASN M 264 -19.40 -30.21 1.65
N PHE M 265 -19.91 -29.43 2.61
CA PHE M 265 -20.35 -29.96 3.90
C PHE M 265 -21.25 -28.92 4.55
N ALA M 266 -22.19 -29.40 5.36
CA ALA M 266 -23.13 -28.54 6.03
C ALA M 266 -22.98 -28.60 7.55
N VAL M 267 -23.58 -27.62 8.22
CA VAL M 267 -23.57 -27.55 9.68
C VAL M 267 -25.05 -27.43 10.14
N VAL M 268 -25.51 -28.30 11.04
CA VAL M 268 -26.90 -28.23 11.51
C VAL M 268 -26.94 -27.73 12.96
N ILE M 269 -27.58 -26.58 13.19
CA ILE M 269 -27.61 -26.04 14.53
C ILE M 269 -28.99 -25.89 15.13
N TRP M 270 -29.18 -26.46 16.32
CA TRP M 270 -30.48 -26.36 16.99
C TRP M 270 -30.55 -25.72 18.38
N CYS M 271 -30.91 -24.43 18.41
CA CYS M 271 -31.04 -23.67 19.65
C CYS M 271 -32.48 -23.18 19.83
N PRO M 272 -33.19 -23.79 20.79
CA PRO M 272 -34.59 -23.47 21.10
C PRO M 272 -34.84 -22.02 21.50
N ASN M 273 -33.80 -21.32 21.93
CA ASN M 273 -33.94 -19.92 22.35
C ASN M 273 -34.15 -18.91 21.21
N VAL M 274 -33.76 -19.26 19.97
CA VAL M 274 -33.92 -18.37 18.79
C VAL M 274 -35.37 -18.25 18.28
N ASN M 275 -35.87 -17.02 18.22
CA ASN M 275 -37.23 -16.74 17.77
C ASN M 275 -37.24 -15.82 16.55
N PRO M 276 -37.61 -16.35 15.38
CA PRO M 276 -37.70 -15.63 14.10
C PRO M 276 -38.63 -14.40 14.11
N ASN M 277 -39.69 -14.44 14.90
CA ASN M 277 -40.63 -13.31 14.94
C ASN M 277 -40.09 -12.03 15.57
N VAL M 278 -39.08 -12.16 16.44
CA VAL M 278 -38.50 -10.99 17.11
C VAL M 278 -37.03 -10.71 16.77
N MET M 279 -36.36 -11.66 16.13
CA MET M 279 -34.95 -11.52 15.76
C MET M 279 -34.79 -11.29 14.24
N GLN M 280 -34.14 -10.20 13.85
CA GLN M 280 -33.94 -9.90 12.44
C GLN M 280 -32.90 -10.81 11.80
N SER M 281 -31.84 -11.10 12.54
CA SER M 281 -30.74 -11.94 12.09
C SER M 281 -29.92 -12.51 13.26
N VAL M 282 -29.17 -13.58 13.00
CA VAL M 282 -28.29 -14.16 14.02
C VAL M 282 -26.91 -14.34 13.40
N ASP M 283 -25.95 -14.72 14.24
CA ASP M 283 -24.59 -14.93 13.78
C ASP M 283 -24.01 -16.18 14.38
N VAL M 284 -23.09 -16.82 13.64
CA VAL M 284 -22.43 -18.04 14.09
C VAL M 284 -20.90 -17.87 14.13
N LYS M 285 -20.28 -18.47 15.13
CA LYS M 285 -18.83 -18.37 15.29
C LYS M 285 -18.23 -19.74 15.51
N MET M 286 -17.13 -20.01 14.81
CA MET M 286 -16.43 -21.29 14.94
C MET M 286 -15.05 -21.08 15.52
N VAL M 287 -14.66 -21.95 16.46
CA VAL M 287 -13.35 -21.87 17.08
C VAL M 287 -12.53 -23.08 16.68
N PHE M 288 -11.41 -22.83 16.01
CA PHE M 288 -10.54 -23.89 15.54
C PHE M 288 -9.70 -24.56 16.60
N SER M 289 -9.13 -25.70 16.25
CA SER M 289 -8.27 -26.42 17.17
C SER M 289 -6.99 -25.59 17.48
N ASP M 290 -6.47 -24.92 16.45
CA ASP M 290 -5.28 -24.07 16.60
C ASP M 290 -5.57 -22.74 17.35
N GLY M 291 -6.83 -22.43 17.58
CA GLY M 291 -7.19 -21.21 18.28
C GLY M 291 -7.70 -20.05 17.42
N SER M 292 -7.53 -20.11 16.11
CA SER M 292 -8.03 -19.04 15.23
C SER M 292 -9.55 -19.11 15.17
N THR M 293 -10.19 -18.07 14.66
CA THR M 293 -11.66 -18.10 14.56
C THR M 293 -12.23 -17.63 13.23
N TRP M 294 -13.46 -18.05 12.94
CA TRP M 294 -14.14 -17.70 11.69
C TRP M 294 -15.61 -17.42 11.97
N GLU M 295 -16.19 -16.44 11.27
CA GLU M 295 -17.60 -16.09 11.46
C GLU M 295 -18.34 -15.84 10.18
N ALA M 296 -19.64 -16.16 10.19
CA ALA M 296 -20.52 -16.02 9.04
C ALA M 296 -21.82 -15.34 9.44
N SER M 297 -22.56 -14.83 8.46
CA SER M 297 -23.80 -14.12 8.74
C SER M 297 -25.04 -14.76 8.14
N VAL M 298 -26.04 -14.97 8.98
CA VAL M 298 -27.29 -15.60 8.50
C VAL M 298 -28.59 -14.81 8.73
N PRO M 299 -29.28 -14.36 7.65
CA PRO M 299 -30.54 -13.61 7.86
C PRO M 299 -31.59 -14.62 8.30
N LEU M 300 -32.52 -14.14 9.12
CA LEU M 300 -33.59 -14.98 9.64
C LEU M 300 -34.94 -14.51 9.11
N SER M 301 -35.03 -13.22 8.84
CA SER M 301 -36.26 -12.62 8.34
C SER M 301 -36.87 -13.47 7.23
N ILE M 302 -38.18 -13.65 7.28
CA ILE M 302 -38.89 -14.42 6.25
C ILE M 302 -38.43 -13.98 4.87
N THR M 303 -38.57 -12.68 4.60
CA THR M 303 -38.17 -12.12 3.32
C THR M 303 -38.75 -10.73 3.13
N VAL N 1 60.23 -39.12 47.54
CA VAL N 1 60.17 -37.83 46.81
C VAL N 1 59.35 -37.96 45.53
N SER N 2 58.67 -39.09 45.42
CA SER N 2 57.80 -39.45 44.31
C SER N 2 56.76 -38.35 43.98
N PRO N 3 55.89 -37.99 44.96
CA PRO N 3 54.90 -36.95 44.65
C PRO N 3 55.52 -35.68 44.01
N VAL N 4 56.63 -35.19 44.55
CA VAL N 4 57.23 -33.96 44.01
C VAL N 4 57.63 -34.00 42.54
N ILE N 5 58.16 -35.12 42.08
CA ILE N 5 58.55 -35.25 40.69
C ILE N 5 57.34 -35.49 39.81
N ALA N 6 56.38 -36.27 40.30
CA ALA N 6 55.16 -36.59 39.56
C ALA N 6 54.38 -35.33 39.22
N THR N 7 54.10 -34.53 40.24
CA THR N 7 53.35 -33.29 40.06
C THR N 7 53.97 -32.40 38.98
N LEU N 8 55.29 -32.29 38.94
CA LEU N 8 55.98 -31.44 37.98
C LEU N 8 55.78 -31.82 36.53
N LEU N 9 55.89 -33.11 36.27
CA LEU N 9 55.67 -33.57 34.93
C LEU N 9 54.24 -33.37 34.47
N LEU N 10 53.29 -33.49 35.40
CA LEU N 10 51.84 -33.33 35.08
C LEU N 10 51.48 -31.88 34.72
N ILE N 11 52.11 -30.92 35.41
CA ILE N 11 51.90 -29.48 35.19
C ILE N 11 52.35 -29.07 33.78
N LEU N 12 53.52 -29.54 33.41
CA LEU N 12 54.07 -29.23 32.10
C LEU N 12 53.17 -29.75 30.97
N ILE N 13 52.66 -30.97 31.13
CA ILE N 13 51.81 -31.65 30.13
C ILE N 13 50.52 -30.91 29.82
N ALA N 14 49.82 -30.49 30.88
CA ALA N 14 48.57 -29.75 30.74
C ALA N 14 48.78 -28.36 30.10
N VAL N 15 49.91 -27.69 30.39
CA VAL N 15 50.23 -26.38 29.80
C VAL N 15 50.42 -26.48 28.30
N ALA N 16 51.15 -27.51 27.86
CA ALA N 16 51.44 -27.76 26.44
C ALA N 16 50.19 -28.05 25.62
N ALA N 17 49.28 -28.83 26.18
CA ALA N 17 48.04 -29.15 25.50
C ALA N 17 47.11 -27.93 25.37
N ALA N 18 47.09 -27.07 26.39
CA ALA N 18 46.25 -25.87 26.35
C ALA N 18 46.67 -24.90 25.26
N VAL N 19 47.97 -24.73 25.09
CA VAL N 19 48.50 -23.84 24.08
C VAL N 19 48.19 -24.40 22.70
N LEU N 20 48.23 -25.72 22.59
CA LEU N 20 47.93 -26.37 21.32
C LEU N 20 46.45 -26.18 20.99
N LEU N 21 45.59 -26.15 22.00
CA LEU N 21 44.14 -25.96 21.77
C LEU N 21 43.87 -24.60 21.17
N TYR N 22 44.61 -23.61 21.64
CA TYR N 22 44.46 -22.24 21.17
C TYR N 22 44.76 -22.10 19.68
N THR N 23 45.89 -22.66 19.25
CA THR N 23 46.28 -22.57 17.86
C THR N 23 45.25 -23.23 16.97
N TRP N 24 44.77 -24.37 17.40
CA TRP N 24 43.78 -25.11 16.64
C TRP N 24 42.44 -24.38 16.56
N VAL N 25 42.01 -23.77 17.66
CA VAL N 25 40.74 -23.06 17.71
C VAL N 25 40.77 -21.86 16.81
N SER N 26 41.81 -21.02 16.96
CA SER N 26 41.92 -19.81 16.16
C SER N 26 42.13 -20.11 14.67
N GLY N 27 42.84 -21.18 14.38
CA GLY N 27 43.01 -21.53 12.99
C GLY N 27 41.63 -21.96 12.48
N LEU N 28 40.84 -22.68 13.29
CA LEU N 28 39.50 -23.14 12.86
C LEU N 28 38.60 -21.98 12.48
N SER N 29 38.72 -20.89 13.22
CA SER N 29 37.94 -19.70 12.93
C SER N 29 38.51 -18.98 11.70
N ALA N 30 37.73 -18.05 11.14
CA ALA N 30 38.14 -17.28 9.97
C ALA N 30 38.44 -18.21 8.81
N ASN N 31 37.84 -19.39 8.90
CA ASN N 31 37.99 -20.41 7.87
C ASN N 31 36.60 -20.73 7.30
N VAL N 32 35.81 -19.69 7.05
CA VAL N 32 34.50 -19.88 6.44
C VAL N 32 34.38 -18.94 5.23
N ALA N 33 34.11 -19.55 4.07
CA ALA N 33 34.00 -18.87 2.77
C ALA N 33 32.76 -18.03 2.60
N GLY N 34 31.60 -18.68 2.57
CA GLY N 34 30.35 -17.96 2.39
C GLY N 34 29.88 -17.76 0.95
N THR N 35 29.21 -16.63 0.69
CA THR N 35 28.68 -16.33 -0.64
C THR N 35 28.51 -14.84 -0.96
N GLN N 36 28.16 -14.62 -2.21
CA GLN N 36 27.91 -13.28 -2.69
C GLN N 36 26.42 -13.30 -2.96
N VAL N 37 25.84 -12.11 -3.01
CA VAL N 37 24.43 -11.96 -3.30
C VAL N 37 24.35 -11.34 -4.68
N THR N 38 23.77 -12.11 -5.59
CA THR N 38 23.60 -11.70 -6.98
C THR N 38 22.80 -10.42 -6.97
N GLY N 39 23.15 -9.57 -7.91
CA GLY N 39 22.48 -8.30 -8.00
C GLY N 39 21.06 -8.48 -8.38
N LYS N 40 20.38 -7.34 -8.42
CA LYS N 40 18.99 -7.29 -8.76
C LYS N 40 18.90 -7.72 -10.15
N SER N 41 17.75 -8.28 -10.48
CA SER N 41 17.53 -8.78 -11.81
C SER N 41 17.85 -7.73 -12.85
N LEU N 42 18.40 -8.27 -13.93
CA LEU N 42 18.83 -7.54 -15.09
C LEU N 42 17.60 -7.04 -15.82
N THR N 43 17.58 -5.76 -16.18
CA THR N 43 16.44 -5.24 -16.94
C THR N 43 16.50 -5.80 -18.36
N LEU N 44 15.34 -6.07 -18.91
CA LEU N 44 15.24 -6.66 -20.22
C LEU N 44 15.20 -5.54 -21.27
N ILE N 45 16.26 -5.44 -22.06
CA ILE N 45 16.31 -4.42 -23.11
C ILE N 45 15.49 -4.87 -24.30
N GLN N 46 15.49 -6.17 -24.61
CA GLN N 46 14.72 -6.70 -25.74
C GLN N 46 14.67 -8.22 -25.69
N ALA N 47 13.65 -8.79 -26.35
CA ALA N 47 13.47 -10.23 -26.47
C ALA N 47 13.01 -10.34 -27.88
N THR N 48 13.72 -11.14 -28.66
CA THR N 48 13.36 -11.34 -30.05
C THR N 48 13.89 -12.64 -30.66
N TRP N 49 13.59 -12.90 -31.93
CA TRP N 49 14.02 -14.12 -32.57
C TRP N 49 14.08 -14.03 -34.08
N ALA N 50 14.97 -14.81 -34.70
CA ALA N 50 15.11 -14.84 -36.17
C ALA N 50 15.34 -16.27 -36.70
N ARG N 51 15.24 -16.44 -38.01
CA ARG N 51 15.42 -17.75 -38.62
C ARG N 51 16.88 -18.07 -38.91
N PRO N 52 17.36 -19.24 -38.45
CA PRO N 52 18.74 -19.69 -38.64
C PRO N 52 18.96 -20.23 -40.04
N ALA N 53 20.22 -20.43 -40.38
CA ALA N 53 20.59 -20.94 -41.67
C ALA N 53 21.38 -22.20 -41.40
N THR N 54 20.89 -23.34 -41.90
CA THR N 54 21.63 -24.59 -41.74
C THR N 54 22.36 -24.95 -43.04
N ASN N 55 21.92 -24.36 -44.16
CA ASN N 55 22.57 -24.64 -45.43
C ASN N 55 23.49 -23.49 -45.78
N VAL N 56 24.79 -23.74 -45.68
CA VAL N 56 25.79 -22.72 -45.93
C VAL N 56 26.78 -23.19 -46.98
N GLY N 57 26.96 -22.33 -47.98
CA GLY N 57 27.90 -22.60 -49.06
C GLY N 57 29.03 -21.60 -48.89
N THR N 58 29.75 -21.30 -49.97
CA THR N 58 30.84 -20.32 -49.93
C THR N 58 30.25 -18.89 -50.08
N THR N 59 28.99 -18.85 -50.57
CA THR N 59 28.18 -17.63 -50.74
C THR N 59 26.75 -17.97 -50.29
N ILE N 60 26.09 -16.99 -49.69
CA ILE N 60 24.74 -17.15 -49.17
C ILE N 60 23.66 -16.41 -49.98
N SER N 61 22.57 -17.14 -50.27
CA SER N 61 21.42 -16.58 -51.00
C SER N 61 20.36 -16.35 -49.94
N LYS N 62 19.21 -15.83 -50.35
CA LYS N 62 18.18 -15.58 -49.35
C LYS N 62 17.46 -16.88 -48.98
N ASP N 63 17.58 -17.87 -49.87
CA ASP N 63 16.99 -19.18 -49.69
C ASP N 63 17.89 -20.14 -48.90
N SER N 64 19.05 -19.65 -48.49
CA SER N 64 19.95 -20.47 -47.69
C SER N 64 19.47 -20.49 -46.23
N PHE N 65 18.55 -19.58 -45.90
CA PHE N 65 17.96 -19.44 -44.57
C PHE N 65 16.71 -20.27 -44.48
N ASP N 66 16.60 -21.04 -43.40
CA ASP N 66 15.46 -21.95 -43.19
C ASP N 66 14.16 -21.34 -42.70
N ARG N 67 13.09 -22.10 -42.88
CA ARG N 67 11.76 -21.70 -42.45
C ARG N 67 11.26 -22.68 -41.40
N SER N 68 10.45 -22.16 -40.49
CA SER N 68 9.87 -22.92 -39.38
C SER N 68 10.94 -23.38 -38.37
N LYS N 69 11.98 -22.55 -38.22
CA LYS N 69 13.08 -22.80 -37.30
C LYS N 69 13.24 -21.48 -36.59
N ALA N 70 13.75 -21.49 -35.36
CA ALA N 70 13.91 -20.25 -34.61
C ALA N 70 15.10 -20.23 -33.66
N VAL N 71 15.72 -19.06 -33.48
CA VAL N 71 16.84 -18.90 -32.55
C VAL N 71 16.44 -17.75 -31.64
N LEU N 72 16.53 -17.95 -30.34
CA LEU N 72 16.11 -16.93 -29.39
C LEU N 72 17.19 -15.89 -28.97
N ILE N 73 16.85 -14.59 -29.00
CA ILE N 73 17.81 -13.55 -28.58
C ILE N 73 17.32 -12.72 -27.39
N LEU N 74 18.24 -12.47 -26.46
CA LEU N 74 17.88 -11.72 -25.27
C LEU N 74 18.92 -10.69 -24.87
N SER N 75 18.47 -9.49 -24.55
CA SER N 75 19.40 -8.45 -24.11
C SER N 75 19.13 -8.00 -22.66
N PHE N 76 20.17 -8.12 -21.82
CA PHE N 76 20.08 -7.75 -20.41
C PHE N 76 21.07 -6.65 -20.00
N GLN N 77 20.60 -5.73 -19.16
CA GLN N 77 21.40 -4.60 -18.61
C GLN N 77 21.42 -4.64 -17.07
N PRO N 78 22.52 -5.09 -16.50
CA PRO N 78 22.63 -5.18 -15.04
C PRO N 78 22.66 -3.79 -14.47
N PRO N 79 22.13 -3.62 -13.20
CA PRO N 79 22.25 -2.26 -12.68
C PRO N 79 23.41 -2.21 -11.72
N ALA N 80 24.30 -1.25 -11.92
CA ALA N 80 25.59 -1.24 -11.24
C ALA N 80 25.52 -1.14 -9.72
N GLN N 81 24.59 -0.33 -9.21
CA GLN N 81 24.62 0.16 -7.84
C GLN N 81 23.83 -0.65 -6.81
N VAL N 82 23.38 -1.84 -7.19
CA VAL N 82 22.50 -2.62 -6.33
C VAL N 82 23.11 -2.95 -4.98
N LEU N 83 22.32 -2.74 -3.93
CA LEU N 83 22.66 -2.96 -2.51
C LEU N 83 24.10 -3.34 -2.20
N GLN N 84 24.36 -4.65 -2.17
CA GLN N 84 25.71 -5.17 -2.04
C GLN N 84 26.08 -5.92 -3.31
N GLY N 85 25.22 -5.80 -4.31
CA GLY N 85 25.29 -6.66 -5.46
C GLY N 85 26.68 -6.84 -6.03
N GLY N 86 26.95 -8.07 -6.44
CA GLY N 86 28.21 -8.43 -7.05
C GLY N 86 28.46 -7.87 -8.44
N GLN N 87 29.73 -7.62 -8.74
CA GLN N 87 30.15 -7.10 -10.03
C GLN N 87 29.86 -8.07 -11.17
N ALA N 88 30.05 -9.37 -10.92
CA ALA N 88 29.93 -10.37 -11.97
C ALA N 88 28.78 -11.36 -11.72
N ILE N 89 28.00 -11.62 -12.78
CA ILE N 89 26.85 -12.52 -12.70
C ILE N 89 27.14 -13.86 -13.36
N THR N 90 26.91 -14.96 -12.65
CA THR N 90 27.26 -16.29 -13.18
C THR N 90 26.05 -17.21 -13.39
N ILE N 91 26.07 -17.94 -14.50
CA ILE N 91 24.97 -18.83 -14.83
C ILE N 91 25.39 -20.28 -15.03
N ASP N 92 24.92 -21.18 -14.17
CA ASP N 92 25.25 -22.58 -14.33
C ASP N 92 24.28 -23.29 -15.28
N ALA N 93 22.99 -22.92 -15.28
CA ALA N 93 22.00 -23.60 -16.15
C ALA N 93 20.91 -22.71 -16.75
N ILE N 94 20.66 -22.90 -18.07
CA ILE N 94 19.65 -22.14 -18.81
C ILE N 94 18.59 -23.12 -19.31
N ASP N 95 17.32 -22.74 -19.16
CA ASP N 95 16.22 -23.64 -19.57
C ASP N 95 15.12 -23.01 -20.40
N VAL N 96 14.50 -23.81 -21.26
CA VAL N 96 13.41 -23.32 -22.10
C VAL N 96 12.13 -24.09 -21.73
N LEU N 97 11.11 -23.35 -21.29
CA LEU N 97 9.82 -23.90 -20.84
C LEU N 97 8.60 -23.49 -21.65
N TYR N 98 7.66 -24.41 -21.77
CA TYR N 98 6.46 -24.15 -22.50
C TYR N 98 5.34 -24.89 -21.85
N GLN N 99 4.35 -24.16 -21.34
CA GLN N 99 3.19 -24.70 -20.60
C GLN N 99 3.60 -25.20 -19.22
N GLY N 100 4.69 -24.64 -18.68
CA GLY N 100 5.19 -25.06 -17.39
C GLY N 100 6.03 -26.35 -17.45
N ARG N 101 6.35 -26.85 -18.65
CA ARG N 101 7.15 -28.07 -18.84
C ARG N 101 8.46 -27.67 -19.54
N VAL N 102 9.48 -28.50 -19.36
CA VAL N 102 10.76 -28.20 -19.95
C VAL N 102 11.02 -28.76 -21.34
N VAL N 103 11.15 -27.86 -22.32
CA VAL N 103 11.43 -28.25 -23.69
C VAL N 103 12.86 -28.78 -23.83
N CYS N 104 13.83 -28.07 -23.24
CA CYS N 104 15.27 -28.49 -23.29
C CYS N 104 16.05 -27.90 -22.11
N HIS N 105 17.16 -28.53 -21.76
CA HIS N 105 17.97 -28.08 -20.63
C HIS N 105 19.44 -27.96 -20.99
N TYR N 106 20.06 -26.84 -20.61
CA TYR N 106 21.48 -26.63 -20.91
C TYR N 106 22.23 -26.46 -19.59
N ASP N 107 23.19 -27.33 -19.30
CA ASP N 107 23.93 -27.24 -18.03
C ASP N 107 25.32 -26.63 -18.12
N SER N 108 25.79 -26.60 -19.36
CA SER N 108 27.11 -26.09 -19.75
C SER N 108 26.98 -25.27 -21.04
N PHE N 109 28.08 -24.65 -21.48
CA PHE N 109 28.08 -23.81 -22.69
C PHE N 109 29.33 -23.91 -23.54
N PRO N 110 29.19 -23.71 -24.86
CA PRO N 110 30.35 -23.77 -25.73
C PRO N 110 31.11 -22.43 -25.57
N MET N 111 32.45 -22.45 -25.65
CA MET N 111 33.24 -21.20 -25.49
C MET N 111 32.88 -20.16 -26.57
N THR N 112 32.80 -18.91 -26.16
CA THR N 112 32.49 -17.85 -27.11
C THR N 112 33.73 -17.22 -27.71
N ALA N 113 33.59 -16.77 -28.95
CA ALA N 113 34.70 -16.14 -29.66
C ALA N 113 35.30 -14.96 -28.93
N ASP N 114 34.43 -14.11 -28.39
CA ASP N 114 34.88 -12.95 -27.65
C ASP N 114 35.31 -13.35 -26.25
N ASP N 115 36.48 -13.97 -26.16
CA ASP N 115 37.05 -14.40 -24.89
C ASP N 115 38.54 -14.46 -25.12
N LYS N 116 39.20 -13.37 -24.77
CA LYS N 116 40.63 -13.25 -24.95
C LYS N 116 41.46 -14.23 -24.15
N TYR N 117 41.03 -14.50 -22.93
CA TYR N 117 41.76 -15.42 -22.06
C TYR N 117 41.94 -16.83 -22.62
N HIS N 118 40.83 -17.44 -23.07
CA HIS N 118 40.85 -18.78 -23.61
C HIS N 118 41.01 -18.94 -25.12
N ILE N 119 41.00 -17.83 -25.86
CA ILE N 119 41.13 -17.88 -27.33
C ILE N 119 42.44 -18.44 -27.88
N GLY N 120 43.59 -18.05 -27.32
CA GLY N 120 44.84 -18.56 -27.85
C GLY N 120 45.48 -19.67 -27.05
N GLN N 121 44.66 -20.64 -26.63
CA GLN N 121 45.18 -21.77 -25.86
C GLN N 121 44.78 -23.09 -26.45
N THR N 122 45.51 -24.12 -26.03
CA THR N 122 45.23 -25.48 -26.46
C THR N 122 44.60 -26.30 -25.35
N ILE N 123 43.34 -26.67 -25.53
CA ILE N 123 42.64 -27.42 -24.50
C ILE N 123 42.21 -28.80 -24.91
N GLY N 124 42.74 -29.78 -24.19
CA GLY N 124 42.43 -31.15 -24.51
C GLY N 124 42.96 -31.53 -25.88
N GLY N 125 44.17 -31.07 -26.22
CA GLY N 125 44.77 -31.41 -27.51
C GLY N 125 44.29 -30.70 -28.78
N LEU N 126 43.34 -29.80 -28.64
CA LEU N 126 42.80 -29.04 -29.78
C LEU N 126 42.83 -27.55 -29.42
N THR N 127 43.35 -26.72 -30.32
CA THR N 127 43.39 -25.29 -30.09
C THR N 127 41.96 -24.75 -29.92
N ALA N 128 41.83 -23.59 -29.29
CA ALA N 128 40.52 -23.04 -29.04
C ALA N 128 39.96 -22.01 -30.01
N PHE N 129 38.74 -22.26 -30.44
CA PHE N 129 38.07 -21.35 -31.33
C PHE N 129 36.68 -21.12 -30.75
N GLY N 130 36.20 -19.89 -30.87
CA GLY N 130 34.90 -19.56 -30.37
C GLY N 130 33.87 -19.47 -31.46
N LEU N 131 32.72 -19.00 -31.02
CA LEU N 131 31.59 -18.84 -31.89
C LEU N 131 31.43 -17.41 -32.47
N VAL N 132 31.12 -17.35 -33.76
CA VAL N 132 30.94 -16.07 -34.41
C VAL N 132 29.59 -15.89 -35.13
N PHE N 133 28.99 -14.70 -34.94
CA PHE N 133 27.67 -14.32 -35.52
C PHE N 133 27.69 -13.11 -36.48
N TRP N 134 27.32 -13.29 -37.75
CA TRP N 134 27.36 -12.20 -38.75
C TRP N 134 26.04 -11.58 -39.26
N SER N 196 26.18 -23.86 -41.00
CA SER N 196 26.87 -24.34 -39.82
C SER N 196 25.89 -24.73 -38.69
N PHE N 197 24.57 -24.79 -38.91
CA PHE N 197 23.66 -25.18 -37.79
C PHE N 197 23.12 -26.59 -37.97
N ASP N 198 23.23 -27.42 -36.95
CA ASP N 198 22.77 -28.82 -37.02
C ASP N 198 21.68 -29.07 -35.97
N ASP N 199 20.59 -29.74 -36.38
CA ASP N 199 19.48 -30.05 -35.47
C ASP N 199 19.78 -31.05 -34.37
N GLN N 200 20.86 -31.81 -34.56
CA GLN N 200 21.31 -32.81 -33.61
C GLN N 200 22.17 -32.20 -32.49
N TYR N 201 22.57 -30.94 -32.62
CA TYR N 201 23.42 -30.30 -31.64
C TYR N 201 22.92 -28.94 -31.12
N PRO N 202 21.94 -28.97 -30.20
CA PRO N 202 21.39 -27.73 -29.64
C PRO N 202 22.40 -27.12 -28.66
N PHE N 203 22.37 -25.78 -28.53
CA PHE N 203 23.29 -25.12 -27.61
C PHE N 203 22.88 -23.71 -27.24
N ALA N 204 23.45 -23.24 -26.14
CA ALA N 204 23.24 -21.88 -25.61
C ALA N 204 24.61 -21.26 -25.29
N THR N 205 24.68 -19.92 -25.21
CA THR N 205 25.94 -19.23 -24.93
C THR N 205 25.78 -17.72 -24.71
N ILE N 206 26.79 -17.11 -24.10
CA ILE N 206 26.82 -15.66 -23.79
C ILE N 206 27.70 -14.83 -24.75
N LEU N 207 27.14 -13.78 -25.37
CA LEU N 207 27.93 -12.89 -26.26
C LEU N 207 27.65 -11.42 -25.95
N ALA N 208 28.69 -10.59 -25.95
CA ALA N 208 28.53 -9.17 -25.67
C ALA N 208 28.06 -8.33 -26.84
N GLY N 209 26.74 -8.05 -26.84
CA GLY N 209 26.13 -7.23 -27.88
C GLY N 209 24.61 -7.10 -27.87
N THR N 210 24.05 -6.51 -28.93
CA THR N 210 22.59 -6.35 -29.07
C THR N 210 22.17 -6.62 -30.53
N TRP N 211 20.87 -6.85 -30.71
CA TRP N 211 20.34 -7.13 -32.02
C TRP N 211 19.56 -5.96 -32.61
N GLU N 212 19.80 -5.62 -33.88
CA GLU N 212 19.12 -4.51 -34.59
C GLU N 212 18.39 -4.97 -35.83
N VAL N 213 17.21 -4.43 -36.04
CA VAL N 213 16.38 -4.76 -37.18
C VAL N 213 16.14 -3.52 -38.04
N ASN N 214 16.31 -3.65 -39.37
CA ASN N 214 16.14 -2.54 -40.33
C ASN N 214 15.17 -2.96 -41.43
N TYR N 215 14.18 -2.12 -41.72
CA TYR N 215 13.21 -2.44 -42.75
C TYR N 215 13.46 -1.88 -44.14
N VAL N 216 13.80 -2.74 -45.12
CA VAL N 216 14.03 -2.28 -46.51
C VAL N 216 12.67 -1.98 -47.14
N SER N 217 11.74 -2.91 -46.99
CA SER N 217 10.41 -2.79 -47.55
C SER N 217 9.38 -3.17 -46.47
N THR N 218 8.09 -3.22 -46.85
CA THR N 218 6.99 -3.58 -45.92
C THR N 218 7.12 -4.96 -45.30
N ASN N 219 7.61 -5.92 -46.07
CA ASN N 219 7.77 -7.28 -45.56
C ASN N 219 9.20 -7.86 -45.55
N TYR N 220 10.17 -7.02 -45.87
CA TYR N 220 11.56 -7.47 -45.91
C TYR N 220 12.44 -6.66 -44.98
N VAL N 221 13.41 -7.33 -44.40
CA VAL N 221 14.30 -6.66 -43.46
C VAL N 221 15.78 -6.98 -43.60
N GLU N 222 16.62 -6.15 -43.01
CA GLU N 222 18.06 -6.38 -42.99
C GLU N 222 18.41 -6.40 -41.47
N THR N 223 19.37 -7.23 -41.06
CA THR N 223 19.74 -7.37 -39.65
C THR N 223 21.23 -7.27 -39.27
N ASN N 224 21.54 -6.40 -38.30
CA ASN N 224 22.91 -6.22 -37.91
C ASN N 224 23.22 -6.50 -36.45
N PHE N 225 24.26 -7.28 -36.16
CA PHE N 225 24.65 -7.60 -34.78
C PHE N 225 25.89 -6.78 -34.40
N ARG N 226 25.72 -6.01 -33.32
CA ARG N 226 26.73 -5.08 -32.80
C ARG N 226 27.41 -5.37 -31.44
N ASN N 227 28.71 -4.99 -31.28
CA ASN N 227 29.46 -5.18 -30.01
C ASN N 227 28.99 -4.17 -28.96
N THR N 228 29.11 -4.51 -27.68
CA THR N 228 28.64 -3.65 -26.58
C THR N 228 29.69 -3.22 -25.55
N SER N 229 30.91 -3.71 -25.72
CA SER N 229 31.98 -3.35 -24.83
C SER N 229 31.78 -3.88 -23.42
N ALA N 230 31.38 -5.14 -23.33
CA ALA N 230 31.19 -5.78 -22.03
C ALA N 230 32.15 -6.98 -21.84
N VAL N 231 32.38 -7.41 -20.60
CA VAL N 231 33.30 -8.53 -20.34
C VAL N 231 32.68 -9.92 -20.36
N ILE N 232 33.40 -10.90 -20.89
CA ILE N 232 32.91 -12.27 -20.89
C ILE N 232 34.01 -13.24 -20.51
N LYS N 233 33.69 -14.07 -19.53
CA LYS N 233 34.63 -15.07 -19.06
C LYS N 233 33.93 -16.43 -18.88
N PHE N 234 34.72 -17.50 -18.82
CA PHE N 234 34.14 -18.84 -18.62
C PHE N 234 34.67 -19.52 -17.36
N ASP N 235 33.75 -19.95 -16.51
CA ASP N 235 34.10 -20.56 -15.22
C ASP N 235 34.87 -21.88 -15.26
N ARG N 236 34.42 -22.82 -16.10
CA ARG N 236 34.96 -24.18 -16.08
C ARG N 236 34.90 -24.94 -17.42
N PHE N 237 35.72 -25.98 -17.54
CA PHE N 237 35.71 -26.87 -18.70
C PHE N 237 35.34 -28.30 -18.32
N VAL N 238 34.39 -28.87 -19.05
CA VAL N 238 34.01 -30.26 -18.85
C VAL N 238 34.37 -30.99 -20.12
N ASN N 239 34.95 -32.18 -19.99
CA ASN N 239 35.51 -32.84 -21.16
C ASN N 239 34.43 -33.04 -22.21
N THR N 240 34.80 -32.73 -23.44
CA THR N 240 33.90 -32.74 -24.59
C THR N 240 34.42 -31.71 -25.58
N HIS N 241 33.71 -31.56 -26.70
CA HIS N 241 34.04 -30.51 -27.67
C HIS N 241 32.88 -30.19 -28.59
N TYR N 242 32.96 -29.07 -29.28
CA TYR N 242 31.94 -28.71 -30.25
C TYR N 242 32.46 -28.76 -31.67
N SER N 243 31.75 -29.46 -32.53
CA SER N 243 32.13 -29.56 -33.93
C SER N 243 33.62 -29.58 -34.14
N PRO N 244 34.33 -30.53 -33.48
CA PRO N 244 35.79 -30.61 -33.62
C PRO N 244 36.35 -31.22 -34.90
N ASP N 245 37.47 -30.67 -35.34
CA ASP N 245 38.18 -31.11 -36.54
C ASP N 245 39.45 -31.87 -36.05
N THR N 246 39.46 -33.19 -36.18
CA THR N 246 40.59 -34.01 -35.75
C THR N 246 41.91 -33.73 -36.51
N GLN N 247 41.76 -33.54 -37.83
CA GLN N 247 42.88 -33.27 -38.75
C GLN N 247 43.62 -31.96 -38.46
N ASN N 248 42.86 -30.89 -38.19
CA ASN N 248 43.45 -29.59 -37.93
C ASN N 248 43.52 -29.15 -36.47
N ASN N 249 43.10 -30.00 -35.54
CA ASN N 249 43.14 -29.64 -34.12
C ASN N 249 42.18 -28.51 -33.79
N ASN N 250 41.11 -28.36 -34.56
CA ASN N 250 40.11 -27.30 -34.34
C ASN N 250 38.97 -27.78 -33.45
N GLY N 251 38.53 -26.92 -32.53
CA GLY N 251 37.43 -27.30 -31.64
C GLY N 251 37.02 -26.25 -30.64
N VAL N 252 35.85 -26.46 -30.06
CA VAL N 252 35.34 -25.52 -29.10
C VAL N 252 35.21 -26.11 -27.72
N PRO N 253 36.02 -25.62 -26.78
CA PRO N 253 35.96 -26.12 -25.40
C PRO N 253 34.60 -25.83 -24.74
N ILE N 254 34.12 -26.73 -23.88
CA ILE N 254 32.84 -26.53 -23.21
C ILE N 254 33.06 -26.33 -21.70
N PHE N 255 32.52 -25.26 -21.15
CA PHE N 255 32.68 -24.96 -19.72
C PHE N 255 31.34 -25.01 -19.02
N ASP N 256 31.34 -25.45 -17.75
CA ASP N 256 30.08 -25.51 -16.97
C ASP N 256 29.52 -24.17 -16.50
N VAL N 257 30.38 -23.18 -16.29
CA VAL N 257 29.87 -21.87 -15.87
C VAL N 257 30.31 -20.68 -16.71
N ALA N 258 29.33 -19.80 -17.00
CA ALA N 258 29.53 -18.59 -17.80
C ALA N 258 29.26 -17.36 -16.95
N SER N 259 30.12 -16.35 -17.10
CA SER N 259 30.05 -15.11 -16.33
C SER N 259 30.06 -13.83 -17.18
N ALA N 260 29.46 -12.76 -16.65
CA ALA N 260 29.41 -11.47 -17.36
C ALA N 260 29.67 -10.30 -16.39
N SER N 261 29.85 -9.12 -16.97
CA SER N 261 30.28 -7.94 -16.25
C SER N 261 29.39 -6.74 -16.57
N GLN N 262 29.90 -5.55 -16.25
CA GLN N 262 29.17 -4.31 -16.48
C GLN N 262 28.85 -4.10 -17.94
N SER N 263 27.70 -3.49 -18.19
CA SER N 263 27.20 -3.17 -19.53
C SER N 263 26.38 -4.28 -20.16
N ASN N 264 25.89 -4.03 -21.35
CA ASN N 264 24.96 -4.94 -22.02
C ASN N 264 25.55 -6.24 -22.53
N PHE N 265 24.69 -7.25 -22.66
CA PHE N 265 25.10 -8.58 -23.09
C PHE N 265 23.86 -9.34 -23.56
N ALA N 266 24.06 -10.25 -24.49
CA ALA N 266 22.97 -11.04 -25.04
C ALA N 266 23.12 -12.52 -24.74
N VAL N 267 22.03 -13.25 -24.92
CA VAL N 267 22.01 -14.70 -24.73
C VAL N 267 21.47 -15.34 -26.04
N VAL N 268 22.18 -16.28 -26.63
CA VAL N 268 21.71 -16.93 -27.87
C VAL N 268 21.26 -18.36 -27.59
N ILE N 269 20.00 -18.66 -27.82
CA ILE N 269 19.50 -20.01 -27.53
C ILE N 269 18.97 -20.75 -28.71
N TRP N 270 19.49 -21.97 -28.93
CA TRP N 270 19.02 -22.79 -30.04
C TRP N 270 18.43 -24.16 -29.76
N CYS N 271 17.10 -24.23 -29.71
CA CYS N 271 16.38 -25.48 -29.44
C CYS N 271 15.49 -25.83 -30.63
N PRO N 272 15.86 -26.88 -31.39
CA PRO N 272 15.15 -27.35 -32.57
C PRO N 272 13.71 -27.76 -32.33
N ASN N 273 13.37 -28.06 -31.08
CA ASN N 273 12.00 -28.49 -30.74
C ASN N 273 10.95 -27.37 -30.76
N VAL N 274 11.37 -26.10 -30.65
CA VAL N 274 10.42 -24.95 -30.65
C VAL N 274 9.86 -24.61 -32.04
N ASN N 275 8.53 -24.61 -32.16
CA ASN N 275 7.84 -24.31 -33.42
C ASN N 275 6.92 -23.11 -33.30
N PRO N 276 7.28 -21.99 -33.94
CA PRO N 276 6.53 -20.74 -33.94
C PRO N 276 5.08 -20.86 -34.45
N ASN N 277 4.81 -21.76 -35.37
CA ASN N 277 3.45 -21.90 -35.92
C ASN N 277 2.42 -22.46 -34.94
N VAL N 278 2.87 -23.20 -33.93
CA VAL N 278 1.95 -23.79 -32.94
C VAL N 278 2.12 -23.28 -31.50
N MET N 279 3.21 -22.56 -31.23
CA MET N 279 3.48 -22.03 -29.89
C MET N 279 3.27 -20.49 -29.86
N GLN N 280 2.42 -20.03 -28.95
CA GLN N 280 2.15 -18.59 -28.83
C GLN N 280 3.32 -17.83 -28.21
N SER N 281 3.93 -18.46 -27.22
CA SER N 281 5.06 -17.88 -26.48
C SER N 281 5.88 -18.94 -25.73
N VAL N 282 7.11 -18.60 -25.38
CA VAL N 282 7.97 -19.50 -24.62
C VAL N 282 8.54 -18.73 -23.43
N ASP N 283 9.22 -19.46 -22.55
CA ASP N 283 9.81 -18.83 -21.38
C ASP N 283 11.20 -19.35 -21.14
N VAL N 284 12.05 -18.52 -20.55
CA VAL N 284 13.44 -18.89 -20.24
C VAL N 284 13.75 -18.75 -18.75
N LYS N 285 14.54 -19.68 -18.22
CA LYS N 285 14.89 -19.66 -16.81
C LYS N 285 16.38 -19.82 -16.62
N MET N 286 16.95 -18.97 -15.75
CA MET N 286 18.37 -19.03 -15.47
C MET N 286 18.61 -19.45 -14.02
N VAL N 287 19.59 -20.32 -13.81
CA VAL N 287 19.93 -20.79 -12.48
C VAL N 287 21.32 -20.30 -12.12
N PHE N 288 21.39 -19.49 -11.07
CA PHE N 288 22.66 -18.94 -10.61
C PHE N 288 23.59 -19.88 -9.91
N SER N 289 24.84 -19.48 -9.76
CA SER N 289 25.81 -20.29 -9.04
C SER N 289 25.41 -20.44 -7.55
N ASP N 290 24.90 -19.35 -6.98
CA ASP N 290 24.45 -19.35 -5.58
C ASP N 290 23.13 -20.13 -5.35
N GLY N 291 22.45 -20.49 -6.44
CA GLY N 291 21.21 -21.23 -6.31
C GLY N 291 19.92 -20.44 -6.54
N SER N 292 19.99 -19.10 -6.56
CA SER N 292 18.79 -18.30 -6.80
C SER N 292 18.39 -18.42 -8.27
N THR N 293 17.18 -17.98 -8.62
CA THR N 293 16.77 -18.06 -10.03
C THR N 293 16.11 -16.80 -10.57
N TRP N 294 16.12 -16.67 -11.90
CA TRP N 294 15.55 -15.51 -12.58
C TRP N 294 14.85 -15.95 -13.86
N GLU N 295 13.72 -15.34 -14.18
CA GLU N 295 12.97 -15.69 -15.39
C GLU N 295 12.45 -14.51 -16.17
N ALA N 296 12.37 -14.68 -17.49
CA ALA N 296 11.93 -13.63 -18.42
C ALA N 296 10.90 -14.18 -19.39
N SER N 297 10.16 -13.30 -20.05
CA SER N 297 9.12 -13.73 -20.96
C SER N 297 9.34 -13.29 -22.40
N VAL N 298 9.27 -14.23 -23.33
CA VAL N 298 9.46 -13.92 -24.75
C VAL N 298 8.32 -14.30 -25.71
N PRO N 299 7.66 -13.31 -26.35
CA PRO N 299 6.57 -13.66 -27.28
C PRO N 299 7.22 -14.23 -28.53
N LEU N 300 6.51 -15.17 -29.18
CA LEU N 300 7.00 -15.80 -30.39
C LEU N 300 6.14 -15.44 -31.58
N SER N 301 4.86 -15.17 -31.31
CA SER N 301 3.91 -14.82 -32.35
C SER N 301 4.50 -13.80 -33.31
N ILE N 302 4.28 -14.00 -34.60
CA ILE N 302 4.76 -13.07 -35.61
C ILE N 302 4.43 -11.65 -35.21
N THR N 303 3.16 -11.39 -34.98
CA THR N 303 2.69 -10.06 -34.58
C THR N 303 1.18 -9.93 -34.73
N VAL O 1 59.56 -42.27 55.41
CA VAL O 1 58.28 -41.53 55.65
C VAL O 1 58.12 -40.36 54.68
N SER O 2 58.99 -40.35 53.69
CA SER O 2 59.03 -39.35 52.63
C SER O 2 57.66 -39.14 51.93
N PRO O 3 57.09 -40.21 51.35
CA PRO O 3 55.79 -40.02 50.70
C PRO O 3 54.74 -39.31 51.58
N VAL O 4 54.62 -39.69 52.86
CA VAL O 4 53.63 -39.08 53.74
C VAL O 4 53.74 -37.56 53.91
N ILE O 5 54.96 -37.06 54.03
CA ILE O 5 55.16 -35.63 54.20
C ILE O 5 54.98 -34.90 52.87
N ALA O 6 55.46 -35.52 51.79
CA ALA O 6 55.37 -34.94 50.45
C ALA O 6 53.91 -34.68 50.05
N THR O 7 53.10 -35.72 50.16
CA THR O 7 51.69 -35.62 49.81
C THR O 7 50.99 -34.47 50.53
N LEU O 8 51.29 -34.28 51.82
CA LEU O 8 50.65 -33.22 52.61
C LEU O 8 50.92 -31.82 52.14
N LEU O 9 52.17 -31.56 51.81
CA LEU O 9 52.50 -30.26 51.32
C LEU O 9 51.88 -29.98 49.95
N LEU O 10 51.72 -31.01 49.13
CA LEU O 10 51.12 -30.87 47.79
C LEU O 10 49.62 -30.54 47.84
N ILE O 11 48.91 -31.14 48.80
CA ILE O 11 47.46 -30.93 49.03
C ILE O 11 47.18 -29.49 49.40
N LEU O 12 47.97 -28.97 50.34
CA LEU O 12 47.81 -27.61 50.79
C LEU O 12 47.99 -26.60 49.65
N ILE O 13 49.01 -26.82 48.81
CA ILE O 13 49.36 -25.95 47.68
C ILE O 13 48.25 -25.78 46.64
N ALA O 14 47.67 -26.92 46.25
CA ALA O 14 46.59 -26.93 45.27
C ALA O 14 45.31 -26.25 45.82
N VAL O 15 45.02 -26.40 47.11
CA VAL O 15 43.86 -25.77 47.75
C VAL O 15 43.96 -24.25 47.73
N ALA O 16 45.15 -23.74 48.06
CA ALA O 16 45.44 -22.30 48.09
C ALA O 16 45.29 -21.63 46.73
N ALA O 17 45.79 -22.31 45.69
CA ALA O 17 45.70 -21.79 44.33
C ALA O 17 44.25 -21.77 43.81
N ALA O 18 43.44 -22.76 44.18
CA ALA O 18 42.06 -22.83 43.75
C ALA O 18 41.23 -21.69 44.31
N VAL O 19 41.46 -21.36 45.57
CA VAL O 19 40.73 -20.28 46.23
C VAL O 19 41.14 -18.95 45.60
N LEU O 20 42.41 -18.84 45.22
CA LEU O 20 42.89 -17.63 44.60
C LEU O 20 42.26 -17.47 43.21
N LEU O 21 41.98 -18.59 42.52
CA LEU O 21 41.36 -18.53 41.20
C LEU O 21 39.96 -17.94 41.28
N TYR O 22 39.26 -18.32 42.33
CA TYR O 22 37.90 -17.88 42.56
C TYR O 22 37.82 -16.36 42.71
N THR O 23 38.67 -15.80 43.55
CA THR O 23 38.67 -14.36 43.79
C THR O 23 38.96 -13.61 42.51
N TRP O 24 39.92 -14.10 41.75
CA TRP O 24 40.30 -13.47 40.51
C TRP O 24 39.18 -13.55 39.45
N VAL O 25 38.51 -14.69 39.36
CA VAL O 25 37.44 -14.88 38.38
C VAL O 25 36.28 -13.98 38.68
N SER O 26 35.80 -14.00 39.92
CA SER O 26 34.67 -13.19 40.31
C SER O 26 34.97 -11.69 40.24
N GLY O 27 36.20 -11.32 40.55
CA GLY O 27 36.54 -9.92 40.44
C GLY O 27 36.52 -9.58 38.95
N LEU O 28 36.98 -10.48 38.07
CA LEU O 28 37.00 -10.23 36.62
C LEU O 28 35.60 -9.94 36.07
N SER O 29 34.63 -10.66 36.62
CA SER O 29 33.25 -10.46 36.20
C SER O 29 32.71 -9.17 36.81
N ALA O 30 31.57 -8.69 36.30
CA ALA O 30 30.92 -7.48 36.78
C ALA O 30 31.87 -6.30 36.64
N ASN O 31 32.81 -6.47 35.73
CA ASN O 31 33.79 -5.44 35.44
C ASN O 31 33.66 -5.04 33.96
N VAL O 32 32.41 -4.88 33.49
CA VAL O 32 32.18 -4.43 32.12
C VAL O 32 31.21 -3.25 32.17
N ALA O 33 31.67 -2.13 31.59
CA ALA O 33 30.96 -0.85 31.54
C ALA O 33 29.78 -0.82 30.60
N GLY O 34 30.05 -0.94 29.30
CA GLY O 34 28.96 -0.91 28.32
C GLY O 34 28.60 0.47 27.77
N THR O 35 27.31 0.66 27.46
CA THR O 35 26.82 1.92 26.87
C THR O 35 25.35 2.23 27.14
N GLN O 36 24.98 3.42 26.73
CA GLN O 36 23.63 3.88 26.85
C GLN O 36 23.18 3.96 25.40
N VAL O 37 21.87 3.95 25.21
CA VAL O 37 21.29 4.07 23.89
C VAL O 37 20.63 5.44 23.84
N THR O 38 21.16 6.27 22.94
CA THR O 38 20.69 7.63 22.75
C THR O 38 19.23 7.53 22.38
N GLY O 39 18.48 8.51 22.86
CA GLY O 39 17.07 8.53 22.62
C GLY O 39 16.80 8.73 21.17
N LYS O 40 15.51 8.70 20.87
CA LYS O 40 15.03 8.87 19.52
C LYS O 40 15.38 10.24 19.14
N SER O 41 15.54 10.42 17.85
CA SER O 41 15.90 11.72 17.34
C SER O 41 14.98 12.79 17.85
N LEU O 42 15.63 13.92 18.07
CA LEU O 42 15.03 15.12 18.56
C LEU O 42 14.16 15.71 17.46
N THR O 43 12.92 16.08 17.80
CA THR O 43 12.06 16.69 16.79
C THR O 43 12.57 18.10 16.51
N LEU O 44 12.45 18.51 15.26
CA LEU O 44 12.94 19.80 14.83
C LEU O 44 11.84 20.84 15.01
N ILE O 45 12.03 21.76 15.95
CA ILE O 45 11.05 22.81 16.19
C ILE O 45 11.20 23.90 15.14
N GLN O 46 12.41 24.19 14.71
CA GLN O 46 12.66 25.20 13.68
C GLN O 46 14.09 25.14 13.17
N ALA O 47 14.30 25.67 11.97
CA ALA O 47 15.61 25.76 11.33
C ALA O 47 15.55 27.10 10.70
N THR O 48 16.49 27.95 11.05
CA THR O 48 16.53 29.29 10.48
C THR O 48 17.93 29.95 10.51
N TRP O 49 18.04 31.17 10.00
CA TRP O 49 19.31 31.86 9.95
C TRP O 49 19.19 33.36 9.87
N ALA O 50 20.18 34.08 10.39
CA ALA O 50 20.23 35.55 10.34
C ALA O 50 21.64 36.09 10.06
N ARG O 51 21.73 37.38 9.76
CA ARG O 51 23.01 38.01 9.46
C ARG O 51 23.75 38.46 10.71
N PRO O 52 25.03 38.05 10.86
CA PRO O 52 25.87 38.42 12.01
C PRO O 52 26.40 39.82 11.88
N ALA O 53 26.96 40.31 12.98
CA ALA O 53 27.53 41.64 13.01
C ALA O 53 28.97 41.45 13.41
N THR O 54 29.89 41.88 12.55
CA THR O 54 31.32 41.80 12.88
C THR O 54 31.85 43.18 13.31
N ASN O 55 31.12 44.24 12.94
CA ASN O 55 31.54 45.58 13.32
C ASN O 55 30.71 46.04 14.49
N VAL O 56 31.35 46.09 15.66
CA VAL O 56 30.67 46.48 16.90
C VAL O 56 31.39 47.64 17.55
N GLY O 57 30.60 48.66 17.87
CA GLY O 57 31.09 49.84 18.56
C GLY O 57 30.50 49.82 19.95
N THR O 58 30.40 50.98 20.59
CA THR O 58 29.80 51.08 21.93
C THR O 58 28.25 51.16 21.78
N THR O 59 27.82 51.50 20.56
CA THR O 59 26.40 51.57 20.14
C THR O 59 26.32 50.95 18.73
N ILE O 60 25.20 50.28 18.48
CA ILE O 60 24.95 49.61 17.22
C ILE O 60 23.89 50.29 16.32
N SER O 61 24.24 50.43 15.04
CA SER O 61 23.35 51.02 14.04
C SER O 61 22.84 49.85 13.23
N LYS O 62 21.98 50.11 12.25
CA LYS O 62 21.46 49.00 11.48
C LYS O 62 22.49 48.55 10.45
N ASP O 63 23.44 49.43 10.15
CA ASP O 63 24.52 49.17 9.21
C ASP O 63 25.73 48.49 9.86
N SER O 64 25.62 48.23 11.16
CA SER O 64 26.70 47.53 11.85
C SER O 64 26.61 46.02 11.56
N PHE O 65 25.48 45.59 11.01
CA PHE O 65 25.22 44.20 10.64
C PHE O 65 25.62 43.95 9.23
N ASP O 66 26.37 42.87 9.01
CA ASP O 66 26.88 42.51 7.68
C ASP O 66 25.93 41.87 6.69
N ARG O 67 26.32 41.91 5.42
CA ARG O 67 25.55 41.33 4.35
C ARG O 67 26.37 40.22 3.70
N SER O 68 25.64 39.22 3.21
CA SER O 68 26.23 38.05 2.55
C SER O 68 27.01 37.17 3.55
N LYS O 69 26.55 37.15 4.79
CA LYS O 69 27.15 36.37 5.86
C LYS O 69 25.96 35.69 6.51
N ALA O 70 26.16 34.53 7.13
CA ALA O 70 25.05 33.82 7.75
C ALA O 70 25.42 33.02 8.98
N VAL O 71 24.51 32.93 9.95
CA VAL O 71 24.72 32.14 11.17
C VAL O 71 23.53 31.20 11.24
N LEU O 72 23.79 29.91 11.41
CA LEU O 72 22.71 28.93 11.45
C LEU O 72 22.06 28.64 12.83
N ILE O 73 20.72 28.65 12.91
CA ILE O 73 20.04 28.35 14.17
C ILE O 73 19.14 27.13 14.12
N LEU O 74 19.20 26.32 15.16
CA LEU O 74 18.42 25.09 15.20
C LEU O 74 17.77 24.83 16.54
N SER O 75 16.50 24.46 16.52
CA SER O 75 15.80 24.15 17.77
C SER O 75 15.33 22.68 17.83
N PHE O 76 15.79 21.97 18.85
CA PHE O 76 15.44 20.56 19.05
C PHE O 76 14.71 20.29 20.38
N GLN O 77 13.72 19.40 20.31
CA GLN O 77 12.90 18.95 21.47
C GLN O 77 13.00 17.42 21.65
N PRO O 78 13.78 16.99 22.64
CA PRO O 78 13.94 15.56 22.88
C PRO O 78 12.64 15.00 23.41
N PRO O 79 12.36 13.68 23.10
CA PRO O 79 11.12 13.19 23.68
C PRO O 79 11.45 12.39 24.92
N ALA O 80 10.79 12.69 26.02
CA ALA O 80 11.19 12.17 27.33
C ALA O 80 11.12 10.65 27.47
N GLN O 81 10.09 10.05 26.89
CA GLN O 81 9.67 8.68 27.23
C GLN O 81 10.24 7.57 26.36
N VAL O 82 11.23 7.88 25.52
CA VAL O 82 11.73 6.91 24.55
C VAL O 82 12.26 5.63 25.19
N LEU O 83 11.85 4.50 24.62
CA LEU O 83 12.21 3.14 25.05
C LEU O 83 13.02 3.00 26.34
N GLN O 84 14.34 3.00 26.18
CA GLN O 84 15.25 3.03 27.32
C GLN O 84 16.04 4.32 27.29
N GLY O 85 15.64 5.21 26.40
CA GLY O 85 16.44 6.37 26.06
C GLY O 85 17.01 7.10 27.25
N GLY O 86 18.26 7.52 27.09
CA GLY O 86 18.98 8.28 28.10
C GLY O 86 18.46 9.68 28.35
N GLN O 87 18.60 10.14 29.59
CA GLN O 87 18.20 11.48 29.99
C GLN O 87 19.00 12.57 29.28
N ALA O 88 20.30 12.34 29.10
CA ALA O 88 21.20 13.36 28.55
C ALA O 88 21.79 12.97 27.19
N ILE O 89 21.77 13.91 26.26
CA ILE O 89 22.27 13.68 24.90
C ILE O 89 23.62 14.37 24.69
N THR O 90 24.61 13.63 24.22
CA THR O 90 25.98 14.20 24.09
C THR O 90 26.48 14.25 22.64
N ILE O 91 27.14 15.35 22.29
CA ILE O 91 27.66 15.54 20.96
C ILE O 91 29.15 15.77 20.89
N ASP O 92 29.90 14.85 20.26
CA ASP O 92 31.33 15.05 20.13
C ASP O 92 31.67 15.86 18.88
N ALA O 93 30.93 15.71 17.78
CA ALA O 93 31.25 16.44 16.54
C ALA O 93 30.06 16.93 15.69
N ILE O 94 30.11 18.19 15.26
CA ILE O 94 29.06 18.81 14.45
C ILE O 94 29.66 19.18 13.09
N ASP O 95 28.93 18.88 12.01
CA ASP O 95 29.44 19.14 10.65
C ASP O 95 28.47 19.83 9.71
N VAL O 96 29.02 20.62 8.78
CA VAL O 96 28.21 21.32 7.81
C VAL O 96 28.55 20.79 6.40
N LEU O 97 27.55 20.23 5.72
CA LEU O 97 27.70 19.63 4.38
C LEU O 97 26.91 20.29 3.26
N TYR O 98 27.50 20.29 2.09
CA TYR O 98 26.87 20.87 0.94
C TYR O 98 27.25 20.08 -0.28
N GLN O 99 26.27 19.46 -0.92
CA GLN O 99 26.45 18.59 -2.11
C GLN O 99 27.10 17.26 -1.71
N GLY O 100 26.91 16.87 -0.44
CA GLY O 100 27.50 15.63 0.06
C GLY O 100 28.99 15.78 0.44
N ARG O 101 29.52 17.01 0.46
CA ARG O 101 30.92 17.29 0.83
C ARG O 101 30.91 18.14 2.09
N VAL O 102 32.01 18.09 2.83
CA VAL O 102 32.11 18.83 4.06
C VAL O 102 32.68 20.23 3.97
N VAL O 103 31.83 21.23 4.26
CA VAL O 103 32.25 22.62 4.24
C VAL O 103 33.17 22.93 5.42
N CYS O 104 32.83 22.48 6.62
CA CYS O 104 33.64 22.69 7.84
C CYS O 104 33.36 21.61 8.90
N HIS O 105 34.30 21.40 9.80
CA HIS O 105 34.17 20.38 10.83
C HIS O 105 34.47 20.92 12.22
N TYR O 106 33.61 20.63 13.20
CA TYR O 106 33.83 21.08 14.56
C TYR O 106 33.94 19.87 15.48
N ASP O 107 35.07 19.69 16.15
CA ASP O 107 35.25 18.54 17.02
C ASP O 107 35.09 18.78 18.51
N SER O 108 35.17 20.08 18.82
CA SER O 108 35.07 20.62 20.18
C SER O 108 34.22 21.90 20.16
N PHE O 109 33.94 22.47 21.34
CA PHE O 109 33.10 23.67 21.44
C PHE O 109 33.55 24.67 22.50
N PRO O 110 33.28 25.96 22.27
CA PRO O 110 33.66 26.97 23.25
C PRO O 110 32.63 26.92 24.39
N MET O 111 33.04 27.15 25.64
CA MET O 111 32.10 27.10 26.79
C MET O 111 30.97 28.13 26.64
N THR O 112 29.76 27.73 27.00
CA THR O 112 28.64 28.64 26.91
C THR O 112 28.40 29.38 28.20
N ALA O 113 27.88 30.61 28.08
CA ALA O 113 27.60 31.45 29.22
C ALA O 113 26.67 30.81 30.24
N ASP O 114 25.62 30.17 29.75
CA ASP O 114 24.68 29.50 30.61
C ASP O 114 25.23 28.15 31.05
N ASP O 115 26.18 28.21 31.97
CA ASP O 115 26.80 27.02 32.53
C ASP O 115 27.30 27.42 33.90
N LYS O 116 26.47 27.16 34.90
CA LYS O 116 26.79 27.51 36.27
C LYS O 116 28.00 26.82 36.84
N TYR O 117 28.16 25.55 36.50
CA TYR O 117 29.29 24.77 37.00
C TYR O 117 30.66 25.33 36.68
N HIS O 118 30.89 25.65 35.40
CA HIS O 118 32.16 26.17 34.94
C HIS O 118 32.32 27.69 34.87
N ILE O 119 31.23 28.43 35.12
CA ILE O 119 31.27 29.90 35.05
C ILE O 119 32.19 30.60 36.06
N GLY O 120 32.19 30.19 37.32
CA GLY O 120 33.04 30.86 38.28
C GLY O 120 34.31 30.14 38.64
N GLN O 121 35.00 29.62 37.63
CA GLN O 121 36.25 28.90 37.86
C GLN O 121 37.37 29.43 37.01
N THR O 122 38.59 29.10 37.43
CA THR O 122 39.79 29.48 36.70
C THR O 122 40.41 28.30 35.99
N ILE O 123 40.37 28.32 34.67
CA ILE O 123 40.91 27.21 33.90
C ILE O 123 42.08 27.55 33.02
N GLY O 124 43.19 26.89 33.31
CA GLY O 124 44.39 27.16 32.55
C GLY O 124 44.88 28.60 32.78
N GLY O 125 44.79 29.08 34.03
CA GLY O 125 45.27 30.42 34.33
C GLY O 125 44.40 31.63 33.96
N LEU O 126 43.26 31.38 33.34
CA LEU O 126 42.34 32.45 32.94
C LEU O 126 40.94 32.12 33.45
N THR O 127 40.29 33.07 34.09
CA THR O 127 38.93 32.86 34.60
C THR O 127 38.00 32.53 33.44
N ALA O 128 36.87 31.90 33.74
CA ALA O 128 35.95 31.48 32.69
C ALA O 128 34.78 32.39 32.37
N PHE O 129 34.62 32.66 31.09
CA PHE O 129 33.53 33.47 30.62
C PHE O 129 32.91 32.73 29.45
N GLY O 130 31.59 32.81 29.36
CA GLY O 130 30.89 32.15 28.29
C GLY O 130 30.47 33.11 27.21
N LEU O 131 29.68 32.54 26.32
CA LEU O 131 29.17 33.27 25.21
C LEU O 131 27.73 33.84 25.42
N VAL O 132 27.54 35.07 24.99
CA VAL O 132 26.25 35.71 25.14
C VAL O 132 25.65 36.26 23.83
N PHE O 133 24.34 36.01 23.65
CA PHE O 133 23.55 36.43 22.46
C PHE O 133 22.37 37.39 22.73
N TRP O 134 22.41 38.61 22.17
CA TRP O 134 21.35 39.61 22.42
C TRP O 134 20.34 39.97 21.31
N SER O 196 32.03 41.61 17.49
CA SER O 196 32.72 40.53 18.13
C SER O 196 32.83 39.28 17.22
N PHE O 197 32.48 39.34 15.93
CA PHE O 197 32.61 38.12 15.08
C PHE O 197 33.79 38.23 14.12
N ASP O 198 34.64 37.22 14.10
CA ASP O 198 35.82 37.22 13.22
C ASP O 198 35.77 36.05 12.23
N ASP O 199 36.06 36.31 10.95
CA ASP O 199 36.05 35.28 9.92
C ASP O 199 37.13 34.21 10.03
N GLN O 200 38.17 34.53 10.80
CA GLN O 200 39.29 33.63 11.02
C GLN O 200 39.01 32.63 12.15
N TYR O 201 37.92 32.81 12.89
CA TYR O 201 37.59 31.94 14.01
C TYR O 201 36.17 31.38 14.02
N PRO O 202 35.93 30.35 13.19
CA PRO O 202 34.60 29.75 13.11
C PRO O 202 34.34 28.89 14.38
N PHE O 203 33.08 28.76 14.76
CA PHE O 203 32.75 27.97 15.94
C PHE O 203 31.29 27.57 16.03
N ALA O 204 31.05 26.55 16.84
CA ALA O 204 29.71 26.01 17.13
C ALA O 204 29.54 25.85 18.64
N THR O 205 28.29 25.79 19.12
CA THR O 205 28.03 25.68 20.56
C THR O 205 26.55 25.44 20.90
N ILE O 206 26.29 24.96 22.11
CA ILE O 206 24.92 24.67 22.61
C ILE O 206 24.37 25.74 23.59
N LEU O 207 23.18 26.29 23.31
CA LEU O 207 22.56 27.28 24.22
C LEU O 207 21.08 26.95 24.44
N ALA O 208 20.61 27.08 25.67
CA ALA O 208 19.21 26.80 26.00
C ALA O 208 18.23 27.90 25.66
N GLY O 209 17.56 27.74 24.51
CA GLY O 209 16.57 28.71 24.05
C GLY O 209 15.98 28.52 22.65
N THR O 210 15.22 29.50 22.18
CA THR O 210 14.62 29.47 20.84
C THR O 210 14.70 30.86 20.18
N TRP O 211 14.51 30.89 18.88
CA TRP O 211 14.59 32.13 18.13
C TRP O 211 13.22 32.62 17.67
N GLU O 212 12.94 33.92 17.87
CA GLU O 212 11.65 34.54 17.47
C GLU O 212 11.83 35.69 16.49
N VAL O 213 10.95 35.75 15.51
CA VAL O 213 10.97 36.79 14.49
C VAL O 213 9.69 37.61 14.55
N ASN O 214 9.83 38.94 14.52
CA ASN O 214 8.70 39.89 14.59
C ASN O 214 8.76 40.87 13.41
N TYR O 215 7.65 41.04 12.70
CA TYR O 215 7.64 41.95 11.56
C TYR O 215 7.14 43.36 11.80
N VAL O 216 8.03 44.36 11.74
CA VAL O 216 7.62 45.78 11.94
C VAL O 216 6.90 46.25 10.67
N SER O 217 7.51 45.97 9.53
CA SER O 217 6.96 46.36 8.24
C SER O 217 7.06 45.17 7.28
N THR O 218 6.70 45.38 6.00
CA THR O 218 6.73 44.34 4.97
C THR O 218 8.11 43.72 4.74
N ASN O 219 9.15 44.54 4.81
CA ASN O 219 10.51 44.03 4.61
C ASN O 219 11.50 44.20 5.78
N TYR O 220 10.98 44.63 6.92
CA TYR O 220 11.83 44.84 8.09
C TYR O 220 11.35 44.03 9.28
N VAL O 221 12.30 43.57 10.06
CA VAL O 221 11.96 42.74 11.21
C VAL O 221 12.72 43.07 12.51
N GLU O 222 12.20 42.59 13.62
CA GLU O 222 12.84 42.73 14.92
C GLU O 222 13.03 41.28 15.42
N THR O 223 14.12 40.98 16.12
CA THR O 223 14.40 39.61 16.60
C THR O 223 14.76 39.41 18.07
N ASN O 224 14.07 38.50 18.74
CA ASN O 224 14.33 38.30 20.15
C ASN O 224 14.72 36.87 20.51
N PHE O 225 15.79 36.71 21.30
CA PHE O 225 16.25 35.38 21.73
C PHE O 225 15.87 35.15 23.19
N ARG O 226 15.11 34.07 23.40
CA ARG O 226 14.54 33.69 24.70
C ARG O 226 15.07 32.42 25.41
N ASN O 227 15.11 32.42 26.77
CA ASN O 227 15.55 31.24 27.57
C ASN O 227 14.49 30.15 27.55
N THR O 228 14.89 28.89 27.72
CA THR O 228 13.96 27.75 27.68
C THR O 228 13.90 26.86 28.91
N SER O 229 14.73 27.17 29.89
CA SER O 229 14.75 26.42 31.12
C SER O 229 15.23 24.99 30.93
N ALA O 230 16.31 24.84 30.18
CA ALA O 230 16.90 23.52 29.97
C ALA O 230 18.34 23.45 30.53
N VAL O 231 18.85 22.24 30.76
CA VAL O 231 20.20 22.09 31.32
C VAL O 231 21.34 22.02 30.31
N ILE O 232 22.48 22.63 30.63
CA ILE O 232 23.63 22.55 29.73
C ILE O 232 24.91 22.31 30.53
N LYS O 233 25.63 21.29 30.10
CA LYS O 233 26.88 20.92 30.73
C LYS O 233 27.96 20.65 29.67
N PHE O 234 29.23 20.68 30.10
CA PHE O 234 30.33 20.41 29.18
C PHE O 234 31.17 19.21 29.62
N ASP O 235 31.34 18.26 28.71
CA ASP O 235 32.06 17.01 29.01
C ASP O 235 33.55 17.14 29.32
N ARG O 236 34.28 17.91 28.51
CA ARG O 236 35.74 17.95 28.62
C ARG O 236 36.40 19.26 28.17
N PHE O 237 37.64 19.47 28.61
CA PHE O 237 38.45 20.62 28.19
C PHE O 237 39.71 20.19 27.45
N VAL O 238 39.95 20.80 26.30
CA VAL O 238 41.16 20.53 25.54
C VAL O 238 41.93 21.83 25.50
N ASN O 239 43.24 21.77 25.71
CA ASN O 239 44.01 22.99 25.89
C ASN O 239 43.84 23.90 24.69
N THR O 240 43.63 25.18 24.99
CA THR O 240 43.32 26.21 24.00
C THR O 240 42.46 27.26 24.69
N HIS O 241 42.07 28.28 23.94
CA HIS O 241 41.14 29.29 24.45
C HIS O 241 40.46 30.07 23.35
N TYR O 242 39.39 30.78 23.69
CA TYR O 242 38.71 31.61 22.71
C TYR O 242 38.87 33.08 23.03
N SER O 243 39.30 33.84 22.03
CA SER O 243 39.47 35.28 22.20
C SER O 243 39.94 35.67 23.58
N PRO O 244 41.08 35.09 24.04
CA PRO O 244 41.60 35.41 25.38
C PRO O 244 42.30 36.74 25.57
N ASP O 245 42.11 37.32 26.74
CA ASP O 245 42.71 38.60 27.14
C ASP O 245 43.82 38.26 28.17
N THR O 246 45.08 38.37 27.76
CA THR O 246 46.22 38.08 28.63
C THR O 246 46.33 39.01 29.86
N GLN O 247 46.06 40.29 29.64
CA GLN O 247 46.12 41.34 30.66
C GLN O 247 45.10 41.15 31.80
N ASN O 248 43.87 40.80 31.45
CA ASN O 248 42.81 40.63 32.42
C ASN O 248 42.46 39.19 32.80
N ASN O 249 43.18 38.21 32.24
CA ASN O 249 42.89 36.80 32.56
C ASN O 249 41.52 36.36 32.04
N ASN O 250 41.04 37.00 30.98
CA ASN O 250 39.73 36.67 30.38
C ASN O 250 39.86 35.64 29.26
N GLY O 251 38.95 34.69 29.22
CA GLY O 251 39.00 33.67 28.18
C GLY O 251 37.90 32.63 28.22
N VAL O 252 37.76 31.91 27.12
CA VAL O 252 36.74 30.91 27.04
C VAL O 252 37.30 29.51 26.90
N PRO O 253 37.11 28.69 27.92
CA PRO O 253 37.61 27.31 27.88
C PRO O 253 36.95 26.49 26.75
N ILE O 254 37.68 25.57 26.13
CA ILE O 254 37.12 24.75 25.05
C ILE O 254 37.05 23.28 25.50
N PHE O 255 35.88 22.68 25.39
CA PHE O 255 35.69 21.28 25.80
C PHE O 255 35.34 20.41 24.60
N ASP O 256 35.80 19.16 24.60
CA ASP O 256 35.50 18.23 23.50
C ASP O 256 34.08 17.70 23.43
N VAL O 257 33.39 17.60 24.57
CA VAL O 257 32.01 17.14 24.54
C VAL O 257 30.96 18.04 25.21
N ALA O 258 29.84 18.21 24.52
CA ALA O 258 28.72 19.04 24.99
C ALA O 258 27.48 18.18 25.20
N SER O 259 26.79 18.43 26.30
CA SER O 259 25.61 17.66 26.70
C SER O 259 24.37 18.51 27.02
N ALA O 260 23.18 17.93 26.84
CA ALA O 260 21.92 18.63 27.10
C ALA O 260 20.91 17.72 27.81
N SER O 261 19.83 18.32 28.27
CA SER O 261 18.85 17.66 29.13
C SER O 261 17.43 17.88 28.62
N GLN O 262 16.46 17.63 29.49
CA GLN O 262 15.05 17.78 29.15
C GLN O 262 14.71 19.20 28.75
N SER O 263 13.77 19.31 27.81
CA SER O 263 13.27 20.58 27.29
C SER O 263 14.07 21.09 26.11
N ASN O 264 13.63 22.23 25.56
CA ASN O 264 14.20 22.77 24.34
C ASN O 264 15.61 23.34 24.44
N PHE O 265 16.31 23.35 23.30
CA PHE O 265 17.68 23.82 23.23
C PHE O 265 18.01 24.14 21.77
N ALA O 266 18.92 25.08 21.57
CA ALA O 266 19.31 25.48 20.23
C ALA O 266 20.78 25.18 19.97
N VAL O 267 21.14 25.24 18.69
CA VAL O 267 22.52 25.04 18.26
C VAL O 267 22.92 26.26 17.40
N VAL O 268 24.03 26.93 17.71
CA VAL O 268 24.46 28.10 16.92
C VAL O 268 25.70 27.76 16.10
N ILE O 269 25.59 27.83 14.77
CA ILE O 269 26.73 27.46 13.94
C ILE O 269 27.24 28.58 13.06
N TRP O 270 28.55 28.84 13.16
CA TRP O 270 29.15 29.88 12.34
C TRP O 270 30.30 29.53 11.40
N CYS O 271 29.96 29.30 10.12
CA CYS O 271 30.94 28.95 9.08
C CYS O 271 30.96 30.02 8.00
N PRO O 272 32.05 30.81 7.95
CA PRO O 272 32.25 31.90 6.99
C PRO O 272 32.21 31.48 5.53
N ASN O 273 32.43 30.20 5.26
CA ASN O 273 32.43 29.69 3.88
C ASN O 273 31.05 29.59 3.23
N VAL O 274 29.97 29.54 4.02
CA VAL O 274 28.59 29.44 3.48
C VAL O 274 28.06 30.75 2.89
N ASN O 275 27.64 30.71 1.61
CA ASN O 275 27.11 31.88 0.91
C ASN O 275 25.69 31.65 0.42
N PRO O 276 24.72 32.34 1.03
CA PRO O 276 23.30 32.26 0.70
C PRO O 276 22.95 32.59 -0.76
N ASN O 277 23.70 33.47 -1.41
CA ASN O 277 23.41 33.84 -2.79
C ASN O 277 23.66 32.74 -3.83
N VAL O 278 24.53 31.79 -3.50
CA VAL O 278 24.84 30.69 -4.44
C VAL O 278 24.46 29.28 -3.96
N MET O 279 24.10 29.16 -2.68
CA MET O 279 23.72 27.87 -2.10
C MET O 279 22.19 27.82 -1.83
N GLN O 280 21.52 26.82 -2.38
CA GLN O 280 20.08 26.68 -2.20
C GLN O 280 19.73 26.20 -0.78
N SER O 281 20.54 25.28 -0.27
CA SER O 281 20.35 24.69 1.05
C SER O 281 21.63 24.05 1.60
N VAL O 282 21.70 23.85 2.91
CA VAL O 282 22.84 23.19 3.54
C VAL O 282 22.31 22.09 4.44
N ASP O 283 23.23 21.29 4.97
CA ASP O 283 22.86 20.20 5.85
C ASP O 283 23.78 20.12 7.03
N VAL O 284 23.26 19.65 8.17
CA VAL O 284 24.04 19.51 9.40
C VAL O 284 24.05 18.06 9.91
N LYS O 285 25.19 17.63 10.44
CA LYS O 285 25.32 16.27 10.94
C LYS O 285 25.92 16.26 12.33
N MET O 286 25.33 15.48 13.22
CA MET O 286 25.82 15.37 14.58
C MET O 286 26.33 13.96 14.85
N VAL O 287 27.47 13.87 15.53
CA VAL O 287 28.05 12.58 15.86
C VAL O 287 28.02 12.40 17.37
N PHE O 288 27.31 11.36 17.81
CA PHE O 288 27.18 11.08 19.23
C PHE O 288 28.38 10.47 19.90
N SER O 289 28.38 10.47 21.23
CA SER O 289 29.48 9.88 21.98
C SER O 289 29.53 8.35 21.73
N ASP O 290 28.37 7.72 21.64
CA ASP O 290 28.27 6.28 21.39
C ASP O 290 28.60 5.89 19.92
N GLY O 291 28.73 6.88 19.04
CA GLY O 291 29.04 6.60 17.66
C GLY O 291 27.89 6.68 16.66
N SER O 292 26.65 6.72 17.13
CA SER O 292 25.51 6.82 16.22
C SER O 292 25.46 8.23 15.63
N THR O 293 24.67 8.43 14.58
CA THR O 293 24.57 9.78 14.00
C THR O 293 23.16 10.25 13.69
N TRP O 294 23.00 11.57 13.59
CA TRP O 294 21.70 12.19 13.32
C TRP O 294 21.88 13.37 12.38
N GLU O 295 20.93 13.55 11.46
CA GLU O 295 21.00 14.66 10.50
C GLU O 295 19.69 15.38 10.29
N ALA O 296 19.79 16.68 10.00
CA ALA O 296 18.64 17.55 9.79
C ALA O 296 18.82 18.40 8.54
N SER O 297 17.73 18.96 8.03
CA SER O 297 17.80 19.74 6.81
C SER O 297 17.40 21.20 6.98
N VAL O 298 18.25 22.10 6.51
CA VAL O 298 17.97 23.54 6.63
C VAL O 298 17.95 24.35 5.33
N PRO O 299 16.80 24.92 4.92
CA PRO O 299 16.77 25.71 3.68
C PRO O 299 17.47 27.02 3.97
N LEU O 300 18.13 27.56 2.94
CA LEU O 300 18.85 28.82 3.07
C LEU O 300 18.20 29.90 2.22
N SER O 301 17.57 29.48 1.12
CA SER O 301 16.91 30.40 0.21
C SER O 301 16.09 31.43 0.97
N ILE O 302 16.18 32.69 0.54
CA ILE O 302 15.41 33.76 1.16
C ILE O 302 13.96 33.33 1.34
N THR O 303 13.33 32.95 0.23
CA THR O 303 11.95 32.51 0.25
C THR O 303 11.36 32.47 -1.15
N VAL P 1 62.61 -50.15 54.73
CA VAL P 1 61.53 -50.54 53.77
C VAL P 1 60.35 -49.59 53.87
N SER P 2 60.56 -48.50 54.58
CA SER P 2 59.59 -47.44 54.80
C SER P 2 58.96 -46.91 53.49
N PRO P 3 59.79 -46.40 52.54
CA PRO P 3 59.18 -45.92 51.30
C PRO P 3 58.22 -46.92 50.63
N VAL P 4 58.59 -48.19 50.56
CA VAL P 4 57.73 -49.18 49.90
C VAL P 4 56.34 -49.34 50.49
N ILE P 5 56.21 -49.30 51.81
CA ILE P 5 54.93 -49.43 52.45
C ILE P 5 54.14 -48.13 52.36
N ALA P 6 54.83 -47.01 52.49
CA ALA P 6 54.21 -45.68 52.43
C ALA P 6 53.52 -45.46 51.08
N THR P 7 54.26 -45.67 50.01
CA THR P 7 53.72 -45.50 48.67
C THR P 7 52.45 -46.29 48.44
N LEU P 8 52.39 -47.52 48.93
CA LEU P 8 51.22 -48.39 48.75
C LEU P 8 49.95 -47.88 49.37
N LEU P 9 50.07 -47.40 50.59
CA LEU P 9 48.91 -46.86 51.24
C LEU P 9 48.41 -45.59 50.57
N LEU P 10 49.33 -44.79 50.01
CA LEU P 10 48.96 -43.53 49.34
C LEU P 10 48.20 -43.76 48.03
N ILE P 11 48.59 -44.80 47.29
CA ILE P 11 47.96 -45.20 46.01
C ILE P 11 46.50 -45.60 46.23
N LEU P 12 46.29 -46.42 47.23
CA LEU P 12 44.95 -46.88 47.55
C LEU P 12 44.01 -45.73 47.90
N ILE P 13 44.50 -44.77 48.69
CA ILE P 13 43.74 -43.60 49.16
C ILE P 13 43.22 -42.71 48.05
N ALA P 14 44.11 -42.39 47.10
CA ALA P 14 43.76 -41.55 45.95
C ALA P 14 42.75 -42.25 45.02
N VAL P 15 42.84 -43.57 44.86
CA VAL P 15 41.91 -44.33 44.02
C VAL P 15 40.50 -44.30 44.58
N ALA P 16 40.38 -44.47 45.89
CA ALA P 16 39.09 -44.47 46.61
C ALA P 16 38.38 -43.12 46.52
N ALA P 17 39.13 -42.03 46.66
CA ALA P 17 38.56 -40.69 46.58
C ALA P 17 38.09 -40.35 45.15
N ALA P 18 38.81 -40.82 44.14
CA ALA P 18 38.43 -40.56 42.74
C ALA P 18 37.11 -41.21 42.38
N VAL P 19 36.91 -42.44 42.84
CA VAL P 19 35.69 -43.16 42.56
C VAL P 19 34.53 -42.48 43.27
N LEU P 20 34.79 -41.95 44.46
CA LEU P 20 33.76 -41.27 45.21
C LEU P 20 33.37 -39.98 44.50
N LEU P 21 34.34 -39.34 43.83
CA LEU P 21 34.04 -38.09 43.10
C LEU P 21 33.08 -38.33 41.97
N TYR P 22 33.26 -39.46 41.31
CA TYR P 22 32.42 -39.85 40.19
C TYR P 22 30.95 -40.00 40.58
N THR P 23 30.71 -40.73 41.67
CA THR P 23 29.35 -40.97 42.13
C THR P 23 28.68 -39.65 42.48
N TRP P 24 29.42 -38.79 43.15
CA TRP P 24 28.89 -37.50 43.55
C TRP P 24 28.59 -36.59 42.35
N VAL P 25 29.48 -36.58 41.36
CA VAL P 25 29.31 -35.74 40.18
C VAL P 25 28.10 -36.17 39.39
N SER P 26 28.02 -37.46 39.08
CA SER P 26 26.91 -37.98 38.30
C SER P 26 25.58 -37.86 39.03
N GLY P 27 25.60 -38.02 40.34
CA GLY P 27 24.37 -37.86 41.08
C GLY P 27 23.99 -36.38 40.98
N LEU P 28 24.96 -35.46 41.05
CA LEU P 28 24.69 -34.02 40.98
C LEU P 28 23.98 -33.64 39.67
N SER P 29 24.37 -34.30 38.60
CA SER P 29 23.76 -34.05 37.32
C SER P 29 22.37 -34.72 37.26
N ALA P 30 21.56 -34.35 36.27
CA ALA P 30 20.22 -34.89 36.08
C ALA P 30 19.39 -34.63 37.32
N ASN P 31 19.81 -33.60 38.06
CA ASN P 31 19.11 -33.19 39.26
C ASN P 31 18.64 -31.75 39.08
N VAL P 32 18.10 -31.43 37.91
CA VAL P 32 17.56 -30.10 37.66
C VAL P 32 16.15 -30.24 37.11
N ALA P 33 15.20 -29.61 37.82
CA ALA P 33 13.77 -29.65 37.53
C ALA P 33 13.34 -28.85 36.31
N GLY P 34 13.50 -27.53 36.38
CA GLY P 34 13.12 -26.68 35.25
C GLY P 34 11.67 -26.17 35.27
N THR P 35 11.09 -26.01 34.06
CA THR P 35 9.73 -25.50 33.92
C THR P 35 8.99 -25.93 32.65
N GLN P 36 7.73 -25.56 32.62
CA GLN P 36 6.89 -25.83 31.49
C GLN P 36 6.64 -24.46 30.93
N VAL P 37 6.24 -24.42 29.66
CA VAL P 37 5.92 -23.18 28.99
C VAL P 37 4.41 -23.21 28.78
N THR P 38 3.75 -22.25 29.43
CA THR P 38 2.31 -22.10 29.37
C THR P 38 1.94 -21.92 27.92
N GLY P 39 0.80 -22.48 27.57
CA GLY P 39 0.34 -22.40 26.21
C GLY P 39 0.03 -21.00 25.85
N LYS P 40 -0.34 -20.85 24.59
CA LYS P 40 -0.69 -19.58 24.03
C LYS P 40 -1.90 -19.15 24.73
N SER P 41 -2.07 -17.84 24.79
CA SER P 41 -3.21 -17.28 25.47
C SER P 41 -4.50 -17.89 24.98
N LEU P 42 -5.36 -18.03 25.96
CA LEU P 42 -6.68 -18.58 25.82
C LEU P 42 -7.54 -17.59 25.05
N THR P 43 -8.24 -18.07 24.03
CA THR P 43 -9.12 -17.17 23.29
C THR P 43 -10.32 -16.83 24.16
N LEU P 44 -10.79 -15.60 24.04
CA LEU P 44 -11.88 -15.10 24.83
C LEU P 44 -13.20 -15.41 24.13
N ILE P 45 -13.98 -16.31 24.70
CA ILE P 45 -15.27 -16.65 24.13
C ILE P 45 -16.31 -15.59 24.47
N GLN P 46 -16.22 -15.01 25.66
CA GLN P 46 -17.15 -13.95 26.09
C GLN P 46 -16.68 -13.28 27.36
N ALA P 47 -17.15 -12.05 27.57
CA ALA P 47 -16.85 -11.27 28.77
C ALA P 47 -18.18 -10.64 29.05
N THR P 48 -18.68 -10.86 30.24
CA THR P 48 -19.97 -10.28 30.62
C THR P 48 -20.17 -10.14 32.14
N TRP P 49 -21.32 -9.62 32.55
CA TRP P 49 -21.58 -9.42 33.96
C TRP P 49 -23.06 -9.33 34.29
N ALA P 50 -23.43 -9.73 35.52
CA ALA P 50 -24.82 -9.66 35.99
C ALA P 50 -24.91 -9.22 37.46
N ARG P 51 -26.12 -8.90 37.91
CA ARG P 51 -26.34 -8.45 39.27
C ARG P 51 -26.51 -9.59 40.26
N PRO P 52 -25.72 -9.59 41.36
CA PRO P 52 -25.78 -10.63 42.40
C PRO P 52 -26.96 -10.43 43.32
N ALA P 53 -27.22 -11.44 44.13
CA ALA P 53 -28.31 -11.40 45.06
C ALA P 53 -27.69 -11.62 46.42
N THR P 54 -27.84 -10.65 47.31
CA THR P 54 -27.32 -10.81 48.68
C THR P 54 -28.47 -11.16 49.65
N ASN P 55 -29.70 -10.87 49.24
CA ASN P 55 -30.85 -11.20 50.10
C ASN P 55 -31.50 -12.45 49.60
N VAL P 56 -31.33 -13.53 50.34
CA VAL P 56 -31.85 -14.84 49.97
C VAL P 56 -32.72 -15.40 51.06
N GLY P 57 -33.92 -15.81 50.67
CA GLY P 57 -34.88 -16.42 51.59
C GLY P 57 -34.99 -17.88 51.17
N THR P 58 -36.10 -18.52 51.51
CA THR P 58 -36.34 -19.92 51.12
C THR P 58 -36.90 -19.96 49.67
N THR P 59 -37.39 -18.78 49.22
CA THR P 59 -37.91 -18.55 47.85
C THR P 59 -37.38 -17.16 47.42
N ILE P 60 -37.09 -17.05 46.13
CA ILE P 60 -36.56 -15.84 45.55
C ILE P 60 -37.55 -15.07 44.66
N SER P 61 -37.64 -13.75 44.87
CA SER P 61 -38.48 -12.86 44.09
C SER P 61 -37.55 -12.13 43.16
N LYS P 62 -38.09 -11.26 42.32
CA LYS P 62 -37.22 -10.56 41.40
C LYS P 62 -36.50 -9.41 42.10
N ASP P 63 -37.07 -9.00 43.24
CA ASP P 63 -36.52 -7.94 44.06
C ASP P 63 -35.49 -8.45 45.08
N SER P 64 -35.23 -9.75 45.05
CA SER P 64 -34.21 -10.30 45.94
C SER P 64 -32.82 -10.04 45.37
N PHE P 65 -32.77 -9.64 44.10
CA PHE P 65 -31.53 -9.31 43.39
C PHE P 65 -31.22 -7.85 43.52
N ASP P 66 -29.97 -7.56 43.87
CA ASP P 66 -29.50 -6.18 44.10
C ASP P 66 -29.22 -5.32 42.88
N ARG P 67 -29.18 -4.01 43.12
CA ARG P 67 -28.88 -3.04 42.09
C ARG P 67 -27.60 -2.31 42.45
N SER P 68 -26.88 -1.90 41.40
CA SER P 68 -25.61 -1.19 41.51
C SER P 68 -24.51 -2.10 42.12
N LYS P 69 -24.60 -3.38 41.81
CA LYS P 69 -23.63 -4.38 42.27
C LYS P 69 -23.33 -5.17 41.02
N ALA P 70 -22.14 -5.77 40.92
CA ALA P 70 -21.78 -6.52 39.71
C ALA P 70 -20.86 -7.71 39.98
N VAL P 71 -21.03 -8.78 39.19
CA VAL P 71 -20.18 -9.96 39.29
C VAL P 71 -19.64 -10.18 37.89
N LEU P 72 -18.32 -10.34 37.77
CA LEU P 72 -17.72 -10.51 36.46
C LEU P 72 -17.60 -11.96 35.92
N ILE P 73 -18.01 -12.20 34.66
CA ILE P 73 -17.89 -13.54 34.08
C ILE P 73 -17.00 -13.60 32.84
N LEU P 74 -16.18 -14.63 32.77
CA LEU P 74 -15.26 -14.77 31.66
C LEU P 74 -15.16 -16.19 31.13
N SER P 75 -15.19 -16.32 29.81
CA SER P 75 -15.06 -17.64 29.20
C SER P 75 -13.81 -17.76 28.33
N PHE P 76 -12.96 -18.73 28.65
CA PHE P 76 -11.72 -18.99 27.92
C PHE P 76 -11.64 -20.39 27.30
N GLN P 77 -11.09 -20.45 26.08
CA GLN P 77 -10.88 -21.71 25.32
C GLN P 77 -9.39 -21.88 24.96
N PRO P 78 -8.71 -22.76 25.67
CA PRO P 78 -7.29 -23.00 25.43
C PRO P 78 -7.15 -23.68 24.09
N PRO P 79 -5.98 -23.41 23.39
CA PRO P 79 -5.86 -24.14 22.13
C PRO P 79 -4.96 -25.34 22.34
N ALA P 80 -5.41 -26.51 21.95
CA ALA P 80 -4.76 -27.76 22.31
C ALA P 80 -3.33 -27.91 21.81
N GLN P 81 -3.09 -27.48 20.58
CA GLN P 81 -1.91 -27.86 19.81
C GLN P 81 -0.69 -26.95 19.90
N VAL P 82 -0.72 -25.99 20.83
CA VAL P 82 0.33 -24.97 20.89
C VAL P 82 1.73 -25.56 21.10
N LEU P 83 2.66 -25.05 20.29
CA LEU P 83 4.08 -25.44 20.26
C LEU P 83 4.50 -26.62 21.14
N GLN P 84 4.90 -26.31 22.37
CA GLN P 84 5.18 -27.32 23.37
C GLN P 84 4.18 -27.18 24.51
N GLY P 85 3.18 -26.34 24.29
CA GLY P 85 2.32 -25.91 25.36
C GLY P 85 1.84 -27.02 26.27
N GLY P 86 1.79 -26.70 27.56
CA GLY P 86 1.33 -27.62 28.58
C GLY P 86 -0.15 -27.91 28.55
N GLN P 87 -0.51 -29.12 28.97
CA GLN P 87 -1.89 -29.56 29.04
C GLN P 87 -2.71 -28.76 30.05
N ALA P 88 -2.11 -28.42 31.18
CA ALA P 88 -2.81 -27.77 32.27
C ALA P 88 -2.32 -26.34 32.56
N ILE P 89 -3.25 -25.41 32.72
CA ILE P 89 -2.92 -24.01 32.96
C ILE P 89 -3.17 -23.64 34.43
N THR P 90 -2.18 -23.05 35.09
CA THR P 90 -2.31 -22.75 36.53
C THR P 90 -2.26 -21.25 36.85
N ILE P 91 -3.11 -20.83 37.78
CA ILE P 91 -3.18 -19.43 38.16
C ILE P 91 -2.94 -19.19 39.65
N ASP P 92 -1.85 -18.48 39.99
CA ASP P 92 -1.62 -18.17 41.39
C ASP P 92 -2.33 -16.89 41.81
N ALA P 93 -2.44 -15.88 40.94
CA ALA P 93 -3.08 -14.61 41.32
C ALA P 93 -3.93 -13.92 40.24
N ILE P 94 -5.13 -13.47 40.63
CA ILE P 94 -6.07 -12.79 39.73
C ILE P 94 -6.28 -11.36 40.24
N ASP P 95 -6.25 -10.38 39.34
CA ASP P 95 -6.39 -8.97 39.74
C ASP P 95 -7.36 -8.15 38.94
N VAL P 96 -7.97 -7.15 39.58
CA VAL P 96 -8.92 -6.27 38.91
C VAL P 96 -8.35 -4.84 38.91
N LEU P 97 -8.15 -4.29 37.72
CA LEU P 97 -7.57 -2.94 37.51
C LEU P 97 -8.47 -1.92 36.84
N TYR P 98 -8.32 -0.69 37.27
CA TYR P 98 -9.11 0.38 36.70
C TYR P 98 -8.28 1.63 36.69
N GLN P 99 -8.01 2.14 35.49
CA GLN P 99 -7.16 3.33 35.26
C GLN P 99 -5.69 3.01 35.52
N GLY P 100 -5.32 1.73 35.36
CA GLY P 100 -3.96 1.30 35.61
C GLY P 100 -3.63 1.08 37.10
N ARG P 101 -4.64 1.16 37.98
CA ARG P 101 -4.48 0.96 39.43
C ARG P 101 -5.25 -0.30 39.82
N VAL P 102 -4.83 -0.90 40.94
CA VAL P 102 -5.48 -2.11 41.40
C VAL P 102 -6.65 -1.94 42.36
N VAL P 103 -7.84 -2.32 41.89
CA VAL P 103 -9.04 -2.24 42.70
C VAL P 103 -9.03 -3.30 43.82
N CYS P 104 -8.65 -4.54 43.49
CA CYS P 104 -8.58 -5.64 44.47
C CYS P 104 -7.59 -6.74 44.00
N HIS P 105 -7.09 -7.52 44.93
CA HIS P 105 -6.12 -8.56 44.60
C HIS P 105 -6.50 -9.90 45.23
N TYR P 106 -6.45 -10.97 44.44
CA TYR P 106 -6.77 -12.31 44.95
C TYR P 106 -5.56 -13.21 44.78
N ASP P 107 -5.03 -13.73 45.88
CA ASP P 107 -3.84 -14.60 45.80
C ASP P 107 -4.09 -16.09 45.89
N SER P 108 -5.29 -16.38 46.40
CA SER P 108 -5.79 -17.74 46.63
C SER P 108 -7.27 -17.81 46.20
N PHE P 109 -7.86 -19.01 46.25
CA PHE P 109 -9.25 -19.21 45.84
C PHE P 109 -10.03 -20.19 46.70
N PRO P 110 -11.35 -20.00 46.81
CA PRO P 110 -12.16 -20.91 47.59
C PRO P 110 -12.40 -22.18 46.73
N MET P 111 -12.45 -23.36 47.34
CA MET P 111 -12.67 -24.62 46.57
C MET P 111 -13.99 -24.60 45.80
N THR P 112 -13.96 -25.10 44.58
CA THR P 112 -15.17 -25.14 43.79
C THR P 112 -15.91 -26.45 43.92
N ALA P 113 -17.23 -26.37 43.80
CA ALA P 113 -18.09 -27.55 43.92
C ALA P 113 -17.73 -28.67 42.96
N ASP P 114 -17.45 -28.31 41.73
CA ASP P 114 -17.09 -29.28 40.72
C ASP P 114 -15.62 -29.67 40.88
N ASP P 115 -15.35 -30.47 41.91
CA ASP P 115 -14.01 -30.95 42.21
C ASP P 115 -14.20 -32.25 42.96
N LYS P 116 -14.17 -33.34 42.21
CA LYS P 116 -14.37 -34.66 42.77
C LYS P 116 -13.32 -35.10 43.78
N TYR P 117 -12.08 -34.73 43.51
CA TYR P 117 -10.98 -35.11 44.38
C TYR P 117 -11.10 -34.62 45.83
N HIS P 118 -11.38 -33.32 45.98
CA HIS P 118 -11.51 -32.70 47.29
C HIS P 118 -12.91 -32.61 47.89
N ILE P 119 -13.93 -32.98 47.13
CA ILE P 119 -15.32 -32.89 47.60
C ILE P 119 -15.67 -33.78 48.80
N GLY P 120 -15.25 -35.04 48.82
CA GLY P 120 -15.60 -35.89 49.94
C GLY P 120 -14.52 -36.09 50.97
N GLN P 121 -13.84 -35.01 51.34
CA GLN P 121 -12.78 -35.09 52.34
C GLN P 121 -12.96 -34.11 53.45
N THR P 122 -12.27 -34.39 54.56
CA THR P 122 -12.29 -33.52 55.72
C THR P 122 -11.00 -32.74 55.86
N ILE P 123 -11.06 -31.43 55.68
CA ILE P 123 -9.87 -30.61 55.75
C ILE P 123 -9.87 -29.60 56.87
N GLY P 124 -8.89 -29.75 57.76
CA GLY P 124 -8.81 -28.86 58.88
C GLY P 124 -10.02 -29.02 59.80
N GLY P 125 -10.47 -30.25 60.02
CA GLY P 125 -11.61 -30.49 60.90
C GLY P 125 -13.02 -30.22 60.42
N LEU P 126 -13.16 -29.74 59.18
CA LEU P 126 -14.47 -29.45 58.60
C LEU P 126 -14.55 -30.13 57.23
N THR P 127 -15.65 -30.84 56.97
CA THR P 127 -15.82 -31.51 55.69
C THR P 127 -15.84 -30.47 54.56
N ALA P 128 -15.56 -30.91 53.35
CA ALA P 128 -15.48 -29.98 52.24
C ALA P 128 -16.72 -29.80 51.37
N PHE P 129 -17.06 -28.54 51.16
CA PHE P 129 -18.18 -28.21 50.31
C PHE P 129 -17.69 -27.13 49.36
N GLY P 130 -18.17 -27.19 48.13
CA GLY P 130 -17.78 -26.22 47.14
C GLY P 130 -18.86 -25.20 46.90
N LEU P 131 -18.59 -24.41 45.88
CA LEU P 131 -19.48 -23.36 45.48
C LEU P 131 -20.44 -23.74 44.34
N VAL P 132 -21.69 -23.33 44.48
CA VAL P 132 -22.69 -23.62 43.47
C VAL P 132 -23.43 -22.41 42.91
N PHE P 133 -23.59 -22.37 41.58
CA PHE P 133 -24.26 -21.28 40.83
C PHE P 133 -25.53 -21.69 40.04
N TRP P 134 -26.70 -21.13 40.37
CA TRP P 134 -27.97 -21.50 39.70
C TRP P 134 -28.65 -20.52 38.73
N SER P 196 -26.80 -15.30 49.84
CA SER P 196 -25.52 -15.86 50.23
C SER P 196 -24.33 -14.95 49.85
N PHE P 197 -24.53 -13.71 49.39
CA PHE P 197 -23.36 -12.85 49.04
C PHE P 197 -23.13 -11.76 50.08
N ASP P 198 -21.91 -11.64 50.57
CA ASP P 198 -21.59 -10.63 51.58
C ASP P 198 -20.52 -9.66 51.07
N ASP P 199 -20.72 -8.36 51.27
CA ASP P 199 -19.77 -7.33 50.82
C ASP P 199 -18.42 -7.33 51.53
N GLN P 200 -18.39 -7.95 52.69
CA GLN P 200 -17.18 -8.06 53.51
C GLN P 200 -16.28 -9.22 53.07
N TYR P 201 -16.77 -10.08 52.19
CA TYR P 201 -16.00 -11.25 51.75
C TYR P 201 -15.90 -11.41 50.22
N PRO P 202 -15.02 -10.63 49.58
CA PRO P 202 -14.84 -10.72 48.14
C PRO P 202 -14.07 -12.00 47.78
N PHE P 203 -14.32 -12.55 46.60
CA PHE P 203 -13.62 -13.76 46.18
C PHE P 203 -13.68 -14.02 44.68
N ALA P 204 -12.75 -14.87 44.24
CA ALA P 204 -12.64 -15.31 42.85
C ALA P 204 -12.49 -16.85 42.82
N THR P 205 -12.81 -17.48 41.68
CA THR P 205 -12.73 -18.93 41.55
C THR P 205 -12.95 -19.44 40.13
N ILE P 206 -12.53 -20.69 39.88
CA ILE P 206 -12.65 -21.34 38.55
C ILE P 206 -13.81 -22.37 38.47
N LEU P 207 -14.71 -22.24 37.49
CA LEU P 207 -15.80 -23.21 37.31
C LEU P 207 -15.94 -23.61 35.83
N ALA P 208 -16.15 -24.89 35.56
CA ALA P 208 -16.30 -25.39 34.20
C ALA P 208 -17.66 -25.16 33.57
N GLY P 209 -17.75 -24.10 32.75
CA GLY P 209 -18.99 -23.76 32.05
C GLY P 209 -19.02 -22.44 31.28
N THR P 210 -20.20 -22.06 30.80
CA THR P 210 -20.41 -20.80 30.07
C THR P 210 -21.73 -20.13 30.49
N TRP P 211 -21.84 -18.86 30.17
CA TRP P 211 -23.01 -18.09 30.53
C TRP P 211 -23.92 -17.81 29.34
N GLU P 212 -25.23 -18.02 29.48
CA GLU P 212 -26.23 -17.79 28.41
C GLU P 212 -27.29 -16.78 28.82
N VAL P 213 -27.65 -15.92 27.89
CA VAL P 213 -28.67 -14.90 28.11
C VAL P 213 -29.84 -15.10 27.16
N ASN P 214 -31.07 -15.05 27.69
CA ASN P 214 -32.32 -15.24 26.92
C ASN P 214 -33.26 -14.07 27.13
N TYR P 215 -33.78 -13.50 26.06
CA TYR P 215 -34.68 -12.35 26.19
C TYR P 215 -36.17 -12.64 26.18
N VAL P 216 -36.86 -12.48 27.31
CA VAL P 216 -38.32 -12.71 27.38
C VAL P 216 -39.02 -11.53 26.70
N SER P 217 -38.62 -10.33 27.05
CA SER P 217 -39.20 -9.11 26.51
C SER P 217 -38.06 -8.15 26.12
N THR P 218 -38.41 -6.93 25.71
CA THR P 218 -37.44 -5.89 25.29
C THR P 218 -36.44 -5.52 26.38
N ASN P 219 -36.90 -5.46 27.63
CA ASN P 219 -36.02 -5.10 28.73
C ASN P 219 -35.84 -6.14 29.84
N TYR P 220 -36.37 -7.33 29.63
CA TYR P 220 -36.27 -8.38 30.63
C TYR P 220 -35.62 -9.62 30.07
N VAL P 221 -34.86 -10.29 30.92
CA VAL P 221 -34.14 -11.49 30.48
C VAL P 221 -34.19 -12.66 31.44
N GLU P 222 -33.85 -13.85 30.93
CA GLU P 222 -33.75 -15.06 31.74
C GLU P 222 -32.29 -15.55 31.53
N THR P 223 -31.66 -16.10 32.55
CA THR P 223 -30.26 -16.56 32.46
C THR P 223 -29.92 -17.97 32.91
N ASN P 224 -29.24 -18.73 32.05
CA ASN P 224 -28.91 -20.10 32.40
C ASN P 224 -27.43 -20.42 32.39
N PHE P 225 -26.93 -21.07 33.44
CA PHE P 225 -25.50 -21.45 33.52
C PHE P 225 -25.36 -22.96 33.26
N ARG P 226 -24.55 -23.25 32.24
CA ARG P 226 -24.32 -24.61 31.73
C ARG P 226 -22.93 -25.27 31.94
N ASN P 227 -22.88 -26.61 32.12
CA ASN P 227 -21.60 -27.37 32.27
C ASN P 227 -20.88 -27.49 30.93
N THR P 228 -19.55 -27.61 30.95
CA THR P 228 -18.75 -27.68 29.72
C THR P 228 -17.89 -28.91 29.54
N SER P 229 -17.90 -29.79 30.52
CA SER P 229 -17.14 -31.01 30.45
C SER P 229 -15.64 -30.77 30.45
N ALA P 230 -15.20 -29.90 31.34
CA ALA P 230 -13.76 -29.62 31.48
C ALA P 230 -13.23 -30.01 32.89
N VAL P 231 -11.92 -30.18 33.02
CA VAL P 231 -11.36 -30.57 34.32
C VAL P 231 -10.97 -29.44 35.25
N ILE P 232 -11.19 -29.62 36.56
CA ILE P 232 -10.80 -28.59 37.51
C ILE P 232 -10.16 -29.22 38.73
N LYS P 233 -8.98 -28.72 39.06
CA LYS P 233 -8.24 -29.20 40.21
C LYS P 233 -7.68 -28.02 41.03
N PHE P 234 -7.32 -28.28 42.28
CA PHE P 234 -6.74 -27.24 43.13
C PHE P 234 -5.34 -27.58 43.62
N ASP P 235 -4.40 -26.66 43.38
CA ASP P 235 -2.99 -26.88 43.71
C ASP P 235 -2.65 -27.01 45.20
N ARG P 236 -3.18 -26.12 46.03
CA ARG P 236 -2.77 -26.05 47.44
C ARG P 236 -3.85 -25.52 48.40
N PHE P 237 -3.66 -25.80 49.70
CA PHE P 237 -4.52 -25.28 50.75
C PHE P 237 -3.75 -24.40 51.73
N VAL P 238 -4.28 -23.22 52.01
CA VAL P 238 -3.69 -22.33 52.98
C VAL P 238 -4.70 -22.18 54.11
N ASN P 239 -4.23 -22.23 55.34
CA ASN P 239 -5.16 -22.31 56.46
C ASN P 239 -6.11 -21.14 56.44
N THR P 240 -7.39 -21.44 56.66
CA THR P 240 -8.49 -20.50 56.57
C THR P 240 -9.73 -21.28 56.17
N HIS P 241 -10.85 -20.58 56.02
CA HIS P 241 -12.07 -21.19 55.51
C HIS P 241 -13.06 -20.17 54.97
N TYR P 242 -14.04 -20.63 54.21
CA TYR P 242 -15.07 -19.74 53.71
C TYR P 242 -16.41 -20.03 54.35
N SER P 243 -17.04 -18.98 54.87
CA SER P 243 -18.36 -19.11 55.49
C SER P 243 -18.54 -20.44 56.22
N PRO P 244 -17.65 -20.76 57.16
CA PRO P 244 -17.73 -22.02 57.90
C PRO P 244 -18.78 -22.11 59.01
N ASP P 245 -19.37 -23.30 59.13
CA ASP P 245 -20.38 -23.61 60.13
C ASP P 245 -19.69 -24.51 61.20
N THR P 246 -19.43 -23.94 62.38
CA THR P 246 -18.78 -24.68 63.48
C THR P 246 -19.59 -25.88 64.00
N GLN P 247 -20.91 -25.68 64.12
CA GLN P 247 -21.85 -26.68 64.61
C GLN P 247 -21.94 -27.93 63.72
N ASN P 248 -22.00 -27.73 62.41
CA ASN P 248 -22.13 -28.82 61.47
C ASN P 248 -20.84 -29.26 60.75
N ASN P 249 -19.71 -28.63 61.06
CA ASN P 249 -18.46 -28.97 60.39
C ASN P 249 -18.46 -28.63 58.91
N ASN P 250 -19.25 -27.63 58.52
CA ASN P 250 -19.34 -27.21 57.11
C ASN P 250 -18.37 -26.08 56.80
N GLY P 251 -17.74 -26.14 55.63
CA GLY P 251 -16.78 -25.12 55.25
C GLY P 251 -16.12 -25.29 53.90
N VAL P 252 -15.51 -24.23 53.42
CA VAL P 252 -14.87 -24.28 52.14
C VAL P 252 -13.38 -24.08 52.24
N PRO P 253 -12.62 -25.12 51.92
CA PRO P 253 -11.15 -25.03 51.97
C PRO P 253 -10.62 -23.99 50.96
N ILE P 254 -9.53 -23.29 51.30
CA ILE P 254 -8.95 -22.31 50.39
C ILE P 254 -7.55 -22.76 49.93
N PHE P 255 -7.35 -22.79 48.62
CA PHE P 255 -6.06 -23.23 48.07
C PHE P 255 -5.38 -22.10 47.35
N ASP P 256 -4.03 -22.05 47.39
CA ASP P 256 -3.29 -20.99 46.69
C ASP P 256 -3.22 -21.10 45.18
N VAL P 257 -3.29 -22.31 44.63
CA VAL P 257 -3.27 -22.45 43.17
C VAL P 257 -4.42 -23.24 42.56
N ALA P 258 -4.94 -22.69 41.46
CA ALA P 258 -6.06 -23.29 40.71
C ALA P 258 -5.60 -23.65 39.29
N SER P 259 -6.02 -24.83 38.85
CA SER P 259 -5.64 -25.38 37.54
C SER P 259 -6.82 -25.83 36.67
N ALA P 260 -6.64 -25.79 35.35
CA ALA P 260 -7.67 -26.20 34.39
C ALA P 260 -7.08 -27.03 33.25
N SER P 261 -7.97 -27.63 32.46
CA SER P 261 -7.62 -28.59 31.43
C SER P 261 -8.27 -28.25 30.10
N GLN P 262 -8.31 -29.24 29.22
CA GLN P 262 -8.87 -29.08 27.88
C GLN P 262 -10.34 -28.71 27.94
N SER P 263 -10.77 -27.88 26.98
CA SER P 263 -12.14 -27.42 26.85
C SER P 263 -12.43 -26.15 27.62
N ASN P 264 -13.66 -25.66 27.49
CA ASN P 264 -14.04 -24.37 28.04
C ASN P 264 -14.15 -24.29 29.56
N PHE P 265 -13.99 -23.08 30.08
CA PHE P 265 -14.03 -22.84 31.52
C PHE P 265 -14.26 -21.35 31.76
N ALA P 266 -14.89 -21.04 32.87
CA ALA P 266 -15.20 -19.66 33.22
C ALA P 266 -14.47 -19.21 34.48
N VAL P 267 -14.46 -17.91 34.70
CA VAL P 267 -13.87 -17.30 35.89
C VAL P 267 -14.93 -16.40 36.54
N VAL P 268 -15.22 -16.58 37.83
CA VAL P 268 -16.23 -15.73 38.49
C VAL P 268 -15.55 -14.77 39.47
N ILE P 269 -15.70 -13.47 39.23
CA ILE P 269 -15.04 -12.51 40.10
C ILE P 269 -15.96 -11.56 40.83
N TRP P 270 -15.82 -11.50 42.15
CA TRP P 270 -16.65 -10.60 42.94
C TRP P 270 -16.00 -9.53 43.81
N CYS P 271 -15.92 -8.30 43.26
CA CYS P 271 -15.33 -7.17 43.96
C CYS P 271 -16.37 -6.07 44.19
N PRO P 272 -16.80 -5.90 45.45
CA PRO P 272 -17.80 -4.91 45.85
C PRO P 272 -17.45 -3.47 45.53
N ASN P 273 -16.17 -3.18 45.31
CA ASN P 273 -15.72 -1.82 45.00
C ASN P 273 -16.08 -1.33 43.58
N VAL P 274 -16.33 -2.25 42.64
CA VAL P 274 -16.67 -1.88 41.24
C VAL P 274 -18.11 -1.36 41.06
N ASN P 275 -18.22 -0.14 40.52
CA ASN P 275 -19.51 0.51 40.29
C ASN P 275 -19.74 0.81 38.81
N PRO P 276 -20.68 0.11 38.18
CA PRO P 276 -21.05 0.26 36.77
C PRO P 276 -21.51 1.68 36.37
N ASN P 277 -22.15 2.40 37.27
CA ASN P 277 -22.62 3.75 36.96
C ASN P 277 -21.53 4.80 36.73
N VAL P 278 -20.35 4.57 37.31
CA VAL P 278 -19.23 5.53 37.16
C VAL P 278 -18.01 5.00 36.41
N MET P 279 -17.94 3.69 36.20
CA MET P 279 -16.82 3.05 35.50
C MET P 279 -17.22 2.60 34.08
N GLN P 280 -16.50 3.07 33.07
CA GLN P 280 -16.80 2.71 31.69
C GLN P 280 -16.40 1.26 31.38
N SER P 281 -15.27 0.84 31.93
CA SER P 281 -14.72 -0.50 31.72
C SER P 281 -13.70 -0.89 32.80
N VAL P 282 -13.45 -2.19 32.96
CA VAL P 282 -12.46 -2.67 33.90
C VAL P 282 -11.54 -3.64 33.18
N ASP P 283 -10.48 -4.05 33.86
CA ASP P 283 -9.53 -4.99 33.28
C ASP P 283 -9.14 -6.05 34.27
N VAL P 284 -8.81 -7.25 33.77
CA VAL P 284 -8.41 -8.37 34.61
C VAL P 284 -7.01 -8.89 34.23
N LYS P 285 -6.24 -9.27 35.24
CA LYS P 285 -4.89 -9.76 35.00
C LYS P 285 -4.66 -11.07 35.74
N MET P 286 -4.06 -12.03 35.04
CA MET P 286 -3.76 -13.32 35.63
C MET P 286 -2.26 -13.54 35.71
N VAL P 287 -1.80 -14.08 36.84
CA VAL P 287 -0.39 -14.35 37.04
C VAL P 287 -0.18 -15.85 37.13
N PHE P 288 0.61 -16.38 36.20
CA PHE P 288 0.88 -17.80 36.15
C PHE P 288 1.84 -18.32 37.18
N SER P 289 1.88 -19.64 37.33
CA SER P 289 2.80 -20.26 38.28
C SER P 289 4.26 -20.02 37.83
N ASP P 290 4.51 -20.08 36.53
CA ASP P 290 5.85 -19.84 35.98
C ASP P 290 6.27 -18.35 36.01
N GLY P 291 5.33 -17.46 36.31
CA GLY P 291 5.66 -16.04 36.37
C GLY P 291 5.20 -15.19 35.19
N SER P 292 4.80 -15.81 34.08
CA SER P 292 4.33 -15.04 32.93
C SER P 292 2.96 -14.45 33.23
N THR P 293 2.49 -13.51 32.43
CA THR P 293 1.16 -12.94 32.68
C THR P 293 0.27 -12.80 31.45
N TRP P 294 -1.03 -12.72 31.69
CA TRP P 294 -2.02 -12.60 30.62
C TRP P 294 -3.12 -11.62 31.03
N GLU P 295 -3.61 -10.83 30.09
CA GLU P 295 -4.67 -9.86 30.38
C GLU P 295 -5.77 -9.80 29.34
N ALA P 296 -6.98 -9.50 29.79
CA ALA P 296 -8.17 -9.42 28.95
C ALA P 296 -8.95 -8.16 29.23
N SER P 297 -9.84 -7.77 28.31
CA SER P 297 -10.60 -6.55 28.47
C SER P 297 -12.11 -6.75 28.56
N VAL P 298 -12.72 -6.19 29.59
CA VAL P 298 -14.18 -6.33 29.77
C VAL P 298 -14.98 -5.03 29.85
N PRO P 299 -15.90 -4.77 28.88
CA PRO P 299 -16.69 -3.53 28.95
C PRO P 299 -17.73 -3.72 30.05
N LEU P 300 -18.08 -2.63 30.71
CA LEU P 300 -19.05 -2.67 31.80
C LEU P 300 -20.30 -1.88 31.41
N SER P 301 -20.12 -0.88 30.56
CA SER P 301 -21.23 -0.05 30.11
C SER P 301 -22.44 -0.89 29.73
N ILE P 302 -23.62 -0.46 30.15
CA ILE P 302 -24.86 -1.15 29.83
C ILE P 302 -24.87 -1.50 28.35
N THR P 303 -24.74 -0.48 27.51
CA THR P 303 -24.73 -0.67 26.06
C THR P 303 -24.92 0.65 25.33
N VAL Q 1 71.02 -49.17 55.12
CA VAL Q 1 71.04 -48.36 53.87
C VAL Q 1 69.77 -48.58 53.05
N SER Q 2 68.82 -49.25 53.68
CA SER Q 2 67.52 -49.58 53.10
C SER Q 2 66.79 -48.35 52.51
N PRO Q 3 66.53 -47.32 53.34
CA PRO Q 3 65.85 -46.16 52.77
C PRO Q 3 66.48 -45.61 51.47
N VAL Q 4 67.81 -45.49 51.43
CA VAL Q 4 68.48 -44.96 50.23
C VAL Q 4 68.22 -45.71 48.93
N ILE Q 5 68.18 -47.03 49.00
CA ILE Q 5 67.94 -47.83 47.81
C ILE Q 5 66.46 -47.82 47.45
N ALA Q 6 65.60 -47.86 48.47
CA ALA Q 6 64.15 -47.86 48.27
C ALA Q 6 63.69 -46.61 47.53
N THR Q 7 64.09 -45.45 48.05
CA THR Q 7 63.71 -44.20 47.43
C THR Q 7 64.07 -44.13 45.95
N LEU Q 8 65.25 -44.63 45.58
CA LEU Q 8 65.71 -44.59 44.18
C LEU Q 8 64.86 -45.37 43.21
N LEU Q 9 64.47 -46.55 43.61
CA LEU Q 9 63.63 -47.34 42.76
C LEU Q 9 62.24 -46.73 42.60
N LEU Q 10 61.76 -46.05 43.65
CA LEU Q 10 60.42 -45.42 43.61
C LEU Q 10 60.36 -44.21 42.67
N ILE Q 11 61.45 -43.43 42.62
CA ILE Q 11 61.60 -42.25 41.76
C ILE Q 11 61.55 -42.63 40.29
N LEU Q 12 62.30 -43.67 39.95
CA LEU Q 12 62.34 -44.15 38.58
C LEU Q 12 60.97 -44.60 38.09
N ILE Q 13 60.23 -45.33 38.94
CA ILE Q 13 58.89 -45.87 38.62
C ILE Q 13 57.85 -44.82 38.27
N ALA Q 14 57.79 -43.78 39.11
CA ALA Q 14 56.86 -42.67 38.90
C ALA Q 14 57.18 -41.87 37.61
N VAL Q 15 58.46 -41.70 37.28
CA VAL Q 15 58.89 -40.99 36.07
C VAL Q 15 58.42 -41.72 34.82
N ALA Q 16 58.61 -43.05 34.80
CA ALA Q 16 58.22 -43.91 33.67
C ALA Q 16 56.72 -43.89 33.40
N ALA Q 17 55.92 -43.94 34.46
CA ALA Q 17 54.47 -43.91 34.31
C ALA Q 17 53.97 -42.56 33.81
N ALA Q 18 54.60 -41.45 34.22
CA ALA Q 18 54.19 -40.11 33.78
C ALA Q 18 54.40 -39.92 32.29
N VAL Q 19 55.53 -40.42 31.79
CA VAL Q 19 55.84 -40.29 30.37
C VAL Q 19 54.86 -41.14 29.56
N LEU Q 20 54.47 -42.28 30.12
CA LEU Q 20 53.53 -43.14 29.44
C LEU Q 20 52.16 -42.47 29.40
N LEU Q 21 51.81 -41.68 30.41
CA LEU Q 21 50.52 -40.99 30.45
C LEU Q 21 50.42 -39.98 29.31
N TYR Q 22 51.53 -39.31 29.06
CA TYR Q 22 51.62 -38.31 28.02
C TYR Q 22 51.33 -38.88 26.64
N THR Q 23 51.98 -39.99 26.30
CA THR Q 23 51.80 -40.61 25.00
C THR Q 23 50.36 -41.02 24.82
N TRP Q 24 49.78 -41.60 25.85
CA TRP Q 24 48.41 -42.06 25.80
C TRP Q 24 47.41 -40.89 25.64
N VAL Q 25 47.65 -39.80 26.37
CA VAL Q 25 46.76 -38.64 26.33
C VAL Q 25 46.78 -38.00 24.96
N SER Q 26 47.97 -37.71 24.46
CA SER Q 26 48.11 -37.08 23.16
C SER Q 26 47.61 -37.97 22.02
N GLY Q 27 47.81 -39.27 22.15
CA GLY Q 27 47.31 -40.14 21.12
C GLY Q 27 45.77 -40.08 21.20
N LEU Q 28 45.20 -40.03 22.41
CA LEU Q 28 43.74 -39.98 22.58
C LEU Q 28 43.12 -38.77 21.86
N SER Q 29 43.84 -37.66 21.92
CA SER Q 29 43.38 -36.45 21.26
C SER Q 29 43.60 -36.57 19.75
N ALA Q 30 42.96 -35.68 18.98
CA ALA Q 30 43.08 -35.66 17.52
C ALA Q 30 42.61 -36.99 16.95
N ASN Q 31 41.78 -37.67 17.75
CA ASN Q 31 41.22 -38.94 17.36
C ASN Q 31 39.69 -38.81 17.34
N VAL Q 32 39.19 -37.71 16.78
CA VAL Q 32 37.75 -37.52 16.65
C VAL Q 32 37.45 -37.15 15.20
N ALA Q 33 36.58 -37.95 14.58
CA ALA Q 33 36.16 -37.84 13.18
C ALA Q 33 35.25 -36.67 12.89
N GLY Q 34 34.03 -36.71 13.44
CA GLY Q 34 33.07 -35.64 13.21
C GLY Q 34 32.14 -35.82 12.00
N THR Q 35 31.79 -34.70 11.36
CA THR Q 35 30.87 -34.71 10.21
C THR Q 35 31.03 -33.54 9.23
N GLN Q 36 30.29 -33.67 8.16
CA GLN Q 36 30.27 -32.64 7.14
C GLN Q 36 28.86 -32.11 7.25
N VAL Q 37 28.67 -30.90 6.74
CA VAL Q 37 27.37 -30.27 6.74
C VAL Q 37 26.92 -30.24 5.28
N THR Q 38 25.84 -30.95 5.02
CA THR Q 38 25.25 -31.07 3.70
C THR Q 38 24.93 -29.68 3.24
N GLY Q 39 25.10 -29.47 1.94
CA GLY Q 39 24.85 -28.18 1.38
C GLY Q 39 23.40 -27.84 1.47
N LYS Q 40 23.12 -26.63 1.01
CA LYS Q 40 21.78 -26.10 1.01
C LYS Q 40 21.03 -26.94 0.07
N SER Q 41 19.73 -27.02 0.33
CA SER Q 41 18.88 -27.82 -0.50
C SER Q 41 19.05 -27.51 -1.96
N LEU Q 42 18.94 -28.58 -2.71
CA LEU Q 42 19.07 -28.61 -4.14
C LEU Q 42 17.84 -27.93 -4.74
N THR Q 43 18.05 -27.01 -5.67
CA THR Q 43 16.90 -26.38 -6.31
C THR Q 43 16.24 -27.39 -7.25
N LEU Q 44 14.93 -27.31 -7.32
CA LEU Q 44 14.15 -28.22 -8.11
C LEU Q 44 14.01 -27.69 -9.53
N ILE Q 45 14.66 -28.36 -10.49
CA ILE Q 45 14.58 -27.95 -11.87
C ILE Q 45 13.27 -28.41 -12.48
N GLN Q 46 12.77 -29.57 -12.09
CA GLN Q 46 11.50 -30.10 -12.60
C GLN Q 46 11.03 -31.31 -11.79
N ALA Q 47 9.73 -31.56 -11.85
CA ALA Q 47 9.11 -32.71 -11.18
C ALA Q 47 8.12 -33.14 -12.21
N THR Q 48 8.21 -34.39 -12.62
CA THR Q 48 7.28 -34.91 -13.61
C THR Q 48 7.13 -36.45 -13.58
N TRP Q 49 6.30 -36.99 -14.46
CA TRP Q 49 6.06 -38.42 -14.48
C TRP Q 49 5.54 -38.93 -15.81
N ALA Q 50 5.85 -40.19 -16.13
CA ALA Q 50 5.38 -40.83 -17.38
C ALA Q 50 4.97 -42.30 -17.16
N ARG Q 51 4.32 -42.88 -18.15
CA ARG Q 51 3.86 -44.25 -18.05
C ARG Q 51 4.93 -45.27 -18.45
N PRO Q 52 5.20 -46.27 -17.58
CA PRO Q 52 6.20 -47.31 -17.82
C PRO Q 52 5.69 -48.36 -18.78
N ALA Q 53 6.60 -49.21 -19.24
CA ALA Q 53 6.25 -50.26 -20.15
C ALA Q 53 6.69 -51.54 -19.47
N THR Q 54 5.74 -52.43 -19.21
CA THR Q 54 6.09 -53.73 -18.61
C THR Q 54 6.11 -54.83 -19.68
N ASN Q 55 5.45 -54.58 -20.81
CA ASN Q 55 5.44 -55.56 -21.91
C ASN Q 55 6.42 -55.15 -22.96
N VAL Q 56 7.53 -55.89 -23.03
CA VAL Q 56 8.60 -55.59 -23.97
C VAL Q 56 8.90 -56.79 -24.83
N GLY Q 57 8.92 -56.54 -26.14
CA GLY Q 57 9.24 -57.56 -27.11
C GLY Q 57 10.58 -57.18 -27.73
N THR Q 58 10.86 -57.65 -28.93
CA THR Q 58 12.11 -57.31 -29.63
C THR Q 58 11.93 -55.94 -30.33
N THR Q 59 10.66 -55.53 -30.49
CA THR Q 59 10.23 -54.24 -31.07
C THR Q 59 9.05 -53.74 -30.20
N ILE Q 60 9.00 -52.42 -30.04
CA ILE Q 60 7.98 -51.77 -29.24
C ILE Q 60 6.92 -50.99 -30.05
N SER Q 61 5.66 -51.22 -29.70
CA SER Q 61 4.52 -50.54 -30.32
C SER Q 61 4.09 -49.49 -29.33
N LYS Q 62 3.07 -48.72 -29.67
CA LYS Q 62 2.63 -47.69 -28.73
C LYS Q 62 1.78 -48.30 -27.63
N ASP Q 63 1.25 -49.49 -27.91
CA ASP Q 63 0.44 -50.24 -26.97
C ASP Q 63 1.26 -51.13 -26.03
N SER Q 64 2.58 -51.08 -26.18
CA SER Q 64 3.45 -51.84 -25.29
C SER Q 64 3.59 -51.11 -23.95
N PHE Q 65 3.20 -49.83 -23.93
CA PHE Q 65 3.24 -48.97 -22.75
C PHE Q 65 1.94 -49.06 -21.99
N ASP Q 66 2.06 -49.25 -20.68
CA ASP Q 66 0.90 -49.41 -19.79
C ASP Q 66 0.11 -48.17 -19.41
N ARG Q 67 -1.11 -48.39 -18.94
CA ARG Q 67 -1.98 -47.32 -18.49
C ARG Q 67 -2.28 -47.52 -17.02
N SER Q 68 -2.48 -46.39 -16.33
CA SER Q 68 -2.76 -46.34 -14.90
C SER Q 68 -1.55 -46.81 -14.06
N LYS Q 69 -0.36 -46.54 -14.57
CA LYS Q 69 0.90 -46.87 -13.92
C LYS Q 69 1.70 -45.60 -14.02
N ALA Q 70 2.63 -45.37 -13.08
CA ALA Q 70 3.42 -44.14 -13.12
C ALA Q 70 4.84 -44.30 -12.58
N VAL Q 71 5.78 -43.54 -13.16
CA VAL Q 71 7.17 -43.55 -12.71
C VAL Q 71 7.51 -42.09 -12.42
N LEU Q 72 8.05 -41.82 -11.24
CA LEU Q 72 8.35 -40.44 -10.87
C LEU Q 72 9.75 -39.90 -11.27
N ILE Q 73 9.82 -38.71 -11.87
CA ILE Q 73 11.12 -38.11 -12.24
C ILE Q 73 11.41 -36.78 -11.55
N LEU Q 74 12.64 -36.62 -11.11
CA LEU Q 74 13.01 -35.41 -10.40
C LEU Q 74 14.37 -34.88 -10.80
N SER Q 75 14.45 -33.58 -11.02
CA SER Q 75 15.74 -32.96 -11.39
C SER Q 75 16.20 -31.95 -10.34
N PHE Q 76 17.40 -32.18 -9.79
CA PHE Q 76 17.99 -31.30 -8.78
C PHE Q 76 19.34 -30.69 -9.20
N GLN Q 77 19.52 -29.41 -8.86
CA GLN Q 77 20.75 -28.63 -9.12
C GLN Q 77 21.37 -28.11 -7.81
N PRO Q 78 22.43 -28.73 -7.35
CA PRO Q 78 23.08 -28.32 -6.11
C PRO Q 78 23.72 -26.99 -6.33
N PRO Q 79 23.81 -26.15 -5.23
CA PRO Q 79 24.50 -24.88 -5.49
C PRO Q 79 25.92 -24.99 -4.98
N ALA Q 80 26.89 -24.67 -5.82
CA ALA Q 80 28.29 -24.96 -5.54
C ALA Q 80 28.86 -24.28 -4.29
N GLN Q 81 28.47 -23.03 -4.07
CA GLN Q 81 29.18 -22.12 -3.16
C GLN Q 81 28.67 -22.07 -1.72
N VAL Q 82 27.78 -22.98 -1.34
CA VAL Q 82 27.14 -22.92 -0.05
C VAL Q 82 28.11 -22.95 1.12
N LEU Q 83 27.89 -22.03 2.07
CA LEU Q 83 28.70 -21.83 3.28
C LEU Q 83 29.97 -22.66 3.43
N GLN Q 84 29.84 -23.83 4.04
CA GLN Q 84 30.92 -24.80 4.12
C GLN Q 84 30.52 -26.05 3.36
N GLY Q 85 29.41 -25.95 2.64
CA GLY Q 85 28.76 -27.12 2.09
C GLY Q 85 29.69 -28.08 1.39
N GLY Q 86 29.43 -29.36 1.61
CA GLY Q 86 30.19 -30.44 1.00
C GLY Q 86 30.01 -30.60 -0.49
N GLN Q 87 31.07 -31.06 -1.15
CA GLN Q 87 31.08 -31.31 -2.58
C GLN Q 87 30.09 -32.39 -3.00
N ALA Q 88 30.00 -33.44 -2.19
CA ALA Q 88 29.18 -34.61 -2.53
C ALA Q 88 28.00 -34.82 -1.59
N ILE Q 89 26.82 -35.09 -2.17
CA ILE Q 89 25.59 -35.29 -1.40
C ILE Q 89 25.22 -36.76 -1.36
N THR Q 90 24.97 -37.29 -0.16
CA THR Q 90 24.69 -38.74 -0.03
C THR Q 90 23.28 -39.04 0.52
N ILE Q 91 22.65 -40.05 -0.05
CA ILE Q 91 21.31 -40.43 0.35
C ILE Q 91 21.20 -41.88 0.83
N ASP Q 92 20.86 -42.09 2.11
CA ASP Q 92 20.68 -43.44 2.59
C ASP Q 92 19.26 -43.94 2.36
N ALA Q 93 18.24 -43.08 2.46
CA ALA Q 93 16.84 -43.53 2.28
C ALA Q 93 15.90 -42.56 1.57
N ILE Q 94 15.12 -43.09 0.62
CA ILE Q 94 14.15 -42.30 -0.17
C ILE Q 94 12.75 -42.83 0.13
N ASP Q 95 11.80 -41.91 0.35
CA ASP Q 95 10.42 -42.32 0.70
C ASP Q 95 9.31 -41.63 -0.07
N VAL Q 96 8.21 -42.34 -0.27
CA VAL Q 96 7.06 -41.78 -0.97
C VAL Q 96 5.87 -41.70 0.00
N LEU Q 97 5.36 -40.49 0.22
CA LEU Q 97 4.26 -40.21 1.15
C LEU Q 97 3.00 -39.65 0.53
N TYR Q 98 1.88 -40.03 1.09
CA TYR Q 98 0.60 -39.57 0.62
C TYR Q 98 -0.34 -39.45 1.79
N GLN Q 99 -0.77 -38.22 2.05
CA GLN Q 99 -1.67 -37.88 3.19
C GLN Q 99 -0.90 -37.96 4.51
N GLY Q 100 0.43 -37.77 4.45
CA GLY Q 100 1.26 -37.85 5.64
C GLY Q 100 1.60 -39.30 6.05
N ARG Q 101 1.25 -40.29 5.22
CA ARG Q 101 1.54 -41.72 5.49
C ARG Q 101 2.51 -42.22 4.42
N VAL Q 102 3.23 -43.27 4.76
CA VAL Q 102 4.21 -43.81 3.83
C VAL Q 102 3.73 -44.90 2.90
N VAL Q 103 3.71 -44.58 1.60
CA VAL Q 103 3.30 -45.54 0.58
C VAL Q 103 4.35 -46.65 0.41
N CYS Q 104 5.63 -46.28 0.34
CA CYS Q 104 6.73 -47.26 0.19
C CYS Q 104 8.06 -46.69 0.73
N HIS Q 105 8.99 -47.55 1.08
CA HIS Q 105 10.27 -47.11 1.64
C HIS Q 105 11.44 -47.78 0.95
N TYR Q 106 12.45 -47.01 0.57
CA TYR Q 106 13.65 -47.56 -0.07
C TYR Q 106 14.86 -47.25 0.77
N ASP Q 107 15.56 -48.29 1.24
CA ASP Q 107 16.74 -48.06 2.09
C ASP Q 107 18.09 -48.20 1.42
N SER Q 108 18.02 -48.85 0.25
CA SER Q 108 19.16 -49.15 -0.60
C SER Q 108 18.77 -48.91 -2.08
N PHE Q 109 19.73 -49.03 -2.99
CA PHE Q 109 19.49 -48.79 -4.43
C PHE Q 109 20.22 -49.74 -5.36
N PRO Q 110 19.63 -50.01 -6.53
CA PRO Q 110 20.29 -50.90 -7.49
C PRO Q 110 21.39 -50.07 -8.19
N MET Q 111 22.52 -50.69 -8.53
CA MET Q 111 23.62 -49.97 -9.21
C MET Q 111 23.19 -49.36 -10.54
N THR Q 112 23.63 -48.14 -10.81
CA THR Q 112 23.28 -47.50 -12.06
C THR Q 112 24.31 -47.75 -13.14
N ALA Q 113 23.84 -47.78 -14.39
CA ALA Q 113 24.70 -48.02 -15.54
C ALA Q 113 25.84 -47.03 -15.65
N ASP Q 114 25.54 -45.76 -15.43
CA ASP Q 114 26.55 -44.73 -15.49
C ASP Q 114 27.38 -44.71 -14.20
N ASP Q 115 28.24 -45.71 -14.08
CA ASP Q 115 29.12 -45.84 -12.93
C ASP Q 115 30.32 -46.62 -13.40
N LYS Q 116 31.35 -45.88 -13.80
CA LYS Q 116 32.56 -46.47 -14.33
C LYS Q 116 33.33 -47.35 -13.35
N TYR Q 117 33.35 -46.93 -12.09
CA TYR Q 117 34.06 -47.67 -11.06
C TYR Q 117 33.61 -49.11 -10.87
N HIS Q 118 32.28 -49.29 -10.71
CA HIS Q 118 31.70 -50.61 -10.49
C HIS Q 118 31.21 -51.36 -11.71
N ILE Q 119 31.22 -50.74 -12.89
CA ILE Q 119 30.74 -51.37 -14.11
C ILE Q 119 31.51 -52.61 -14.59
N GLY Q 120 32.84 -52.58 -14.57
CA GLY Q 120 33.57 -53.75 -15.03
C GLY Q 120 34.13 -54.64 -13.94
N GLN Q 121 33.31 -54.91 -12.93
CA GLN Q 121 33.75 -55.78 -11.83
C GLN Q 121 32.78 -56.90 -11.57
N THR Q 122 33.30 -57.91 -10.88
CA THR Q 122 32.49 -59.07 -10.50
C THR Q 122 32.15 -59.04 -9.03
N ILE Q 123 30.88 -58.86 -8.71
CA ILE Q 123 30.46 -58.79 -7.32
C ILE Q 123 29.53 -59.89 -6.88
N GLY Q 124 30.00 -60.65 -5.90
CA GLY Q 124 29.20 -61.76 -5.42
C GLY Q 124 29.01 -62.81 -6.50
N GLY Q 125 30.07 -63.09 -7.27
CA GLY Q 125 29.97 -64.11 -8.32
C GLY Q 125 29.27 -63.79 -9.64
N LEU Q 126 28.74 -62.59 -9.76
CA LEU Q 126 28.05 -62.16 -10.97
C LEU Q 126 28.63 -60.82 -11.43
N THR Q 127 28.96 -60.70 -12.71
CA THR Q 127 29.51 -59.45 -13.23
C THR Q 127 28.48 -58.33 -13.06
N ALA Q 128 28.95 -57.08 -13.07
CA ALA Q 128 28.05 -55.97 -12.84
C ALA Q 128 27.48 -55.25 -14.05
N PHE Q 129 26.18 -55.07 -14.02
CA PHE Q 129 25.49 -54.37 -15.08
C PHE Q 129 24.58 -53.36 -14.40
N GLY Q 130 24.46 -52.19 -15.01
CA GLY Q 130 23.61 -51.17 -14.47
C GLY Q 130 22.31 -51.05 -15.20
N LEU Q 131 21.61 -50.00 -14.82
CA LEU Q 131 20.33 -49.70 -15.39
C LEU Q 131 20.37 -48.68 -16.55
N VAL Q 132 19.61 -48.97 -17.59
CA VAL Q 132 19.55 -48.09 -18.75
C VAL Q 132 18.14 -47.63 -19.14
N PHE Q 133 18.03 -46.32 -19.44
CA PHE Q 133 16.76 -45.64 -19.83
C PHE Q 133 16.75 -45.01 -21.25
N TRP Q 134 15.86 -45.48 -22.14
CA TRP Q 134 15.81 -44.98 -23.53
C TRP Q 134 14.64 -44.08 -23.99
N SER Q 196 10.56 -54.84 -19.35
CA SER Q 196 11.50 -55.10 -18.27
C SER Q 196 10.98 -54.56 -16.91
N PHE Q 197 9.72 -54.12 -16.78
CA PHE Q 197 9.26 -53.63 -15.45
C PHE Q 197 8.31 -54.62 -14.79
N ASP Q 198 8.58 -54.96 -13.53
CA ASP Q 198 7.75 -55.92 -12.79
C ASP Q 198 7.14 -55.27 -11.55
N ASP Q 199 5.84 -55.49 -11.33
CA ASP Q 199 5.14 -54.92 -10.16
C ASP Q 199 5.56 -55.46 -8.81
N GLN Q 200 6.21 -56.62 -8.83
CA GLN Q 200 6.70 -57.28 -7.62
C GLN Q 200 8.06 -56.75 -7.17
N TYR Q 201 8.71 -55.93 -8.00
CA TYR Q 201 10.03 -55.41 -7.68
C TYR Q 201 10.19 -53.89 -7.81
N PRO Q 202 9.69 -53.14 -6.82
CA PRO Q 202 9.78 -51.69 -6.84
C PRO Q 202 11.23 -51.25 -6.55
N PHE Q 203 11.63 -50.11 -7.08
CA PHE Q 203 12.98 -49.61 -6.85
C PHE Q 203 13.17 -48.14 -7.16
N ALA Q 204 14.25 -47.60 -6.59
CA ALA Q 204 14.66 -46.20 -6.78
C ALA Q 204 16.17 -46.17 -7.12
N THR Q 205 16.64 -45.08 -7.74
CA THR Q 205 18.04 -44.95 -8.12
C THR Q 205 18.42 -43.56 -8.66
N ILE Q 206 19.73 -43.28 -8.67
CA ILE Q 206 20.28 -41.99 -9.14
C ILE Q 206 20.90 -42.05 -10.55
N LEU Q 207 20.47 -41.17 -11.48
CA LEU Q 207 21.06 -41.13 -12.83
C LEU Q 207 21.35 -39.69 -13.24
N ALA Q 208 22.50 -39.47 -13.89
CA ALA Q 208 22.89 -38.13 -14.33
C ALA Q 208 22.24 -37.67 -15.62
N GLY Q 209 21.18 -36.86 -15.47
CA GLY Q 209 20.46 -36.31 -16.62
C GLY Q 209 19.16 -35.54 -16.34
N THR Q 210 18.44 -35.20 -17.40
CA THR Q 210 17.15 -34.50 -17.29
C THR Q 210 16.13 -35.07 -18.28
N TRP Q 211 14.86 -34.76 -18.04
CA TRP Q 211 13.79 -35.25 -18.88
C TRP Q 211 13.21 -34.17 -19.79
N GLU Q 212 13.02 -34.48 -21.08
CA GLU Q 212 12.46 -33.53 -22.08
C GLU Q 212 11.20 -34.06 -22.73
N VAL Q 213 10.24 -33.17 -22.92
CA VAL Q 213 8.96 -33.50 -23.53
C VAL Q 213 8.77 -32.70 -24.82
N ASN Q 214 8.36 -33.38 -25.90
CA ASN Q 214 8.15 -32.77 -27.22
C ASN Q 214 6.74 -33.08 -27.73
N TYR Q 215 6.01 -32.08 -28.18
CA TYR Q 215 4.66 -32.31 -28.66
C TYR Q 215 4.48 -32.47 -30.16
N VAL Q 216 4.15 -33.68 -30.64
CA VAL Q 216 3.93 -33.93 -32.08
C VAL Q 216 2.58 -33.32 -32.47
N SER Q 217 1.56 -33.63 -31.68
CA SER Q 217 0.20 -33.14 -31.91
C SER Q 217 -0.37 -32.62 -30.59
N THR Q 218 -1.66 -32.24 -30.60
CA THR Q 218 -2.36 -31.70 -29.41
C THR Q 218 -2.38 -32.65 -28.22
N ASN Q 219 -2.53 -33.94 -28.50
CA ASN Q 219 -2.58 -34.93 -27.42
C ASN Q 219 -1.50 -36.03 -27.44
N TYR Q 220 -0.53 -35.88 -28.33
CA TYR Q 220 0.53 -36.87 -28.44
C TYR Q 220 1.89 -36.25 -28.26
N VAL Q 221 2.79 -37.00 -27.66
CA VAL Q 221 4.13 -36.49 -27.39
C VAL Q 221 5.26 -37.45 -27.68
N GLU Q 222 6.48 -36.92 -27.79
CA GLU Q 222 7.68 -37.73 -27.96
C GLU Q 222 8.58 -37.34 -26.76
N THR Q 223 9.34 -38.28 -26.21
CA THR Q 223 10.18 -38.03 -25.03
C THR Q 223 11.66 -38.45 -25.09
N ASN Q 224 12.56 -37.51 -24.77
CA ASN Q 224 13.97 -37.82 -24.84
C ASN Q 224 14.72 -37.63 -23.54
N PHE Q 225 15.54 -38.63 -23.14
CA PHE Q 225 16.32 -38.53 -21.91
C PHE Q 225 17.79 -38.27 -22.26
N ARG Q 226 18.29 -37.16 -21.70
CA ARG Q 226 19.64 -36.65 -21.95
C ARG Q 226 20.70 -36.68 -20.82
N ASN Q 227 22.00 -36.87 -21.16
CA ASN Q 227 23.10 -36.88 -20.16
C ASN Q 227 23.39 -35.45 -19.68
N THR Q 228 23.91 -35.31 -18.46
CA THR Q 228 24.19 -33.99 -17.87
C THR Q 228 25.63 -33.72 -17.44
N SER Q 229 26.49 -34.71 -17.61
CA SER Q 229 27.88 -34.56 -17.27
C SER Q 229 28.11 -34.37 -15.78
N ALA Q 230 27.43 -35.19 -14.99
CA ALA Q 230 27.61 -35.16 -13.53
C ALA Q 230 28.18 -36.49 -12.99
N VAL Q 231 28.75 -36.47 -11.79
CA VAL Q 231 29.33 -37.69 -11.22
C VAL Q 231 28.39 -38.57 -10.40
N ILE Q 232 28.54 -39.88 -10.51
CA ILE Q 232 27.71 -40.78 -9.73
C ILE Q 232 28.54 -41.92 -9.16
N LYS Q 233 28.42 -42.10 -7.86
CA LYS Q 233 29.14 -43.15 -7.16
C LYS Q 233 28.21 -43.89 -6.18
N PHE Q 234 28.61 -45.09 -5.77
CA PHE Q 234 27.82 -45.86 -4.81
C PHE Q 234 28.58 -46.18 -3.53
N ASP Q 235 27.99 -45.81 -2.40
CA ASP Q 235 28.63 -45.97 -1.10
C ASP Q 235 28.90 -47.41 -0.63
N ARG Q 236 27.92 -48.30 -0.77
CA ARG Q 236 28.01 -49.65 -0.20
C ARG Q 236 27.21 -50.73 -0.93
N PHE Q 237 27.58 -51.99 -0.68
CA PHE Q 237 26.86 -53.14 -1.22
C PHE Q 237 26.28 -54.02 -0.10
N VAL Q 238 25.01 -54.35 -0.23
CA VAL Q 238 24.36 -55.24 0.71
C VAL Q 238 23.96 -56.47 -0.06
N ASN Q 239 24.17 -57.64 0.51
CA ASN Q 239 24.01 -58.86 -0.26
C ASN Q 239 22.60 -58.96 -0.80
N THR Q 240 22.51 -59.32 -2.07
CA THR Q 240 21.27 -59.36 -2.84
C THR Q 240 21.63 -59.12 -4.30
N HIS Q 241 20.62 -59.09 -5.16
CA HIS Q 241 20.82 -58.75 -6.56
C HIS Q 241 19.53 -58.33 -7.24
N TYR Q 242 19.65 -57.69 -8.40
CA TYR Q 242 18.47 -57.31 -9.16
C TYR Q 242 18.35 -58.11 -10.44
N SER Q 243 17.18 -58.70 -10.66
CA SER Q 243 16.92 -59.47 -11.87
C SER Q 243 18.16 -60.22 -12.36
N PRO Q 244 18.76 -61.06 -11.49
CA PRO Q 244 19.96 -61.82 -11.88
C PRO Q 244 19.76 -63.04 -12.77
N ASP Q 245 20.72 -63.24 -13.67
CA ASP Q 245 20.74 -64.36 -14.60
C ASP Q 245 21.84 -65.33 -14.10
N THR Q 246 21.41 -66.48 -13.55
CA THR Q 246 22.34 -67.49 -13.02
C THR Q 246 23.26 -68.11 -14.09
N GLN Q 247 22.66 -68.39 -15.27
CA GLN Q 247 23.35 -69.00 -16.41
C GLN Q 247 24.49 -68.14 -16.98
N ASN Q 248 24.24 -66.84 -17.12
CA ASN Q 248 25.22 -65.93 -17.69
C ASN Q 248 25.99 -65.06 -16.69
N ASN Q 249 25.74 -65.22 -15.40
CA ASN Q 249 26.44 -64.41 -14.39
C ASN Q 249 26.07 -62.94 -14.46
N ASN Q 250 24.86 -62.65 -14.95
CA ASN Q 250 24.39 -61.26 -15.08
C ASN Q 250 23.60 -60.82 -13.85
N GLY Q 251 23.82 -59.58 -13.41
CA GLY Q 251 23.12 -59.09 -12.24
C GLY Q 251 23.45 -57.66 -11.83
N VAL Q 252 22.60 -57.11 -10.98
CA VAL Q 252 22.81 -55.76 -10.54
C VAL Q 252 23.07 -55.66 -9.06
N PRO Q 253 24.28 -55.27 -8.69
CA PRO Q 253 24.64 -55.14 -7.27
C PRO Q 253 23.79 -54.07 -6.57
N ILE Q 254 23.46 -54.27 -5.29
CA ILE Q 254 22.66 -53.30 -4.55
C ILE Q 254 23.50 -52.67 -3.43
N PHE Q 255 23.56 -51.35 -3.39
CA PHE Q 255 24.35 -50.65 -2.37
C PHE Q 255 23.46 -49.84 -1.45
N ASP Q 256 23.83 -49.72 -0.18
CA ASP Q 256 23.02 -48.93 0.77
C ASP Q 256 23.11 -47.42 0.64
N VAL Q 257 24.22 -46.90 0.13
CA VAL Q 257 24.31 -45.45 -0.07
C VAL Q 257 24.69 -44.98 -1.46
N ALA Q 258 23.98 -43.95 -1.92
CA ALA Q 258 24.19 -43.34 -3.25
C ALA Q 258 24.63 -41.88 -3.09
N SER Q 259 25.61 -41.50 -3.90
CA SER Q 259 26.21 -40.16 -3.85
C SER Q 259 26.26 -39.44 -5.21
N ALA Q 260 26.24 -38.11 -5.18
CA ALA Q 260 26.29 -37.29 -6.40
C ALA Q 260 27.22 -36.08 -6.22
N SER Q 261 27.50 -35.41 -7.34
CA SER Q 261 28.49 -34.36 -7.41
C SER Q 261 27.93 -33.12 -8.08
N GLN Q 262 28.83 -32.25 -8.52
CA GLN Q 262 28.46 -30.99 -9.16
C GLN Q 262 27.67 -31.22 -10.44
N SER Q 263 26.73 -30.32 -10.70
CA SER Q 263 25.86 -30.34 -11.88
C SER Q 263 24.59 -31.13 -11.67
N ASN Q 264 23.74 -31.15 -12.69
CA ASN Q 264 22.41 -31.74 -12.60
C ASN Q 264 22.36 -33.26 -12.51
N PHE Q 265 21.27 -33.75 -11.92
CA PHE Q 265 21.07 -35.19 -11.71
C PHE Q 265 19.58 -35.43 -11.45
N ALA Q 266 19.14 -36.62 -11.82
CA ALA Q 266 17.74 -36.98 -11.65
C ALA Q 266 17.57 -38.16 -10.69
N VAL Q 267 16.34 -38.35 -10.25
CA VAL Q 267 15.98 -39.46 -9.37
C VAL Q 267 14.82 -40.22 -10.02
N VAL Q 268 14.93 -41.54 -10.20
CA VAL Q 268 13.84 -42.31 -10.82
C VAL Q 268 13.16 -43.19 -9.77
N ILE Q 269 11.87 -42.97 -9.53
CA ILE Q 269 11.18 -43.74 -8.51
C ILE Q 269 10.02 -44.57 -9.02
N TRP Q 270 10.05 -45.87 -8.71
CA TRP Q 270 8.96 -46.75 -9.13
C TRP Q 270 8.17 -47.52 -8.08
N CYS Q 271 7.01 -46.96 -7.70
CA CYS Q 271 6.12 -47.58 -6.71
C CYS Q 271 4.78 -47.92 -7.34
N PRO Q 272 4.51 -49.22 -7.54
CA PRO Q 272 3.28 -49.74 -8.14
C PRO Q 272 2.01 -49.36 -7.41
N ASN Q 273 2.12 -48.99 -6.14
CA ASN Q 273 0.94 -48.62 -5.34
C ASN Q 273 0.33 -47.25 -5.69
N VAL Q 274 1.10 -46.35 -6.31
CA VAL Q 274 0.60 -45.00 -6.70
C VAL Q 274 -0.34 -45.00 -7.91
N ASN Q 275 -1.56 -44.46 -7.71
CA ASN Q 275 -2.56 -44.38 -8.75
C ASN Q 275 -2.98 -42.94 -9.06
N PRO Q 276 -2.60 -42.44 -10.24
CA PRO Q 276 -2.91 -41.08 -10.70
C PRO Q 276 -4.40 -40.73 -10.75
N ASN Q 277 -5.26 -41.70 -11.02
CA ASN Q 277 -6.70 -41.42 -11.10
C ASN Q 277 -7.37 -41.06 -9.78
N VAL Q 278 -6.79 -41.50 -8.66
CA VAL Q 278 -7.37 -41.20 -7.33
C VAL Q 278 -6.50 -40.32 -6.42
N MET Q 279 -5.24 -40.11 -6.80
CA MET Q 279 -4.32 -39.29 -6.00
C MET Q 279 -4.05 -37.93 -6.69
N GLN Q 280 -4.31 -36.84 -5.97
CA GLN Q 280 -4.09 -35.50 -6.53
C GLN Q 280 -2.61 -35.16 -6.64
N SER Q 281 -1.84 -35.57 -5.63
CA SER Q 281 -0.41 -35.30 -5.54
C SER Q 281 0.30 -36.26 -4.57
N VAL Q 282 1.61 -36.39 -4.71
CA VAL Q 282 2.41 -37.21 -3.81
C VAL Q 282 3.58 -36.39 -3.32
N ASP Q 283 4.33 -36.94 -2.37
CA ASP Q 283 5.48 -36.26 -1.82
C ASP Q 283 6.65 -37.20 -1.66
N VAL Q 284 7.87 -36.68 -1.78
CA VAL Q 284 9.09 -37.46 -1.64
C VAL Q 284 9.99 -36.92 -0.51
N LYS Q 285 10.62 -37.83 0.21
CA LYS Q 285 11.49 -37.44 1.32
C LYS Q 285 12.83 -38.16 1.22
N MET Q 286 13.90 -37.39 1.41
CA MET Q 286 15.24 -37.95 1.37
C MET Q 286 15.91 -37.86 2.73
N VAL Q 287 16.59 -38.93 3.13
CA VAL Q 287 17.28 -38.96 4.41
C VAL Q 287 18.78 -39.03 4.17
N PHE Q 288 19.50 -38.01 4.63
CA PHE Q 288 20.93 -37.95 4.46
C PHE Q 288 21.75 -38.85 5.32
N SER Q 289 23.02 -39.01 4.97
CA SER Q 289 23.92 -39.84 5.77
C SER Q 289 24.12 -39.23 7.17
N ASP Q 290 24.22 -37.90 7.23
CA ASP Q 290 24.38 -37.19 8.50
C ASP Q 290 23.09 -37.15 9.36
N GLY Q 291 21.96 -37.56 8.79
CA GLY Q 291 20.72 -37.58 9.53
C GLY Q 291 19.72 -36.46 9.22
N SER Q 292 20.17 -35.40 8.53
CA SER Q 292 19.25 -34.31 8.18
C SER Q 292 18.29 -34.78 7.10
N THR Q 293 17.22 -34.03 6.85
CA THR Q 293 16.28 -34.43 5.79
C THR Q 293 15.84 -33.32 4.85
N TRP Q 294 15.37 -33.71 3.68
CA TRP Q 294 14.93 -32.76 2.65
C TRP Q 294 13.68 -33.30 1.95
N GLU Q 295 12.75 -32.41 1.62
CA GLU Q 295 11.51 -32.82 0.95
C GLU Q 295 11.09 -31.92 -0.19
N ALA Q 296 10.45 -32.52 -1.20
CA ALA Q 296 9.99 -31.83 -2.39
C ALA Q 296 8.56 -32.19 -2.71
N SER Q 297 7.89 -31.39 -3.54
CA SER Q 297 6.50 -31.63 -3.87
C SER Q 297 6.24 -31.90 -5.35
N VAL Q 298 5.55 -32.98 -5.63
CA VAL Q 298 5.25 -33.34 -7.03
C VAL Q 298 3.77 -33.51 -7.39
N PRO Q 299 3.21 -32.66 -8.28
CA PRO Q 299 1.79 -32.81 -8.65
C PRO Q 299 1.70 -34.03 -9.56
N LEU Q 300 0.56 -34.73 -9.48
CA LEU Q 300 0.33 -35.92 -10.28
C LEU Q 300 -0.80 -35.68 -11.27
N SER Q 301 -1.72 -34.81 -10.89
CA SER Q 301 -2.87 -34.50 -11.74
C SER Q 301 -2.44 -34.27 -13.19
N ILE Q 302 -3.20 -34.82 -14.12
CA ILE Q 302 -2.93 -34.66 -15.54
C ILE Q 302 -2.64 -33.19 -15.83
N THR Q 303 -3.60 -32.34 -15.50
CA THR Q 303 -3.45 -30.90 -15.72
C THR Q 303 -4.80 -30.20 -15.58
N VAL R 1 72.67 -48.54 63.40
CA VAL R 1 71.87 -47.29 63.51
C VAL R 1 71.68 -46.62 62.16
N SER R 2 72.05 -47.37 61.13
CA SER R 2 71.95 -46.96 59.72
C SER R 2 70.54 -46.45 59.34
N PRO R 3 69.50 -47.30 59.50
CA PRO R 3 68.17 -46.82 59.15
C PRO R 3 67.80 -45.44 59.77
N VAL R 4 68.09 -45.23 61.05
CA VAL R 4 67.74 -43.97 61.70
C VAL R 4 68.34 -42.72 61.08
N ILE R 5 69.60 -42.78 60.65
CA ILE R 5 70.24 -41.64 60.04
C ILE R 5 69.78 -41.46 58.60
N ALA R 6 69.59 -42.58 57.90
CA ALA R 6 69.15 -42.56 56.51
C ALA R 6 67.79 -41.86 56.36
N THR R 7 66.83 -42.33 57.15
CA THR R 7 65.49 -41.75 57.10
C THR R 7 65.49 -40.24 57.29
N LEU R 8 66.32 -39.73 58.21
CA LEU R 8 66.37 -38.29 58.50
C LEU R 8 66.82 -37.43 57.34
N LEU R 9 67.85 -37.89 56.66
CA LEU R 9 68.32 -37.15 55.53
C LEU R 9 67.31 -37.15 54.39
N LEU R 10 66.55 -38.24 54.25
CA LEU R 10 65.54 -38.36 53.18
C LEU R 10 64.35 -37.43 53.38
N ILE R 11 63.93 -37.25 54.65
CA ILE R 11 62.82 -36.37 55.04
C ILE R 11 63.14 -34.91 54.70
N LEU R 12 64.34 -34.49 55.06
CA LEU R 12 64.77 -33.13 54.79
C LEU R 12 64.75 -32.81 53.29
N ILE R 13 65.25 -33.75 52.48
CA ILE R 13 65.35 -33.60 51.02
C ILE R 13 64.03 -33.38 50.31
N ALA R 14 63.04 -34.20 50.66
CA ALA R 14 61.70 -34.10 50.09
C ALA R 14 60.99 -32.77 50.50
N VAL R 15 61.22 -32.29 51.72
CA VAL R 15 60.63 -31.04 52.20
C VAL R 15 61.14 -29.85 51.39
N ALA R 16 62.46 -29.83 51.16
CA ALA R 16 63.14 -28.75 50.40
C ALA R 16 62.66 -28.66 48.95
N ALA R 17 62.49 -29.81 48.30
CA ALA R 17 62.02 -29.84 46.93
C ALA R 17 60.56 -29.40 46.81
N ALA R 18 59.72 -29.73 47.78
CA ALA R 18 58.30 -29.33 47.76
C ALA R 18 58.13 -27.82 47.84
N VAL R 19 58.93 -27.19 48.70
CA VAL R 19 58.86 -25.74 48.86
C VAL R 19 59.34 -25.07 47.59
N LEU R 20 60.33 -25.67 46.94
CA LEU R 20 60.85 -25.12 45.71
C LEU R 20 59.79 -25.22 44.60
N LEU R 21 58.97 -26.28 44.64
CA LEU R 21 57.92 -26.46 43.63
C LEU R 21 56.90 -25.34 43.71
N TYR R 22 56.58 -24.95 44.94
CA TYR R 22 55.62 -23.90 45.20
C TYR R 22 56.04 -22.57 44.60
N THR R 23 57.28 -22.17 44.83
CA THR R 23 57.78 -20.91 44.31
C THR R 23 57.74 -20.90 42.80
N TRP R 24 58.14 -22.00 42.21
CA TRP R 24 58.14 -22.10 40.77
C TRP R 24 56.73 -22.07 40.17
N VAL R 25 55.79 -22.76 40.81
CA VAL R 25 54.42 -22.82 40.31
C VAL R 25 53.77 -21.45 40.36
N SER R 26 53.84 -20.81 41.52
CA SER R 26 53.24 -19.49 41.69
C SER R 26 53.90 -18.43 40.81
N GLY R 27 55.20 -18.54 40.62
CA GLY R 27 55.85 -17.59 39.76
C GLY R 27 55.34 -17.85 38.34
N LEU R 28 55.14 -19.12 37.96
CA LEU R 28 54.66 -19.46 36.61
C LEU R 28 53.30 -18.82 36.31
N SER R 29 52.46 -18.78 37.34
CA SER R 29 51.15 -18.18 37.19
C SER R 29 51.29 -16.65 37.18
N ALA R 30 50.23 -15.96 36.76
CA ALA R 30 50.20 -14.50 36.70
C ALA R 30 51.30 -14.00 35.79
N ASN R 31 51.71 -14.89 34.89
CA ASN R 31 52.75 -14.58 33.94
C ASN R 31 52.15 -14.74 32.52
N VAL R 32 50.94 -14.25 32.32
CA VAL R 32 50.32 -14.29 31.00
C VAL R 32 49.83 -12.88 30.65
N ALA R 33 50.32 -12.37 29.52
CA ALA R 33 50.04 -11.04 29.00
C ALA R 33 48.63 -10.85 28.45
N GLY R 34 48.33 -11.54 27.36
CA GLY R 34 47.01 -11.42 26.75
C GLY R 34 46.86 -10.33 25.68
N THR R 35 45.66 -9.73 25.60
CA THR R 35 45.37 -8.70 24.61
C THR R 35 44.27 -7.71 24.99
N GLN R 36 44.13 -6.72 24.14
CA GLN R 36 43.12 -5.71 24.30
C GLN R 36 42.19 -5.99 23.15
N VAL R 37 40.97 -5.50 23.28
CA VAL R 37 39.97 -5.64 22.24
C VAL R 37 39.76 -4.26 21.66
N THR R 38 40.11 -4.14 20.38
CA THR R 38 40.00 -2.89 19.64
C THR R 38 38.56 -2.47 19.71
N GLY R 39 38.37 -1.16 19.78
CA GLY R 39 37.05 -0.62 19.87
C GLY R 39 36.30 -0.89 18.61
N LYS R 40 35.04 -0.45 18.66
CA LYS R 40 34.13 -0.61 17.55
C LYS R 40 34.68 0.22 16.48
N SER R 41 34.36 -0.18 15.26
CA SER R 41 34.85 0.53 14.11
C SER R 41 34.54 2.00 14.20
N LEU R 42 35.51 2.72 13.69
CA LEU R 42 35.53 4.16 13.64
C LEU R 42 34.50 4.61 12.61
N THR R 43 33.66 5.57 12.98
CA THR R 43 32.69 6.08 12.01
C THR R 43 33.42 6.91 10.96
N LEU R 44 32.94 6.83 9.74
CA LEU R 44 33.56 7.51 8.63
C LEU R 44 32.96 8.91 8.51
N ILE R 45 33.77 9.93 8.79
CA ILE R 45 33.31 11.30 8.68
C ILE R 45 33.32 11.74 7.23
N GLN R 46 34.31 11.29 6.45
CA GLN R 46 34.40 11.63 5.03
C GLN R 46 35.43 10.77 4.32
N ALA R 47 35.28 10.67 3.00
CA ALA R 47 36.21 9.92 2.14
C ALA R 47 36.29 10.82 0.96
N THR R 48 37.49 11.23 0.62
CA THR R 48 37.67 12.09 -0.54
C THR R 48 39.10 12.05 -1.14
N TRP R 49 39.33 12.81 -2.20
CA TRP R 49 40.62 12.78 -2.86
C TRP R 49 40.91 14.05 -3.66
N ALA R 50 42.20 14.40 -3.80
CA ALA R 50 42.62 15.57 -4.58
C ALA R 50 43.90 15.29 -5.38
N ARG R 51 44.23 16.20 -6.30
CA ARG R 51 45.41 16.04 -7.14
C ARG R 51 46.68 16.56 -6.48
N PRO R 52 47.74 15.72 -6.42
CA PRO R 52 49.03 16.07 -5.83
C PRO R 52 49.85 16.95 -6.75
N ALA R 53 50.91 17.51 -6.19
CA ALA R 53 51.79 18.37 -6.95
C ALA R 53 53.15 17.73 -6.84
N THR R 54 53.73 17.36 -7.99
CA THR R 54 55.09 16.80 -7.98
C THR R 54 56.11 17.86 -8.42
N ASN R 55 55.63 18.90 -9.10
CA ASN R 55 56.53 19.97 -9.53
C ASN R 55 56.41 21.14 -8.61
N VAL R 56 57.44 21.35 -7.79
CA VAL R 56 57.45 22.41 -6.79
C VAL R 56 58.66 23.30 -6.97
N GLY R 57 58.39 24.60 -7.04
CA GLY R 57 59.44 25.60 -7.16
C GLY R 57 59.46 26.37 -5.86
N THR R 58 59.96 27.60 -5.88
CA THR R 58 59.98 28.43 -4.66
C THR R 58 58.60 29.13 -4.50
N THR R 59 57.83 29.13 -5.60
CA THR R 59 56.45 29.66 -5.68
C THR R 59 55.64 28.66 -6.53
N ILE R 60 54.37 28.51 -6.16
CA ILE R 60 53.47 27.59 -6.83
C ILE R 60 52.38 28.27 -7.69
N SER R 61 52.22 27.77 -8.92
CA SER R 61 51.22 28.26 -9.85
C SER R 61 50.12 27.22 -9.83
N LYS R 62 49.06 27.44 -10.60
CA LYS R 62 47.98 26.47 -10.59
C LYS R 62 48.34 25.27 -11.45
N ASP R 63 49.30 25.47 -12.34
CA ASP R 63 49.80 24.44 -13.24
C ASP R 63 50.92 23.60 -12.62
N SER R 64 51.27 23.91 -11.38
CA SER R 64 52.29 23.12 -10.69
C SER R 64 51.67 21.82 -10.16
N PHE R 65 50.34 21.75 -10.15
CA PHE R 65 49.56 20.59 -9.71
C PHE R 65 49.28 19.69 -10.87
N ASP R 66 49.54 18.40 -10.68
CA ASP R 66 49.37 17.37 -11.71
C ASP R 66 47.95 16.90 -12.03
N ARG R 67 47.80 16.29 -13.20
CA ARG R 67 46.54 15.75 -13.64
C ARG R 67 46.68 14.25 -13.81
N SER R 68 45.57 13.55 -13.57
CA SER R 68 45.48 12.10 -13.66
C SER R 68 46.33 11.41 -12.57
N LYS R 69 46.40 12.07 -11.40
CA LYS R 69 47.13 11.56 -10.25
C LYS R 69 46.15 11.76 -9.12
N ALA R 70 46.24 10.95 -8.06
CA ALA R 70 45.31 11.08 -6.94
C ALA R 70 45.91 10.72 -5.58
N VAL R 71 45.45 11.41 -4.53
CA VAL R 71 45.89 11.13 -3.16
C VAL R 71 44.62 10.90 -2.37
N LEU R 72 44.56 9.79 -1.64
CA LEU R 72 43.36 9.48 -0.89
C LEU R 72 43.25 10.04 0.55
N ILE R 73 42.11 10.65 0.91
CA ILE R 73 41.94 11.17 2.27
C ILE R 73 40.78 10.55 3.03
N LEU R 74 41.01 10.25 4.29
CA LEU R 74 39.99 9.60 5.10
C LEU R 74 39.88 10.17 6.51
N SER R 75 38.66 10.40 6.95
CA SER R 75 38.45 10.92 8.31
C SER R 75 37.65 9.94 9.18
N PHE R 76 38.26 9.54 10.31
CA PHE R 76 37.63 8.62 11.25
C PHE R 76 37.44 9.20 12.66
N GLN R 77 36.29 8.88 13.26
CA GLN R 77 35.92 9.31 14.64
C GLN R 77 35.64 8.08 15.52
N PRO R 78 36.58 7.75 16.40
CA PRO R 78 36.42 6.60 17.27
C PRO R 78 35.34 6.91 18.27
N PRO R 79 34.58 5.83 18.73
CA PRO R 79 33.59 6.19 19.74
C PRO R 79 34.15 5.84 21.11
N ALA R 80 34.09 6.79 22.03
CA ALA R 80 34.81 6.67 23.30
C ALA R 80 34.37 5.51 24.18
N GLN R 81 33.07 5.25 24.23
CA GLN R 81 32.46 4.45 25.28
C GLN R 81 32.29 2.96 24.98
N VAL R 82 32.91 2.47 23.91
CA VAL R 82 32.68 1.10 23.46
C VAL R 82 33.05 0.06 24.52
N LEU R 83 32.14 -0.90 24.70
CA LEU R 83 32.23 -2.01 25.66
C LEU R 83 33.41 -2.01 26.63
N GLN R 84 34.50 -2.64 26.22
CA GLN R 84 35.76 -2.59 26.95
C GLN R 84 36.80 -1.88 26.11
N GLY R 85 36.35 -1.31 25.01
CA GLY R 85 37.24 -0.84 23.97
C GLY R 85 38.42 -0.05 24.48
N GLY R 86 39.57 -0.29 23.86
CA GLY R 86 40.81 0.39 24.19
C GLY R 86 40.86 1.85 23.79
N GLN R 87 41.60 2.62 24.58
CA GLN R 87 41.79 4.04 24.34
C GLN R 87 42.52 4.33 23.03
N ALA R 88 43.51 3.50 22.71
CA ALA R 88 44.36 3.74 21.55
C ALA R 88 44.24 2.66 20.47
N ILE R 89 44.12 3.09 19.22
CA ILE R 89 43.96 2.19 18.09
C ILE R 89 45.25 2.08 17.28
N THR R 90 45.72 0.87 17.03
CA THR R 90 47.02 0.69 16.33
C THR R 90 46.89 -0.02 14.98
N ILE R 91 47.65 0.46 14.01
CA ILE R 91 47.62 -0.11 12.67
C ILE R 91 48.98 -0.60 12.19
N ASP R 92 49.12 -1.91 11.95
CA ASP R 92 50.36 -2.42 11.42
C ASP R 92 50.40 -2.38 9.90
N ALA R 93 49.27 -2.58 9.21
CA ALA R 93 49.27 -2.58 7.74
C ALA R 93 48.04 -1.98 7.05
N ILE R 94 48.28 -1.13 6.04
CA ILE R 94 47.21 -0.46 5.28
C ILE R 94 47.29 -0.94 3.83
N ASP R 95 46.14 -1.25 3.23
CA ASP R 95 46.13 -1.77 1.85
C ASP R 95 45.11 -1.13 0.92
N VAL R 96 45.45 -1.08 -0.37
CA VAL R 96 44.54 -0.52 -1.37
C VAL R 96 44.14 -1.63 -2.36
N LEU R 97 42.83 -1.89 -2.43
CA LEU R 97 42.26 -2.95 -3.28
C LEU R 97 41.32 -2.48 -4.38
N TYR R 98 41.36 -3.19 -5.50
CA TYR R 98 40.52 -2.86 -6.61
C TYR R 98 40.16 -4.13 -7.32
N GLN R 99 38.87 -4.45 -7.33
CA GLN R 99 38.31 -5.68 -7.93
C GLN R 99 38.66 -6.89 -7.08
N GLY R 100 38.88 -6.67 -5.78
CA GLY R 100 39.25 -7.75 -4.88
C GLY R 100 40.73 -8.14 -4.95
N ARG R 101 41.55 -7.35 -5.67
CA ARG R 101 43.00 -7.59 -5.80
C ARG R 101 43.74 -6.42 -5.16
N VAL R 102 44.98 -6.68 -4.77
CA VAL R 102 45.76 -5.64 -4.12
C VAL R 102 46.62 -4.78 -5.01
N VAL R 103 46.27 -3.49 -5.08
CA VAL R 103 47.03 -2.54 -5.88
C VAL R 103 48.40 -2.24 -5.25
N CYS R 104 48.43 -2.02 -3.94
CA CYS R 104 49.69 -1.74 -3.21
C CYS R 104 49.56 -2.12 -1.71
N HIS R 105 50.68 -2.37 -1.06
CA HIS R 105 50.67 -2.76 0.35
C HIS R 105 51.65 -1.94 1.17
N TYR R 106 51.20 -1.44 2.32
CA TYR R 106 52.06 -0.64 3.20
C TYR R 106 52.17 -1.35 4.55
N ASP R 107 53.38 -1.73 4.95
CA ASP R 107 53.55 -2.44 6.23
C ASP R 107 54.07 -1.60 7.38
N SER R 108 54.63 -0.46 6.99
CA SER R 108 55.24 0.53 7.88
C SER R 108 54.84 1.95 7.41
N PHE R 109 55.23 2.97 8.17
CA PHE R 109 54.88 4.36 7.85
C PHE R 109 55.98 5.38 8.14
N PRO R 110 56.02 6.46 7.36
CA PRO R 110 57.03 7.48 7.60
C PRO R 110 56.56 8.33 8.82
N MET R 111 57.49 8.80 9.66
CA MET R 111 57.11 9.60 10.84
C MET R 111 56.35 10.88 10.45
N THR R 112 55.32 11.21 11.22
CA THR R 112 54.57 12.41 10.94
C THR R 112 55.08 13.61 11.70
N ALA R 113 54.93 14.79 11.11
CA ALA R 113 55.38 16.03 11.71
C ALA R 113 54.78 16.28 13.07
N ASP R 114 53.49 16.04 13.21
CA ASP R 114 52.82 16.22 14.47
C ASP R 114 53.08 15.05 15.41
N ASP R 115 54.30 15.02 15.93
CA ASP R 115 54.72 13.98 16.86
C ASP R 115 55.82 14.59 17.70
N LYS R 116 55.41 15.12 18.86
CA LYS R 116 56.33 15.78 19.76
C LYS R 116 57.42 14.90 20.33
N TYR R 117 57.07 13.66 20.62
CA TYR R 117 58.03 12.72 21.19
C TYR R 117 59.26 12.46 20.35
N HIS R 118 59.04 12.15 19.06
CA HIS R 118 60.11 11.84 18.13
C HIS R 118 60.65 13.00 17.29
N ILE R 119 60.02 14.17 17.36
CA ILE R 119 60.44 15.33 16.56
C ILE R 119 61.85 15.88 16.87
N GLY R 120 62.23 16.01 18.13
CA GLY R 120 63.54 16.55 18.42
C GLY R 120 64.59 15.54 18.80
N GLN R 121 64.64 14.44 18.06
CA GLN R 121 65.62 13.39 18.34
C GLN R 121 66.41 13.01 17.12
N THR R 122 67.56 12.37 17.37
CA THR R 122 68.42 11.90 16.31
C THR R 122 68.33 10.38 16.16
N ILE R 123 67.79 9.92 15.05
CA ILE R 123 67.63 8.49 14.84
C ILE R 123 68.41 7.94 13.68
N GLY R 124 69.32 7.02 14.00
CA GLY R 124 70.14 6.43 12.97
C GLY R 124 71.05 7.48 12.35
N GLY R 125 71.61 8.39 13.16
CA GLY R 125 72.53 9.40 12.64
C GLY R 125 71.97 10.62 11.91
N LEU R 126 70.66 10.69 11.77
CA LEU R 126 70.00 11.82 11.10
C LEU R 126 68.89 12.34 12.01
N THR R 127 68.83 13.65 12.21
CA THR R 127 67.79 14.25 13.04
C THR R 127 66.42 13.95 12.43
N ALA R 128 65.38 14.03 13.25
CA ALA R 128 64.05 13.71 12.78
C ALA R 128 63.16 14.85 12.31
N PHE R 129 62.60 14.66 11.14
CA PHE R 129 61.68 15.62 10.58
C PHE R 129 60.47 14.85 10.10
N GLY R 130 59.30 15.45 10.28
CA GLY R 130 58.08 14.82 9.85
C GLY R 130 57.54 15.40 8.57
N LEU R 131 56.35 14.93 8.28
CA LEU R 131 55.66 15.34 7.08
C LEU R 131 54.67 16.51 7.30
N VAL R 132 54.68 17.44 6.37
CA VAL R 132 53.79 18.59 6.44
C VAL R 132 52.90 18.81 5.22
N PHE R 133 51.62 19.11 5.47
CA PHE R 133 50.58 19.34 4.43
C PHE R 133 49.94 20.76 4.45
N TRP R 134 50.08 21.53 3.36
CA TRP R 134 49.54 22.91 3.30
C TRP R 134 48.32 23.23 2.41
N SER R 196 57.48 18.06 -4.17
CA SER R 196 58.04 17.10 -3.24
C SER R 196 57.41 15.69 -3.41
N PHE R 197 56.61 15.41 -4.45
CA PHE R 197 56.05 14.04 -4.58
C PHE R 197 56.72 13.26 -5.70
N ASP R 198 57.17 12.04 -5.41
CA ASP R 198 57.86 11.21 -6.40
C ASP R 198 57.09 9.90 -6.63
N ASP R 199 56.91 9.52 -7.90
CA ASP R 199 56.19 8.29 -8.25
C ASP R 199 56.88 6.98 -7.86
N GLN R 200 58.18 7.08 -7.61
CA GLN R 200 58.99 5.94 -7.21
C GLN R 200 58.91 5.67 -5.70
N TYR R 201 58.31 6.57 -4.93
CA TYR R 201 58.21 6.41 -3.49
C TYR R 201 56.81 6.57 -2.89
N PRO R 202 55.99 5.53 -3.03
CA PRO R 202 54.63 5.57 -2.49
C PRO R 202 54.65 5.46 -0.96
N PHE R 203 53.67 6.05 -0.28
CA PHE R 203 53.62 5.98 1.16
C PHE R 203 52.27 6.32 1.75
N ALA R 204 52.08 5.90 3.00
CA ALA R 204 50.88 6.15 3.80
C ALA R 204 51.29 6.65 5.19
N THR R 205 50.37 7.33 5.90
CA THR R 205 50.68 7.88 7.21
C THR R 205 49.45 8.47 7.94
N ILE R 206 49.57 8.64 9.26
CA ILE R 206 48.50 9.18 10.12
C ILE R 206 48.70 10.67 10.52
N LEU R 207 47.71 11.53 10.27
CA LEU R 207 47.80 12.94 10.68
C LEU R 207 46.50 13.40 11.35
N ALA R 208 46.62 14.17 12.43
CA ALA R 208 45.45 14.67 13.15
C ALA R 208 44.77 15.87 12.52
N GLY R 209 43.69 15.61 11.79
CA GLY R 209 42.91 16.67 11.15
C GLY R 209 41.80 16.24 10.18
N THR R 210 41.22 17.21 9.47
CA THR R 210 40.16 16.94 8.49
C THR R 210 40.36 17.81 7.23
N TRP R 211 39.70 17.42 6.16
CA TRP R 211 39.81 18.12 4.90
C TRP R 211 38.57 18.96 4.57
N GLU R 212 38.78 20.21 4.15
CA GLU R 212 37.67 21.13 3.79
C GLU R 212 37.77 21.62 2.35
N VAL R 213 36.63 21.70 1.70
CA VAL R 213 36.54 22.16 0.32
C VAL R 213 35.68 23.42 0.23
N ASN R 214 36.17 24.44 -0.48
CA ASN R 214 35.47 25.73 -0.65
C ASN R 214 35.34 26.06 -2.14
N TYR R 215 34.14 26.42 -2.57
CA TYR R 215 33.94 26.75 -3.98
C TYR R 215 34.00 28.21 -4.38
N VAL R 216 35.03 28.63 -5.12
CA VAL R 216 35.16 30.04 -5.57
C VAL R 216 34.16 30.26 -6.70
N SER R 217 34.17 29.35 -7.67
CA SER R 217 33.29 29.42 -8.83
C SER R 217 32.66 28.04 -9.06
N THR R 218 31.90 27.89 -10.16
CA THR R 218 31.21 26.65 -10.52
C THR R 218 32.15 25.46 -10.70
N ASN R 219 33.33 25.70 -11.27
CA ASN R 219 34.29 24.62 -11.48
C ASN R 219 35.65 24.76 -10.80
N TYR R 220 35.78 25.77 -9.94
CA TYR R 220 37.04 26.00 -9.25
C TYR R 220 36.86 25.98 -7.76
N VAL R 221 37.87 25.48 -7.07
CA VAL R 221 37.80 25.39 -5.61
C VAL R 221 39.06 25.81 -4.87
N GLU R 222 38.91 26.06 -3.57
CA GLU R 222 40.04 26.38 -2.69
C GLU R 222 39.98 25.29 -1.58
N THR R 223 41.12 24.83 -1.10
CA THR R 223 41.18 23.77 -0.07
C THR R 223 42.01 24.00 1.19
N ASN R 224 41.42 23.81 2.35
CA ASN R 224 42.14 24.03 3.58
C ASN R 224 42.23 22.84 4.51
N PHE R 225 43.43 22.54 5.01
CA PHE R 225 43.62 21.41 5.94
C PHE R 225 43.80 21.93 7.37
N ARG R 226 42.91 21.44 8.24
CA ARG R 226 42.82 21.87 9.64
C ARG R 226 43.21 20.86 10.76
N ASN R 227 43.77 21.35 11.89
CA ASN R 227 44.14 20.50 13.06
C ASN R 227 42.89 20.06 13.82
N THR R 228 42.95 18.91 14.50
CA THR R 228 41.79 18.36 15.23
C THR R 228 41.99 18.12 16.72
N SER R 229 43.19 18.38 17.21
CA SER R 229 43.47 18.21 18.62
C SER R 229 43.41 16.77 19.06
N ALA R 230 44.01 15.90 18.26
CA ALA R 230 44.07 14.47 18.61
C ALA R 230 45.53 13.99 18.81
N VAL R 231 45.72 12.87 19.50
CA VAL R 231 47.08 12.36 19.74
C VAL R 231 47.65 11.43 18.68
N ILE R 232 48.95 11.55 18.40
CA ILE R 232 49.58 10.66 17.43
C ILE R 232 50.93 10.21 17.94
N LYS R 233 51.11 8.89 17.93
CA LYS R 233 52.35 8.28 18.37
C LYS R 233 52.80 7.19 17.38
N PHE R 234 54.07 6.82 17.44
CA PHE R 234 54.60 5.78 16.57
C PHE R 234 55.18 4.59 17.34
N ASP R 235 54.68 3.39 17.03
CA ASP R 235 55.07 2.18 17.74
C ASP R 235 56.54 1.74 17.61
N ARG R 236 57.08 1.75 16.40
CA ARG R 236 58.41 1.19 16.15
C ARG R 236 59.18 1.81 14.96
N PHE R 237 60.49 1.61 14.96
CA PHE R 237 61.36 2.05 13.87
C PHE R 237 62.05 0.86 13.18
N VAL R 238 61.97 0.82 11.86
CA VAL R 238 62.65 -0.20 11.09
C VAL R 238 63.68 0.51 10.25
N ASN R 239 64.88 -0.02 10.16
CA ASN R 239 65.97 0.71 9.54
C ASN R 239 65.61 1.08 8.11
N THR R 240 65.90 2.33 7.77
CA THR R 240 65.55 2.93 6.50
C THR R 240 65.36 4.43 6.74
N HIS R 241 65.01 5.16 5.69
CA HIS R 241 64.70 6.57 5.83
C HIS R 241 63.88 7.10 4.65
N TYR R 242 63.28 8.27 4.83
CA TYR R 242 62.54 8.88 3.73
C TYR R 242 63.23 10.14 3.23
N SER R 243 63.43 10.21 1.93
CA SER R 243 64.04 11.38 1.31
C SER R 243 65.12 12.00 2.18
N PRO R 244 66.13 11.22 2.60
CA PRO R 244 67.20 11.73 3.46
C PRO R 244 68.27 12.59 2.79
N ASP R 245 68.73 13.60 3.53
CA ASP R 245 69.77 14.52 3.10
C ASP R 245 71.05 14.14 3.89
N THR R 246 72.02 13.54 3.21
CA THR R 246 73.28 13.12 3.85
C THR R 246 74.13 14.29 4.39
N GLN R 247 74.17 15.38 3.62
CA GLN R 247 74.93 16.60 3.95
C GLN R 247 74.44 17.31 5.21
N ASN R 248 73.12 17.42 5.36
CA ASN R 248 72.52 18.11 6.50
C ASN R 248 71.97 17.22 7.61
N ASN R 249 72.08 15.91 7.48
CA ASN R 249 71.55 14.99 8.50
C ASN R 249 70.05 15.03 8.58
N ASN R 250 69.38 15.37 7.49
CA ASN R 250 67.91 15.45 7.44
C ASN R 250 67.29 14.13 6.97
N GLY R 251 66.20 13.74 7.60
CA GLY R 251 65.55 12.48 7.23
C GLY R 251 64.30 12.13 8.02
N VAL R 252 63.54 11.20 7.49
CA VAL R 252 62.34 10.79 8.15
C VAL R 252 62.37 9.35 8.59
N PRO R 253 62.38 9.14 9.91
CA PRO R 253 62.41 7.77 10.45
C PRO R 253 61.14 6.97 10.05
N ILE R 254 61.28 5.67 9.83
CA ILE R 254 60.13 4.84 9.46
C ILE R 254 59.82 3.84 10.59
N PHE R 255 58.58 3.81 11.04
CA PHE R 255 58.19 2.90 12.12
C PHE R 255 57.17 1.88 11.62
N ASP R 256 57.21 0.66 12.16
CA ASP R 256 56.24 -0.37 11.75
C ASP R 256 54.82 -0.21 12.27
N VAL R 257 54.64 0.43 13.42
CA VAL R 257 53.29 0.64 13.93
C VAL R 257 52.92 2.08 14.28
N ALA R 258 51.70 2.45 13.86
CA ALA R 258 51.15 3.79 14.09
C ALA R 258 49.90 3.70 14.97
N SER R 259 49.81 4.63 15.92
CA SER R 259 48.72 4.66 16.89
C SER R 259 48.00 6.01 17.00
N ALA R 260 46.73 5.99 17.39
CA ALA R 260 45.92 7.21 17.54
C ALA R 260 45.06 7.16 18.82
N SER R 261 44.48 8.31 19.15
CA SER R 261 43.77 8.50 20.40
C SER R 261 42.40 9.11 20.17
N GLN R 262 41.82 9.67 21.23
CA GLN R 262 40.50 10.27 21.20
C GLN R 262 40.44 11.44 20.23
N SER R 263 39.29 11.58 19.58
CA SER R 263 39.01 12.65 18.62
C SER R 263 39.38 12.28 17.19
N ASN R 264 39.11 13.19 16.27
CA ASN R 264 39.27 12.94 14.85
C ASN R 264 40.70 12.83 14.35
N PHE R 265 40.87 12.11 13.24
CA PHE R 265 42.17 11.87 12.64
C PHE R 265 41.97 11.43 11.19
N ALA R 266 42.95 11.74 10.36
CA ALA R 266 42.88 11.41 8.95
C ALA R 266 43.97 10.42 8.54
N VAL R 267 43.80 9.83 7.37
CA VAL R 267 44.78 8.91 6.80
C VAL R 267 45.13 9.41 5.39
N VAL R 268 46.41 9.60 5.07
CA VAL R 268 46.80 10.07 3.73
C VAL R 268 47.45 8.94 2.94
N ILE R 269 46.86 8.55 1.82
CA ILE R 269 47.43 7.46 1.05
C ILE R 269 47.85 7.81 -0.35
N TRP R 270 49.10 7.50 -0.68
CA TRP R 270 49.59 7.78 -2.03
C TRP R 270 50.13 6.63 -2.90
N CYS R 271 49.26 6.13 -3.78
CA CYS R 271 49.60 5.03 -4.68
C CYS R 271 49.50 5.49 -6.13
N PRO R 272 50.65 5.64 -6.80
CA PRO R 272 50.76 6.09 -8.20
C PRO R 272 50.03 5.22 -9.20
N ASN R 273 49.75 3.97 -8.83
CA ASN R 273 49.06 3.04 -9.75
C ASN R 273 47.56 3.32 -9.94
N VAL R 274 46.92 4.04 -9.02
CA VAL R 274 45.48 4.36 -9.12
C VAL R 274 45.14 5.45 -10.15
N ASN R 275 44.27 5.12 -11.11
CA ASN R 275 43.87 6.03 -12.16
C ASN R 275 42.35 6.29 -12.14
N PRO R 276 41.95 7.51 -11.78
CA PRO R 276 40.55 7.94 -11.70
C PRO R 276 39.76 7.82 -13.01
N ASN R 277 40.42 7.97 -14.16
CA ASN R 277 39.72 7.88 -15.44
C ASN R 277 39.21 6.49 -15.81
N VAL R 278 39.83 5.45 -15.27
CA VAL R 278 39.42 4.07 -15.57
C VAL R 278 38.87 3.27 -14.37
N MET R 279 39.04 3.79 -13.16
CA MET R 279 38.56 3.11 -11.95
C MET R 279 37.33 3.84 -11.37
N GLN R 280 36.23 3.11 -11.19
CA GLN R 280 35.01 3.70 -10.64
C GLN R 280 35.13 3.98 -9.15
N SER R 281 35.78 3.07 -8.44
CA SER R 281 35.97 3.16 -6.99
C SER R 281 37.13 2.27 -6.50
N VAL R 282 37.64 2.58 -5.31
CA VAL R 282 38.69 1.76 -4.71
C VAL R 282 38.28 1.43 -3.28
N ASP R 283 39.07 0.57 -2.64
CA ASP R 283 38.78 0.18 -1.27
C ASP R 283 40.03 0.15 -0.44
N VAL R 284 39.90 0.41 0.86
CA VAL R 284 41.02 0.41 1.79
C VAL R 284 40.82 -0.59 2.93
N LYS R 285 41.90 -1.24 3.34
CA LYS R 285 41.82 -2.23 4.41
C LYS R 285 42.90 -1.98 5.44
N MET R 286 42.51 -2.03 6.72
CA MET R 286 43.45 -1.83 7.81
C MET R 286 43.60 -3.10 8.62
N VAL R 287 44.84 -3.43 9.00
CA VAL R 287 45.12 -4.61 9.79
C VAL R 287 45.64 -4.18 11.15
N PHE R 288 44.90 -4.55 12.19
CA PHE R 288 45.26 -4.20 13.55
C PHE R 288 46.40 -4.97 14.15
N SER R 289 46.92 -4.47 15.26
CA SER R 289 48.01 -5.17 15.95
C SER R 289 47.52 -6.53 16.50
N ASP R 290 46.29 -6.57 17.00
CA ASP R 290 45.71 -7.80 17.52
C ASP R 290 45.31 -8.81 16.40
N GLY R 291 45.34 -8.38 15.14
CA GLY R 291 44.99 -9.27 14.06
C GLY R 291 43.62 -9.07 13.43
N SER R 292 42.72 -8.32 14.07
CA SER R 292 41.39 -8.09 13.51
C SER R 292 41.51 -7.12 12.33
N THR R 293 40.47 -7.01 11.51
CA THR R 293 40.54 -6.08 10.38
C THR R 293 39.32 -5.19 10.19
N TRP R 294 39.52 -4.07 9.49
CA TRP R 294 38.45 -3.10 9.24
C TRP R 294 38.56 -2.57 7.82
N GLU R 295 37.42 -2.35 7.16
CA GLU R 295 37.42 -1.83 5.79
C GLU R 295 36.40 -0.74 5.54
N ALA R 296 36.74 0.17 4.63
CA ALA R 296 35.90 1.30 4.27
C ALA R 296 35.81 1.45 2.77
N SER R 297 34.81 2.20 2.29
CA SER R 297 34.61 2.35 0.86
C SER R 297 34.74 3.78 0.36
N VAL R 298 35.57 3.98 -0.66
CA VAL R 298 35.77 5.33 -1.22
C VAL R 298 35.47 5.51 -2.71
N PRO R 299 34.45 6.33 -3.08
CA PRO R 299 34.17 6.52 -4.52
C PRO R 299 35.27 7.41 -5.08
N LEU R 300 35.59 7.19 -6.35
CA LEU R 300 36.63 7.95 -7.03
C LEU R 300 36.03 8.80 -8.13
N SER R 301 34.94 8.31 -8.71
CA SER R 301 34.26 9.02 -9.78
C SER R 301 34.13 10.51 -9.48
N ILE R 302 34.40 11.34 -10.48
CA ILE R 302 34.28 12.78 -10.33
C ILE R 302 32.97 13.12 -9.65
N THR R 303 31.87 12.68 -10.26
CA THR R 303 30.54 12.92 -9.71
C THR R 303 29.46 12.63 -10.75
N VAL S 1 72.79 -56.55 66.16
CA VAL S 1 71.36 -56.77 65.79
C VAL S 1 70.63 -55.43 65.65
N SER S 2 71.42 -54.36 65.65
CA SER S 2 70.95 -52.99 65.52
C SER S 2 70.04 -52.78 64.29
N PRO S 3 70.53 -53.08 63.07
CA PRO S 3 69.65 -52.88 61.92
C PRO S 3 68.25 -53.52 62.06
N VAL S 4 68.19 -54.76 62.55
CA VAL S 4 66.89 -55.43 62.68
C VAL S 4 65.86 -54.74 63.56
N ILE S 5 66.29 -54.16 64.67
CA ILE S 5 65.38 -53.47 65.56
C ILE S 5 65.03 -52.10 65.01
N ALA S 6 66.01 -51.43 64.40
CA ALA S 6 65.81 -50.10 63.83
C ALA S 6 64.74 -50.12 62.74
N THR S 7 64.91 -51.02 61.78
CA THR S 7 63.96 -51.13 60.68
C THR S 7 62.53 -51.32 61.17
N LEU S 8 62.31 -52.12 62.21
CA LEU S 8 60.98 -52.39 62.74
C LEU S 8 60.25 -51.18 63.29
N LEU S 9 60.98 -50.38 64.05
CA LEU S 9 60.38 -49.19 64.58
C LEU S 9 60.04 -48.19 63.49
N LEU S 10 60.85 -48.15 62.42
CA LEU S 10 60.62 -47.20 61.30
C LEU S 10 59.37 -47.55 60.49
N ILE S 11 59.13 -48.85 60.30
CA ILE S 11 57.96 -49.38 59.56
C ILE S 11 56.65 -48.99 60.26
N LEU S 12 56.63 -49.19 61.56
CA LEU S 12 55.46 -48.86 62.35
C LEU S 12 55.10 -47.38 62.27
N ILE S 13 56.12 -46.52 62.35
CA ILE S 13 55.97 -45.06 62.33
C ILE S 13 55.32 -44.51 61.06
N ALA S 14 55.83 -44.99 59.91
CA ALA S 14 55.30 -44.58 58.61
C ALA S 14 53.84 -45.06 58.40
N VAL S 15 53.49 -46.25 58.90
CA VAL S 15 52.13 -46.77 58.78
C VAL S 15 51.14 -45.92 59.53
N ALA S 16 51.49 -45.52 60.76
CA ALA S 16 50.65 -44.68 61.63
C ALA S 16 50.37 -43.30 61.04
N ALA S 17 51.40 -42.69 60.45
CA ALA S 17 51.25 -41.38 59.84
C ALA S 17 50.38 -41.42 58.58
N ALA S 18 50.46 -42.50 57.79
CA ALA S 18 49.67 -42.64 56.58
C ALA S 18 48.18 -42.73 56.89
N VAL S 19 47.84 -43.48 57.92
CA VAL S 19 46.45 -43.65 58.32
C VAL S 19 45.91 -42.32 58.84
N LEU S 20 46.77 -41.55 59.51
CA LEU S 20 46.36 -40.27 60.03
C LEU S 20 46.10 -39.30 58.86
N LEU S 21 46.86 -39.44 57.77
CA LEU S 21 46.68 -38.57 56.60
C LEU S 21 45.31 -38.77 55.98
N TYR S 22 44.89 -40.03 55.96
CA TYR S 22 43.61 -40.39 55.40
C TYR S 22 42.44 -39.73 56.12
N THR S 23 42.44 -39.81 57.44
CA THR S 23 41.37 -39.24 58.24
C THR S 23 41.30 -37.74 58.03
N TRP S 24 42.45 -37.11 58.00
CA TRP S 24 42.51 -35.67 57.81
C TRP S 24 42.04 -35.25 56.41
N VAL S 25 42.42 -36.00 55.39
CA VAL S 25 42.05 -35.68 54.02
C VAL S 25 40.56 -35.79 53.83
N SER S 26 40.00 -36.94 54.23
CA SER S 26 38.57 -37.17 54.07
C SER S 26 37.73 -36.21 54.92
N GLY S 27 38.23 -35.86 56.10
CA GLY S 27 37.49 -34.92 56.90
C GLY S 27 37.54 -33.59 56.16
N LEU S 28 38.68 -33.23 55.55
CA LEU S 28 38.81 -31.96 54.83
C LEU S 28 37.78 -31.83 53.71
N SER S 29 37.53 -32.93 53.05
CA SER S 29 36.55 -32.95 51.97
C SER S 29 35.14 -32.91 52.57
N ALA S 30 34.14 -32.62 51.72
CA ALA S 30 32.74 -32.55 52.13
C ALA S 30 32.57 -31.51 53.22
N ASN S 31 33.51 -30.58 53.24
CA ASN S 31 33.51 -29.50 54.20
C ASN S 31 33.44 -28.17 53.42
N VAL S 32 32.59 -28.11 52.40
CA VAL S 32 32.40 -26.87 51.65
C VAL S 32 30.90 -26.59 51.56
N ALA S 33 30.54 -25.39 52.06
CA ALA S 33 29.16 -24.90 52.14
C ALA S 33 28.53 -24.53 50.81
N GLY S 34 29.07 -23.49 50.17
CA GLY S 34 28.54 -23.04 48.89
C GLY S 34 27.42 -21.99 48.96
N THR S 35 26.48 -22.06 48.00
CA THR S 35 25.38 -21.10 47.92
C THR S 35 24.12 -21.60 47.23
N GLN S 36 23.11 -20.76 47.30
CA GLN S 36 21.85 -21.04 46.66
C GLN S 36 21.80 -20.01 45.57
N VAL S 37 20.96 -20.29 44.58
CA VAL S 37 20.77 -19.37 43.47
C VAL S 37 19.36 -18.82 43.62
N THR S 38 19.31 -17.50 43.84
CA THR S 38 18.07 -16.78 44.03
C THR S 38 17.23 -17.01 42.79
N GLY S 39 15.94 -17.10 43.03
CA GLY S 39 15.02 -17.34 41.95
C GLY S 39 15.01 -16.18 41.02
N LYS S 40 14.23 -16.38 39.97
CA LYS S 40 14.06 -15.40 38.93
C LYS S 40 13.40 -14.26 39.57
N SER S 41 13.66 -13.09 39.01
CA SER S 41 13.08 -11.88 39.55
C SER S 41 11.59 -12.00 39.72
N LEU S 42 11.19 -11.37 40.80
CA LEU S 42 9.82 -11.30 41.25
C LEU S 42 9.05 -10.40 40.29
N THR S 43 7.90 -10.87 39.84
CA THR S 43 7.09 -10.03 38.95
C THR S 43 6.49 -8.89 39.78
N LEU S 44 6.38 -7.73 39.15
CA LEU S 44 5.88 -6.56 39.82
C LEU S 44 4.36 -6.49 39.67
N ILE S 45 3.65 -6.68 40.77
CA ILE S 45 2.19 -6.62 40.73
C ILE S 45 1.73 -5.17 40.72
N GLN S 46 2.43 -4.28 41.41
CA GLN S 46 2.09 -2.85 41.45
C GLN S 46 3.21 -2.03 42.07
N ALA S 47 3.23 -0.74 41.75
CA ALA S 47 4.18 0.22 42.29
C ALA S 47 3.32 1.41 42.50
N THR S 48 3.28 1.90 43.73
CA THR S 48 2.47 3.07 44.03
C THR S 48 2.93 3.84 45.29
N TRP S 49 2.24 4.93 45.62
CA TRP S 49 2.63 5.74 46.76
C TRP S 49 1.50 6.57 47.32
N ALA S 50 1.55 6.87 48.63
CA ALA S 50 0.54 7.70 49.29
C ALA S 50 1.17 8.65 50.33
N ARG S 51 0.36 9.61 50.81
CA ARG S 51 0.86 10.58 51.76
C ARG S 51 0.76 10.09 53.21
N PRO S 52 1.88 10.15 53.96
CA PRO S 52 1.95 9.72 55.35
C PRO S 52 1.34 10.74 56.29
N ALA S 53 1.14 10.32 57.53
CA ALA S 53 0.58 11.18 58.53
C ALA S 53 1.59 11.24 59.64
N THR S 54 2.09 12.43 59.95
CA THR S 54 3.03 12.58 61.06
C THR S 54 2.32 13.16 62.29
N ASN S 55 1.15 13.77 62.08
CA ASN S 55 0.40 14.32 63.21
C ASN S 55 -0.72 13.40 63.55
N VAL S 56 -0.58 12.70 64.68
CA VAL S 56 -1.55 11.73 65.14
C VAL S 56 -2.04 12.07 66.52
N GLY S 57 -3.36 12.10 66.66
CA GLY S 57 -4.01 12.35 67.94
C GLY S 57 -4.69 11.06 68.34
N THR S 58 -5.72 11.15 69.19
CA THR S 58 -6.47 9.96 69.60
C THR S 58 -7.54 9.63 68.53
N THR S 59 -7.81 10.63 67.67
CA THR S 59 -8.74 10.55 66.52
C THR S 59 -8.06 11.29 65.35
N ILE S 60 -8.28 10.77 64.15
CA ILE S 60 -7.71 11.33 62.94
C ILE S 60 -8.70 12.05 62.02
N SER S 61 -8.31 13.25 61.58
CA SER S 61 -9.11 14.05 60.66
C SER S 61 -8.46 13.89 59.30
N LYS S 62 -9.02 14.53 58.29
CA LYS S 62 -8.41 14.39 56.97
C LYS S 62 -7.19 15.28 56.84
N ASP S 63 -7.11 16.28 57.71
CA ASP S 63 -6.00 17.21 57.76
C ASP S 63 -4.85 16.74 58.63
N SER S 64 -4.99 15.55 59.21
CA SER S 64 -3.92 14.98 60.02
C SER S 64 -2.85 14.37 59.10
N PHE S 65 -3.20 14.20 57.81
CA PHE S 65 -2.31 13.67 56.78
C PHE S 65 -1.57 14.77 56.10
N ASP S 66 -0.26 14.60 55.98
CA ASP S 66 0.64 15.62 55.39
C ASP S 66 0.65 15.75 53.87
N ARG S 67 1.16 16.88 53.41
CA ARG S 67 1.27 17.17 52.00
C ARG S 67 2.74 17.35 51.66
N SER S 68 3.07 16.97 50.42
CA SER S 68 4.43 17.05 49.89
C SER S 68 5.38 16.05 50.60
N LYS S 69 4.81 14.92 51.01
CA LYS S 69 5.55 13.85 51.67
C LYS S 69 5.10 12.61 50.95
N ALA S 70 5.93 11.56 50.91
CA ALA S 70 5.55 10.34 50.20
C ALA S 70 6.12 9.06 50.81
N VAL S 71 5.36 7.97 50.72
CA VAL S 71 5.80 6.66 51.21
C VAL S 71 5.66 5.72 50.02
N LEU S 72 6.71 4.98 49.71
CA LEU S 72 6.67 4.09 48.56
C LEU S 72 6.15 2.64 48.80
N ILE S 73 5.24 2.16 47.96
CA ILE S 73 4.73 0.79 48.10
C ILE S 73 5.00 -0.11 46.90
N LEU S 74 5.39 -1.34 47.19
CA LEU S 74 5.72 -2.26 46.12
C LEU S 74 5.20 -3.66 46.35
N SER S 75 4.61 -4.25 45.32
CA SER S 75 4.09 -5.62 45.44
C SER S 75 4.81 -6.59 44.49
N PHE S 76 5.42 -7.63 45.08
CA PHE S 76 6.13 -8.65 44.31
C PHE S 76 5.57 -10.07 44.47
N GLN S 77 5.53 -10.81 43.36
CA GLN S 77 5.06 -12.22 43.29
C GLN S 77 6.18 -13.14 42.76
N PRO S 78 6.80 -13.90 43.64
CA PRO S 78 7.87 -14.80 43.26
C PRO S 78 7.28 -15.92 42.43
N PRO S 79 8.10 -16.47 41.46
CA PRO S 79 7.49 -17.59 40.74
C PRO S 79 8.03 -18.89 41.32
N ALA S 80 7.14 -19.80 41.67
CA ALA S 80 7.50 -20.96 42.45
C ALA S 80 8.50 -21.91 41.79
N GLN S 81 8.36 -22.11 40.49
CA GLN S 81 8.97 -23.23 39.78
C GLN S 81 10.33 -22.97 39.14
N VAL S 82 10.95 -21.83 39.45
CA VAL S 82 12.17 -21.42 38.77
C VAL S 82 13.31 -22.44 38.93
N LEU S 83 13.95 -22.73 37.79
CA LEU S 83 15.07 -23.68 37.65
C LEU S 83 15.45 -24.50 38.88
N GLN S 84 16.37 -23.96 39.68
CA GLN S 84 16.73 -24.54 40.96
C GLN S 84 16.35 -23.57 42.07
N GLY S 85 15.63 -22.53 41.68
CA GLY S 85 15.42 -21.40 42.55
C GLY S 85 15.04 -21.76 43.97
N GLY S 86 15.60 -21.00 44.90
CA GLY S 86 15.34 -21.17 46.32
C GLY S 86 13.95 -20.77 46.77
N GLN S 87 13.46 -21.46 47.79
CA GLN S 87 12.15 -21.18 48.38
C GLN S 87 12.06 -19.79 49.01
N ALA S 88 13.13 -19.36 49.65
CA ALA S 88 13.13 -18.10 50.39
C ALA S 88 14.09 -17.05 49.82
N ILE S 89 13.60 -15.82 49.70
CA ILE S 89 14.39 -14.72 49.13
C ILE S 89 14.85 -13.76 50.23
N THR S 90 16.15 -13.47 50.28
CA THR S 90 16.69 -12.62 51.36
C THR S 90 17.29 -11.31 50.88
N ILE S 91 17.03 -10.24 51.63
CA ILE S 91 17.52 -8.92 51.27
C ILE S 91 18.38 -8.27 52.34
N ASP S 92 19.66 -8.04 52.04
CA ASP S 92 20.50 -7.36 53.01
C ASP S 92 20.43 -5.84 52.88
N ALA S 93 20.27 -5.30 51.67
CA ALA S 93 20.22 -3.83 51.50
C ALA S 93 19.25 -3.30 50.44
N ILE S 94 18.48 -2.27 50.80
CA ILE S 94 17.51 -1.63 49.91
C ILE S 94 17.93 -0.18 49.67
N ASP S 95 17.86 0.27 48.42
CA ASP S 95 18.31 1.64 48.08
C ASP S 95 17.38 2.44 47.21
N VAL S 96 17.38 3.76 47.39
CA VAL S 96 16.54 4.64 46.60
C VAL S 96 17.44 5.56 45.76
N LEU S 97 17.31 5.48 44.43
CA LEU S 97 18.11 6.26 43.47
C LEU S 97 17.35 7.23 42.60
N TYR S 98 18.00 8.34 42.30
CA TYR S 98 17.39 9.36 41.47
C TYR S 98 18.47 10.00 40.66
N GLN S 99 18.38 9.86 39.33
CA GLN S 99 19.37 10.38 38.36
C GLN S 99 20.67 9.57 38.42
N GLY S 100 20.56 8.30 38.85
CA GLY S 100 21.73 7.45 38.98
C GLY S 100 22.53 7.69 40.26
N ARG S 101 22.02 8.52 41.18
CA ARG S 101 22.68 8.82 42.47
C ARG S 101 21.82 8.28 43.59
N VAL S 102 22.44 8.03 44.73
CA VAL S 102 21.72 7.48 45.86
C VAL S 102 21.11 8.48 46.83
N VAL S 103 19.78 8.52 46.90
CA VAL S 103 19.08 9.41 47.80
C VAL S 103 19.24 8.95 49.26
N CYS S 104 19.08 7.65 49.52
CA CYS S 104 19.21 7.08 50.88
C CYS S 104 19.57 5.58 50.81
N HIS S 105 20.16 5.07 51.87
CA HIS S 105 20.58 3.67 51.90
C HIS S 105 20.12 2.96 53.18
N TYR S 106 19.55 1.77 53.04
CA TYR S 106 19.08 1.01 54.20
C TYR S 106 19.83 -0.31 54.25
N ASP S 107 20.57 -0.57 55.31
CA ASP S 107 21.33 -1.83 55.41
C ASP S 107 20.73 -2.90 56.29
N SER S 108 19.80 -2.43 57.12
CA SER S 108 19.07 -3.24 58.10
C SER S 108 17.58 -2.80 58.10
N PHE S 109 16.74 -3.52 58.87
CA PHE S 109 15.30 -3.22 58.93
C PHE S 109 14.68 -3.38 60.30
N PRO S 110 13.64 -2.60 60.59
CA PRO S 110 12.96 -2.70 61.88
C PRO S 110 12.07 -3.96 61.84
N MET S 111 11.92 -4.67 62.95
CA MET S 111 11.08 -5.90 62.98
C MET S 111 9.62 -5.59 62.61
N THR S 112 9.02 -6.47 61.83
CA THR S 112 7.64 -6.29 61.44
C THR S 112 6.68 -6.97 62.38
N ALA S 113 5.49 -6.38 62.52
CA ALA S 113 4.46 -6.93 63.40
C ALA S 113 4.07 -8.36 63.07
N ASP S 114 3.93 -8.64 61.78
CA ASP S 114 3.58 -9.98 61.35
C ASP S 114 4.81 -10.87 61.36
N ASP S 115 5.22 -11.26 62.57
CA ASP S 115 6.37 -12.13 62.76
C ASP S 115 6.14 -12.84 64.08
N LYS S 116 5.55 -14.01 63.99
CA LYS S 116 5.23 -14.80 65.16
C LYS S 116 6.42 -15.23 65.98
N TYR S 117 7.50 -15.59 65.31
CA TYR S 117 8.71 -16.04 66.00
C TYR S 117 9.30 -15.05 66.99
N HIS S 118 9.50 -13.81 66.53
CA HIS S 118 10.08 -12.76 67.35
C HIS S 118 9.12 -11.84 68.12
N ILE S 119 7.81 -11.99 67.88
CA ILE S 119 6.81 -11.13 68.54
C ILE S 119 6.72 -11.27 70.06
N GLY S 120 6.74 -12.47 70.61
CA GLY S 120 6.64 -12.60 72.05
C GLY S 120 7.94 -12.85 72.79
N GLN S 121 8.97 -12.12 72.41
CA GLN S 121 10.27 -12.28 73.06
C GLN S 121 10.84 -10.99 73.55
N THR S 122 11.80 -11.11 74.46
CA THR S 122 12.49 -9.94 75.01
C THR S 122 13.89 -9.82 74.45
N ILE S 123 14.14 -8.78 73.66
CA ILE S 123 15.44 -8.60 73.06
C ILE S 123 16.18 -7.36 73.49
N GLY S 124 17.33 -7.57 74.10
CA GLY S 124 18.10 -6.46 74.58
C GLY S 124 17.36 -5.72 75.69
N GLY S 125 16.70 -6.46 76.59
CA GLY S 125 15.99 -5.82 77.70
C GLY S 125 14.64 -5.17 77.46
N LEU S 126 14.17 -5.18 76.23
CA LEU S 126 12.88 -4.59 75.87
C LEU S 126 12.07 -5.62 75.08
N THR S 127 10.81 -5.82 75.46
CA THR S 127 9.96 -6.76 74.75
C THR S 127 9.80 -6.33 73.29
N ALA S 128 9.43 -7.26 72.43
CA ALA S 128 9.33 -6.96 71.01
C ALA S 128 7.96 -6.59 70.46
N PHE S 129 7.93 -5.49 69.73
CA PHE S 129 6.72 -5.04 69.10
C PHE S 129 7.07 -4.72 67.66
N GLY S 130 6.15 -5.04 66.76
CA GLY S 130 6.37 -4.77 65.36
C GLY S 130 5.63 -3.55 64.88
N LEU S 131 5.69 -3.40 63.57
CA LEU S 131 5.06 -2.31 62.91
C LEU S 131 3.65 -2.63 62.35
N VAL S 132 2.73 -1.70 62.54
CA VAL S 132 1.38 -1.88 62.05
C VAL S 132 0.86 -0.76 61.15
N PHE S 133 0.20 -1.17 60.05
CA PHE S 133 -0.38 -0.26 59.01
C PHE S 133 -1.92 -0.34 58.83
N TRP S 134 -2.64 0.76 59.08
CA TRP S 134 -4.12 0.76 58.99
C TRP S 134 -4.82 1.50 57.82
N SER S 196 2.68 9.10 64.15
CA SER S 196 3.78 8.24 64.49
C SER S 196 4.94 8.32 63.45
N PHE S 197 4.93 9.25 62.49
CA PHE S 197 6.05 9.32 61.52
C PHE S 197 6.97 10.50 61.79
N ASP S 198 8.27 10.25 61.88
CA ASP S 198 9.24 11.32 62.16
C ASP S 198 10.24 11.45 61.01
N ASP S 199 10.52 12.68 60.58
CA ASP S 199 11.46 12.94 59.48
C ASP S 199 12.93 12.62 59.78
N GLN S 200 13.24 12.53 61.06
CA GLN S 200 14.58 12.22 61.54
C GLN S 200 14.87 10.72 61.55
N TYR S 201 13.85 9.89 61.35
CA TYR S 201 14.01 8.44 61.39
C TYR S 201 13.46 7.68 60.17
N PRO S 202 14.19 7.71 59.06
CA PRO S 202 13.75 7.02 57.84
C PRO S 202 13.92 5.49 58.01
N PHE S 203 13.07 4.72 57.35
CA PHE S 203 13.17 3.26 57.45
C PHE S 203 12.45 2.51 56.34
N ALA S 204 12.85 1.26 56.18
CA ALA S 204 12.27 0.32 55.21
C ALA S 204 11.95 -1.01 55.92
N THR S 205 11.05 -1.82 55.34
CA THR S 205 10.66 -3.09 55.94
C THR S 205 9.75 -3.94 55.05
N ILE S 206 9.67 -5.24 55.37
CA ILE S 206 8.86 -6.22 54.62
C ILE S 206 7.52 -6.58 55.30
N LEU S 207 6.38 -6.46 54.61
CA LEU S 207 5.08 -6.84 55.17
C LEU S 207 4.26 -7.66 54.16
N ALA S 208 3.60 -8.71 54.63
CA ALA S 208 2.79 -9.56 53.76
C ALA S 208 1.42 -9.02 53.42
N GLY S 209 1.33 -8.42 52.22
CA GLY S 209 0.06 -7.86 51.73
C GLY S 209 0.10 -7.05 50.44
N THR S 210 -1.02 -6.41 50.11
CA THR S 210 -1.12 -5.55 48.90
C THR S 210 -1.91 -4.28 49.22
N TRP S 211 -1.78 -3.30 48.34
CA TRP S 211 -2.44 -2.03 48.52
C TRP S 211 -3.63 -1.85 47.57
N GLU S 212 -4.78 -1.40 48.08
CA GLU S 212 -6.00 -1.17 47.28
C GLU S 212 -6.48 0.27 47.36
N VAL S 213 -6.92 0.78 46.22
CA VAL S 213 -7.43 2.15 46.12
C VAL S 213 -8.89 2.14 45.68
N ASN S 214 -9.74 2.91 46.37
CA ASN S 214 -11.18 3.01 46.09
C ASN S 214 -11.58 4.46 45.88
N TYR S 215 -12.31 4.76 44.82
CA TYR S 215 -12.72 6.14 44.54
C TYR S 215 -14.11 6.54 45.01
N VAL S 216 -14.22 7.40 46.03
CA VAL S 216 -15.53 7.87 46.53
C VAL S 216 -16.08 8.89 45.51
N SER S 217 -15.24 9.83 45.13
CA SER S 217 -15.61 10.88 44.19
C SER S 217 -14.50 11.03 43.14
N THR S 218 -14.63 12.03 42.25
CA THR S 218 -13.65 12.29 41.17
C THR S 218 -12.24 12.57 41.68
N ASN S 219 -12.13 13.29 42.80
CA ASN S 219 -10.82 13.61 43.36
C ASN S 219 -10.52 13.09 44.77
N TYR S 220 -11.41 12.26 45.30
CA TYR S 220 -11.22 11.73 46.65
C TYR S 220 -11.22 10.23 46.65
N VAL S 221 -10.42 9.66 47.53
CA VAL S 221 -10.30 8.21 47.60
C VAL S 221 -10.30 7.62 49.01
N GLU S 222 -10.55 6.31 49.09
CA GLU S 222 -10.49 5.58 50.36
C GLU S 222 -9.43 4.47 50.10
N THR S 223 -8.63 4.12 51.09
CA THR S 223 -7.58 3.11 50.94
C THR S 223 -7.50 1.96 51.95
N ASN S 224 -7.46 0.73 51.47
CA ASN S 224 -7.42 -0.41 52.36
C ASN S 224 -6.23 -1.33 52.19
N PHE S 225 -5.56 -1.68 53.29
CA PHE S 225 -4.39 -2.59 53.23
C PHE S 225 -4.80 -3.98 53.73
N ARG S 226 -4.58 -4.96 52.85
CA ARG S 226 -4.96 -6.35 53.05
C ARG S 226 -3.86 -7.43 53.25
N ASN S 227 -4.12 -8.47 54.06
CA ASN S 227 -3.16 -9.59 54.29
C ASN S 227 -3.10 -10.50 53.06
N THR S 228 -1.96 -11.17 52.85
CA THR S 228 -1.77 -12.05 51.68
C THR S 228 -1.43 -13.50 51.95
N SER S 229 -1.30 -13.84 53.22
CA SER S 229 -1.01 -15.20 53.61
C SER S 229 0.36 -15.66 53.16
N ALA S 230 1.35 -14.81 53.37
CA ALA S 230 2.73 -15.15 53.03
C ALA S 230 3.64 -15.18 54.29
N VAL S 231 4.79 -15.83 54.21
CA VAL S 231 5.69 -15.93 55.37
C VAL S 231 6.72 -14.81 55.50
N ILE S 232 6.98 -14.37 56.74
CA ILE S 232 7.99 -13.35 56.95
C ILE S 232 8.86 -13.68 58.14
N LYS S 233 10.16 -13.66 57.92
CA LYS S 233 11.14 -13.95 58.95
C LYS S 233 12.27 -12.92 58.93
N PHE S 234 13.00 -12.83 60.04
CA PHE S 234 14.14 -11.91 60.11
C PHE S 234 15.47 -12.61 60.38
N ASP S 235 16.45 -12.37 59.52
CA ASP S 235 17.75 -13.03 59.60
C ASP S 235 18.60 -12.73 60.83
N ARG S 236 18.72 -11.46 61.21
CA ARG S 236 19.65 -11.06 62.26
C ARG S 236 19.25 -9.79 63.04
N PHE S 237 19.85 -9.63 64.22
CA PHE S 237 19.65 -8.44 65.05
C PHE S 237 20.97 -7.68 65.26
N VAL S 238 20.95 -6.37 65.03
CA VAL S 238 22.10 -5.53 65.26
C VAL S 238 21.70 -4.56 66.35
N ASN S 239 22.59 -4.34 67.31
CA ASN S 239 22.20 -3.59 68.49
C ASN S 239 21.69 -2.22 68.11
N THR S 240 20.58 -1.84 68.72
CA THR S 240 19.84 -0.62 68.41
C THR S 240 18.38 -0.86 68.73
N HIS S 241 17.55 0.15 68.50
CA HIS S 241 16.10 -0.02 68.65
C HIS S 241 15.31 1.05 67.90
N TYR S 242 14.03 0.82 67.70
CA TYR S 242 13.19 1.81 67.07
C TYR S 242 12.18 2.39 68.03
N SER S 243 12.13 3.72 68.09
CA SER S 243 11.19 4.41 68.95
C SER S 243 10.95 3.68 70.26
N PRO S 244 12.02 3.38 71.03
CA PRO S 244 11.87 2.66 72.30
C PRO S 244 11.36 3.45 73.50
N ASP S 245 10.56 2.78 74.32
CA ASP S 245 9.99 3.34 75.54
C ASP S 245 10.76 2.71 76.73
N THR S 246 11.61 3.50 77.39
CA THR S 246 12.40 3.02 78.53
C THR S 246 11.56 2.58 79.74
N GLN S 247 10.52 3.37 80.02
CA GLN S 247 9.59 3.14 81.15
C GLN S 247 8.80 1.83 81.04
N ASN S 248 8.30 1.52 79.85
CA ASN S 248 7.51 0.33 79.63
C ASN S 248 8.21 -0.85 78.96
N ASN S 249 9.50 -0.71 78.66
CA ASN S 249 10.24 -1.79 78.00
C ASN S 249 9.75 -2.06 76.60
N ASN S 250 9.19 -1.05 75.95
CA ASN S 250 8.67 -1.17 74.57
C ASN S 250 9.72 -0.80 73.53
N GLY S 251 9.79 -1.56 72.44
CA GLY S 251 10.77 -1.28 71.41
C GLY S 251 10.77 -2.22 70.22
N VAL S 252 11.41 -1.78 69.16
CA VAL S 252 11.44 -2.58 67.96
C VAL S 252 12.84 -3.04 67.62
N PRO S 253 13.09 -4.34 67.71
CA PRO S 253 14.42 -4.89 67.38
C PRO S 253 14.78 -4.65 65.90
N ILE S 254 16.06 -4.42 65.60
CA ILE S 254 16.49 -4.20 64.22
C ILE S 254 17.39 -5.35 63.76
N PHE S 255 17.05 -5.96 62.63
CA PHE S 255 17.83 -7.08 62.11
C PHE S 255 18.47 -6.72 60.78
N ASP S 256 19.67 -7.25 60.51
CA ASP S 256 20.35 -6.96 59.23
C ASP S 256 19.79 -7.65 58.00
N VAL S 257 19.16 -8.82 58.16
CA VAL S 257 18.55 -9.48 57.00
C VAL S 257 17.08 -9.86 57.13
N ALA S 258 16.35 -9.59 56.04
CA ALA S 258 14.91 -9.88 55.95
C ALA S 258 14.65 -10.89 54.85
N SER S 259 13.77 -11.84 55.15
CA SER S 259 13.43 -12.95 54.24
C SER S 259 11.93 -13.14 53.99
N ALA S 260 11.58 -13.67 52.83
CA ALA S 260 10.17 -13.91 52.45
C ALA S 260 10.00 -15.28 51.77
N SER S 261 8.74 -15.67 51.61
CA SER S 261 8.38 -17.01 51.14
C SER S 261 7.38 -16.94 50.00
N GLN S 262 6.71 -18.06 49.76
CA GLN S 262 5.74 -18.18 48.69
C GLN S 262 4.58 -17.21 48.87
N SER S 263 4.07 -16.71 47.75
CA SER S 263 2.94 -15.78 47.69
C SER S 263 3.36 -14.32 47.77
N ASN S 264 2.37 -13.44 47.68
CA ASN S 264 2.63 -12.00 47.59
C ASN S 264 3.15 -11.33 48.86
N PHE S 265 3.84 -10.22 48.66
CA PHE S 265 4.46 -9.47 49.76
C PHE S 265 4.76 -8.05 49.26
N ALA S 266 4.74 -7.11 50.19
CA ALA S 266 5.00 -5.72 49.85
C ALA S 266 6.25 -5.19 50.54
N VAL S 267 6.73 -4.05 50.05
CA VAL S 267 7.89 -3.38 50.63
C VAL S 267 7.47 -1.92 50.95
N VAL S 268 7.67 -1.47 52.19
CA VAL S 268 7.29 -0.08 52.55
C VAL S 268 8.55 0.78 52.73
N ILE S 269 8.71 1.82 51.92
CA ILE S 269 9.89 2.64 52.03
C ILE S 269 9.64 4.09 52.37
N TRP S 270 10.31 4.57 53.42
CA TRP S 270 10.15 5.96 53.81
C TRP S 270 11.37 6.88 53.87
N CYS S 271 11.57 7.65 52.79
CA CYS S 271 12.68 8.58 52.68
C CYS S 271 12.18 10.01 52.55
N PRO S 272 12.35 10.82 53.61
CA PRO S 272 11.92 12.21 53.68
C PRO S 272 12.50 13.11 52.60
N ASN S 273 13.62 12.72 52.01
CA ASN S 273 14.26 13.53 50.97
C ASN S 273 13.54 13.54 49.61
N VAL S 274 12.68 12.55 49.34
CA VAL S 274 11.94 12.48 48.05
C VAL S 274 10.77 13.47 47.95
N ASN S 275 10.80 14.31 46.92
CA ASN S 275 9.76 15.32 46.69
C ASN S 275 9.07 15.12 45.34
N PRO S 276 7.79 14.72 45.36
CA PRO S 276 6.96 14.48 44.18
C PRO S 276 6.80 15.69 43.24
N ASN S 277 6.81 16.89 43.77
CA ASN S 277 6.64 18.09 42.94
C ASN S 277 7.81 18.39 42.00
N VAL S 278 9.00 17.91 42.33
CA VAL S 278 10.19 18.15 41.49
C VAL S 278 10.82 16.90 40.86
N MET S 279 10.42 15.72 41.32
CA MET S 279 10.94 14.46 40.81
C MET S 279 9.90 13.72 39.93
N GLN S 280 10.28 13.41 38.69
CA GLN S 280 9.36 12.74 37.77
C GLN S 280 9.17 11.26 38.15
N SER S 281 10.26 10.62 38.57
CA SER S 281 10.28 9.21 38.95
C SER S 281 11.48 8.85 39.83
N VAL S 282 11.39 7.74 40.55
CA VAL S 282 12.50 7.27 41.37
C VAL S 282 12.74 5.79 41.04
N ASP S 283 13.80 5.25 41.59
CA ASP S 283 14.14 3.86 41.37
C ASP S 283 14.57 3.19 42.64
N VAL S 284 14.32 1.88 42.74
CA VAL S 284 14.69 1.09 43.92
C VAL S 284 15.62 -0.08 43.55
N LYS S 285 16.58 -0.36 44.42
CA LYS S 285 17.53 -1.43 44.18
C LYS S 285 17.64 -2.33 45.40
N MET S 286 17.62 -3.64 45.15
CA MET S 286 17.74 -4.61 46.23
C MET S 286 19.03 -5.40 46.08
N VAL S 287 19.71 -5.62 47.20
CA VAL S 287 20.96 -6.39 47.20
C VAL S 287 20.75 -7.67 47.97
N PHE S 288 20.91 -8.80 47.28
CA PHE S 288 20.73 -10.10 47.89
C PHE S 288 21.82 -10.57 48.80
N SER S 289 21.54 -11.60 49.58
CA SER S 289 22.55 -12.17 50.48
C SER S 289 23.72 -12.77 49.67
N ASP S 290 23.40 -13.41 48.55
CA ASP S 290 24.41 -14.00 47.67
C ASP S 290 25.22 -12.96 46.87
N GLY S 291 24.78 -11.70 46.88
CA GLY S 291 25.49 -10.66 46.17
C GLY S 291 24.86 -10.21 44.85
N SER S 292 23.91 -10.95 44.30
CA SER S 292 23.26 -10.55 43.05
C SER S 292 22.34 -9.36 43.32
N THR S 293 21.88 -8.67 42.27
CA THR S 293 20.99 -7.53 42.49
C THR S 293 19.77 -7.49 41.59
N TRP S 294 18.74 -6.77 42.02
CA TRP S 294 17.49 -6.64 41.28
C TRP S 294 16.97 -5.21 41.38
N GLU S 295 16.40 -4.70 40.30
CA GLU S 295 15.86 -3.33 40.30
C GLU S 295 14.51 -3.19 39.64
N ALA S 296 13.71 -2.25 40.13
CA ALA S 296 12.36 -1.98 39.63
C ALA S 296 12.15 -0.49 39.41
N SER S 297 11.12 -0.14 38.65
CA SER S 297 10.87 1.26 38.34
C SER S 297 9.53 1.77 38.84
N VAL S 298 9.56 2.88 39.55
CA VAL S 298 8.32 3.48 40.10
C VAL S 298 8.01 4.92 39.69
N PRO S 299 6.91 5.18 38.94
CA PRO S 299 6.60 6.56 38.56
C PRO S 299 6.07 7.27 39.80
N LEU S 300 6.34 8.55 39.89
CA LEU S 300 5.91 9.36 41.03
C LEU S 300 4.88 10.40 40.59
N SER S 301 4.99 10.83 39.34
CA SER S 301 4.08 11.82 38.79
C SER S 301 2.64 11.52 39.15
N ILE S 302 1.90 12.55 39.54
CA ILE S 302 0.49 12.39 39.88
C ILE S 302 -0.21 11.55 38.83
N THR S 303 -0.14 12.02 37.58
CA THR S 303 -0.75 11.32 36.46
C THR S 303 -0.83 12.22 35.23
N VAL T 1 80.56 -59.33 64.13
CA VAL T 1 80.32 -59.14 62.67
C VAL T 1 78.82 -59.08 62.36
N SER T 2 78.04 -58.99 63.44
CA SER T 2 76.59 -58.89 63.41
C SER T 2 76.07 -57.80 62.46
N PRO T 3 76.47 -56.53 62.70
CA PRO T 3 75.98 -55.48 61.79
C PRO T 3 76.17 -55.80 60.28
N VAL T 4 77.35 -56.30 59.90
CA VAL T 4 77.60 -56.59 58.50
C VAL T 4 76.65 -57.57 57.83
N ILE T 5 76.27 -58.62 58.54
CA ILE T 5 75.36 -59.62 58.00
C ILE T 5 73.93 -59.10 58.02
N ALA T 6 73.57 -58.38 59.08
CA ALA T 6 72.23 -57.83 59.23
C ALA T 6 71.89 -56.87 58.09
N THR T 7 72.77 -55.90 57.86
CA THR T 7 72.56 -54.94 56.79
C THR T 7 72.30 -55.58 55.44
N LEU T 8 73.04 -56.66 55.12
CA LEU T 8 72.90 -57.34 53.83
C LEU T 8 71.55 -57.96 53.58
N LEU T 9 71.04 -58.62 54.60
CA LEU T 9 69.75 -59.21 54.46
C LEU T 9 68.64 -58.17 54.32
N LEU T 10 68.81 -57.01 54.96
CA LEU T 10 67.82 -55.92 54.91
C LEU T 10 67.74 -55.26 53.54
N ILE T 11 68.90 -55.11 52.87
CA ILE T 11 69.02 -54.53 51.53
C ILE T 11 68.28 -55.38 50.50
N LEU T 12 68.51 -56.68 50.56
CA LEU T 12 67.86 -57.59 49.64
C LEU T 12 66.34 -57.55 49.75
N ILE T 13 65.83 -57.50 50.99
CA ILE T 13 64.39 -57.49 51.28
C ILE T 13 63.64 -56.30 50.70
N ALA T 14 64.21 -55.10 50.89
CA ALA T 14 63.63 -53.87 50.37
C ALA T 14 63.63 -53.83 48.81
N VAL T 15 64.66 -54.39 48.18
CA VAL T 15 64.76 -54.43 46.72
C VAL T 15 63.66 -55.30 46.12
N ALA T 16 63.44 -56.47 46.73
CA ALA T 16 62.41 -57.43 46.30
C ALA T 16 60.99 -56.87 46.39
N ALA T 17 60.70 -56.15 47.47
CA ALA T 17 59.38 -55.56 47.66
C ALA T 17 59.13 -54.41 46.66
N ALA T 18 60.16 -53.63 46.33
CA ALA T 18 60.00 -52.53 45.39
C ALA T 18 59.65 -53.01 43.99
N VAL T 19 60.30 -54.09 43.57
CA VAL T 19 60.04 -54.65 42.25
C VAL T 19 58.63 -55.22 42.20
N LEU T 20 58.18 -55.78 43.33
CA LEU T 20 56.85 -56.33 43.39
C LEU T 20 55.82 -55.19 43.31
N LEU T 21 56.15 -54.02 43.86
CA LEU T 21 55.23 -52.87 43.81
C LEU T 21 54.98 -52.43 42.40
N TYR T 22 56.05 -52.46 41.60
CA TYR T 22 55.99 -52.07 40.20
C TYR T 22 55.03 -52.92 39.40
N THR T 23 55.15 -54.24 39.52
CA THR T 23 54.30 -55.15 38.78
C THR T 23 52.85 -54.93 39.15
N TRP T 24 52.60 -54.77 40.43
CA TRP T 24 51.25 -54.57 40.90
C TRP T 24 50.65 -53.23 40.42
N VAL T 25 51.45 -52.17 40.44
CA VAL T 25 50.99 -50.85 40.02
C VAL T 25 50.65 -50.85 38.54
N SER T 26 51.57 -51.32 37.72
CA SER T 26 51.35 -51.33 36.28
C SER T 26 50.22 -52.27 35.88
N GLY T 27 50.07 -53.37 36.59
CA GLY T 27 48.97 -54.26 36.27
C GLY T 27 47.70 -53.51 36.65
N LEU T 28 47.69 -52.77 37.75
CA LEU T 28 46.48 -52.02 38.19
C LEU T 28 46.01 -51.03 37.13
N SER T 29 46.97 -50.42 36.46
CA SER T 29 46.66 -49.47 35.42
C SER T 29 46.21 -50.23 34.15
N ALA T 30 45.61 -49.51 33.21
CA ALA T 30 45.13 -50.08 31.94
C ALA T 30 44.12 -51.17 32.23
N ASN T 31 43.52 -51.07 33.42
CA ASN T 31 42.51 -52.02 33.84
C ASN T 31 41.21 -51.25 34.09
N VAL T 32 40.86 -50.34 33.19
CA VAL T 32 39.61 -49.61 33.30
C VAL T 32 38.87 -49.71 31.96
N ALA T 33 37.64 -50.22 32.03
CA ALA T 33 36.76 -50.47 30.89
C ALA T 33 36.18 -49.22 30.27
N GLY T 34 35.32 -48.52 31.02
CA GLY T 34 34.70 -47.31 30.49
C GLY T 34 33.36 -47.50 29.77
N THR T 35 33.11 -46.67 28.75
CA THR T 35 31.85 -46.71 27.99
C THR T 35 31.94 -46.18 26.57
N GLN T 36 30.83 -46.36 25.88
CA GLN T 36 30.70 -45.89 24.53
C GLN T 36 29.67 -44.80 24.66
N VAL T 37 29.64 -43.91 23.67
CA VAL T 37 28.68 -42.84 23.63
C VAL T 37 27.73 -43.15 22.49
N THR T 38 26.47 -43.36 22.87
CA THR T 38 25.41 -43.70 21.95
C THR T 38 25.34 -42.58 20.94
N GLY T 39 25.04 -42.97 19.71
CA GLY T 39 24.96 -42.01 18.65
C GLY T 39 23.83 -41.07 18.87
N LYS T 40 23.75 -40.12 17.95
CA LYS T 40 22.73 -39.11 17.97
C LYS T 40 21.46 -39.82 17.77
N SER T 41 20.40 -39.23 18.31
CA SER T 41 19.10 -39.82 18.20
C SER T 41 18.76 -40.17 16.77
N LEU T 42 18.07 -41.29 16.70
CA LEU T 42 17.61 -41.89 15.48
C LEU T 42 16.49 -41.03 14.93
N THR T 43 16.57 -40.72 13.63
CA THR T 43 15.50 -39.94 13.03
C THR T 43 14.26 -40.82 12.89
N LEU T 44 13.11 -40.22 13.07
CA LEU T 44 11.85 -40.92 13.04
C LEU T 44 11.32 -40.95 11.61
N ILE T 45 11.32 -42.14 11.01
CA ILE T 45 10.82 -42.27 9.64
C ILE T 45 9.29 -42.30 9.65
N GLN T 46 8.69 -42.91 10.67
CA GLN T 46 7.22 -42.97 10.78
C GLN T 46 6.80 -43.45 12.16
N ALA T 47 5.56 -43.12 12.54
CA ALA T 47 4.97 -43.54 13.79
C ALA T 47 3.57 -43.84 13.35
N THR T 48 3.13 -45.05 13.62
CA THR T 48 1.77 -45.45 13.24
C THR T 48 1.22 -46.63 14.06
N TRP T 49 -0.01 -47.04 13.78
CA TRP T 49 -0.63 -48.12 14.53
C TRP T 49 -1.76 -48.80 13.77
N ALA T 50 -1.98 -50.09 14.07
CA ALA T 50 -3.06 -50.87 13.44
C ALA T 50 -3.74 -51.81 14.45
N ARG T 51 -4.89 -52.38 14.04
CA ARG T 51 -5.63 -53.27 14.91
C ARG T 51 -5.15 -54.71 14.84
N PRO T 52 -4.85 -55.32 16.01
CA PRO T 52 -4.37 -56.70 16.10
C PRO T 52 -5.50 -57.70 15.94
N ALA T 53 -5.12 -58.96 15.77
CA ALA T 53 -6.08 -60.02 15.62
C ALA T 53 -5.80 -61.00 16.72
N THR T 54 -6.77 -61.23 17.60
CA THR T 54 -6.59 -62.22 18.66
C THR T 54 -7.32 -63.53 18.30
N ASN T 55 -8.27 -63.45 17.38
CA ASN T 55 -8.99 -64.65 16.96
C ASN T 55 -8.44 -65.14 15.66
N VAL T 56 -7.71 -66.26 15.71
CA VAL T 56 -7.05 -66.82 14.55
C VAL T 56 -7.47 -68.25 14.35
N GLY T 57 -7.91 -68.55 13.13
CA GLY T 57 -8.31 -69.90 12.75
C GLY T 57 -7.28 -70.39 11.76
N THR T 58 -7.64 -71.35 10.91
CA THR T 58 -6.72 -71.86 9.89
C THR T 58 -6.77 -70.94 8.65
N THR T 59 -7.83 -70.11 8.60
CA THR T 59 -8.06 -69.07 7.56
C THR T 59 -8.60 -67.83 8.29
N ILE T 60 -8.21 -66.66 7.78
CA ILE T 60 -8.60 -65.39 8.35
C ILE T 60 -9.62 -64.59 7.52
N SER T 61 -10.65 -64.09 8.21
CA SER T 61 -11.70 -63.28 7.59
C SER T 61 -11.38 -61.86 8.00
N LYS T 62 -12.18 -60.91 7.55
CA LYS T 62 -11.90 -59.53 7.92
C LYS T 62 -12.39 -59.25 9.33
N ASP T 63 -13.30 -60.10 9.81
CA ASP T 63 -13.86 -60.00 11.16
C ASP T 63 -13.02 -60.73 12.20
N SER T 64 -11.91 -61.33 11.76
CA SER T 64 -11.02 -62.00 12.70
C SER T 64 -10.14 -60.96 13.42
N PHE T 65 -10.13 -59.74 12.90
CA PHE T 65 -9.38 -58.62 13.45
C PHE T 65 -10.23 -57.84 14.41
N ASP T 66 -9.68 -57.56 15.58
CA ASP T 66 -10.38 -56.85 16.66
C ASP T 66 -10.55 -55.35 16.54
N ARG T 67 -11.50 -54.82 17.31
CA ARG T 67 -11.77 -53.40 17.34
C ARG T 67 -11.51 -52.89 18.75
N SER T 68 -11.09 -51.62 18.79
CA SER T 68 -10.76 -50.93 20.04
C SER T 68 -9.50 -51.52 20.72
N LYS T 69 -8.58 -52.01 19.88
CA LYS T 69 -7.32 -52.58 20.34
C LYS T 69 -6.30 -51.93 19.44
N ALA T 70 -5.06 -51.80 19.91
CA ALA T 70 -4.03 -51.15 19.09
C ALA T 70 -2.62 -51.69 19.30
N VAL T 71 -1.81 -51.70 18.25
CA VAL T 71 -0.42 -52.14 18.33
C VAL T 71 0.40 -50.99 17.77
N LEU T 72 1.42 -50.56 18.50
CA LEU T 72 2.22 -49.42 18.06
C LEU T 72 3.44 -49.74 17.15
N ILE T 73 3.60 -49.02 16.04
CA ILE T 73 4.76 -49.23 15.16
C ILE T 73 5.65 -48.02 15.00
N LEU T 74 6.95 -48.26 15.03
CA LEU T 74 7.91 -47.17 14.95
C LEU T 74 9.09 -47.47 14.04
N SER T 75 9.44 -46.52 13.19
CA SER T 75 10.59 -46.71 12.30
C SER T 75 11.70 -45.69 12.56
N PHE T 76 12.89 -46.20 12.89
CA PHE T 76 14.07 -45.36 13.16
C PHE T 76 15.24 -45.60 12.22
N GLN T 77 15.91 -44.51 11.83
CA GLN T 77 17.10 -44.52 10.95
C GLN T 77 18.30 -43.85 11.66
N PRO T 78 19.24 -44.66 12.13
CA PRO T 78 20.41 -44.14 12.81
C PRO T 78 21.27 -43.41 11.82
N PRO T 79 22.02 -42.35 12.31
CA PRO T 79 22.88 -41.72 11.31
C PRO T 79 24.28 -42.23 11.49
N ALA T 80 24.90 -42.70 10.41
CA ALA T 80 26.15 -43.44 10.49
C ALA T 80 27.33 -42.68 11.07
N GLN T 81 27.43 -41.40 10.72
CA GLN T 81 28.67 -40.63 10.88
C GLN T 81 28.81 -39.82 12.17
N VAL T 82 27.93 -40.05 13.13
CA VAL T 82 27.90 -39.22 14.34
C VAL T 82 29.20 -39.25 15.11
N LEU T 83 29.65 -38.05 15.50
CA LEU T 83 30.89 -37.78 16.25
C LEU T 83 31.81 -38.96 16.50
N GLN T 84 31.61 -39.63 17.64
CA GLN T 84 32.30 -40.87 17.94
C GLN T 84 31.30 -42.00 18.01
N GLY T 85 30.08 -41.71 17.60
CA GLY T 85 28.96 -42.59 17.86
C GLY T 85 29.23 -44.04 17.55
N GLY T 86 28.71 -44.90 18.42
CA GLY T 86 28.83 -46.33 18.29
C GLY T 86 28.04 -46.95 17.15
N GLN T 87 28.58 -48.02 16.60
CA GLN T 87 27.95 -48.76 15.52
C GLN T 87 26.62 -49.38 15.92
N ALA T 88 26.55 -49.90 17.16
CA ALA T 88 25.37 -50.62 17.62
C ALA T 88 24.64 -49.93 18.77
N ILE T 89 23.31 -49.86 18.67
CA ILE T 89 22.49 -49.19 19.68
C ILE T 89 21.75 -50.23 20.54
N THR T 90 21.86 -50.11 21.87
CA THR T 90 21.25 -51.12 22.76
C THR T 90 20.17 -50.55 23.66
N ILE T 91 19.09 -51.32 23.84
CA ILE T 91 17.98 -50.90 24.65
C ILE T 91 17.65 -51.85 25.79
N ASP T 92 17.81 -51.40 27.05
CA ASP T 92 17.45 -52.25 28.16
C ASP T 92 15.98 -52.12 28.54
N ALA T 93 15.37 -50.94 28.41
CA ALA T 93 13.96 -50.76 28.79
C ALA T 93 13.12 -49.82 27.91
N ILE T 94 11.91 -50.27 27.54
CA ILE T 94 10.99 -49.51 26.71
C ILE T 94 9.73 -49.20 27.52
N ASP T 95 9.24 -47.96 27.46
CA ASP T 95 8.07 -47.57 28.25
C ASP T 95 7.00 -46.81 27.51
N VAL T 96 5.75 -46.98 27.94
CA VAL T 96 4.63 -46.28 27.32
C VAL T 96 4.00 -45.34 28.36
N LEU T 97 3.99 -44.03 28.05
CA LEU T 97 3.47 -42.98 28.93
C LEU T 97 2.28 -42.19 28.41
N TYR T 98 1.42 -41.81 29.32
CA TYR T 98 0.24 -41.06 28.96
C TYR T 98 -0.07 -40.12 30.09
N GLN T 99 -0.01 -38.82 29.79
CA GLN T 99 -0.24 -37.73 30.78
C GLN T 99 0.94 -37.64 31.76
N GLY T 100 2.12 -38.09 31.33
CA GLY T 100 3.29 -38.08 32.19
C GLY T 100 3.34 -39.25 33.18
N ARG T 101 2.44 -40.23 33.05
CA ARG T 101 2.38 -41.41 33.91
C ARG T 101 2.67 -42.64 33.06
N VAL T 102 3.13 -43.70 33.72
CA VAL T 102 3.46 -44.91 32.99
C VAL T 102 2.36 -45.94 32.84
N VAL T 103 1.92 -46.17 31.61
CA VAL T 103 0.88 -47.14 31.32
C VAL T 103 1.42 -48.57 31.50
N CYS T 104 2.62 -48.86 30.97
CA CYS T 104 3.24 -50.20 31.09
C CYS T 104 4.78 -50.10 30.96
N HIS T 105 5.48 -51.08 31.50
CA HIS T 105 6.94 -51.07 31.47
C HIS T 105 7.50 -52.39 30.96
N TYR T 106 8.46 -52.34 30.05
CA TYR T 106 9.08 -53.56 29.51
C TYR T 106 10.58 -53.51 29.81
N ASP T 107 11.07 -54.49 30.55
CA ASP T 107 12.50 -54.50 30.90
C ASP T 107 13.37 -55.45 30.12
N SER T 108 12.66 -56.39 29.48
CA SER T 108 13.24 -57.46 28.65
C SER T 108 12.38 -57.63 27.39
N PHE T 109 12.82 -58.50 26.47
CA PHE T 109 12.11 -58.73 25.20
C PHE T 109 12.11 -60.17 24.73
N PRO T 110 11.06 -60.57 24.01
CA PRO T 110 11.00 -61.94 23.50
C PRO T 110 11.92 -62.01 22.26
N MET T 111 12.59 -63.14 22.03
CA MET T 111 13.50 -63.27 20.86
C MET T 111 12.76 -63.08 19.53
N THR T 112 13.40 -62.38 18.61
CA THR T 112 12.78 -62.17 17.32
C THR T 112 13.18 -63.22 16.30
N ALA T 113 12.26 -63.50 15.37
CA ALA T 113 12.49 -64.50 14.35
C ALA T 113 13.73 -64.23 13.51
N ASP T 114 13.92 -62.98 13.13
CA ASP T 114 15.06 -62.60 12.34
C ASP T 114 16.29 -62.46 13.24
N ASP T 115 16.82 -63.61 13.65
CA ASP T 115 18.01 -63.67 14.48
C ASP T 115 18.64 -65.01 14.22
N LYS T 116 19.59 -65.00 13.29
CA LYS T 116 20.28 -66.21 12.88
C LYS T 116 21.08 -66.89 13.97
N TYR T 117 21.72 -66.10 14.81
CA TYR T 117 22.54 -66.63 15.88
C TYR T 117 21.80 -67.54 16.86
N HIS T 118 20.67 -67.05 17.37
CA HIS T 118 19.86 -67.79 18.34
C HIS T 118 18.72 -68.66 17.80
N ILE T 119 18.46 -68.58 16.49
CA ILE T 119 17.37 -69.35 15.89
C ILE T 119 17.51 -70.87 15.94
N GLY T 120 18.68 -71.42 15.66
CA GLY T 120 18.81 -72.87 15.69
C GLY T 120 19.47 -73.44 16.92
N GLN T 121 19.08 -72.94 18.09
CA GLN T 121 19.64 -73.42 19.34
C GLN T 121 18.59 -73.83 20.32
N THR T 122 19.02 -74.62 21.31
CA THR T 122 18.14 -75.07 22.37
C THR T 122 18.44 -74.36 23.68
N ILE T 123 17.50 -73.53 24.12
CA ILE T 123 17.71 -72.77 25.34
C ILE T 123 16.75 -73.11 26.46
N GLY T 124 17.33 -73.57 27.56
CA GLY T 124 16.52 -73.95 28.68
C GLY T 124 15.62 -75.14 28.35
N GLY T 125 16.15 -76.11 27.60
CA GLY T 125 15.37 -77.30 27.25
C GLY T 125 14.33 -77.22 26.15
N LEU T 126 14.17 -76.05 25.56
CA LEU T 126 13.19 -75.85 24.48
C LEU T 126 13.91 -75.17 23.30
N THR T 127 13.73 -75.70 22.10
CA THR T 127 14.34 -75.11 20.92
C THR T 127 13.84 -73.68 20.73
N ALA T 128 14.59 -72.87 19.99
CA ALA T 128 14.22 -71.47 19.83
C ALA T 128 13.44 -71.09 18.58
N PHE T 129 12.37 -70.36 18.81
CA PHE T 129 11.55 -69.87 17.72
C PHE T 129 11.31 -68.40 17.98
N GLY T 130 11.30 -67.62 16.91
CA GLY T 130 11.06 -66.21 17.04
C GLY T 130 9.67 -65.81 16.65
N LEU T 131 9.51 -64.50 16.60
CA LEU T 131 8.26 -63.91 16.27
C LEU T 131 8.12 -63.53 14.76
N VAL T 132 6.95 -63.83 14.21
CA VAL T 132 6.70 -63.51 12.81
C VAL T 132 5.45 -62.66 12.56
N PHE T 133 5.61 -61.65 11.69
CA PHE T 133 4.53 -60.69 11.29
C PHE T 133 4.14 -60.69 9.79
N TRP T 134 2.88 -61.03 9.47
CA TRP T 134 2.43 -61.11 8.06
C TRP T 134 1.48 -60.03 7.49
N SER T 196 -3.30 -65.35 17.64
CA SER T 196 -2.13 -65.57 18.45
C SER T 196 -1.89 -64.39 19.44
N PHE T 197 -2.81 -63.43 19.61
CA PHE T 197 -2.55 -62.34 20.58
C PHE T 197 -3.39 -62.49 21.84
N ASP T 198 -2.76 -62.42 23.01
CA ASP T 198 -3.47 -62.56 24.28
C ASP T 198 -3.33 -61.30 25.13
N ASP T 199 -4.44 -60.84 25.72
CA ASP T 199 -4.43 -59.63 26.56
C ASP T 199 -3.67 -59.75 27.88
N GLN T 200 -3.46 -60.99 28.30
CA GLN T 200 -2.74 -61.30 29.53
C GLN T 200 -1.21 -61.29 29.34
N TYR T 201 -0.74 -61.22 28.10
CA TYR T 201 0.69 -61.24 27.82
C TYR T 201 1.21 -60.12 26.92
N PRO T 202 1.37 -58.91 27.49
CA PRO T 202 1.85 -57.77 26.73
C PRO T 202 3.37 -57.93 26.44
N PHE T 203 3.83 -57.37 25.32
CA PHE T 203 5.24 -57.48 24.99
C PHE T 203 5.71 -56.46 23.95
N ALA T 204 7.02 -56.28 23.93
CA ALA T 204 7.70 -55.38 22.98
C ALA T 204 8.90 -56.13 22.35
N THR T 205 9.37 -55.67 21.19
CA THR T 205 10.48 -56.33 20.51
C THR T 205 11.00 -55.55 19.28
N ILE T 206 12.21 -55.89 18.84
CA ILE T 206 12.88 -55.25 17.68
C ILE T 206 12.84 -56.10 16.38
N LEU T 207 12.35 -55.54 15.27
CA LEU T 207 12.34 -56.27 13.99
C LEU T 207 12.84 -55.36 12.85
N ALA T 208 13.66 -55.91 11.96
CA ALA T 208 14.20 -55.16 10.83
C ALA T 208 13.25 -54.98 9.66
N GLY T 209 12.62 -53.80 9.61
CA GLY T 209 11.69 -53.47 8.54
C GLY T 209 10.89 -52.17 8.67
N THR T 210 9.93 -51.97 7.76
CA THR T 210 9.06 -50.78 7.79
C THR T 210 7.61 -51.17 7.47
N TRP T 211 6.68 -50.28 7.79
CA TRP T 211 5.28 -50.53 7.56
C TRP T 211 4.72 -49.72 6.39
N GLU T 212 3.96 -50.38 5.51
CA GLU T 212 3.34 -49.73 4.32
C GLU T 212 1.83 -49.85 4.31
N VAL T 213 1.17 -48.78 3.92
CA VAL T 213 -0.28 -48.72 3.85
C VAL T 213 -0.73 -48.47 2.41
N ASN T 214 -1.71 -49.24 1.93
CA ASN T 214 -2.25 -49.14 0.56
C ASN T 214 -3.76 -48.97 0.60
N TYR T 215 -4.29 -48.00 -0.12
CA TYR T 215 -5.73 -47.77 -0.11
C TYR T 215 -6.52 -48.39 -1.26
N VAL T 216 -7.35 -49.41 -0.98
CA VAL T 216 -8.18 -50.06 -2.02
C VAL T 216 -9.35 -49.11 -2.35
N SER T 217 -10.00 -48.63 -1.30
CA SER T 217 -11.14 -47.73 -1.44
C SER T 217 -10.98 -46.55 -0.48
N THR T 218 -11.99 -45.68 -0.40
CA THR T 218 -11.98 -44.50 0.48
C THR T 218 -11.80 -44.83 1.95
N ASN T 219 -12.42 -45.92 2.40
CA ASN T 219 -12.31 -46.30 3.81
C ASN T 219 -11.69 -47.69 4.11
N TYR T 220 -11.15 -48.32 3.06
CA TYR T 220 -10.54 -49.63 3.24
C TYR T 220 -9.11 -49.65 2.78
N VAL T 221 -8.30 -50.43 3.48
CA VAL T 221 -6.88 -50.50 3.15
C VAL T 221 -6.28 -51.90 3.14
N GLU T 222 -5.11 -52.02 2.52
CA GLU T 222 -4.36 -53.27 2.51
C GLU T 222 -2.98 -52.90 3.13
N THR T 223 -2.38 -53.80 3.89
CA THR T 223 -1.10 -53.52 4.56
C THR T 223 0.04 -54.53 4.41
N ASN T 224 1.23 -54.04 4.01
CA ASN T 224 2.34 -54.93 3.81
C ASN T 224 3.57 -54.62 4.64
N PHE T 225 4.15 -55.64 5.29
CA PHE T 225 5.36 -55.45 6.11
C PHE T 225 6.58 -56.00 5.37
N ARG T 226 7.54 -55.11 5.16
CA ARG T 226 8.76 -55.37 4.40
C ARG T 226 10.13 -55.43 5.14
N ASN T 227 11.08 -56.28 4.67
CA ASN T 227 12.44 -56.40 5.26
C ASN T 227 13.29 -55.17 4.90
N THR T 228 14.26 -54.83 5.75
CA THR T 228 15.12 -53.65 5.53
C THR T 228 16.62 -53.90 5.43
N SER T 229 17.02 -55.14 5.60
CA SER T 229 18.41 -55.50 5.50
C SER T 229 19.25 -54.89 6.61
N ALA T 230 18.74 -54.98 7.83
CA ALA T 230 19.49 -54.48 9.00
C ALA T 230 19.82 -55.62 9.99
N VAL T 231 20.80 -55.40 10.86
CA VAL T 231 21.18 -56.45 11.82
C VAL T 231 20.44 -56.45 13.15
N ILE T 232 20.14 -57.64 13.68
CA ILE T 232 19.47 -57.72 14.97
C ILE T 232 20.11 -58.80 15.83
N LYS T 233 20.46 -58.42 17.03
CA LYS T 233 21.07 -59.33 17.99
C LYS T 233 20.43 -59.16 19.38
N PHE T 234 20.60 -60.17 20.23
CA PHE T 234 20.07 -60.10 21.60
C PHE T 234 21.16 -60.21 22.66
N ASP T 235 21.19 -59.24 23.56
CA ASP T 235 22.21 -59.16 24.60
C ASP T 235 22.23 -60.29 25.65
N ARG T 236 21.07 -60.64 26.18
CA ARG T 236 20.99 -61.57 27.31
C ARG T 236 19.69 -62.38 27.42
N PHE T 237 19.75 -63.49 28.15
CA PHE T 237 18.58 -64.32 28.44
C PHE T 237 18.27 -64.36 29.94
N VAL T 238 17.01 -64.12 30.29
CA VAL T 238 16.57 -64.21 31.65
C VAL T 238 15.56 -65.34 31.70
N ASN T 239 15.64 -66.19 32.72
CA ASN T 239 14.85 -67.40 32.72
C ASN T 239 13.37 -67.06 32.61
N THR T 240 12.69 -67.80 31.75
CA THR T 240 11.29 -67.58 31.39
C THR T 240 11.09 -68.07 29.97
N HIS T 241 9.88 -67.94 29.46
CA HIS T 241 9.60 -68.25 28.07
C HIS T 241 8.31 -67.60 27.57
N TYR T 242 8.15 -67.57 26.24
CA TYR T 242 6.93 -67.03 25.68
C TYR T 242 6.09 -68.11 25.03
N SER T 243 4.82 -68.16 25.39
CA SER T 243 3.89 -69.13 24.81
C SER T 243 4.56 -70.46 24.51
N PRO T 244 5.19 -71.09 25.52
CA PRO T 244 5.87 -72.38 25.32
C PRO T 244 5.00 -73.63 25.21
N ASP T 245 5.42 -74.54 24.35
CA ASP T 245 4.75 -75.82 24.12
C ASP T 245 5.63 -76.91 24.79
N THR T 246 5.15 -77.45 25.91
CA THR T 246 5.88 -78.49 26.65
C THR T 246 6.08 -79.81 25.87
N GLN T 247 5.02 -80.21 25.15
CA GLN T 247 4.99 -81.43 24.34
C GLN T 247 6.00 -81.43 23.18
N ASN T 248 6.10 -80.31 22.48
CA ASN T 248 7.00 -80.20 21.33
C ASN T 248 8.30 -79.46 21.56
N ASN T 249 8.55 -79.01 22.79
CA ASN T 249 9.79 -78.26 23.08
C ASN T 249 9.86 -76.93 22.38
N ASN T 250 8.71 -76.34 22.07
CA ASN T 250 8.63 -75.05 21.38
C ASN T 250 8.55 -73.88 22.37
N GLY T 251 9.27 -72.80 22.08
CA GLY T 251 9.26 -71.65 22.97
C GLY T 251 10.12 -70.48 22.53
N VAL T 252 9.87 -69.34 23.15
CA VAL T 252 10.61 -68.16 22.80
C VAL T 252 11.45 -67.65 23.95
N PRO T 253 12.77 -67.72 23.79
CA PRO T 253 13.68 -67.24 24.85
C PRO T 253 13.52 -65.72 25.09
N ILE T 254 13.68 -65.28 26.33
CA ILE T 254 13.56 -63.85 26.64
C ILE T 254 14.92 -63.28 27.09
N PHE T 255 15.36 -62.21 26.46
CA PHE T 255 16.65 -61.60 26.78
C PHE T 255 16.46 -60.21 27.35
N ASP T 256 17.32 -59.80 28.28
CA ASP T 256 17.21 -58.45 28.86
C ASP T 256 17.67 -57.30 27.97
N VAL T 257 18.58 -57.54 27.05
CA VAL T 257 19.00 -56.47 26.14
C VAL T 257 18.92 -56.77 24.65
N ALA T 258 18.41 -55.78 23.91
CA ALA T 258 18.24 -55.86 22.44
C ALA T 258 19.09 -54.81 21.76
N SER T 259 19.75 -55.23 20.67
CA SER T 259 20.67 -54.38 19.92
C SER T 259 20.38 -54.31 18.41
N ALA T 260 20.75 -53.19 17.78
CA ALA T 260 20.55 -53.00 16.34
C ALA T 260 21.78 -52.35 15.68
N SER T 261 21.75 -52.34 14.35
CA SER T 261 22.90 -51.93 13.54
C SER T 261 22.50 -50.92 12.48
N GLN T 262 23.36 -50.77 11.48
CA GLN T 262 23.14 -49.82 10.41
C GLN T 262 21.88 -50.14 9.62
N SER T 263 21.21 -49.08 9.16
CA SER T 263 19.98 -49.15 8.37
C SER T 263 18.72 -49.17 9.22
N ASN T 264 17.58 -49.20 8.55
CA ASN T 264 16.29 -49.07 9.21
C ASN T 264 15.85 -50.26 10.07
N PHE T 265 14.99 -49.96 11.03
CA PHE T 265 14.49 -50.98 11.97
C PHE T 265 13.23 -50.44 12.63
N ALA T 266 12.35 -51.36 13.01
CA ALA T 266 11.09 -50.98 13.63
C ALA T 266 10.99 -51.50 15.06
N VAL T 267 10.03 -50.97 15.80
CA VAL T 267 9.76 -51.39 17.17
C VAL T 267 8.26 -51.75 17.26
N VAL T 268 7.92 -52.95 17.74
CA VAL T 268 6.50 -53.33 17.84
C VAL T 268 6.07 -53.37 19.31
N ILE T 269 5.10 -52.54 19.67
CA ILE T 269 4.68 -52.49 21.06
C ILE T 269 3.23 -52.85 21.31
N TRP T 270 3.01 -53.81 22.21
CA TRP T 270 1.65 -54.22 22.52
C TRP T 270 1.15 -54.12 23.96
N CYS T 271 0.44 -53.01 24.26
CA CYS T 271 -0.11 -52.76 25.59
C CYS T 271 -1.63 -52.68 25.53
N PRO T 272 -2.31 -53.70 26.07
CA PRO T 272 -3.77 -53.82 26.09
C PRO T 272 -4.49 -52.68 26.79
N ASN T 273 -3.79 -51.95 27.65
CA ASN T 273 -4.39 -50.84 28.38
C ASN T 273 -4.67 -49.58 27.55
N VAL T 274 -4.00 -49.42 26.41
CA VAL T 274 -4.19 -48.23 25.53
C VAL T 274 -5.49 -48.27 24.71
N ASN T 275 -6.32 -47.22 24.87
CA ASN T 275 -7.59 -47.12 24.18
C ASN T 275 -7.66 -45.87 23.30
N PRO T 276 -7.66 -46.05 21.98
CA PRO T 276 -7.72 -44.98 20.98
C PRO T 276 -8.94 -44.05 21.09
N ASN T 277 -10.09 -44.58 21.53
CA ASN T 277 -11.30 -43.76 21.64
C ASN T 277 -11.25 -42.68 22.71
N VAL T 278 -10.43 -42.87 23.75
CA VAL T 278 -10.33 -41.89 24.84
C VAL T 278 -8.95 -41.19 24.98
N MET T 279 -7.94 -41.72 24.29
CA MET T 279 -6.59 -41.15 24.34
C MET T 279 -6.24 -40.41 23.03
N GLN T 280 -5.87 -39.14 23.15
CA GLN T 280 -5.53 -38.34 21.96
C GLN T 280 -4.17 -38.74 21.39
N SER T 281 -3.22 -39.04 22.26
CA SER T 281 -1.86 -39.42 21.90
C SER T 281 -1.12 -40.15 23.03
N VAL T 282 -0.07 -40.88 22.69
CA VAL T 282 0.74 -41.57 23.69
C VAL T 282 2.20 -41.23 23.43
N ASP T 283 3.06 -41.65 24.34
CA ASP T 283 4.49 -41.39 24.20
C ASP T 283 5.29 -42.60 24.56
N VAL T 284 6.46 -42.75 23.93
CA VAL T 284 7.36 -43.88 24.18
C VAL T 284 8.75 -43.41 24.65
N LYS T 285 9.33 -44.15 25.58
CA LYS T 285 10.63 -43.81 26.12
C LYS T 285 11.56 -45.01 26.10
N MET T 286 12.79 -44.78 25.65
CA MET T 286 13.79 -45.84 25.59
C MET T 286 14.93 -45.54 26.55
N VAL T 287 15.39 -46.57 27.27
CA VAL T 287 16.49 -46.43 28.20
C VAL T 287 17.68 -47.22 27.71
N PHE T 288 18.77 -46.53 27.43
CA PHE T 288 19.98 -47.17 26.94
C PHE T 288 20.78 -47.94 27.94
N SER T 289 21.70 -48.75 27.45
CA SER T 289 22.57 -49.53 28.33
C SER T 289 23.48 -48.59 29.16
N ASP T 290 23.95 -47.52 28.53
CA ASP T 290 24.81 -46.53 29.21
C ASP T 290 24.03 -45.63 30.19
N GLY T 291 22.70 -45.69 30.16
CA GLY T 291 21.90 -44.88 31.07
C GLY T 291 21.24 -43.64 30.46
N SER T 292 21.65 -43.23 29.27
CA SER T 292 21.02 -42.06 28.63
C SER T 292 19.62 -42.43 28.16
N THR T 293 18.80 -41.44 27.82
CA THR T 293 17.44 -41.75 27.34
C THR T 293 17.01 -41.01 26.09
N TRP T 294 16.01 -41.56 25.39
CA TRP T 294 15.49 -40.98 24.16
C TRP T 294 13.98 -41.13 24.11
N GLU T 295 13.29 -40.12 23.60
CA GLU T 295 11.82 -40.17 23.51
C GLU T 295 11.26 -39.67 22.20
N ALA T 296 10.13 -40.26 21.79
CA ALA T 296 9.46 -39.93 20.53
C ALA T 296 7.97 -39.72 20.76
N SER T 297 7.29 -39.08 19.81
CA SER T 297 5.88 -38.80 19.96
C SER T 297 5.00 -39.45 18.92
N VAL T 298 3.97 -40.14 19.36
CA VAL T 298 3.05 -40.84 18.43
C VAL T 298 1.56 -40.46 18.54
N PRO T 299 0.97 -39.84 17.48
CA PRO T 299 -0.46 -39.49 17.57
C PRO T 299 -1.24 -40.79 17.43
N LEU T 300 -2.40 -40.84 18.09
CA LEU T 300 -3.26 -42.01 18.05
C LEU T 300 -4.57 -41.69 17.35
N SER T 301 -4.99 -40.43 17.44
CA SER T 301 -6.23 -39.99 16.82
C SER T 301 -6.37 -40.53 15.40
N ILE T 302 -7.55 -41.00 15.06
CA ILE T 302 -7.82 -41.51 13.73
C ILE T 302 -7.28 -40.54 12.69
N THR T 303 -7.74 -39.30 12.75
CA THR T 303 -7.29 -38.27 11.82
C THR T 303 -8.20 -37.04 11.88
N VAL U 1 85.50 -56.43 70.37
CA VAL U 1 85.21 -55.01 70.02
C VAL U 1 84.69 -54.89 68.60
N SER U 2 84.40 -56.05 68.02
CA SER U 2 83.87 -56.19 66.66
C SER U 2 82.63 -55.31 66.39
N PRO U 3 81.55 -55.48 67.19
CA PRO U 3 80.38 -54.64 66.94
C PRO U 3 80.69 -53.12 66.84
N VAL U 4 81.52 -52.60 67.76
CA VAL U 4 81.83 -51.17 67.76
C VAL U 4 82.45 -50.64 66.48
N ILE U 5 83.36 -51.40 65.87
CA ILE U 5 84.01 -50.98 64.66
C ILE U 5 83.08 -51.16 63.46
N ALA U 6 82.32 -52.25 63.47
CA ALA U 6 81.39 -52.55 62.38
C ALA U 6 80.34 -51.46 62.22
N THR U 7 79.69 -51.13 63.32
CA THR U 7 78.67 -50.09 63.29
C THR U 7 79.17 -48.77 62.69
N LEU U 8 80.40 -48.38 63.03
CA LEU U 8 80.97 -47.11 62.54
C LEU U 8 81.14 -47.04 61.04
N LEU U 9 81.65 -48.12 60.47
CA LEU U 9 81.81 -48.13 59.05
C LEU U 9 80.49 -48.12 58.32
N LEU U 10 79.46 -48.73 58.90
CA LEU U 10 78.12 -48.79 58.30
C LEU U 10 77.42 -47.43 58.26
N ILE U 11 77.61 -46.64 59.32
CA ILE U 11 77.05 -45.28 59.46
C ILE U 11 77.60 -44.35 58.38
N LEU U 12 78.91 -44.39 58.21
CA LEU U 12 79.57 -43.56 57.21
C LEU U 12 79.06 -43.86 55.79
N ILE U 13 78.89 -45.14 55.47
CA ILE U 13 78.45 -45.61 54.15
C ILE U 13 77.08 -45.11 53.74
N ALA U 14 76.12 -45.22 54.66
CA ALA U 14 74.76 -44.77 54.43
C ALA U 14 74.67 -43.23 54.25
N VAL U 15 75.49 -42.48 54.99
CA VAL U 15 75.53 -41.01 54.90
C VAL U 15 75.99 -40.56 53.53
N ALA U 16 77.06 -41.20 53.03
CA ALA U 16 77.65 -40.90 51.71
C ALA U 16 76.69 -41.15 50.55
N ALA U 17 75.95 -42.26 50.62
CA ALA U 17 74.99 -42.60 49.58
C ALA U 17 73.79 -41.64 49.57
N ALA U 18 73.35 -41.18 50.74
CA ALA U 18 72.22 -40.26 50.83
C ALA U 18 72.53 -38.91 50.19
N VAL U 19 73.75 -38.42 50.41
CA VAL U 19 74.16 -37.14 49.85
C VAL U 19 74.27 -37.27 48.34
N LEU U 20 74.70 -38.44 47.88
CA LEU U 20 74.82 -38.67 46.46
C LEU U 20 73.43 -38.72 45.82
N LEU U 21 72.44 -39.20 46.55
CA LEU U 21 71.06 -39.27 46.02
C LEU U 21 70.52 -37.88 45.76
N TYR U 22 70.85 -36.97 46.67
CA TYR U 22 70.41 -35.59 46.57
C TYR U 22 70.91 -34.91 45.31
N THR U 23 72.20 -35.03 45.04
CA THR U 23 72.80 -34.40 43.87
C THR U 23 72.16 -34.93 42.61
N TRP U 24 71.96 -36.24 42.56
CA TRP U 24 71.37 -36.86 41.41
C TRP U 24 69.91 -36.45 41.19
N VAL U 25 69.13 -36.36 42.27
CA VAL U 25 67.73 -36.00 42.19
C VAL U 25 67.57 -34.58 41.70
N SER U 26 68.28 -33.65 42.33
CA SER U 26 68.19 -32.25 41.96
C SER U 26 68.73 -31.98 40.55
N GLY U 27 69.75 -32.72 40.15
CA GLY U 27 70.25 -32.54 38.82
C GLY U 27 69.16 -33.06 37.87
N LEU U 28 68.48 -34.15 38.22
CA LEU U 28 67.42 -34.73 37.36
C LEU U 28 66.30 -33.73 37.10
N SER U 29 65.99 -32.94 38.11
CA SER U 29 64.96 -31.93 37.99
C SER U 29 65.51 -30.74 37.18
N ALA U 30 64.62 -29.87 36.72
CA ALA U 30 64.97 -28.68 35.95
C ALA U 30 65.72 -29.08 34.69
N ASN U 31 65.48 -30.33 34.30
CA ASN U 31 66.08 -30.89 33.11
C ASN U 31 64.97 -31.29 32.14
N VAL U 32 63.96 -30.43 31.98
CA VAL U 32 62.88 -30.68 31.03
C VAL U 32 62.72 -29.44 30.15
N ALA U 33 62.84 -29.67 28.84
CA ALA U 33 62.77 -28.64 27.80
C ALA U 33 61.39 -28.08 27.55
N GLY U 34 60.48 -28.92 27.04
CA GLY U 34 59.13 -28.47 26.77
C GLY U 34 58.88 -27.91 25.35
N THR U 35 57.98 -26.93 25.26
CA THR U 35 57.61 -26.33 23.97
C THR U 35 57.09 -24.89 24.04
N GLN U 36 56.91 -24.35 22.86
CA GLN U 36 56.38 -23.01 22.72
C GLN U 36 55.03 -23.27 22.09
N VAL U 37 54.16 -22.28 22.22
CA VAL U 37 52.83 -22.35 21.64
C VAL U 37 52.82 -21.33 20.51
N THR U 38 52.64 -21.87 19.30
CA THR U 38 52.61 -21.08 18.08
C THR U 38 51.50 -20.08 18.24
N GLY U 39 51.74 -18.90 17.69
CA GLY U 39 50.77 -17.85 17.79
C GLY U 39 49.54 -18.20 17.03
N LYS U 40 48.58 -17.29 17.13
CA LYS U 40 47.31 -17.43 16.48
C LYS U 40 47.60 -17.38 15.04
N SER U 41 46.72 -18.04 14.29
CA SER U 41 46.89 -18.09 12.87
C SER U 41 47.08 -16.72 12.28
N LEU U 42 47.93 -16.74 11.28
CA LEU U 42 48.33 -15.59 10.51
C LEU U 42 47.16 -15.16 9.65
N THR U 43 46.84 -13.87 9.67
CA THR U 43 45.75 -13.39 8.82
C THR U 43 46.21 -13.41 7.37
N LEU U 44 45.29 -13.72 6.47
CA LEU U 44 45.59 -13.85 5.08
C LEU U 44 45.40 -12.49 4.41
N ILE U 45 46.52 -11.90 3.97
CA ILE U 45 46.45 -10.61 3.29
C ILE U 45 46.03 -10.79 1.85
N GLN U 46 46.44 -11.89 1.21
CA GLN U 46 46.07 -12.17 -0.18
C GLN U 46 46.44 -13.59 -0.57
N ALA U 47 45.76 -14.11 -1.58
CA ALA U 47 46.01 -15.44 -2.14
C ALA U 47 45.86 -15.18 -3.60
N THR U 48 46.90 -15.49 -4.36
CA THR U 48 46.85 -15.29 -5.80
C THR U 48 47.83 -16.17 -6.60
N TRP U 49 47.84 -16.05 -7.91
CA TRP U 49 48.70 -16.87 -8.74
C TRP U 49 48.99 -16.26 -10.09
N ALA U 50 50.15 -16.59 -10.67
CA ALA U 50 50.55 -16.09 -12.00
C ALA U 50 51.28 -17.18 -12.82
N ARG U 51 51.46 -16.93 -14.11
CA ARG U 51 52.10 -17.89 -14.99
C ARG U 51 53.63 -17.76 -14.98
N PRO U 52 54.34 -18.89 -14.74
CA PRO U 52 55.80 -18.94 -14.70
C PRO U 52 56.40 -18.93 -16.09
N ALA U 53 57.70 -18.72 -16.14
CA ALA U 53 58.42 -18.68 -17.39
C ALA U 53 59.48 -19.75 -17.29
N THR U 54 59.42 -20.74 -18.18
CA THR U 54 60.45 -21.78 -18.19
C THR U 54 61.46 -21.52 -19.32
N ASN U 55 61.07 -20.71 -20.30
CA ASN U 55 62.00 -20.39 -21.40
C ASN U 55 62.59 -19.04 -21.17
N VAL U 56 63.87 -19.01 -20.82
CA VAL U 56 64.57 -17.78 -20.51
C VAL U 56 65.80 -17.64 -21.37
N GLY U 57 65.91 -16.48 -22.01
CA GLY U 57 67.06 -16.16 -22.84
C GLY U 57 67.81 -15.06 -22.13
N THR U 58 68.60 -14.28 -22.86
CA THR U 58 69.33 -13.15 -22.27
C THR U 58 68.39 -11.92 -22.17
N THR U 59 67.28 -11.99 -22.94
CA THR U 59 66.20 -10.98 -22.95
C THR U 59 64.87 -11.77 -23.00
N ILE U 60 63.86 -11.20 -22.34
CA ILE U 60 62.55 -11.81 -22.25
C ILE U 60 61.46 -11.10 -23.07
N SER U 61 60.69 -11.90 -23.81
CA SER U 61 59.57 -11.40 -24.62
C SER U 61 58.32 -11.77 -23.85
N LYS U 62 57.16 -11.41 -24.37
CA LYS U 62 55.95 -11.73 -23.65
C LYS U 62 55.58 -13.20 -23.84
N ASP U 63 56.12 -13.79 -24.91
CA ASP U 63 55.91 -15.18 -25.25
C ASP U 63 56.90 -16.12 -24.55
N SER U 64 57.78 -15.56 -23.75
CA SER U 64 58.72 -16.39 -23.00
C SER U 64 58.02 -16.99 -21.78
N PHE U 65 56.84 -16.46 -21.45
CA PHE U 65 56.01 -16.92 -20.34
C PHE U 65 55.05 -17.97 -20.79
N ASP U 66 54.99 -19.06 -20.03
CA ASP U 66 54.13 -20.21 -20.37
C ASP U 66 52.64 -20.10 -20.09
N ARG U 67 51.87 -20.98 -20.73
CA ARG U 67 50.44 -21.03 -20.56
C ARG U 67 50.07 -22.39 -19.98
N SER U 68 49.00 -22.38 -19.20
CA SER U 68 48.47 -23.58 -18.53
C SER U 68 49.45 -24.10 -17.45
N LYS U 69 50.15 -23.17 -16.82
CA LYS U 69 51.10 -23.46 -15.75
C LYS U 69 50.77 -22.46 -14.69
N ALA U 70 51.03 -22.76 -13.42
CA ALA U 70 50.69 -21.83 -12.34
C ALA U 70 51.65 -21.88 -11.15
N VAL U 71 51.87 -20.73 -10.51
CA VAL U 71 52.72 -20.65 -9.32
C VAL U 71 51.85 -19.99 -8.26
N LEU U 72 51.77 -20.58 -7.09
CA LEU U 72 50.93 -20.04 -6.04
C LEU U 72 51.57 -19.00 -5.08
N ILE U 73 50.89 -17.87 -4.84
CA ILE U 73 51.42 -16.85 -3.92
C ILE U 73 50.52 -16.59 -2.71
N LEU U 74 51.15 -16.46 -1.55
CA LEU U 74 50.39 -16.25 -0.33
C LEU U 74 51.01 -15.21 0.59
N SER U 75 50.19 -14.32 1.11
CA SER U 75 50.69 -13.30 2.03
C SER U 75 50.07 -13.43 3.43
N PHE U 76 50.93 -13.60 4.44
CA PHE U 76 50.49 -13.74 5.83
C PHE U 76 51.04 -12.65 6.77
N GLN U 77 50.20 -12.19 7.68
CA GLN U 77 50.53 -11.16 8.71
C GLN U 77 50.29 -11.71 10.13
N PRO U 78 51.36 -12.08 10.82
CA PRO U 78 51.24 -12.62 12.16
C PRO U 78 50.78 -11.52 13.09
N PRO U 79 50.01 -11.91 14.17
CA PRO U 79 49.63 -10.82 15.06
C PRO U 79 50.56 -10.82 16.26
N ALA U 80 51.15 -9.68 16.57
CA ALA U 80 52.25 -9.61 17.53
C ALA U 80 51.88 -10.05 18.95
N GLN U 81 50.70 -9.68 19.40
CA GLN U 81 50.35 -9.67 20.81
C GLN U 81 49.66 -10.94 21.35
N VAL U 82 49.63 -12.00 20.55
CA VAL U 82 48.87 -13.19 20.91
C VAL U 82 49.31 -13.82 22.24
N LEU U 83 48.32 -14.14 23.06
CA LEU U 83 48.47 -14.73 24.40
C LEU U 83 49.88 -14.88 24.95
N GLN U 84 50.48 -16.03 24.69
CA GLN U 84 51.89 -16.25 25.00
C GLN U 84 52.66 -16.45 23.72
N GLY U 85 51.99 -16.19 22.60
CA GLY U 85 52.51 -16.58 21.31
C GLY U 85 53.96 -16.26 21.09
N GLY U 86 54.65 -17.19 20.43
CA GLY U 86 56.05 -17.05 20.09
C GLY U 86 56.36 -16.02 19.03
N GLN U 87 57.53 -15.42 19.14
CA GLN U 87 58.01 -14.42 18.19
C GLN U 87 58.21 -14.99 16.79
N ALA U 88 58.72 -16.22 16.71
CA ALA U 88 59.06 -16.84 15.43
C ALA U 88 58.22 -18.06 15.10
N ILE U 89 57.74 -18.12 13.85
CA ILE U 89 56.89 -19.22 13.38
C ILE U 89 57.67 -20.16 12.48
N THR U 90 57.64 -21.47 12.78
CA THR U 90 58.45 -22.43 11.99
C THR U 90 57.61 -23.46 11.24
N ILE U 91 58.01 -23.76 10.01
CA ILE U 91 57.30 -24.71 9.18
C ILE U 91 58.14 -25.88 8.73
N ASP U 92 57.80 -27.10 9.15
CA ASP U 92 58.54 -28.26 8.68
C ASP U 92 57.99 -28.81 7.37
N ALA U 93 56.66 -28.75 7.14
CA ALA U 93 56.08 -29.29 5.91
C ALA U 93 54.90 -28.52 5.30
N ILE U 94 54.95 -28.30 3.98
CA ILE U 94 53.91 -27.57 3.24
C ILE U 94 53.27 -28.54 2.24
N ASP U 95 51.95 -28.52 2.15
CA ASP U 95 51.24 -29.45 1.25
C ASP U 95 50.16 -28.83 0.38
N VAL U 96 49.95 -29.41 -0.81
CA VAL U 96 48.94 -28.92 -1.72
C VAL U 96 47.87 -30.02 -1.91
N LEU U 97 46.63 -29.71 -1.56
CA LEU U 97 45.49 -30.65 -1.63
C LEU U 97 44.37 -30.26 -2.57
N TYR U 98 43.77 -31.27 -3.17
CA TYR U 98 42.68 -31.05 -4.09
C TYR U 98 41.73 -32.20 -3.97
N GLN U 99 40.50 -31.90 -3.54
CA GLN U 99 39.43 -32.89 -3.31
C GLN U 99 39.72 -33.73 -2.06
N GLY U 100 40.49 -33.15 -1.12
CA GLY U 100 40.86 -33.86 0.08
C GLY U 100 42.03 -34.85 -0.11
N ARG U 101 42.68 -34.84 -1.28
CA ARG U 101 43.82 -35.72 -1.59
C ARG U 101 45.05 -34.84 -1.80
N VAL U 102 46.22 -35.43 -1.60
CA VAL U 102 47.45 -34.69 -1.75
C VAL U 102 48.09 -34.68 -3.12
N VAL U 103 48.14 -33.50 -3.74
CA VAL U 103 48.74 -33.35 -5.05
C VAL U 103 50.27 -33.47 -4.96
N CYS U 104 50.89 -32.82 -3.99
CA CYS U 104 52.36 -32.86 -3.78
C CYS U 104 52.73 -32.55 -2.32
N HIS U 105 53.89 -33.00 -1.89
CA HIS U 105 54.33 -32.79 -0.52
C HIS U 105 55.74 -32.24 -0.43
N TYR U 106 55.95 -31.21 0.38
CA TYR U 106 57.28 -30.61 0.53
C TYR U 106 57.71 -30.73 1.98
N ASP U 107 58.81 -31.42 2.25
CA ASP U 107 59.26 -31.59 3.63
C ASP U 107 60.41 -30.72 4.08
N SER U 108 61.07 -30.17 3.05
CA SER U 108 62.23 -29.29 3.17
C SER U 108 62.11 -28.13 2.16
N PHE U 109 63.04 -27.17 2.21
CA PHE U 109 63.00 -26.00 1.32
C PHE U 109 64.35 -25.55 0.82
N PRO U 110 64.39 -24.96 -0.38
CA PRO U 110 65.66 -24.47 -0.91
C PRO U 110 65.97 -23.13 -0.21
N MET U 111 67.24 -22.82 0.06
CA MET U 111 67.61 -21.56 0.75
C MET U 111 67.16 -20.32 -0.05
N THR U 112 66.67 -19.33 0.65
CA THR U 112 66.24 -18.12 -0.02
C THR U 112 67.33 -17.08 -0.08
N ALA U 113 67.29 -16.26 -1.14
CA ALA U 113 68.28 -15.22 -1.35
C ALA U 113 68.37 -14.24 -0.20
N ASP U 114 67.22 -13.83 0.32
CA ASP U 114 67.18 -12.91 1.43
C ASP U 114 67.45 -13.64 2.74
N ASP U 115 68.72 -14.00 2.94
CA ASP U 115 69.16 -14.70 4.14
C ASP U 115 70.63 -14.35 4.30
N LYS U 116 70.87 -13.32 5.08
CA LYS U 116 72.22 -12.84 5.33
C LYS U 116 73.15 -13.83 6.00
N TYR U 117 72.61 -14.58 6.94
CA TYR U 117 73.39 -15.56 7.68
C TYR U 117 74.06 -16.62 6.82
N HIS U 118 73.28 -17.25 5.96
CA HIS U 118 73.77 -18.32 5.09
C HIS U 118 74.23 -17.92 3.68
N ILE U 119 74.04 -16.66 3.30
CA ILE U 119 74.42 -16.19 1.96
C ILE U 119 75.92 -16.24 1.64
N GLY U 120 76.78 -15.82 2.55
CA GLY U 120 78.21 -15.85 2.24
C GLY U 120 78.99 -17.00 2.83
N GLN U 121 78.43 -18.20 2.75
CA GLN U 121 79.10 -19.37 3.28
C GLN U 121 79.19 -20.48 2.27
N THR U 122 80.11 -21.41 2.56
CA THR U 122 80.31 -22.57 1.71
C THR U 122 79.75 -23.83 2.35
N ILE U 123 78.70 -24.38 1.78
CA ILE U 123 78.07 -25.56 2.35
C ILE U 123 78.14 -26.79 1.47
N GLY U 124 78.79 -27.82 2.00
CA GLY U 124 78.94 -29.04 1.25
C GLY U 124 79.79 -28.81 0.00
N GLY U 125 80.85 -28.01 0.11
CA GLY U 125 81.74 -27.78 -1.02
C GLY U 125 81.31 -26.80 -2.12
N LEU U 126 80.13 -26.22 -1.98
CA LEU U 126 79.60 -25.27 -2.97
C LEU U 126 79.14 -24.01 -2.21
N THR U 127 79.55 -22.84 -2.69
CA THR U 127 79.13 -21.59 -2.06
C THR U 127 77.61 -21.45 -2.12
N ALA U 128 77.06 -20.63 -1.25
CA ALA U 128 75.61 -20.50 -1.20
C ALA U 128 74.97 -19.35 -1.96
N PHE U 129 73.96 -19.70 -2.73
CA PHE U 129 73.22 -18.71 -3.48
C PHE U 129 71.75 -18.99 -3.23
N GLY U 130 70.96 -17.93 -3.12
CA GLY U 130 69.55 -18.08 -2.90
C GLY U 130 68.74 -17.85 -4.14
N LEU U 131 67.45 -17.82 -3.90
CA LEU U 131 66.50 -17.63 -4.95
C LEU U 131 66.04 -16.15 -5.13
N VAL U 132 65.95 -15.74 -6.39
CA VAL U 132 65.53 -14.39 -6.69
C VAL U 132 64.34 -14.27 -7.65
N PHE U 133 63.39 -13.38 -7.30
CA PHE U 133 62.14 -13.11 -8.06
C PHE U 133 61.98 -11.68 -8.61
N TRP U 134 61.91 -11.51 -9.94
CA TRP U 134 61.81 -10.16 -10.55
C TRP U 134 60.47 -9.70 -11.19
N SER U 196 64.40 -20.39 -16.15
CA SER U 196 64.98 -21.06 -15.02
C SER U 196 63.97 -22.01 -14.32
N PHE U 197 62.78 -22.28 -14.87
CA PHE U 197 61.85 -23.20 -14.18
C PHE U 197 61.77 -24.55 -14.88
N ASP U 198 61.93 -25.63 -14.12
CA ASP U 198 61.89 -26.98 -14.69
C ASP U 198 60.76 -27.80 -14.08
N ASP U 199 60.00 -28.52 -14.91
CA ASP U 199 58.88 -29.35 -14.44
C ASP U 199 59.27 -30.56 -13.60
N GLN U 200 60.53 -30.96 -13.72
CA GLN U 200 61.08 -32.10 -13.00
C GLN U 200 61.52 -31.74 -11.58
N TYR U 201 61.56 -30.44 -11.26
CA TYR U 201 62.01 -29.99 -9.94
C TYR U 201 61.06 -29.03 -9.22
N PRO U 202 59.99 -29.57 -8.63
CA PRO U 202 59.02 -28.74 -7.91
C PRO U 202 59.62 -28.28 -6.57
N PHE U 203 59.20 -27.11 -6.09
CA PHE U 203 59.71 -26.61 -4.83
C PHE U 203 58.85 -25.52 -4.20
N ALA U 204 59.07 -25.33 -2.89
CA ALA U 204 58.40 -24.30 -2.09
C ALA U 204 59.46 -23.54 -1.26
N THR U 205 59.13 -22.33 -0.81
CA THR U 205 60.07 -21.52 -0.05
C THR U 205 59.45 -20.23 0.54
N ILE U 206 60.13 -19.66 1.54
CA ILE U 206 59.68 -18.42 2.22
C ILE U 206 60.44 -17.15 1.79
N LEU U 207 59.73 -16.09 1.37
CA LEU U 207 60.38 -14.83 0.98
C LEU U 207 59.64 -13.64 1.59
N ALA U 208 60.38 -12.65 2.10
CA ALA U 208 59.79 -11.46 2.71
C ALA U 208 59.29 -10.42 1.73
N GLY U 209 57.98 -10.44 1.48
CA GLY U 209 57.35 -9.47 0.59
C GLY U 209 55.87 -9.70 0.24
N THR U 210 55.36 -8.92 -0.72
CA THR U 210 53.97 -9.04 -1.18
C THR U 210 53.89 -8.89 -2.70
N TRP U 211 52.77 -9.32 -3.27
CA TRP U 211 52.58 -9.26 -4.70
C TRP U 211 51.60 -8.15 -5.13
N GLU U 212 51.97 -7.38 -6.14
CA GLU U 212 51.12 -6.27 -6.66
C GLU U 212 50.79 -6.45 -8.13
N VAL U 213 49.55 -6.13 -8.47
CA VAL U 213 49.06 -6.23 -9.84
C VAL U 213 48.63 -4.86 -10.35
N ASN U 214 49.06 -4.50 -11.56
CA ASN U 214 48.75 -3.20 -12.19
C ASN U 214 48.15 -3.42 -13.57
N TYR U 215 47.03 -2.77 -13.86
CA TYR U 215 46.38 -2.94 -15.17
C TYR U 215 46.69 -1.91 -16.24
N VAL U 216 47.42 -2.29 -17.29
CA VAL U 216 47.76 -1.37 -18.39
C VAL U 216 46.50 -1.17 -19.25
N SER U 217 45.86 -2.27 -19.60
CA SER U 217 44.66 -2.27 -20.41
C SER U 217 43.62 -3.20 -19.79
N THR U 218 42.48 -3.40 -20.48
CA THR U 218 41.38 -4.26 -19.99
C THR U 218 41.79 -5.72 -19.76
N ASN U 219 42.67 -6.24 -20.62
CA ASN U 219 43.11 -7.63 -20.48
C ASN U 219 44.62 -7.85 -20.27
N TYR U 220 45.36 -6.76 -20.08
CA TYR U 220 46.79 -6.86 -19.89
C TYR U 220 47.24 -6.24 -18.59
N VAL U 221 48.24 -6.83 -17.99
CA VAL U 221 48.72 -6.34 -16.70
C VAL U 221 50.25 -6.27 -16.55
N GLU U 222 50.69 -5.51 -15.56
CA GLU U 222 52.12 -5.41 -15.23
C GLU U 222 52.19 -5.87 -13.75
N THR U 223 53.26 -6.56 -13.36
CA THR U 223 53.40 -7.07 -11.99
C THR U 223 54.70 -6.78 -11.22
N ASN U 224 54.58 -6.24 -10.01
CA ASN U 224 55.77 -5.91 -9.25
C ASN U 224 55.87 -6.59 -7.90
N PHE U 225 57.04 -7.17 -7.59
CA PHE U 225 57.25 -7.84 -6.29
C PHE U 225 58.12 -6.95 -5.39
N ARG U 226 57.55 -6.64 -4.22
CA ARG U 226 58.14 -5.74 -3.24
C ARG U 226 58.64 -6.31 -1.89
N ASN U 227 59.72 -5.73 -1.31
CA ASN U 227 60.26 -6.16 0.02
C ASN U 227 59.36 -5.69 1.15
N THR U 228 59.35 -6.41 2.28
CA THR U 228 58.48 -6.08 3.42
C THR U 228 59.15 -5.80 4.75
N SER U 229 60.47 -5.93 4.77
CA SER U 229 61.22 -5.67 5.96
C SER U 229 60.94 -6.67 7.07
N ALA U 230 60.90 -7.94 6.71
CA ALA U 230 60.69 -9.00 7.70
C ALA U 230 61.90 -9.96 7.78
N VAL U 231 62.02 -10.71 8.87
CA VAL U 231 63.17 -11.62 9.03
C VAL U 231 62.98 -13.03 8.48
N ILE U 232 64.03 -13.60 7.90
CA ILE U 232 63.95 -14.96 7.39
C ILE U 232 65.21 -15.74 7.76
N LYS U 233 64.98 -16.89 8.36
CA LYS U 233 66.07 -17.77 8.76
C LYS U 233 65.76 -19.23 8.37
N PHE U 234 66.79 -20.05 8.33
CA PHE U 234 66.61 -21.47 8.00
C PHE U 234 67.08 -22.41 9.12
N ASP U 235 66.19 -23.29 9.55
CA ASP U 235 66.46 -24.20 10.66
C ASP U 235 67.56 -25.23 10.46
N ARG U 236 67.55 -25.91 9.31
CA ARG U 236 68.45 -27.05 9.09
C ARG U 236 68.84 -27.31 7.62
N PHE U 237 69.93 -28.05 7.43
CA PHE U 237 70.37 -28.48 6.11
C PHE U 237 70.37 -30.00 5.97
N VAL U 238 69.78 -30.49 4.89
CA VAL U 238 69.77 -31.92 4.61
C VAL U 238 70.54 -32.09 3.32
N ASN U 239 71.39 -33.10 3.25
CA ASN U 239 72.31 -33.19 2.14
C ASN U 239 71.54 -33.27 0.83
N THR U 240 72.01 -32.49 -0.14
CA THR U 240 71.36 -32.31 -1.43
C THR U 240 71.73 -30.92 -1.93
N HIS U 241 71.22 -30.56 -3.11
CA HIS U 241 71.39 -29.21 -3.63
C HIS U 241 70.37 -28.87 -4.70
N TYR U 242 70.25 -27.58 -5.00
CA TYR U 242 69.34 -27.15 -6.06
C TYR U 242 70.11 -26.61 -7.25
N SER U 243 69.77 -27.13 -8.43
CA SER U 243 70.41 -26.67 -9.66
C SER U 243 71.86 -26.30 -9.47
N PRO U 244 72.68 -27.23 -8.95
CA PRO U 244 74.10 -26.96 -8.73
C PRO U 244 75.02 -26.97 -9.95
N ASP U 245 76.01 -26.07 -9.92
CA ASP U 245 77.00 -25.92 -10.97
C ASP U 245 78.33 -26.49 -10.40
N THR U 246 78.74 -27.67 -10.88
CA THR U 246 79.97 -28.32 -10.42
C THR U 246 81.26 -27.52 -10.73
N GLN U 247 81.29 -26.94 -11.94
CA GLN U 247 82.44 -26.15 -12.43
C GLN U 247 82.71 -24.88 -11.61
N ASN U 248 81.65 -24.16 -11.26
CA ASN U 248 81.77 -22.92 -10.51
C ASN U 248 81.48 -22.99 -9.02
N ASN U 249 81.16 -24.17 -8.50
CA ASN U 249 80.84 -24.31 -7.07
C ASN U 249 79.57 -23.58 -6.68
N ASN U 250 78.64 -23.42 -7.64
CA ASN U 250 77.36 -22.73 -7.40
C ASN U 250 76.26 -23.72 -7.00
N GLY U 251 75.44 -23.34 -6.02
CA GLY U 251 74.37 -24.22 -5.57
C GLY U 251 73.50 -23.67 -4.46
N VAL U 252 72.37 -24.31 -4.27
CA VAL U 252 71.45 -23.86 -3.25
C VAL U 252 71.25 -24.89 -2.17
N PRO U 253 71.72 -24.58 -0.97
CA PRO U 253 71.57 -25.51 0.16
C PRO U 253 70.08 -25.77 0.50
N ILE U 254 69.74 -26.98 0.93
CA ILE U 254 68.36 -27.30 1.29
C ILE U 254 68.25 -27.57 2.80
N PHE U 255 67.34 -26.88 3.47
CA PHE U 255 67.16 -27.05 4.91
C PHE U 255 65.79 -27.62 5.22
N ASP U 256 65.69 -28.45 6.27
CA ASP U 256 64.39 -29.03 6.66
C ASP U 256 63.39 -28.09 7.32
N VAL U 257 63.88 -27.05 8.01
CA VAL U 257 62.96 -26.10 8.63
C VAL U 257 63.18 -24.62 8.28
N ALA U 258 62.06 -23.95 8.01
CA ALA U 258 62.04 -22.52 7.66
C ALA U 258 61.28 -21.73 8.71
N SER U 259 61.84 -20.57 9.08
CA SER U 259 61.28 -19.70 10.11
C SER U 259 61.08 -18.24 9.69
N ALA U 260 60.11 -17.56 10.31
CA ALA U 260 59.82 -16.16 10.00
C ALA U 260 59.57 -15.35 11.29
N SER U 261 59.51 -14.04 11.12
CA SER U 261 59.44 -13.09 12.23
C SER U 261 58.32 -12.08 12.04
N GLN U 262 58.40 -10.98 12.78
CA GLN U 262 57.40 -9.93 12.74
C GLN U 262 57.30 -9.31 11.35
N SER U 263 56.08 -8.92 10.99
CA SER U 263 55.75 -8.29 9.72
C SER U 263 55.42 -9.28 8.62
N ASN U 264 55.07 -8.76 7.45
CA ASN U 264 54.57 -9.56 6.35
C ASN U 264 55.59 -10.47 5.67
N PHE U 265 55.09 -11.53 5.06
CA PHE U 265 55.94 -12.53 4.39
C PHE U 265 55.05 -13.34 3.43
N ALA U 266 55.67 -13.82 2.37
CA ALA U 266 54.96 -14.60 1.36
C ALA U 266 55.47 -16.02 1.28
N VAL U 267 54.68 -16.88 0.63
CA VAL U 267 55.04 -18.27 0.39
C VAL U 267 54.94 -18.53 -1.12
N VAL U 268 55.99 -19.06 -1.76
CA VAL U 268 55.94 -19.33 -3.20
C VAL U 268 55.87 -20.85 -3.45
N ILE U 269 54.80 -21.32 -4.07
CA ILE U 269 54.67 -22.75 -4.29
C ILE U 269 54.58 -23.16 -5.74
N TRP U 270 55.47 -24.10 -6.14
CA TRP U 270 55.44 -24.57 -7.51
C TRP U 270 55.23 -26.07 -7.79
N CYS U 271 53.99 -26.43 -8.09
CA CYS U 271 53.62 -27.82 -8.38
C CYS U 271 53.08 -27.94 -9.80
N PRO U 272 53.87 -28.56 -10.69
CA PRO U 272 53.53 -28.76 -12.10
C PRO U 272 52.25 -29.53 -12.35
N ASN U 273 51.80 -30.30 -11.36
CA ASN U 273 50.58 -31.10 -11.52
C ASN U 273 49.27 -30.29 -11.50
N VAL U 274 49.28 -29.08 -10.94
CA VAL U 274 48.06 -28.22 -10.86
C VAL U 274 47.67 -27.57 -12.20
N ASN U 275 46.44 -27.83 -12.64
CA ASN U 275 45.94 -27.28 -13.90
C ASN U 275 44.70 -26.41 -13.68
N PRO U 276 44.83 -25.09 -13.89
CA PRO U 276 43.76 -24.10 -13.74
C PRO U 276 42.51 -24.35 -14.61
N ASN U 277 42.68 -24.94 -15.78
CA ASN U 277 41.53 -25.18 -16.66
C ASN U 277 40.56 -26.24 -16.17
N VAL U 278 41.01 -27.16 -15.33
CA VAL U 278 40.14 -28.22 -14.81
C VAL U 278 39.91 -28.20 -13.29
N MET U 279 40.69 -27.40 -12.57
CA MET U 279 40.55 -27.29 -11.11
C MET U 279 39.91 -25.94 -10.71
N GLN U 280 38.82 -26.00 -9.95
CA GLN U 280 38.13 -24.78 -9.53
C GLN U 280 38.91 -24.03 -8.43
N SER U 281 39.50 -24.80 -7.53
CA SER U 281 40.26 -24.27 -6.39
C SER U 281 41.22 -25.32 -5.79
N VAL U 282 42.23 -24.85 -5.06
CA VAL U 282 43.15 -25.75 -4.38
C VAL U 282 43.26 -25.32 -2.93
N ASP U 283 43.96 -26.12 -2.13
CA ASP U 283 44.13 -25.82 -0.73
C ASP U 283 45.55 -26.08 -0.29
N VAL U 284 46.02 -25.31 0.69
CA VAL U 284 47.38 -25.47 1.23
C VAL U 284 47.37 -25.76 2.73
N LYS U 285 48.28 -26.62 3.16
CA LYS U 285 48.36 -27.00 4.57
C LYS U 285 49.78 -26.88 5.08
N MET U 286 49.93 -26.28 6.26
CA MET U 286 51.24 -26.11 6.87
C MET U 286 51.34 -26.92 8.16
N VAL U 287 52.47 -27.58 8.35
CA VAL U 287 52.69 -28.38 9.55
C VAL U 287 53.80 -27.75 10.37
N PHE U 288 53.46 -27.34 11.59
CA PHE U 288 54.41 -26.71 12.48
C PHE U 288 55.43 -27.61 13.12
N SER U 289 56.47 -27.02 13.69
CA SER U 289 57.49 -27.79 14.37
C SER U 289 56.91 -28.51 15.61
N ASP U 290 56.01 -27.81 16.32
CA ASP U 290 55.35 -28.37 17.49
C ASP U 290 54.28 -29.45 17.16
N GLY U 291 53.94 -29.58 15.87
CA GLY U 291 52.95 -30.56 15.47
C GLY U 291 51.55 -30.03 15.15
N SER U 292 51.24 -28.79 15.52
CA SER U 292 49.93 -28.22 15.22
C SER U 292 49.84 -27.93 13.72
N THR U 293 48.64 -27.68 13.21
CA THR U 293 48.51 -27.37 11.78
C THR U 293 47.62 -26.18 11.45
N TRP U 294 47.83 -25.62 10.26
CA TRP U 294 47.08 -24.44 9.80
C TRP U 294 46.77 -24.59 8.32
N GLU U 295 45.58 -24.15 7.91
CA GLU U 295 45.18 -24.24 6.50
C GLU U 295 44.50 -23.00 5.97
N ALA U 296 44.70 -22.74 4.68
CA ALA U 296 44.14 -21.57 4.00
C ALA U 296 43.50 -21.97 2.68
N SER U 297 42.66 -21.11 2.12
CA SER U 297 41.96 -21.42 0.88
C SER U 297 42.30 -20.49 -0.27
N VAL U 298 42.65 -21.07 -1.40
CA VAL U 298 43.00 -20.26 -2.59
C VAL U 298 42.20 -20.54 -3.87
N PRO U 299 41.39 -19.56 -4.36
CA PRO U 299 40.63 -19.81 -5.60
C PRO U 299 41.62 -19.78 -6.75
N LEU U 300 41.34 -20.57 -7.78
CA LEU U 300 42.20 -20.65 -8.96
C LEU U 300 41.48 -20.11 -10.18
N SER U 301 40.14 -20.24 -10.18
CA SER U 301 39.33 -19.76 -11.29
C SER U 301 39.77 -18.38 -11.75
N ILE U 302 39.83 -18.19 -13.06
CA ILE U 302 40.20 -16.89 -13.62
C ILE U 302 39.42 -15.79 -12.94
N THR U 303 38.09 -15.90 -12.98
CA THR U 303 37.21 -14.92 -12.35
C THR U 303 35.78 -15.08 -12.84
#